data_7YMV
#
_entry.id   7YMV
#
loop_
_entity.id
_entity.type
_entity.pdbx_description
1 polymer 'Spike glycoprotein'
2 branched alpha-D-mannopyranose-(1-3)-beta-D-mannopyranose-(1-4)-2-acetamido-2-deoxy-beta-D-glucopyranose-(1-4)-2-acetamido-2-deoxy-beta-D-glucopyranose
3 branched alpha-D-mannopyranose-(1-3)-[alpha-D-mannopyranose-(1-6)]beta-D-mannopyranose-(1-4)-2-acetamido-2-deoxy-beta-D-glucopyranose-(1-4)-2-acetamido-2-deoxy-beta-D-glucopyranose
4 branched 2-acetamido-2-deoxy-beta-D-glucopyranose-(1-4)-2-acetamido-2-deoxy-beta-D-glucopyranose
5 branched 2-acetamido-2-deoxy-beta-D-glucopyranose-(1-4)-[alpha-L-fucopyranose-(1-6)]2-acetamido-2-deoxy-beta-D-glucopyranose
6 branched beta-D-mannopyranose-(1-4)-2-acetamido-2-deoxy-beta-D-glucopyranose-(1-4)-2-acetamido-2-deoxy-beta-D-glucopyranose
7 branched alpha-L-fucopyranose-(1-6)-2-acetamido-2-deoxy-beta-D-glucopyranose
8 non-polymer 2-acetamido-2-deoxy-beta-D-glucopyranose
#
_entity_poly.entity_id   1
_entity_poly.type   'polypeptide(L)'
_entity_poly.pdbx_seq_one_letter_code
;MDSWFILVLLGSGLICVSASYVDVGPDSVKSACIEVDIQQTFFDKTWPRPIDVSKADGIIYPQGRTYSNITITYQGLFPY
QGDHGDMYVYSAGHATGTTPQKLFVANYSQDVKQFANGFVVRIGAAANSTGTVIISPSTSATIRKIYPAFMLGSSVGNFS
DGKMGRFFNHTLVLLPDGCGTLLRAFYCILEPRSGNHCPAGNSYTSFATYHTPATDCSDGNYNRNASLNSFKEYFNLRNC
TFMYTYNITEDEILEWFGITQTAQGVHLFSSRYVDLYGGNMFQFATLPVYDTIKYYSIIPHSIRSIQSDRKAWAAFYVYK
LQPLTFLLDFSVDGYIRRAIDCGFNDLSQLHCSYESFDVESGVYSVSSFEAKPSGSVVEQAEGVECDFSPLLSGTPPQVY
NFKRLVFTNCNYNLTKLLSLFSVNDFTCSQISPAAIASNCYSSLILDYFSYPLSMKSDLSVSSAGPISQFNYKQSFSNPT
CLILATVPHNLTTITKPLKYSYINKCSRLLSDDRTEVPQLVNANQYSPCVSIVPSTVWEDGDYYRKQLSPLEGGGWLVAS
GSTVAMTEQLQMGFGITVQYGTDTNSVCPKLEFANDTKIASQLGNCVEYSLYGVSGRGVFQNCTAVGVRQQRFVYDAYQN
LVGYYSDDGNYYCLRACVSVPVSVIYDKETKTHATLFGSVACEHISSTMSQYSRSTRSMLKRRDSTYGPLQTPVGCVLGL
VNSSLFVEDCKLPLGQSLCALPDTPSTLTPASVGSVPGEMRLASIAFNHPIQVDQLNSSYFKLSIPTNFSFGVTQEYIQT
TIQKVTVDCKQYVCNGFQKCEQLLREYGQFCSKINQALHGANLRQDDSVRNLFASVKSSQSSPIIPGFGGDFNLTLLEPV
SISTGSRSARSAIEDLLFDKVTIADPGYMQGYDDCMQQGPASARDLICAQYVAGYKVLPPLMDVNMEAAYTSSLLGSIAG
VGWTAGLSSFAAIPFAQSIFYRLNGVGITQQVLSENQKLIANKFNQALGAMQTGFTTTNEAFQKVQDAVNNNAQALSKLA
SELSNTFGAISASIGDIIQRLDPPEQDAQIDRLINGRLTTLNAFVAQQLVRSESAALSAQLAKDKVNECVKAQSKRSGFC
GQGTHIVSFVVNAPNGLYFMHVGYYPSNHIEVVSAYGLCDAANPTNCIAPVNGYFIKTNNTRIVDEWSYTGSSFYAPEPI
TSLNTKYVAPQVTYQNISTNLPPPLLGNSTGIDFQDELDEFFKNVSTSIPNFGSLTQINTTLLDLTYEMLSLQQVVKALN
ESYIDLKELGNYTYEFGSGGYIPEAPRDGQAYVRKDGEWVLLSTFLKGQDNSADIQHSGRPLESRGPFEQKLISEEDLNM
HTGHHHHHH
;
_entity_poly.pdbx_strand_id   A,B,C
#
# COMPACT_ATOMS: atom_id res chain seq x y z
N VAL A 22 7.63 58.13 -16.75
CA VAL A 22 7.64 59.58 -16.68
C VAL A 22 6.22 60.13 -16.67
N ASP A 23 6.04 61.25 -15.96
CA ASP A 23 4.75 61.93 -15.89
C ASP A 23 4.99 63.37 -15.48
N VAL A 24 4.06 64.25 -15.85
CA VAL A 24 4.15 65.63 -15.43
C VAL A 24 3.85 65.74 -13.95
N GLY A 25 4.51 66.71 -13.29
CA GLY A 25 4.35 66.90 -11.87
C GLY A 25 4.74 68.30 -11.45
N PRO A 26 4.07 68.82 -10.43
CA PRO A 26 4.35 70.19 -9.98
C PRO A 26 5.64 70.25 -9.18
N ASP A 27 6.16 71.48 -9.06
CA ASP A 27 7.21 71.79 -8.11
C ASP A 27 7.05 73.26 -7.74
N SER A 28 6.36 73.52 -6.63
CA SER A 28 5.95 74.87 -6.29
C SER A 28 7.01 75.61 -5.48
N VAL A 29 7.35 75.09 -4.31
CA VAL A 29 8.28 75.76 -3.41
C VAL A 29 9.70 75.47 -3.86
N LYS A 30 10.64 76.24 -3.32
CA LYS A 30 12.05 76.01 -3.55
C LYS A 30 12.54 74.85 -2.69
N SER A 31 13.82 74.51 -2.86
CA SER A 31 14.47 73.51 -2.01
C SER A 31 14.76 74.16 -0.67
N ALA A 32 13.72 74.22 0.16
CA ALA A 32 13.82 74.82 1.50
C ALA A 32 12.71 74.21 2.35
N CYS A 33 13.08 73.27 3.21
CA CYS A 33 12.12 72.61 4.09
C CYS A 33 11.97 73.39 5.39
N ILE A 34 10.78 73.28 5.99
CA ILE A 34 10.55 73.90 7.28
C ILE A 34 11.25 73.10 8.37
N GLU A 35 11.38 73.71 9.55
CA GLU A 35 12.18 73.13 10.62
C GLU A 35 11.54 71.86 11.17
N VAL A 36 12.39 70.85 11.41
CA VAL A 36 11.94 69.52 11.83
C VAL A 36 12.63 69.18 13.14
N ASP A 37 11.86 68.61 14.07
CA ASP A 37 12.38 68.14 15.34
C ASP A 37 12.31 66.61 15.42
N ILE A 38 12.81 66.08 16.53
CA ILE A 38 12.64 64.68 16.90
C ILE A 38 12.27 64.67 18.38
N GLN A 39 11.02 64.37 18.69
CA GLN A 39 10.54 64.44 20.07
C GLN A 39 9.71 63.20 20.39
N GLN A 40 10.26 62.01 20.08
CA GLN A 40 9.59 60.76 20.38
C GLN A 40 9.49 60.48 21.88
N THR A 41 10.21 61.24 22.71
CA THR A 41 10.07 61.11 24.16
C THR A 41 8.67 61.45 24.62
N PHE A 42 8.09 62.53 24.10
CA PHE A 42 6.69 62.83 24.37
C PHE A 42 5.75 61.82 23.73
N PHE A 43 6.12 61.26 22.58
CA PHE A 43 5.25 60.31 21.89
C PHE A 43 5.19 58.96 22.59
N ASP A 44 6.03 58.74 23.61
CA ASP A 44 6.00 57.50 24.37
C ASP A 44 4.74 57.43 25.22
N LYS A 45 3.86 56.48 24.91
CA LYS A 45 2.65 56.26 25.68
C LYS A 45 2.27 54.79 25.58
N THR A 46 1.50 54.33 26.56
CA THR A 46 1.10 52.93 26.67
C THR A 46 -0.38 52.82 26.37
N TRP A 47 -0.72 52.00 25.36
CA TRP A 47 -2.11 51.66 25.07
C TRP A 47 -2.15 50.18 24.68
N PRO A 48 -2.20 49.29 25.66
CA PRO A 48 -2.28 47.86 25.34
C PRO A 48 -3.67 47.44 24.89
N ARG A 49 -3.83 47.19 23.60
CA ARG A 49 -5.11 46.74 23.05
C ARG A 49 -4.84 45.51 22.19
N PRO A 50 -5.03 44.31 22.74
CA PRO A 50 -4.85 43.11 21.94
C PRO A 50 -5.98 42.93 20.95
N ILE A 51 -5.78 42.02 20.02
CA ILE A 51 -6.78 41.73 19.01
C ILE A 51 -7.53 40.47 19.38
N ASP A 52 -8.85 40.51 19.21
CA ASP A 52 -9.71 39.36 19.39
C ASP A 52 -10.03 38.80 18.00
N VAL A 53 -9.57 37.57 17.74
CA VAL A 53 -9.80 36.95 16.45
C VAL A 53 -11.28 36.61 16.30
N SER A 54 -11.96 36.33 17.41
CA SER A 54 -13.37 36.00 17.40
C SER A 54 -14.26 37.20 17.07
N LYS A 55 -13.71 38.41 17.07
CA LYS A 55 -14.46 39.59 16.65
C LYS A 55 -14.25 39.91 15.18
N ALA A 56 -13.53 39.06 14.44
CA ALA A 56 -13.24 39.22 13.01
C ALA A 56 -12.53 40.56 12.74
N ASP A 57 -11.44 40.75 13.49
CA ASP A 57 -10.65 41.98 13.43
C ASP A 57 -9.46 41.75 12.51
N GLY A 58 -9.62 42.09 11.23
CA GLY A 58 -8.52 42.03 10.29
C GLY A 58 -8.09 40.63 9.89
N ILE A 59 -8.96 39.90 9.20
CA ILE A 59 -8.67 38.57 8.69
C ILE A 59 -8.96 38.56 7.20
N ILE A 60 -8.04 37.98 6.42
CA ILE A 60 -8.17 37.96 4.96
C ILE A 60 -9.40 37.15 4.57
N TYR A 61 -10.33 37.80 3.88
CA TYR A 61 -11.52 37.16 3.37
C TYR A 61 -11.17 36.23 2.21
N PRO A 62 -11.95 35.17 2.00
CA PRO A 62 -11.82 34.42 0.76
C PRO A 62 -12.30 35.26 -0.42
N GLN A 63 -11.33 35.71 -1.21
CA GLN A 63 -11.57 36.69 -2.27
C GLN A 63 -12.43 36.11 -3.40
N GLY A 64 -12.40 34.80 -3.62
CA GLY A 64 -13.02 34.25 -4.80
C GLY A 64 -14.18 33.33 -4.50
N ARG A 65 -14.16 32.71 -3.32
CA ARG A 65 -15.16 31.70 -2.94
C ARG A 65 -15.56 31.95 -1.50
N THR A 66 -16.57 32.77 -1.28
CA THR A 66 -17.08 32.91 0.07
C THR A 66 -17.92 31.69 0.44
N TYR A 67 -18.15 31.55 1.74
CA TYR A 67 -19.08 30.57 2.26
C TYR A 67 -20.22 31.29 2.95
N SER A 68 -21.13 30.52 3.53
CA SER A 68 -22.22 31.10 4.30
C SER A 68 -22.61 30.11 5.39
N ASN A 69 -22.70 30.61 6.62
CA ASN A 69 -23.26 29.90 7.77
C ASN A 69 -22.44 28.64 8.13
N ILE A 70 -21.15 28.59 7.76
CA ILE A 70 -20.32 27.44 8.06
C ILE A 70 -18.94 27.88 8.53
N THR A 71 -18.25 26.97 9.21
CA THR A 71 -16.91 27.23 9.74
C THR A 71 -15.89 26.42 8.95
N ILE A 72 -14.81 27.09 8.55
CA ILE A 72 -13.82 26.51 7.64
C ILE A 72 -12.41 26.89 8.09
N THR A 73 -11.51 25.92 8.11
CA THR A 73 -10.09 26.20 8.29
C THR A 73 -9.50 26.67 6.98
N TYR A 74 -8.66 27.71 7.05
CA TYR A 74 -8.27 28.46 5.86
C TYR A 74 -6.88 29.03 6.04
N GLN A 75 -6.04 28.85 5.02
CA GLN A 75 -4.67 29.32 5.01
C GLN A 75 -4.62 30.84 4.85
N GLY A 76 -3.46 31.42 5.10
CA GLY A 76 -3.26 32.79 4.69
C GLY A 76 -2.17 33.46 5.51
N LEU A 77 -2.09 34.79 5.32
CA LEU A 77 -1.24 35.65 6.14
C LEU A 77 -2.11 36.26 7.22
N PHE A 78 -1.85 35.89 8.46
CA PHE A 78 -2.63 36.32 9.60
C PHE A 78 -1.68 36.80 10.71
N PRO A 79 -2.09 37.75 11.51
CA PRO A 79 -1.34 38.07 12.73
C PRO A 79 -1.60 37.03 13.81
N TYR A 80 -0.73 37.05 14.82
CA TYR A 80 -0.92 36.18 15.96
C TYR A 80 -2.07 36.70 16.82
N GLN A 81 -2.56 35.85 17.72
CA GLN A 81 -3.68 36.22 18.57
C GLN A 81 -3.21 37.14 19.70
N GLY A 82 -4.03 38.15 19.99
CA GLY A 82 -3.76 39.03 21.11
C GLY A 82 -2.58 39.95 20.94
N ASP A 83 -2.22 40.28 19.70
CA ASP A 83 -1.12 41.19 19.46
C ASP A 83 -1.49 42.60 19.85
N HIS A 84 -0.57 43.31 20.52
CA HIS A 84 -0.74 44.72 20.80
C HIS A 84 -0.22 45.61 19.69
N GLY A 85 0.52 45.04 18.74
CA GLY A 85 0.98 45.79 17.59
C GLY A 85 2.13 46.75 17.83
N ASP A 86 2.21 47.73 16.94
CA ASP A 86 3.35 48.62 16.75
C ASP A 86 2.90 50.07 16.79
N MET A 87 2.27 50.46 17.90
CA MET A 87 1.67 51.78 18.09
C MET A 87 2.55 52.94 17.67
N TYR A 88 2.10 53.63 16.62
CA TYR A 88 2.57 54.93 16.20
C TYR A 88 1.40 55.90 16.35
N VAL A 89 1.73 57.19 16.46
CA VAL A 89 0.68 58.19 16.70
C VAL A 89 1.22 59.54 16.26
N TYR A 90 0.32 60.39 15.78
CA TYR A 90 0.65 61.76 15.42
C TYR A 90 0.22 62.71 16.54
N SER A 91 0.57 63.99 16.38
CA SER A 91 0.27 64.99 17.38
C SER A 91 0.26 66.36 16.70
N ALA A 92 -0.25 67.36 17.43
CA ALA A 92 -0.26 68.73 16.96
C ALA A 92 1.14 69.32 17.07
N GLY A 93 1.45 70.24 16.15
CA GLY A 93 2.75 70.86 16.11
C GLY A 93 2.92 71.92 17.18
N HIS A 94 4.07 72.59 17.13
CA HIS A 94 4.32 73.70 18.04
C HIS A 94 3.40 74.86 17.70
N ALA A 95 2.76 75.41 18.72
CA ALA A 95 1.83 76.51 18.53
C ALA A 95 1.87 77.39 19.77
N THR A 96 2.05 78.68 19.56
CA THR A 96 2.02 79.67 20.63
C THR A 96 0.78 80.52 20.40
N GLY A 97 -0.32 80.13 21.06
CA GLY A 97 -1.58 80.78 20.81
C GLY A 97 -2.14 80.43 19.45
N THR A 98 -2.01 81.35 18.50
CA THR A 98 -2.59 81.21 17.18
C THR A 98 -1.53 80.85 16.13
N THR A 99 -0.26 81.11 16.39
CA THR A 99 0.79 80.92 15.39
C THR A 99 1.33 79.50 15.45
N PRO A 100 1.18 78.70 14.39
CA PRO A 100 1.76 77.35 14.39
C PRO A 100 3.24 77.41 14.07
N GLN A 101 4.06 76.97 15.02
CA GLN A 101 5.50 76.96 14.88
C GLN A 101 5.96 75.63 14.31
N LYS A 102 7.25 75.32 14.46
CA LYS A 102 7.96 74.14 14.00
C LYS A 102 7.22 72.83 14.28
N LEU A 103 7.49 71.80 13.48
CA LEU A 103 6.80 70.51 13.55
C LEU A 103 6.92 69.86 14.93
N PHE A 104 6.11 68.86 15.16
CA PHE A 104 6.20 68.07 16.40
C PHE A 104 6.00 66.61 16.02
N VAL A 105 7.11 65.92 15.75
CA VAL A 105 7.10 64.56 15.24
C VAL A 105 8.07 63.72 16.07
N ALA A 106 7.91 62.40 15.94
CA ALA A 106 8.72 61.43 16.65
C ALA A 106 9.90 61.00 15.78
N ASN A 107 10.63 59.98 16.24
CA ASN A 107 11.75 59.42 15.51
C ASN A 107 11.34 58.32 14.54
N TYR A 108 10.07 58.33 14.10
CA TYR A 108 9.51 57.23 13.32
C TYR A 108 10.17 57.11 11.96
N SER A 109 10.71 58.20 11.42
CA SER A 109 11.46 58.12 10.18
C SER A 109 12.77 57.37 10.38
N GLN A 110 13.34 57.41 11.58
CA GLN A 110 14.55 56.68 11.92
C GLN A 110 14.26 55.26 12.36
N ASP A 111 12.99 54.86 12.36
CA ASP A 111 12.59 53.52 12.77
C ASP A 111 11.99 52.81 11.57
N VAL A 112 12.53 51.63 11.25
CA VAL A 112 12.12 50.89 10.07
C VAL A 112 11.96 49.42 10.45
N LYS A 113 10.98 48.76 9.83
CA LYS A 113 10.72 47.35 10.03
C LYS A 113 10.66 46.66 8.68
N GLN A 114 10.97 45.37 8.69
CA GLN A 114 10.92 44.58 7.46
C GLN A 114 9.46 44.37 7.05
N PHE A 115 9.25 44.34 5.73
CA PHE A 115 7.90 44.18 5.21
C PHE A 115 7.38 42.75 5.37
N ALA A 116 8.29 41.77 5.42
CA ALA A 116 7.97 40.34 5.34
C ALA A 116 7.10 40.06 4.12
N ASN A 117 5.79 39.98 4.31
CA ASN A 117 4.88 39.86 3.17
C ASN A 117 3.60 40.68 3.33
N GLY A 118 3.45 41.42 4.41
CA GLY A 118 2.25 42.22 4.58
C GLY A 118 1.94 42.43 6.04
N PHE A 119 0.99 43.32 6.28
CA PHE A 119 0.54 43.66 7.63
C PHE A 119 -0.83 44.31 7.53
N VAL A 120 -1.41 44.63 8.69
CA VAL A 120 -2.74 45.23 8.76
C VAL A 120 -2.70 46.43 9.69
N VAL A 121 -3.66 47.32 9.52
CA VAL A 121 -3.74 48.52 10.35
C VAL A 121 -5.20 48.94 10.48
N ARG A 122 -5.58 49.29 11.70
CA ARG A 122 -6.89 49.87 11.96
C ARG A 122 -6.76 51.37 12.22
N ILE A 123 -7.74 52.13 11.77
CA ILE A 123 -7.74 53.59 11.86
C ILE A 123 -8.95 54.02 12.66
N GLY A 124 -8.72 54.87 13.66
CA GLY A 124 -9.78 55.29 14.55
C GLY A 124 -9.84 54.54 15.85
N ALA A 125 -8.68 54.10 16.37
CA ALA A 125 -8.65 53.32 17.60
C ALA A 125 -8.89 54.15 18.85
N ALA A 126 -8.93 55.47 18.74
CA ALA A 126 -9.17 56.33 19.89
C ALA A 126 -10.22 57.39 19.58
N ALA A 127 -11.10 57.13 18.62
CA ALA A 127 -12.08 58.11 18.19
C ALA A 127 -13.17 58.29 19.25
N ASN A 128 -14.11 59.20 18.97
CA ASN A 128 -15.28 59.58 19.78
C ASN A 128 -14.96 59.94 21.23
N SER A 129 -13.72 60.31 21.52
CA SER A 129 -13.28 60.41 22.92
C SER A 129 -12.50 61.71 23.08
N THR A 130 -12.13 61.99 24.34
CA THR A 130 -11.33 63.14 24.71
C THR A 130 -10.13 62.65 25.50
N GLY A 131 -8.93 63.11 25.10
CA GLY A 131 -7.70 62.66 25.72
C GLY A 131 -6.65 63.74 25.58
N THR A 132 -5.53 63.53 26.26
CA THR A 132 -4.51 64.56 26.34
C THR A 132 -3.78 64.72 25.00
N VAL A 133 -3.12 65.87 24.88
CA VAL A 133 -2.35 66.21 23.69
C VAL A 133 -0.88 65.89 23.99
N ILE A 134 -0.16 65.37 22.98
CA ILE A 134 1.18 64.88 23.22
C ILE A 134 2.15 66.03 23.51
N ILE A 135 2.07 67.11 22.73
CA ILE A 135 3.00 68.22 22.91
C ILE A 135 2.71 68.97 24.21
N SER A 136 1.42 69.15 24.54
CA SER A 136 1.01 69.77 25.80
C SER A 136 0.25 68.70 26.59
N PRO A 137 0.92 67.95 27.45
CA PRO A 137 0.24 66.89 28.21
C PRO A 137 -0.83 67.39 29.15
N SER A 138 -0.74 68.65 29.59
CA SER A 138 -1.83 69.25 30.33
C SER A 138 -3.07 69.42 29.45
N THR A 139 -2.88 69.82 28.20
CA THR A 139 -4.01 70.05 27.31
C THR A 139 -4.64 68.74 26.87
N SER A 140 -5.96 68.66 27.04
CA SER A 140 -6.74 67.51 26.60
C SER A 140 -7.83 67.99 25.65
N ALA A 141 -7.90 67.35 24.48
CA ALA A 141 -8.87 67.72 23.46
C ALA A 141 -9.61 66.48 22.99
N THR A 142 -10.70 66.71 22.28
CA THR A 142 -11.46 65.60 21.70
C THR A 142 -10.62 64.89 20.65
N ILE A 143 -10.66 63.56 20.69
CA ILE A 143 -9.77 62.74 19.88
C ILE A 143 -10.45 62.42 18.56
N ARG A 144 -9.78 62.71 17.46
CA ARG A 144 -10.33 62.54 16.12
C ARG A 144 -9.46 61.58 15.33
N LYS A 145 -10.07 60.85 14.40
CA LYS A 145 -9.30 59.92 13.59
C LYS A 145 -8.37 60.67 12.64
N ILE A 146 -7.15 60.15 12.51
CA ILE A 146 -6.12 60.74 11.66
C ILE A 146 -5.59 59.65 10.74
N TYR A 147 -5.26 60.05 9.51
CA TYR A 147 -4.93 59.08 8.46
C TYR A 147 -3.45 59.14 8.15
N PRO A 148 -2.67 58.12 8.52
CA PRO A 148 -1.22 58.14 8.27
C PRO A 148 -0.88 57.83 6.82
N ALA A 149 0.38 58.07 6.47
CA ALA A 149 0.90 57.81 5.14
C ALA A 149 2.03 56.78 5.22
N PHE A 150 2.19 56.01 4.14
CA PHE A 150 3.10 54.88 4.10
C PHE A 150 4.09 55.03 2.95
N MET A 151 5.30 54.53 3.15
CA MET A 151 6.29 54.49 2.07
C MET A 151 6.89 53.10 2.01
N LEU A 152 7.13 52.62 0.79
CA LEU A 152 7.65 51.29 0.52
C LEU A 152 8.87 51.39 -0.38
N GLY A 153 9.90 50.61 -0.07
CA GLY A 153 11.08 50.58 -0.90
C GLY A 153 12.00 49.44 -0.49
N SER A 154 13.13 49.35 -1.19
CA SER A 154 14.06 48.24 -1.03
C SER A 154 15.48 48.68 -0.66
N SER A 155 15.66 49.88 -0.12
CA SER A 155 16.99 50.37 0.24
C SER A 155 16.94 51.00 1.62
N VAL A 156 17.93 50.66 2.47
CA VAL A 156 18.05 51.24 3.80
C VAL A 156 19.50 51.71 3.98
N GLY A 157 19.67 52.98 4.35
CA GLY A 157 20.98 53.51 4.63
C GLY A 157 20.87 54.80 5.41
N ASN A 158 22.04 55.35 5.75
CA ASN A 158 22.08 56.58 6.51
C ASN A 158 21.62 57.77 5.67
N PHE A 159 21.06 58.76 6.35
CA PHE A 159 20.66 60.01 5.72
C PHE A 159 21.85 60.95 5.61
N SER A 160 21.57 62.22 5.34
CA SER A 160 22.61 63.25 5.34
C SER A 160 23.21 63.42 6.72
N ASP A 161 22.38 63.36 7.76
CA ASP A 161 22.86 63.48 9.14
C ASP A 161 23.35 62.16 9.71
N GLY A 162 23.31 61.08 8.92
CA GLY A 162 23.79 59.79 9.35
C GLY A 162 22.74 58.89 9.96
N LYS A 163 21.54 59.42 10.21
CA LYS A 163 20.46 58.58 10.71
C LYS A 163 19.94 57.68 9.60
N MET A 164 19.52 56.48 9.98
CA MET A 164 19.12 55.47 9.01
C MET A 164 17.85 55.88 8.28
N GLY A 165 17.74 55.44 7.02
CA GLY A 165 16.49 55.60 6.32
C GLY A 165 16.54 56.11 4.90
N ARG A 166 17.72 56.24 4.30
CA ARG A 166 17.77 56.63 2.90
C ARG A 166 17.28 55.49 2.01
N PHE A 167 16.66 55.85 0.90
CA PHE A 167 16.07 54.89 -0.02
C PHE A 167 16.49 55.25 -1.44
N PHE A 168 16.56 54.23 -2.30
CA PHE A 168 16.98 54.39 -3.69
C PHE A 168 15.95 53.80 -4.62
N ASN A 169 16.18 54.03 -5.92
CA ASN A 169 15.36 53.53 -7.03
C ASN A 169 13.91 54.00 -6.93
N HIS A 170 13.02 53.34 -7.67
CA HIS A 170 11.60 53.64 -7.56
C HIS A 170 11.07 53.20 -6.19
N THR A 171 10.30 54.08 -5.57
CA THR A 171 9.68 53.79 -4.29
C THR A 171 8.19 54.08 -4.38
N LEU A 172 7.41 53.37 -3.58
CA LEU A 172 5.96 53.50 -3.57
C LEU A 172 5.55 54.38 -2.40
N VAL A 173 4.67 55.34 -2.67
CA VAL A 173 4.18 56.26 -1.66
C VAL A 173 2.66 56.20 -1.66
N LEU A 174 2.08 55.96 -0.48
CA LEU A 174 0.65 56.05 -0.25
C LEU A 174 0.39 57.17 0.74
N LEU A 175 -0.59 58.03 0.41
CA LEU A 175 -0.92 59.14 1.27
C LEU A 175 -2.39 59.51 1.12
N PRO A 176 -3.11 59.66 2.22
CA PRO A 176 -4.44 60.28 2.18
C PRO A 176 -4.34 61.78 2.34
N ASP A 177 -4.98 62.48 1.41
CA ASP A 177 -5.03 63.93 1.43
C ASP A 177 -6.46 64.34 1.16
N GLY A 178 -6.68 65.66 1.06
CA GLY A 178 -8.04 66.17 1.04
C GLY A 178 -8.71 65.91 2.36
N CYS A 179 -7.97 66.19 3.45
CA CYS A 179 -8.35 65.79 4.81
C CYS A 179 -8.62 64.29 4.87
N GLY A 180 -7.79 63.52 4.18
CA GLY A 180 -7.90 62.07 4.19
C GLY A 180 -8.87 61.48 3.19
N THR A 181 -9.48 62.28 2.33
CA THR A 181 -10.43 61.74 1.36
C THR A 181 -9.72 60.96 0.26
N LEU A 182 -8.89 61.64 -0.52
CA LEU A 182 -8.19 60.98 -1.63
C LEU A 182 -7.03 60.15 -1.10
N LEU A 183 -6.69 59.10 -1.84
CA LEU A 183 -5.82 58.02 -1.40
C LEU A 183 -4.68 57.83 -2.39
N ARG A 184 -3.95 58.93 -2.64
CA ARG A 184 -2.95 58.98 -3.70
C ARG A 184 -1.83 57.98 -3.49
N ALA A 185 -1.49 57.25 -4.54
CA ALA A 185 -0.45 56.22 -4.48
C ALA A 185 0.35 56.25 -5.77
N PHE A 186 1.67 56.20 -5.63
CA PHE A 186 2.52 56.27 -6.81
C PHE A 186 3.86 55.60 -6.54
N TYR A 187 4.35 54.84 -7.52
CA TYR A 187 5.62 54.13 -7.42
C TYR A 187 6.59 54.83 -8.36
N CYS A 188 7.22 55.89 -7.85
CA CYS A 188 7.96 56.83 -8.69
C CYS A 188 9.30 57.12 -8.01
N ILE A 189 10.09 58.04 -8.57
CA ILE A 189 11.43 58.34 -8.08
C ILE A 189 11.36 59.57 -7.20
N LEU A 190 11.87 59.45 -5.97
CA LEU A 190 11.95 60.58 -5.06
C LEU A 190 13.26 61.33 -5.29
N GLU A 191 13.27 62.61 -4.92
CA GLU A 191 14.48 63.42 -4.94
C GLU A 191 14.52 64.20 -3.64
N PRO A 192 15.50 63.94 -2.77
CA PRO A 192 15.61 64.71 -1.53
C PRO A 192 16.03 66.14 -1.82
N ARG A 193 15.32 67.10 -1.24
CA ARG A 193 15.71 68.49 -1.37
C ARG A 193 17.00 68.75 -0.59
N SER A 194 17.70 69.81 -0.96
CA SER A 194 19.03 70.09 -0.43
C SER A 194 19.07 71.39 0.38
N GLY A 195 17.93 71.87 0.84
CA GLY A 195 17.87 73.10 1.61
C GLY A 195 17.96 72.87 3.11
N ASN A 196 17.48 73.86 3.85
CA ASN A 196 17.45 73.76 5.31
C ASN A 196 16.43 72.72 5.74
N HIS A 197 16.85 71.85 6.67
CA HIS A 197 16.03 70.79 7.24
C HIS A 197 15.50 69.83 6.18
N CYS A 198 16.25 69.70 5.09
CA CYS A 198 15.89 68.90 3.93
C CYS A 198 16.76 67.65 3.86
N PRO A 199 16.23 66.53 3.34
CA PRO A 199 16.94 65.24 3.45
C PRO A 199 18.30 65.19 2.79
N ALA A 200 18.52 65.94 1.72
CA ALA A 200 19.86 66.08 1.15
C ALA A 200 20.51 67.39 1.55
N GLY A 201 19.97 68.09 2.53
CA GLY A 201 20.48 69.40 2.89
C GLY A 201 20.94 69.57 4.33
N ASN A 202 21.32 70.80 4.67
CA ASN A 202 21.87 71.12 5.97
C ASN A 202 20.80 71.12 7.05
N SER A 203 21.25 70.90 8.28
CA SER A 203 20.41 70.89 9.49
C SER A 203 19.26 69.90 9.37
N TYR A 204 19.53 68.76 8.75
CA TYR A 204 18.51 67.75 8.51
C TYR A 204 18.35 66.87 9.74
N THR A 205 17.11 66.75 10.22
CA THR A 205 16.78 65.80 11.27
C THR A 205 15.84 64.72 10.78
N SER A 206 14.70 65.11 10.21
CA SER A 206 13.73 64.18 9.62
C SER A 206 12.87 64.96 8.63
N PHE A 207 11.83 64.30 8.12
CA PHE A 207 10.89 64.93 7.21
C PHE A 207 9.48 64.51 7.58
N ALA A 208 8.52 65.37 7.29
CA ALA A 208 7.15 65.16 7.70
C ALA A 208 6.23 65.94 6.76
N THR A 209 4.97 66.08 7.16
CA THR A 209 4.01 66.91 6.46
C THR A 209 3.31 67.82 7.47
N TYR A 210 2.95 69.01 7.01
CA TYR A 210 2.16 69.91 7.83
C TYR A 210 0.67 69.62 7.60
N HIS A 211 -0.17 70.26 8.40
CA HIS A 211 -1.61 70.22 8.19
C HIS A 211 -2.20 71.46 8.82
N THR A 212 -2.71 72.38 7.99
CA THR A 212 -3.34 73.61 8.46
C THR A 212 -4.85 73.46 8.33
N PRO A 213 -5.57 73.07 9.38
CA PRO A 213 -7.02 72.90 9.27
C PRO A 213 -7.77 74.20 9.09
N ALA A 214 -7.17 75.33 9.47
CA ALA A 214 -7.79 76.63 9.22
C ALA A 214 -7.89 76.93 7.73
N THR A 215 -6.92 76.45 6.94
CA THR A 215 -6.98 76.58 5.49
C THR A 215 -7.53 75.34 4.80
N ASP A 216 -7.07 74.15 5.18
CA ASP A 216 -7.42 72.94 4.46
C ASP A 216 -8.74 72.36 4.93
N CYS A 217 -8.81 71.95 6.20
CA CYS A 217 -9.96 71.21 6.68
C CYS A 217 -11.08 72.15 7.16
N SER A 218 -11.08 73.38 6.65
CA SER A 218 -12.18 74.32 6.85
C SER A 218 -13.20 74.22 5.72
N ASP A 219 -13.33 73.02 5.16
CA ASP A 219 -14.23 72.72 4.03
C ASP A 219 -13.90 73.58 2.81
N GLY A 220 -12.61 73.69 2.51
CA GLY A 220 -12.16 74.40 1.34
C GLY A 220 -10.71 74.14 0.99
N ASN A 221 -10.42 74.03 -0.31
CA ASN A 221 -9.08 73.94 -0.91
C ASN A 221 -8.19 72.87 -0.24
N TYR A 222 -8.83 71.77 0.13
CA TYR A 222 -8.10 70.67 0.78
C TYR A 222 -7.93 69.51 -0.17
N ASN A 223 -8.95 69.22 -0.99
CA ASN A 223 -8.87 68.15 -1.97
C ASN A 223 -7.89 68.42 -3.09
N ARG A 224 -7.42 69.66 -3.22
CA ARG A 224 -6.35 70.03 -4.14
C ARG A 224 -4.98 69.86 -3.50
N ASN A 225 -4.92 69.13 -2.39
CA ASN A 225 -3.73 68.59 -1.74
C ASN A 225 -2.90 69.65 -1.02
N ALA A 226 -2.59 69.39 0.25
CA ALA A 226 -1.70 70.25 1.01
C ALA A 226 -0.57 69.43 1.62
N SER A 227 -0.88 68.23 2.10
CA SER A 227 0.15 67.32 2.57
C SER A 227 0.92 66.69 1.43
N LEU A 228 0.28 66.49 0.27
CA LEU A 228 1.00 66.02 -0.91
C LEU A 228 2.04 67.04 -1.35
N ASN A 229 1.68 68.32 -1.39
CA ASN A 229 2.65 69.35 -1.70
C ASN A 229 3.60 69.59 -0.53
N SER A 230 3.23 69.20 0.68
CA SER A 230 4.16 69.23 1.80
C SER A 230 5.25 68.18 1.62
N PHE A 231 4.88 67.01 1.12
CA PHE A 231 5.89 66.05 0.66
C PHE A 231 6.70 66.65 -0.48
N LYS A 232 6.03 67.34 -1.40
CA LYS A 232 6.74 68.08 -2.42
C LYS A 232 7.48 69.28 -1.86
N GLU A 233 7.11 69.74 -0.66
CA GLU A 233 7.91 70.73 0.05
C GLU A 233 9.16 70.12 0.67
N TYR A 234 9.22 68.79 0.75
CA TYR A 234 10.40 68.08 1.22
C TYR A 234 11.08 67.27 0.13
N PHE A 235 10.35 66.88 -0.92
CA PHE A 235 10.85 66.00 -1.95
C PHE A 235 10.52 66.54 -3.33
N ASN A 236 11.02 65.85 -4.34
CA ASN A 236 10.70 66.12 -5.73
C ASN A 236 10.41 64.80 -6.43
N LEU A 237 9.62 64.86 -7.50
CA LEU A 237 9.21 63.65 -8.21
C LEU A 237 10.01 63.50 -9.50
N ARG A 238 10.19 62.26 -9.92
CA ARG A 238 10.86 61.97 -11.19
C ARG A 238 10.38 60.64 -11.73
N ASN A 239 10.38 60.53 -13.07
CA ASN A 239 10.35 59.27 -13.81
C ASN A 239 9.07 58.49 -13.51
N CYS A 240 8.00 59.22 -13.24
CA CYS A 240 6.90 58.69 -12.46
C CYS A 240 6.04 57.74 -13.28
N THR A 241 5.63 56.65 -12.63
CA THR A 241 5.02 55.52 -13.32
C THR A 241 3.52 55.68 -13.53
N PHE A 242 2.79 56.04 -12.49
CA PHE A 242 1.33 56.11 -12.59
C PHE A 242 0.79 57.15 -11.62
N MET A 243 -0.53 57.35 -11.68
CA MET A 243 -1.24 58.27 -10.78
C MET A 243 -2.59 57.60 -10.47
N TYR A 244 -2.67 56.94 -9.33
CA TYR A 244 -3.93 56.39 -8.84
C TYR A 244 -4.24 56.92 -7.45
N THR A 245 -5.54 57.03 -7.18
CA THR A 245 -6.04 57.45 -5.87
C THR A 245 -7.45 56.89 -5.72
N TYR A 246 -8.00 57.06 -4.53
CA TYR A 246 -9.33 56.57 -4.21
C TYR A 246 -10.08 57.69 -3.48
N ASN A 247 -11.19 57.36 -2.85
CA ASN A 247 -11.94 58.31 -2.06
C ASN A 247 -12.36 57.67 -0.74
N ILE A 248 -12.41 58.50 0.31
CA ILE A 248 -12.90 58.07 1.61
C ILE A 248 -13.92 59.10 2.09
N THR A 249 -15.11 58.64 2.43
CA THR A 249 -16.06 59.48 3.12
C THR A 249 -15.70 59.51 4.60
N GLU A 250 -15.40 60.70 5.11
CA GLU A 250 -14.97 60.85 6.49
C GLU A 250 -16.11 60.57 7.45
N ASP A 251 -15.79 59.87 8.53
CA ASP A 251 -16.77 59.51 9.55
C ASP A 251 -16.03 59.47 10.89
N GLU A 252 -16.64 58.83 11.88
CA GLU A 252 -16.00 58.59 13.16
C GLU A 252 -15.77 57.10 13.44
N ILE A 253 -16.44 56.22 12.69
CA ILE A 253 -16.35 54.79 12.91
C ILE A 253 -14.96 54.30 12.51
N LEU A 254 -14.40 53.41 13.35
CA LEU A 254 -13.11 52.80 13.05
C LEU A 254 -13.19 52.00 11.75
N GLU A 255 -12.10 52.00 11.00
CA GLU A 255 -12.01 51.23 9.77
C GLU A 255 -10.77 50.35 9.82
N TRP A 256 -10.75 49.36 8.95
CA TRP A 256 -9.68 48.36 8.91
C TRP A 256 -9.08 48.33 7.51
N PHE A 257 -7.79 47.98 7.45
CA PHE A 257 -7.10 47.92 6.18
C PHE A 257 -6.00 46.87 6.28
N GLY A 258 -5.73 46.20 5.17
CA GLY A 258 -4.62 45.27 5.08
C GLY A 258 -3.82 45.48 3.82
N ILE A 259 -2.50 45.34 3.95
CA ILE A 259 -1.58 45.47 2.83
C ILE A 259 -0.79 44.17 2.71
N THR A 260 -0.59 43.72 1.47
CA THR A 260 0.21 42.53 1.24
C THR A 260 0.82 42.61 -0.16
N GLN A 261 1.70 41.66 -0.46
CA GLN A 261 2.38 41.60 -1.74
C GLN A 261 2.32 40.18 -2.26
N THR A 262 1.92 40.03 -3.52
CA THR A 262 1.90 38.74 -4.19
C THR A 262 2.41 39.01 -5.61
N ALA A 263 2.74 37.96 -6.36
CA ALA A 263 3.26 38.12 -7.71
C ALA A 263 2.30 38.83 -8.64
N GLN A 264 0.99 38.81 -8.33
CA GLN A 264 0.03 39.55 -9.14
C GLN A 264 0.00 41.04 -8.79
N GLY A 265 0.56 41.45 -7.67
CA GLY A 265 0.70 42.87 -7.39
C GLY A 265 0.71 43.15 -5.90
N VAL A 266 0.66 44.43 -5.59
CA VAL A 266 0.52 44.92 -4.22
C VAL A 266 -0.97 45.00 -3.92
N HIS A 267 -1.44 44.19 -2.97
CA HIS A 267 -2.86 44.01 -2.76
C HIS A 267 -3.31 44.72 -1.49
N LEU A 268 -4.46 45.38 -1.59
CA LEU A 268 -4.98 46.27 -0.58
C LEU A 268 -6.41 45.85 -0.27
N PHE A 269 -6.69 45.64 1.01
CA PHE A 269 -7.94 45.06 1.50
C PHE A 269 -8.61 46.03 2.46
N SER A 270 -9.90 46.28 2.26
CA SER A 270 -10.66 47.08 3.22
C SER A 270 -12.15 46.80 3.06
N SER A 271 -12.85 46.72 4.19
CA SER A 271 -14.28 46.47 4.22
C SER A 271 -15.11 47.75 4.27
N ARG A 272 -14.46 48.92 4.33
CA ARG A 272 -15.18 50.18 4.49
C ARG A 272 -16.01 50.53 3.26
N TYR A 273 -15.72 49.92 2.10
CA TYR A 273 -16.46 50.26 0.89
C TYR A 273 -17.85 49.65 0.90
N VAL A 274 -18.01 48.45 1.45
CA VAL A 274 -19.25 47.71 1.39
C VAL A 274 -19.86 47.46 2.77
N ASP A 275 -19.03 47.22 3.79
CA ASP A 275 -19.53 46.89 5.13
C ASP A 275 -18.82 47.79 6.14
N LEU A 276 -19.37 48.98 6.34
CA LEU A 276 -18.87 49.86 7.39
C LEU A 276 -19.16 49.29 8.77
N TYR A 277 -20.37 48.76 8.95
CA TYR A 277 -20.78 48.27 10.26
C TYR A 277 -20.15 46.94 10.62
N GLY A 278 -19.60 46.22 9.64
CA GLY A 278 -18.93 44.98 9.93
C GLY A 278 -17.44 45.18 10.10
N GLY A 279 -16.66 44.71 9.13
CA GLY A 279 -15.22 44.85 9.20
C GLY A 279 -14.51 43.55 8.86
N ASN A 280 -13.62 43.63 7.86
CA ASN A 280 -12.98 42.46 7.27
C ASN A 280 -11.90 42.98 6.32
N MET A 281 -11.14 42.04 5.78
CA MET A 281 -10.17 42.34 4.73
C MET A 281 -10.83 42.04 3.39
N PHE A 282 -11.47 43.04 2.80
CA PHE A 282 -12.08 42.93 1.49
C PHE A 282 -11.16 43.61 0.50
N GLN A 283 -10.56 42.83 -0.39
CA GLN A 283 -9.57 43.36 -1.32
C GLN A 283 -10.20 44.36 -2.25
N PHE A 284 -9.58 45.53 -2.35
CA PHE A 284 -10.09 46.58 -3.22
C PHE A 284 -9.06 47.10 -4.21
N ALA A 285 -7.78 47.05 -3.90
CA ALA A 285 -6.79 47.63 -4.79
C ALA A 285 -5.65 46.64 -5.07
N THR A 286 -5.04 46.78 -6.24
CA THR A 286 -3.88 45.97 -6.61
C THR A 286 -2.99 46.82 -7.51
N LEU A 287 -1.79 47.06 -7.06
CA LEU A 287 -0.81 47.88 -7.75
C LEU A 287 0.14 47.00 -8.55
N PRO A 288 0.43 47.36 -9.79
CA PRO A 288 1.28 46.51 -10.63
C PRO A 288 2.75 46.55 -10.23
N VAL A 289 3.11 45.77 -9.22
CA VAL A 289 4.48 45.74 -8.75
C VAL A 289 5.35 44.97 -9.74
N TYR A 290 6.66 45.24 -9.70
CA TYR A 290 7.62 44.53 -10.53
C TYR A 290 8.77 43.93 -9.73
N ASP A 291 9.14 44.54 -8.61
CA ASP A 291 10.25 44.08 -7.78
C ASP A 291 9.78 43.83 -6.35
N THR A 292 10.40 42.86 -5.69
CA THR A 292 10.03 42.51 -4.32
C THR A 292 10.48 43.58 -3.34
N ILE A 293 9.57 44.46 -2.95
CA ILE A 293 9.87 45.50 -1.97
C ILE A 293 9.82 44.89 -0.58
N LYS A 294 10.87 45.14 0.21
CA LYS A 294 11.06 44.47 1.49
C LYS A 294 11.09 45.41 2.69
N TYR A 295 11.04 46.73 2.47
CA TYR A 295 11.08 47.68 3.58
C TYR A 295 9.90 48.63 3.50
N TYR A 296 9.30 48.89 4.65
CA TYR A 296 8.22 49.86 4.76
C TYR A 296 8.55 50.84 5.88
N SER A 297 7.98 52.04 5.75
CA SER A 297 8.17 53.08 6.75
C SER A 297 6.88 53.85 6.89
N ILE A 298 6.66 54.36 8.10
CA ILE A 298 5.50 55.17 8.43
C ILE A 298 5.99 56.60 8.61
N ILE A 299 5.45 57.50 7.80
CA ILE A 299 5.96 58.88 7.80
C ILE A 299 5.34 59.64 8.97
N PRO A 300 6.15 60.26 9.83
CA PRO A 300 5.60 61.12 10.87
C PRO A 300 4.89 62.33 10.27
N HIS A 301 3.88 62.83 10.97
CA HIS A 301 3.07 63.93 10.46
C HIS A 301 2.78 64.91 11.59
N SER A 302 2.81 66.19 11.25
CA SER A 302 2.51 67.26 12.19
C SER A 302 1.35 68.08 11.67
N ILE A 303 0.66 68.74 12.59
CA ILE A 303 -0.53 69.53 12.28
C ILE A 303 -0.28 70.96 12.72
N ARG A 304 -0.56 71.91 11.83
CA ARG A 304 -0.46 73.34 12.13
C ARG A 304 -1.71 73.84 12.85
N SER A 305 -2.10 73.13 13.91
CA SER A 305 -3.23 73.55 14.72
C SER A 305 -2.79 74.58 15.73
N ILE A 306 -3.64 75.59 15.95
CA ILE A 306 -3.31 76.64 16.89
C ILE A 306 -3.37 76.09 18.32
N GLN A 307 -2.69 76.78 19.23
CA GLN A 307 -2.58 76.27 20.60
C GLN A 307 -3.90 76.34 21.34
N SER A 308 -4.71 77.37 21.07
CA SER A 308 -6.01 77.46 21.70
C SER A 308 -6.98 76.39 21.19
N ASP A 309 -6.76 75.88 19.98
CA ASP A 309 -7.59 74.83 19.40
C ASP A 309 -6.72 73.65 18.96
N ARG A 310 -5.79 73.24 19.82
CA ARG A 310 -5.04 72.02 19.59
C ARG A 310 -5.99 70.82 19.67
N LYS A 311 -5.78 69.86 18.79
CA LYS A 311 -6.72 68.75 18.60
C LYS A 311 -6.03 67.42 18.83
N ALA A 312 -6.64 66.58 19.66
CA ALA A 312 -6.15 65.23 19.86
C ALA A 312 -6.48 64.37 18.64
N TRP A 313 -5.57 63.47 18.30
CA TRP A 313 -5.71 62.63 17.12
C TRP A 313 -5.71 61.17 17.54
N ALA A 314 -6.53 60.36 16.86
CA ALA A 314 -6.78 59.00 17.32
C ALA A 314 -5.58 58.09 17.05
N ALA A 315 -5.44 57.10 17.93
CA ALA A 315 -4.42 56.08 17.81
C ALA A 315 -4.72 55.17 16.64
N PHE A 316 -3.69 54.49 16.13
CA PHE A 316 -3.87 53.51 15.08
C PHE A 316 -2.94 52.34 15.30
N TYR A 317 -3.49 51.13 15.17
CA TYR A 317 -2.78 49.90 15.52
C TYR A 317 -2.40 49.17 14.24
N VAL A 318 -1.14 48.79 14.15
CA VAL A 318 -0.59 48.06 13.01
C VAL A 318 -0.01 46.74 13.50
N TYR A 319 -0.39 45.65 12.82
CA TYR A 319 -0.07 44.29 13.23
C TYR A 319 0.57 43.54 12.08
N LYS A 320 1.69 42.88 12.35
CA LYS A 320 2.44 42.13 11.37
C LYS A 320 1.70 40.84 11.02
N LEU A 321 1.88 40.39 9.78
CA LEU A 321 1.22 39.19 9.27
C LEU A 321 2.25 38.11 8.99
N GLN A 322 1.93 36.90 9.43
CA GLN A 322 2.76 35.72 9.27
C GLN A 322 1.91 34.60 8.69
N PRO A 323 2.52 33.64 8.01
CA PRO A 323 1.75 32.50 7.49
C PRO A 323 1.09 31.72 8.62
N LEU A 324 -0.21 31.50 8.48
CA LEU A 324 -1.04 30.98 9.56
C LEU A 324 -2.31 30.42 8.95
N THR A 325 -3.11 29.77 9.78
CA THR A 325 -4.41 29.24 9.38
C THR A 325 -5.44 29.65 10.42
N PHE A 326 -6.60 30.09 9.94
CA PHE A 326 -7.70 30.49 10.81
C PHE A 326 -8.94 29.66 10.51
N LEU A 327 -9.73 29.43 11.55
CA LEU A 327 -11.05 28.84 11.41
C LEU A 327 -12.07 29.96 11.42
N LEU A 328 -12.84 30.07 10.34
CA LEU A 328 -13.70 31.21 10.08
C LEU A 328 -15.17 30.76 10.09
N ASP A 329 -16.02 31.58 10.70
CA ASP A 329 -17.45 31.30 10.81
C ASP A 329 -18.20 32.27 9.93
N PHE A 330 -18.49 31.84 8.70
CA PHE A 330 -19.39 32.60 7.84
C PHE A 330 -20.80 32.48 8.38
N SER A 331 -21.46 33.62 8.55
CA SER A 331 -22.86 33.63 8.95
C SER A 331 -23.72 33.47 7.70
N VAL A 332 -25.04 33.60 7.87
CA VAL A 332 -25.94 33.47 6.73
C VAL A 332 -25.82 34.64 5.76
N ASP A 333 -25.25 35.76 6.20
CA ASP A 333 -24.99 36.89 5.32
C ASP A 333 -23.72 36.73 4.51
N GLY A 334 -22.98 35.64 4.71
CA GLY A 334 -21.70 35.46 4.07
C GLY A 334 -20.57 36.25 4.69
N TYR A 335 -20.84 36.99 5.76
CA TYR A 335 -19.85 37.85 6.39
C TYR A 335 -19.18 37.14 7.54
N ILE A 336 -17.88 37.34 7.66
CA ILE A 336 -17.12 36.75 8.77
C ILE A 336 -17.31 37.62 10.00
N ARG A 337 -17.86 37.04 11.05
CA ARG A 337 -18.01 37.72 12.32
C ARG A 337 -17.35 36.99 13.48
N ARG A 338 -16.84 35.77 13.25
CA ARG A 338 -16.13 35.01 14.27
C ARG A 338 -15.01 34.21 13.61
N ALA A 339 -13.88 34.14 14.29
CA ALA A 339 -12.76 33.34 13.80
C ALA A 339 -11.92 32.90 14.99
N ILE A 340 -11.12 31.87 14.79
CA ILE A 340 -10.22 31.39 15.83
C ILE A 340 -8.88 31.03 15.19
N ASP A 341 -7.83 31.14 15.98
CA ASP A 341 -6.49 30.78 15.54
C ASP A 341 -6.34 29.26 15.49
N CYS A 342 -5.25 28.81 14.88
CA CYS A 342 -4.86 27.41 14.93
C CYS A 342 -3.60 27.17 15.74
N GLY A 343 -2.76 28.19 15.93
CA GLY A 343 -1.51 28.00 16.62
C GLY A 343 -1.24 29.02 17.70
N PHE A 344 -2.29 29.64 18.24
CA PHE A 344 -2.08 30.49 19.40
C PHE A 344 -1.87 29.66 20.65
N ASN A 345 -2.66 28.61 20.83
CA ASN A 345 -2.62 27.82 22.05
C ASN A 345 -3.25 26.46 21.78
N ASP A 346 -3.47 25.70 22.85
CA ASP A 346 -4.10 24.39 22.75
C ASP A 346 -5.53 24.50 22.23
N LEU A 347 -6.28 25.49 22.71
CA LEU A 347 -7.67 25.64 22.28
C LEU A 347 -7.75 26.05 20.81
N SER A 348 -6.75 26.78 20.32
CA SER A 348 -6.75 27.22 18.93
C SER A 348 -6.70 26.02 17.98
N GLN A 349 -5.71 25.15 18.16
CA GLN A 349 -5.65 23.94 17.35
C GLN A 349 -6.79 23.00 17.65
N LEU A 350 -7.29 23.00 18.90
CA LEU A 350 -8.41 22.13 19.26
C LEU A 350 -9.66 22.50 18.48
N HIS A 351 -9.95 23.79 18.37
CA HIS A 351 -11.09 24.21 17.57
C HIS A 351 -10.80 24.09 16.08
N CYS A 352 -9.52 24.12 15.68
CA CYS A 352 -9.21 23.84 14.28
C CYS A 352 -9.08 22.36 13.99
N SER A 353 -8.69 21.54 14.98
CA SER A 353 -8.72 20.10 14.76
C SER A 353 -10.15 19.58 14.74
N TYR A 354 -11.05 20.24 15.46
CA TYR A 354 -12.47 19.93 15.38
C TYR A 354 -13.15 20.63 14.22
N GLU A 355 -12.46 21.61 13.60
CA GLU A 355 -13.00 22.43 12.51
C GLU A 355 -14.30 23.13 12.91
N SER A 356 -14.40 23.48 14.20
CA SER A 356 -15.63 24.03 14.73
C SER A 356 -15.32 24.85 15.97
N PHE A 357 -16.18 25.83 16.25
CA PHE A 357 -16.06 26.63 17.46
C PHE A 357 -16.68 25.94 18.66
N ASP A 358 -17.27 24.77 18.47
CA ASP A 358 -17.71 23.91 19.55
C ASP A 358 -16.84 22.66 19.54
N VAL A 359 -16.25 22.34 20.69
CA VAL A 359 -15.38 21.18 20.81
C VAL A 359 -15.95 20.26 21.88
N GLU A 360 -15.23 19.19 22.19
CA GLU A 360 -15.63 18.25 23.23
C GLU A 360 -14.65 18.31 24.39
N SER A 361 -15.16 18.16 25.61
CA SER A 361 -14.32 18.10 26.78
C SER A 361 -13.54 16.79 26.83
N GLY A 362 -12.44 16.80 27.58
CA GLY A 362 -11.70 15.60 27.87
C GLY A 362 -10.22 15.86 27.90
N VAL A 363 -9.48 14.74 27.89
CA VAL A 363 -8.03 14.73 27.76
C VAL A 363 -7.70 14.59 26.29
N TYR A 364 -6.77 15.41 25.80
CA TYR A 364 -6.39 15.39 24.40
C TYR A 364 -4.88 15.49 24.27
N SER A 365 -4.33 14.75 23.32
CA SER A 365 -2.92 14.87 23.01
C SER A 365 -2.65 16.20 22.32
N VAL A 366 -1.60 16.89 22.78
CA VAL A 366 -1.23 18.18 22.21
C VAL A 366 0.26 18.13 21.90
N SER A 367 0.70 19.02 21.02
CA SER A 367 2.07 19.02 20.53
C SER A 367 3.03 19.37 21.67
N SER A 368 3.85 18.40 22.05
CA SER A 368 4.79 18.62 23.13
C SER A 368 5.94 19.50 22.68
N PHE A 369 6.63 20.09 23.66
CA PHE A 369 7.75 20.96 23.37
C PHE A 369 9.00 20.11 23.14
N GLU A 370 10.10 20.78 22.83
CA GLU A 370 11.41 20.13 22.75
C GLU A 370 12.45 21.09 23.29
N ALA A 371 13.30 20.59 24.19
CA ALA A 371 14.40 21.40 24.71
C ALA A 371 15.42 21.66 23.62
N LYS A 372 15.90 22.90 23.55
CA LYS A 372 16.82 23.28 22.50
C LYS A 372 18.21 22.71 22.76
N PRO A 373 18.93 22.30 21.72
CA PRO A 373 20.17 21.55 21.93
C PRO A 373 21.43 22.39 21.94
N SER A 374 22.42 21.89 22.66
CA SER A 374 23.81 22.33 22.61
C SER A 374 24.50 21.56 21.48
N GLY A 375 25.82 21.50 21.50
CA GLY A 375 26.46 20.54 20.61
C GLY A 375 27.49 21.09 19.66
N SER A 376 28.13 22.20 20.02
CA SER A 376 29.17 22.78 19.18
C SER A 376 30.46 21.96 19.29
N VAL A 377 30.43 20.74 18.78
CA VAL A 377 31.60 19.86 18.82
C VAL A 377 31.57 18.93 17.61
N VAL A 378 32.65 18.96 16.83
CA VAL A 378 32.84 18.05 15.71
C VAL A 378 34.23 17.45 15.85
N GLU A 379 34.36 16.35 16.58
CA GLU A 379 35.69 15.87 16.96
C GLU A 379 35.69 14.36 17.17
N GLN A 380 36.38 13.67 16.27
CA GLN A 380 36.98 12.36 16.52
C GLN A 380 38.39 12.36 15.95
N ALA A 381 39.17 13.32 16.45
CA ALA A 381 40.60 13.56 16.19
C ALA A 381 40.95 14.02 14.79
N GLU A 382 40.46 15.19 14.40
CA GLU A 382 41.11 15.99 13.37
C GLU A 382 42.25 16.78 14.03
N GLY A 383 42.93 17.65 13.28
CA GLY A 383 43.94 18.49 13.89
C GLY A 383 45.35 18.34 13.35
N VAL A 384 45.49 18.03 12.06
CA VAL A 384 46.79 18.11 11.41
C VAL A 384 47.28 19.55 11.47
N GLU A 385 48.56 19.73 11.81
CA GLU A 385 49.12 21.05 12.02
C GLU A 385 50.29 21.29 11.10
N CYS A 386 50.35 22.48 10.52
CA CYS A 386 51.48 22.86 9.68
C CYS A 386 52.70 23.16 10.54
N ASP A 387 53.88 23.02 9.95
CA ASP A 387 55.13 23.19 10.68
C ASP A 387 56.03 24.15 9.90
N PHE A 388 56.28 25.32 10.47
CA PHE A 388 57.19 26.31 9.89
C PHE A 388 58.63 26.07 10.36
N SER A 389 59.06 24.83 10.29
CA SER A 389 60.36 24.40 10.80
C SER A 389 61.55 24.74 9.90
N PRO A 390 61.52 24.53 8.56
CA PRO A 390 62.66 24.99 7.76
C PRO A 390 62.83 26.50 7.73
N LEU A 391 61.78 27.27 8.02
CA LEU A 391 61.92 28.71 8.11
C LEU A 391 62.65 29.12 9.38
N LEU A 392 62.42 28.40 10.48
CA LEU A 392 63.00 28.74 11.78
C LEU A 392 64.36 28.11 12.01
N SER A 393 64.89 27.35 11.05
CA SER A 393 66.14 26.62 11.26
C SER A 393 66.96 26.64 9.98
N GLY A 394 68.26 26.38 10.16
CA GLY A 394 69.18 26.26 9.05
C GLY A 394 69.71 27.60 8.56
N THR A 395 70.70 27.52 7.68
CA THR A 395 71.26 28.71 7.05
C THR A 395 70.29 29.24 6.02
N PRO A 396 69.80 30.46 6.15
CA PRO A 396 68.80 30.96 5.22
C PRO A 396 69.44 31.41 3.92
N PRO A 397 68.81 31.10 2.79
CA PRO A 397 69.37 31.49 1.50
C PRO A 397 69.07 32.94 1.17
N GLN A 398 69.48 33.38 -0.02
CA GLN A 398 69.32 34.77 -0.41
C GLN A 398 68.03 34.94 -1.22
N VAL A 399 67.77 36.19 -1.62
CA VAL A 399 66.50 36.54 -2.25
C VAL A 399 66.36 35.93 -3.64
N TYR A 400 67.45 35.75 -4.38
CA TYR A 400 67.35 35.06 -5.66
C TYR A 400 67.16 33.56 -5.50
N ASN A 401 67.36 33.03 -4.30
CA ASN A 401 67.23 31.60 -4.00
C ASN A 401 66.24 31.39 -2.87
N PHE A 402 65.07 32.03 -2.97
CA PHE A 402 64.09 31.99 -1.91
C PHE A 402 63.58 30.57 -1.66
N LYS A 403 63.49 30.19 -0.40
CA LYS A 403 63.14 28.82 -0.02
C LYS A 403 61.64 28.73 0.21
N ARG A 404 60.99 27.85 -0.54
CA ARG A 404 59.54 27.72 -0.55
C ARG A 404 59.09 26.62 0.39
N LEU A 405 58.08 26.92 1.21
CA LEU A 405 57.43 25.94 2.06
C LEU A 405 55.94 25.98 1.76
N VAL A 406 55.36 24.80 1.49
CA VAL A 406 53.96 24.68 1.12
C VAL A 406 53.21 24.01 2.26
N PHE A 407 52.02 24.52 2.56
CA PHE A 407 51.21 24.02 3.65
C PHE A 407 49.78 23.85 3.16
N THR A 408 49.27 22.63 3.26
CA THR A 408 47.93 22.27 2.83
C THR A 408 47.46 21.12 3.73
N ASN A 409 46.16 21.12 4.05
CA ASN A 409 45.53 20.10 4.87
C ASN A 409 46.17 20.00 6.26
N CYS A 410 46.47 21.17 6.82
CA CYS A 410 47.06 21.25 8.14
C CYS A 410 46.63 22.56 8.80
N ASN A 411 46.63 22.56 10.12
CA ASN A 411 46.31 23.77 10.88
C ASN A 411 47.55 24.65 10.97
N TYR A 412 47.34 25.95 10.87
CA TYR A 412 48.41 26.93 10.96
C TYR A 412 48.01 28.05 11.92
N ASN A 413 49.01 28.69 12.50
CA ASN A 413 48.77 29.81 13.40
C ASN A 413 49.98 30.74 13.35
N LEU A 414 49.69 32.05 13.37
CA LEU A 414 50.74 33.06 13.41
C LEU A 414 50.90 33.71 14.77
N THR A 415 49.94 33.54 15.67
CA THR A 415 50.06 34.10 17.01
C THR A 415 51.17 33.44 17.82
N LYS A 416 51.58 32.23 17.46
CA LYS A 416 52.75 31.60 18.07
C LYS A 416 54.00 31.71 17.23
N LEU A 417 53.87 31.94 15.92
CA LEU A 417 55.03 32.06 15.05
C LEU A 417 55.52 33.50 14.92
N LEU A 418 54.62 34.42 14.56
CA LEU A 418 55.00 35.82 14.41
C LEU A 418 55.28 36.50 15.75
N SER A 419 54.89 35.89 16.87
CA SER A 419 55.25 36.42 18.18
C SER A 419 56.74 36.28 18.47
N LEU A 420 57.44 35.45 17.70
CA LEU A 420 58.88 35.27 17.85
C LEU A 420 59.68 36.09 16.84
N PHE A 421 59.03 37.04 16.17
CA PHE A 421 59.66 37.85 15.13
C PHE A 421 59.57 39.33 15.49
N SER A 422 60.69 40.03 15.37
CA SER A 422 60.72 41.49 15.48
C SER A 422 60.57 42.03 14.06
N VAL A 423 59.32 42.15 13.61
CA VAL A 423 59.04 42.50 12.22
C VAL A 423 59.34 43.97 12.00
N ASN A 424 60.16 44.24 10.98
CA ASN A 424 60.49 45.61 10.60
C ASN A 424 59.52 46.17 9.57
N ASP A 425 59.36 45.46 8.46
CA ASP A 425 58.47 45.85 7.37
C ASP A 425 57.35 44.83 7.25
N PHE A 426 56.12 45.32 7.04
CA PHE A 426 54.96 44.45 6.86
C PHE A 426 54.09 45.06 5.76
N THR A 427 54.34 44.64 4.52
CA THR A 427 53.54 45.08 3.38
C THR A 427 52.68 43.92 2.91
N CYS A 428 51.46 44.24 2.49
CA CYS A 428 50.57 43.20 2.00
C CYS A 428 49.79 43.71 0.80
N SER A 429 49.83 42.93 -0.27
CA SER A 429 49.16 43.23 -1.52
C SER A 429 47.95 42.33 -1.70
N GLN A 430 46.79 42.96 -1.93
CA GLN A 430 45.53 42.30 -2.27
C GLN A 430 45.06 41.39 -1.13
N ILE A 431 45.41 41.77 0.11
CA ILE A 431 44.97 41.05 1.31
C ILE A 431 45.16 41.99 2.49
N SER A 432 44.41 41.74 3.56
CA SER A 432 44.72 42.45 4.80
C SER A 432 45.75 41.65 5.60
N PRO A 433 46.53 42.32 6.46
CA PRO A 433 47.50 41.59 7.30
C PRO A 433 46.86 40.59 8.25
N ALA A 434 45.62 40.82 8.68
CA ALA A 434 44.94 39.89 9.58
C ALA A 434 44.21 38.77 8.83
N ALA A 435 44.02 38.89 7.52
CA ALA A 435 43.28 37.87 6.78
C ALA A 435 44.12 36.62 6.54
N ILE A 436 45.43 36.77 6.35
CA ILE A 436 46.27 35.62 6.03
C ILE A 436 46.38 34.68 7.22
N ALA A 437 46.35 35.21 8.44
CA ALA A 437 46.63 34.43 9.64
C ALA A 437 45.38 33.98 10.39
N SER A 438 44.18 34.32 9.90
CA SER A 438 42.97 34.04 10.64
C SER A 438 41.83 33.53 9.76
N ASN A 439 42.10 33.17 8.51
CA ASN A 439 41.07 32.70 7.60
C ASN A 439 41.50 31.38 6.98
N CYS A 440 40.49 30.63 6.51
CA CYS A 440 40.75 29.39 5.83
C CYS A 440 41.24 29.64 4.41
N TYR A 441 42.27 28.90 4.02
CA TYR A 441 42.82 28.98 2.68
C TYR A 441 43.00 27.58 2.14
N SER A 442 42.96 27.46 0.81
CA SER A 442 43.25 26.18 0.18
C SER A 442 44.70 25.80 0.40
N SER A 443 45.62 26.74 0.27
CA SER A 443 47.02 26.43 0.53
C SER A 443 47.76 27.68 0.93
N LEU A 444 48.95 27.49 1.50
CA LEU A 444 49.81 28.59 1.90
C LEU A 444 51.24 28.27 1.46
N ILE A 445 51.76 29.04 0.51
CA ILE A 445 53.13 28.89 0.06
C ILE A 445 53.91 30.10 0.56
N LEU A 446 55.11 29.86 1.06
CA LEU A 446 55.85 30.88 1.79
C LEU A 446 57.33 30.72 1.49
N ASP A 447 57.94 31.73 0.86
CA ASP A 447 59.36 31.67 0.56
C ASP A 447 60.13 32.65 1.44
N TYR A 448 61.09 32.13 2.19
CA TYR A 448 61.93 32.93 3.06
C TYR A 448 63.32 33.07 2.47
N PHE A 449 63.95 34.21 2.76
CA PHE A 449 65.25 34.51 2.20
C PHE A 449 65.96 35.53 3.08
N SER A 450 67.28 35.50 3.04
CA SER A 450 68.09 36.49 3.77
C SER A 450 67.99 37.80 3.01
N TYR A 451 67.16 38.71 3.50
CA TYR A 451 66.97 40.00 2.85
C TYR A 451 67.45 41.14 3.74
N PRO A 452 68.39 41.97 3.29
CA PRO A 452 68.79 43.14 4.07
C PRO A 452 67.72 44.21 4.05
N LEU A 453 67.65 44.96 5.15
CA LEU A 453 66.69 46.06 5.24
C LEU A 453 67.19 47.33 4.57
N SER A 454 68.48 47.38 4.19
CA SER A 454 69.02 48.57 3.55
C SER A 454 68.45 48.76 2.15
N MET A 455 68.40 47.68 1.36
CA MET A 455 67.84 47.71 0.02
C MET A 455 66.43 47.10 -0.03
N LYS A 456 65.65 47.34 1.02
CA LYS A 456 64.27 46.87 1.13
C LYS A 456 63.39 47.37 -0.02
N SER A 457 63.62 48.60 -0.48
CA SER A 457 62.80 49.23 -1.51
C SER A 457 62.85 48.51 -2.84
N ASP A 458 63.82 47.61 -3.05
CA ASP A 458 63.86 46.78 -4.24
C ASP A 458 62.76 45.72 -4.28
N LEU A 459 62.05 45.50 -3.17
CA LEU A 459 60.86 44.64 -3.17
C LEU A 459 59.58 45.38 -3.55
N SER A 460 59.69 46.61 -4.03
CA SER A 460 58.50 47.36 -4.42
C SER A 460 57.82 46.72 -5.62
N VAL A 461 56.49 46.78 -5.65
CA VAL A 461 55.72 46.17 -6.72
C VAL A 461 55.94 46.92 -8.04
N SER A 462 55.94 48.26 -7.98
CA SER A 462 56.14 49.05 -9.20
C SER A 462 57.59 49.13 -9.64
N SER A 463 58.53 48.67 -8.81
CA SER A 463 59.95 48.76 -9.15
C SER A 463 60.30 47.78 -10.27
N ALA A 464 61.38 48.10 -10.97
CA ALA A 464 61.95 47.28 -12.03
C ALA A 464 63.46 47.20 -11.87
N GLY A 465 63.93 47.14 -10.63
CA GLY A 465 65.34 47.12 -10.35
C GLY A 465 65.91 45.72 -10.38
N PRO A 466 66.85 45.43 -9.48
CA PRO A 466 67.47 44.09 -9.48
C PRO A 466 66.52 42.99 -9.04
N ILE A 467 65.80 43.17 -7.93
CA ILE A 467 65.00 42.08 -7.37
C ILE A 467 63.80 41.80 -8.26
N SER A 468 63.09 42.85 -8.67
CA SER A 468 61.86 42.71 -9.43
C SER A 468 62.07 42.23 -10.86
N GLN A 469 63.32 42.16 -11.33
CA GLN A 469 63.60 41.69 -12.68
C GLN A 469 64.51 40.47 -12.74
N PHE A 470 65.29 40.18 -11.72
CA PHE A 470 66.27 39.10 -11.81
C PHE A 470 66.22 38.13 -10.65
N ASN A 471 65.65 38.53 -9.52
CA ASN A 471 65.74 37.74 -8.29
C ASN A 471 64.39 37.17 -7.86
N TYR A 472 63.38 38.01 -7.68
CA TYR A 472 62.13 37.58 -7.09
C TYR A 472 61.03 38.59 -7.41
N LYS A 473 59.88 38.08 -7.85
CA LYS A 473 58.72 38.92 -8.08
C LYS A 473 57.55 38.39 -7.27
N GLN A 474 56.75 39.32 -6.75
CA GLN A 474 55.63 38.98 -5.90
C GLN A 474 54.47 38.49 -6.76
N SER A 475 53.65 37.61 -6.20
CA SER A 475 52.57 37.01 -6.97
C SER A 475 51.40 37.97 -7.10
N PHE A 476 50.72 37.93 -8.25
CA PHE A 476 49.64 38.86 -8.55
C PHE A 476 48.27 38.21 -8.57
N SER A 477 48.17 36.94 -8.95
CA SER A 477 46.88 36.25 -9.03
C SER A 477 46.38 35.77 -7.68
N ASN A 478 47.21 35.87 -6.64
CA ASN A 478 46.85 35.39 -5.31
C ASN A 478 47.24 36.45 -4.30
N PRO A 479 46.54 36.51 -3.17
CA PRO A 479 46.89 37.50 -2.13
C PRO A 479 48.29 37.24 -1.56
N THR A 480 49.04 38.32 -1.33
CA THR A 480 50.46 38.20 -1.00
C THR A 480 50.84 39.18 0.11
N CYS A 481 51.97 38.88 0.74
CA CYS A 481 52.57 39.73 1.75
C CYS A 481 54.08 39.61 1.67
N LEU A 482 54.76 40.74 1.88
CA LEU A 482 56.21 40.80 2.06
C LEU A 482 56.49 41.26 3.49
N ILE A 483 57.20 40.43 4.25
CA ILE A 483 57.49 40.70 5.65
C ILE A 483 59.01 40.69 5.84
N LEU A 484 59.55 41.79 6.36
CA LEU A 484 60.96 41.86 6.73
C LEU A 484 61.04 41.95 8.24
N ALA A 485 61.72 40.99 8.85
CA ALA A 485 61.77 40.88 10.30
C ALA A 485 63.20 40.87 10.80
N THR A 486 63.41 41.48 11.96
CA THR A 486 64.66 41.43 12.68
C THR A 486 64.65 40.19 13.57
N VAL A 487 65.70 39.39 13.48
CA VAL A 487 65.83 38.24 14.38
C VAL A 487 66.00 38.74 15.81
N PRO A 488 65.21 38.27 16.76
CA PRO A 488 65.38 38.70 18.16
C PRO A 488 66.70 38.23 18.74
N HIS A 489 67.15 38.97 19.76
CA HIS A 489 68.44 38.69 20.39
C HIS A 489 68.42 37.33 21.08
N ASN A 490 67.31 36.97 21.71
CA ASN A 490 67.14 35.66 22.34
C ASN A 490 66.53 34.65 21.37
N LEU A 491 67.10 34.56 20.17
CA LEU A 491 66.66 33.60 19.16
C LEU A 491 67.91 33.08 18.46
N THR A 492 68.43 31.95 18.94
CA THR A 492 69.60 31.32 18.36
C THR A 492 69.24 30.15 17.46
N THR A 493 67.94 29.95 17.18
CA THR A 493 67.50 28.86 16.32
C THR A 493 67.80 29.11 14.85
N ILE A 494 68.17 30.33 14.47
CA ILE A 494 68.53 30.65 13.10
C ILE A 494 69.97 31.13 13.08
N THR A 495 70.62 30.92 11.94
CA THR A 495 71.99 31.35 11.71
C THR A 495 72.00 32.47 10.67
N LYS A 496 73.16 33.09 10.51
CA LYS A 496 73.28 34.17 9.56
C LYS A 496 74.13 33.75 8.37
N PRO A 497 73.80 34.21 7.17
CA PRO A 497 74.65 33.95 6.01
C PRO A 497 75.93 34.77 6.07
N LEU A 498 76.85 34.46 5.15
CA LEU A 498 78.11 35.19 5.08
C LEU A 498 77.88 36.66 4.72
N LYS A 499 77.00 36.90 3.76
CA LYS A 499 76.59 38.25 3.38
C LYS A 499 75.27 38.16 2.62
N TYR A 500 74.53 39.25 2.61
CA TYR A 500 73.34 39.33 1.78
C TYR A 500 73.77 39.48 0.33
N SER A 501 73.05 38.84 -0.58
CA SER A 501 73.43 38.94 -1.98
C SER A 501 72.21 38.80 -2.86
N TYR A 502 72.32 39.33 -4.08
CA TYR A 502 71.22 39.32 -5.04
C TYR A 502 71.81 39.42 -6.44
N ILE A 503 70.93 39.42 -7.44
CA ILE A 503 71.35 39.47 -8.84
C ILE A 503 70.86 40.79 -9.43
N ASN A 504 71.79 41.61 -9.91
CA ASN A 504 71.43 42.89 -10.48
C ASN A 504 71.53 42.92 -12.00
N LYS A 505 71.86 41.80 -12.63
CA LYS A 505 71.89 41.73 -14.09
C LYS A 505 71.68 40.29 -14.51
N CYS A 506 70.74 40.07 -15.42
CA CYS A 506 70.47 38.73 -15.94
C CYS A 506 69.93 38.87 -17.36
N SER A 507 70.65 38.35 -18.33
CA SER A 507 70.22 38.41 -19.72
C SER A 507 70.91 37.30 -20.50
N ARG A 508 70.33 36.98 -21.66
CA ARG A 508 70.85 35.94 -22.54
C ARG A 508 71.49 36.60 -23.75
N LEU A 509 72.77 36.34 -23.97
CA LEU A 509 73.44 36.74 -25.20
C LEU A 509 73.23 35.66 -26.24
N LEU A 510 72.88 36.07 -27.45
CA LEU A 510 72.59 35.09 -28.51
C LEU A 510 73.89 34.60 -29.15
N SER A 511 73.75 33.66 -30.08
CA SER A 511 74.90 32.98 -30.66
C SER A 511 75.74 33.92 -31.54
N ASP A 512 75.11 34.92 -32.15
CA ASP A 512 75.84 35.91 -32.93
C ASP A 512 76.60 36.90 -32.05
N ASP A 513 76.35 36.89 -30.74
CA ASP A 513 76.98 37.79 -29.76
C ASP A 513 76.73 39.26 -30.14
N ARG A 514 75.53 39.53 -30.64
CA ARG A 514 75.13 40.88 -31.01
C ARG A 514 73.77 41.30 -30.46
N THR A 515 72.87 40.35 -30.19
CA THR A 515 71.56 40.66 -29.64
C THR A 515 71.46 40.05 -28.25
N GLU A 516 71.07 40.87 -27.28
CA GLU A 516 70.95 40.45 -25.89
C GLU A 516 69.50 40.56 -25.45
N VAL A 517 68.92 39.44 -25.02
CA VAL A 517 67.53 39.39 -24.58
C VAL A 517 67.52 39.47 -23.06
N PRO A 518 66.95 40.53 -22.47
CA PRO A 518 66.84 40.58 -21.01
C PRO A 518 65.88 39.53 -20.48
N GLN A 519 66.19 39.02 -19.30
CA GLN A 519 65.37 38.00 -18.65
C GLN A 519 64.67 38.60 -17.44
N LEU A 520 63.36 38.39 -17.36
CA LEU A 520 62.52 38.96 -16.32
C LEU A 520 62.15 37.86 -15.34
N VAL A 521 62.37 38.12 -14.05
CA VAL A 521 61.95 37.16 -13.03
C VAL A 521 60.42 37.21 -12.94
N ASN A 522 59.82 36.11 -12.47
CA ASN A 522 58.38 36.00 -12.43
C ASN A 522 57.90 35.72 -11.00
N ALA A 523 56.60 35.48 -10.88
CA ALA A 523 55.92 35.42 -9.58
C ALA A 523 56.29 34.15 -8.84
N ASN A 524 57.03 34.31 -7.72
CA ASN A 524 57.56 33.19 -6.92
C ASN A 524 58.36 32.23 -7.79
N GLN A 525 59.17 32.78 -8.69
CA GLN A 525 59.80 32.05 -9.78
C GLN A 525 61.26 32.48 -9.86
N TYR A 526 62.10 31.63 -10.44
CA TYR A 526 63.52 31.88 -10.54
C TYR A 526 63.92 32.21 -11.96
N SER A 527 64.77 33.24 -12.10
CA SER A 527 65.35 33.60 -13.37
C SER A 527 66.26 32.47 -13.87
N PRO A 528 66.49 32.38 -15.18
CA PRO A 528 67.51 31.43 -15.66
C PRO A 528 68.89 31.68 -15.07
N CYS A 529 69.25 32.94 -14.84
CA CYS A 529 70.53 33.30 -14.25
C CYS A 529 70.63 32.88 -12.79
N VAL A 530 69.50 32.63 -12.13
CA VAL A 530 69.53 32.03 -10.80
C VAL A 530 70.17 30.64 -10.87
N SER A 531 69.94 29.92 -11.97
CA SER A 531 70.52 28.59 -12.13
C SER A 531 72.05 28.64 -12.27
N ILE A 532 72.59 29.77 -12.73
CA ILE A 532 74.04 29.89 -12.91
C ILE A 532 74.71 30.68 -11.79
N VAL A 533 73.94 31.14 -10.81
CA VAL A 533 74.49 31.80 -9.62
C VAL A 533 74.37 30.83 -8.46
N PRO A 534 75.44 30.58 -7.69
CA PRO A 534 75.35 29.63 -6.56
C PRO A 534 74.51 30.15 -5.40
N SER A 535 74.48 29.39 -4.30
CA SER A 535 73.62 29.72 -3.17
C SER A 535 73.98 31.06 -2.55
N THR A 536 75.27 31.34 -2.43
CA THR A 536 75.74 32.63 -1.92
C THR A 536 76.72 33.25 -2.92
N VAL A 537 76.81 34.57 -2.88
CA VAL A 537 77.76 35.33 -3.69
C VAL A 537 78.82 35.88 -2.75
N TRP A 538 80.09 35.67 -3.10
CA TRP A 538 81.17 35.98 -2.18
C TRP A 538 81.61 37.43 -2.28
N GLU A 539 81.57 38.01 -3.49
CA GLU A 539 82.01 39.38 -3.68
C GLU A 539 80.98 40.13 -4.52
N ASP A 540 80.96 41.45 -4.35
CA ASP A 540 80.07 42.29 -5.13
C ASP A 540 80.49 42.31 -6.59
N GLY A 541 79.50 42.21 -7.48
CA GLY A 541 79.78 42.22 -8.90
C GLY A 541 80.40 40.95 -9.44
N ASP A 542 80.16 39.81 -8.80
CA ASP A 542 80.63 38.54 -9.32
C ASP A 542 79.89 38.20 -10.60
N TYR A 543 80.65 37.84 -11.63
CA TYR A 543 80.14 37.72 -12.99
C TYR A 543 80.15 36.26 -13.40
N TYR A 544 78.97 35.68 -13.58
CA TYR A 544 78.79 34.26 -13.78
C TYR A 544 78.40 33.97 -15.23
N ARG A 545 78.93 32.88 -15.77
CA ARG A 545 78.83 32.57 -17.19
C ARG A 545 78.23 31.19 -17.39
N LYS A 546 77.60 31.00 -18.54
CA LYS A 546 77.18 29.68 -18.99
C LYS A 546 77.10 29.66 -20.51
N GLN A 547 77.45 28.51 -21.08
CA GLN A 547 77.31 28.26 -22.51
C GLN A 547 75.91 27.73 -22.78
N LEU A 548 75.18 28.40 -23.66
CA LEU A 548 73.81 28.02 -23.99
C LEU A 548 73.82 27.16 -25.25
N SER A 549 73.30 25.94 -25.15
CA SER A 549 73.24 25.04 -26.27
C SER A 549 72.21 25.53 -27.30
N PRO A 550 72.41 25.19 -28.59
CA PRO A 550 71.44 25.61 -29.61
C PRO A 550 70.04 25.01 -29.45
N LEU A 551 69.88 23.96 -28.65
CA LEU A 551 68.55 23.39 -28.44
C LEU A 551 67.65 24.33 -27.66
N GLU A 552 68.21 25.09 -26.72
CA GLU A 552 67.44 26.01 -25.88
C GLU A 552 67.53 27.45 -26.39
N GLY A 553 67.55 27.63 -27.70
CA GLY A 553 67.62 28.94 -28.31
C GLY A 553 69.01 29.38 -28.71
N GLY A 554 70.04 28.76 -28.14
CA GLY A 554 71.40 29.08 -28.50
C GLY A 554 71.92 30.32 -27.80
N GLY A 555 73.24 30.46 -27.82
CA GLY A 555 73.87 31.67 -27.34
C GLY A 555 74.70 31.55 -26.09
N TRP A 556 74.45 32.44 -25.13
CA TRP A 556 75.35 32.60 -23.99
C TRP A 556 74.58 33.26 -22.86
N LEU A 557 74.80 32.78 -21.63
CA LEU A 557 74.07 33.26 -20.46
C LEU A 557 75.04 33.94 -19.51
N VAL A 558 74.68 35.14 -19.04
CA VAL A 558 75.50 35.91 -18.11
C VAL A 558 74.65 36.31 -16.92
N ALA A 559 75.33 36.51 -15.78
CA ALA A 559 74.66 36.98 -14.58
C ALA A 559 75.63 37.82 -13.78
N SER A 560 75.08 38.75 -12.99
CA SER A 560 75.87 39.57 -12.09
C SER A 560 75.27 39.51 -10.70
N GLY A 561 76.06 39.04 -9.74
CA GLY A 561 75.65 38.97 -8.35
C GLY A 561 76.33 40.08 -7.55
N SER A 562 75.54 40.77 -6.75
CA SER A 562 75.99 41.89 -5.94
C SER A 562 75.69 41.61 -4.48
N THR A 563 76.66 41.93 -3.63
CA THR A 563 76.61 41.58 -2.21
C THR A 563 76.48 42.84 -1.37
N VAL A 564 75.47 42.87 -0.52
CA VAL A 564 75.37 43.81 0.59
C VAL A 564 75.93 43.11 1.81
N ALA A 565 76.73 43.84 2.59
CA ALA A 565 77.43 43.25 3.74
C ALA A 565 76.44 42.76 4.78
N MET A 566 76.81 41.67 5.46
CA MET A 566 75.91 41.03 6.41
C MET A 566 75.71 41.92 7.63
N THR A 567 74.46 42.10 8.02
CA THR A 567 74.12 42.92 9.17
C THR A 567 74.55 42.21 10.45
N GLU A 568 74.73 42.99 11.52
CA GLU A 568 75.03 42.42 12.82
C GLU A 568 73.89 41.58 13.34
N GLN A 569 72.65 41.93 12.98
CA GLN A 569 71.48 41.14 13.30
C GLN A 569 70.81 40.74 12.00
N LEU A 570 70.52 39.45 11.86
CA LEU A 570 69.99 38.91 10.61
C LEU A 570 68.59 39.45 10.35
N GLN A 571 68.36 39.90 9.12
CA GLN A 571 67.06 40.42 8.71
C GLN A 571 66.49 39.49 7.65
N MET A 572 65.23 39.13 7.83
CA MET A 572 64.61 38.01 7.12
C MET A 572 63.48 38.51 6.26
N GLY A 573 63.34 37.91 5.07
CA GLY A 573 62.30 38.29 4.14
C GLY A 573 61.39 37.12 3.81
N PHE A 574 60.13 37.25 4.22
CA PHE A 574 59.10 36.26 3.99
C PHE A 574 58.17 36.75 2.89
N GLY A 575 57.91 35.88 1.91
CA GLY A 575 56.87 36.12 0.94
C GLY A 575 55.75 35.13 1.16
N ILE A 576 54.60 35.64 1.61
CA ILE A 576 53.41 34.84 1.86
C ILE A 576 52.51 34.94 0.64
N THR A 577 52.13 33.79 0.09
CA THR A 577 51.12 33.72 -0.96
C THR A 577 50.10 32.66 -0.57
N VAL A 578 48.83 33.02 -0.64
CA VAL A 578 47.77 32.16 -0.15
C VAL A 578 46.82 31.82 -1.29
N GLN A 579 46.23 30.63 -1.20
CA GLN A 579 45.37 30.11 -2.24
C GLN A 579 44.01 29.77 -1.63
N TYR A 580 42.94 30.23 -2.29
CA TYR A 580 41.56 30.17 -1.85
C TYR A 580 40.85 28.89 -2.30
N GLY A 581 40.80 28.65 -3.61
CA GLY A 581 40.02 27.56 -4.14
C GLY A 581 40.81 26.58 -4.98
N THR A 582 42.13 26.61 -4.85
CA THR A 582 42.98 25.65 -5.56
C THR A 582 42.91 24.26 -4.94
N ASP A 583 42.33 24.14 -3.75
CA ASP A 583 42.19 22.89 -3.02
C ASP A 583 41.03 23.10 -2.04
N THR A 584 40.89 22.18 -1.10
CA THR A 584 39.97 22.42 0.01
C THR A 584 40.55 23.50 0.92
N ASN A 585 39.69 24.40 1.39
CA ASN A 585 40.14 25.49 2.26
C ASN A 585 40.53 24.89 3.60
N SER A 586 41.80 24.56 3.73
CA SER A 586 42.23 23.61 4.74
C SER A 586 43.17 24.23 5.77
N VAL A 587 44.11 25.08 5.33
CA VAL A 587 44.94 25.77 6.30
C VAL A 587 44.11 26.84 6.99
N CYS A 588 43.74 26.57 8.24
CA CYS A 588 42.77 27.38 8.95
C CYS A 588 42.90 27.14 10.46
N PRO A 589 42.87 28.19 11.27
CA PRO A 589 42.98 27.98 12.73
C PRO A 589 41.63 27.83 13.41
N LYS A 590 41.67 27.40 14.67
CA LYS A 590 40.46 27.22 15.47
C LYS A 590 40.85 27.34 16.95
N LEU A 591 39.91 27.81 17.76
CA LEU A 591 40.11 27.90 19.22
C LEU A 591 40.05 26.49 19.77
N GLU A 592 41.21 25.83 19.74
CA GLU A 592 41.37 24.39 19.97
C GLU A 592 40.42 23.67 19.03
N PHE A 593 39.25 23.29 19.53
CA PHE A 593 38.09 23.05 18.68
C PHE A 593 36.86 23.41 19.50
N ALA A 594 36.44 24.67 19.39
CA ALA A 594 35.26 25.23 20.05
C ALA A 594 35.31 25.12 21.58
N ASN A 595 36.52 24.98 22.12
CA ASN A 595 36.88 24.91 23.54
C ASN A 595 35.86 24.21 24.45
N ASP A 596 35.09 25.02 25.18
CA ASP A 596 34.27 24.54 26.29
C ASP A 596 32.92 23.96 25.84
N THR A 597 32.79 23.61 24.58
CA THR A 597 31.60 22.90 24.12
C THR A 597 31.97 21.47 23.77
N LYS A 598 32.94 20.91 24.49
CA LYS A 598 33.42 19.57 24.23
C LYS A 598 32.44 18.53 24.75
N ILE A 599 32.79 17.26 24.57
CA ILE A 599 31.93 16.16 25.00
C ILE A 599 31.80 16.14 26.52
N ALA A 600 32.93 16.30 27.23
CA ALA A 600 32.92 16.32 28.68
C ALA A 600 32.19 17.54 29.25
N SER A 601 32.34 18.70 28.60
CA SER A 601 31.65 19.91 29.05
C SER A 601 30.16 19.87 28.79
N GLN A 602 29.68 18.97 27.93
CA GLN A 602 28.25 18.81 27.67
C GLN A 602 27.76 17.43 28.09
N LEU A 603 28.39 16.82 29.08
CA LEU A 603 27.88 15.58 29.65
C LEU A 603 26.60 15.89 30.42
N GLY A 604 25.55 15.11 30.16
CA GLY A 604 24.25 15.41 30.73
C GLY A 604 23.53 16.57 30.07
N ASN A 605 24.01 17.03 28.93
CA ASN A 605 23.45 18.18 28.24
C ASN A 605 22.80 17.74 26.94
N CYS A 606 21.61 18.28 26.66
CA CYS A 606 20.94 18.02 25.39
C CYS A 606 21.72 18.73 24.29
N VAL A 607 22.25 17.95 23.35
CA VAL A 607 23.19 18.46 22.36
C VAL A 607 22.70 18.10 20.96
N GLU A 608 23.02 18.98 20.02
CA GLU A 608 22.98 18.65 18.59
C GLU A 608 24.43 18.35 18.24
N TYR A 609 24.80 17.10 18.47
CA TYR A 609 26.15 16.66 18.15
C TYR A 609 26.28 16.49 16.64
N SER A 610 27.53 16.60 16.17
CA SER A 610 27.83 16.35 14.76
C SER A 610 29.22 15.73 14.71
N LEU A 611 29.27 14.40 14.71
CA LEU A 611 30.52 13.66 14.59
C LEU A 611 30.89 13.58 13.11
N TYR A 612 31.58 14.62 12.65
CA TYR A 612 32.11 14.73 11.29
C TYR A 612 30.99 14.60 10.25
N GLY A 613 29.83 15.17 10.57
CA GLY A 613 28.65 15.05 9.75
C GLY A 613 27.59 14.11 10.30
N VAL A 614 27.94 13.26 11.27
CA VAL A 614 26.95 12.41 11.93
C VAL A 614 26.27 13.29 12.97
N SER A 615 25.22 13.97 12.54
CA SER A 615 24.54 14.96 13.36
C SER A 615 23.26 14.37 13.95
N GLY A 616 22.98 14.76 15.18
CA GLY A 616 21.79 14.26 15.85
C GLY A 616 21.58 14.99 17.16
N ARG A 617 20.45 14.67 17.81
CA ARG A 617 20.07 15.25 19.08
C ARG A 617 20.19 14.16 20.15
N GLY A 618 20.98 14.43 21.19
CA GLY A 618 21.27 13.42 22.17
C GLY A 618 21.54 13.98 23.55
N VAL A 619 21.69 13.08 24.52
CA VAL A 619 22.07 13.42 25.88
C VAL A 619 23.24 12.53 26.28
N PHE A 620 24.33 13.14 26.72
CA PHE A 620 25.51 12.41 27.14
C PHE A 620 25.35 11.93 28.59
N GLN A 621 26.06 10.85 28.89
CA GLN A 621 26.11 10.29 30.23
C GLN A 621 27.44 9.56 30.36
N ASN A 622 27.71 8.99 31.52
CA ASN A 622 28.90 8.17 31.71
C ASN A 622 28.46 6.73 31.93
N CYS A 623 28.29 5.99 30.84
CA CYS A 623 28.09 4.56 30.91
C CYS A 623 29.45 3.85 30.85
N THR A 624 29.42 2.52 30.95
CA THR A 624 30.64 1.74 30.88
C THR A 624 31.11 1.59 29.44
N ALA A 625 32.43 1.59 29.24
CA ALA A 625 33.02 1.43 27.93
C ALA A 625 32.85 0.02 27.38
N VAL A 626 32.06 -0.13 26.31
CA VAL A 626 31.79 -1.43 25.71
C VAL A 626 32.03 -1.37 24.21
N GLY A 627 32.23 -2.55 23.62
CA GLY A 627 32.44 -2.68 22.19
C GLY A 627 33.89 -2.72 21.77
N VAL A 628 34.17 -2.26 20.55
CA VAL A 628 35.52 -2.28 19.99
C VAL A 628 35.99 -0.85 19.83
N ARG A 629 37.22 -0.58 20.29
CA ARG A 629 37.70 0.79 20.37
C ARG A 629 37.83 1.41 18.98
N GLN A 630 38.35 0.62 18.03
CA GLN A 630 38.62 1.07 16.67
C GLN A 630 37.33 1.44 15.94
N GLN A 631 36.28 0.64 16.14
CA GLN A 631 34.98 0.95 15.55
C GLN A 631 34.45 2.28 16.06
N ARG A 632 34.55 2.51 17.38
CA ARG A 632 34.21 3.76 18.05
C ARG A 632 32.73 4.13 17.91
N PHE A 633 31.92 3.23 17.35
CA PHE A 633 30.52 3.49 17.07
C PHE A 633 29.72 2.27 17.47
N VAL A 634 28.73 2.46 18.32
CA VAL A 634 27.83 1.41 18.75
C VAL A 634 26.40 1.88 18.53
N TYR A 635 25.58 1.05 17.90
CA TYR A 635 24.19 1.38 17.67
C TYR A 635 23.31 0.24 18.21
N ASP A 636 22.01 0.47 18.16
CA ASP A 636 21.04 -0.53 18.55
C ASP A 636 20.56 -1.29 17.31
N ALA A 637 19.51 -2.08 17.47
CA ALA A 637 18.91 -2.77 16.34
C ALA A 637 18.26 -1.81 15.35
N TYR A 638 17.88 -0.62 15.81
CA TYR A 638 17.30 0.41 14.95
C TYR A 638 18.34 1.40 14.46
N GLN A 639 19.62 1.12 14.70
CA GLN A 639 20.76 1.94 14.26
C GLN A 639 20.69 3.35 14.85
N ASN A 640 20.55 3.39 16.18
CA ASN A 640 20.60 4.63 16.94
C ASN A 640 21.83 4.58 17.83
N LEU A 641 22.65 5.63 17.78
CA LEU A 641 23.91 5.64 18.50
C LEU A 641 23.70 5.53 20.00
N VAL A 642 24.55 4.73 20.65
CA VAL A 642 24.47 4.47 22.08
C VAL A 642 25.60 5.17 22.83
N GLY A 643 26.79 5.21 22.26
CA GLY A 643 27.89 5.88 22.93
C GLY A 643 29.03 6.17 21.98
N TYR A 644 30.04 6.85 22.52
CA TYR A 644 31.14 7.33 21.69
C TYR A 644 32.39 7.47 22.54
N TYR A 645 33.53 7.16 21.93
CA TYR A 645 34.84 7.27 22.55
C TYR A 645 35.57 8.46 21.97
N SER A 646 35.78 9.49 22.78
CA SER A 646 36.55 10.65 22.34
C SER A 646 38.04 10.31 22.37
N ASP A 647 38.87 11.33 22.16
CA ASP A 647 40.31 11.12 22.07
C ASP A 647 40.92 10.81 23.42
N ASP A 648 40.23 11.11 24.51
CA ASP A 648 40.68 10.68 25.84
C ASP A 648 40.50 9.19 26.08
N GLY A 649 39.74 8.51 25.22
CA GLY A 649 39.39 7.13 25.44
C GLY A 649 38.20 6.93 26.36
N ASN A 650 37.67 8.00 26.93
CA ASN A 650 36.52 7.91 27.81
C ASN A 650 35.28 7.58 26.99
N TYR A 651 34.40 6.79 27.58
CA TYR A 651 33.16 6.40 26.95
C TYR A 651 32.07 7.37 27.36
N TYR A 652 31.26 7.79 26.41
CA TYR A 652 30.13 8.65 26.67
C TYR A 652 28.85 7.99 26.19
N CYS A 653 27.92 7.87 27.11
CA CYS A 653 26.63 7.21 26.89
C CYS A 653 25.73 8.24 26.26
N LEU A 654 25.77 8.33 24.94
CA LEU A 654 24.97 9.28 24.18
C LEU A 654 23.84 8.50 23.52
N ARG A 655 22.68 8.47 24.18
CA ARG A 655 21.56 7.68 23.69
C ARG A 655 20.64 8.52 22.82
N ALA A 656 20.03 9.55 23.41
CA ALA A 656 19.07 10.44 22.73
C ALA A 656 18.74 11.55 23.71
N CYS A 657 18.21 12.64 23.17
CA CYS A 657 17.66 13.72 23.98
C CYS A 657 16.15 13.68 23.88
N VAL A 658 15.50 13.66 25.05
CA VAL A 658 14.05 13.53 25.15
C VAL A 658 13.52 14.70 25.96
N SER A 659 12.39 15.26 25.52
CA SER A 659 11.72 16.34 26.22
C SER A 659 10.39 15.82 26.75
N VAL A 660 9.76 16.64 27.58
CA VAL A 660 8.57 16.21 28.32
C VAL A 660 7.37 16.16 27.39
N PRO A 661 6.69 15.02 27.27
CA PRO A 661 5.43 14.98 26.53
C PRO A 661 4.35 15.80 27.23
N VAL A 662 3.51 16.43 26.42
CA VAL A 662 2.53 17.40 26.89
C VAL A 662 1.14 16.96 26.43
N SER A 663 0.18 16.93 27.36
CA SER A 663 -1.21 16.65 27.03
C SER A 663 -2.09 17.68 27.73
N VAL A 664 -3.37 17.72 27.34
CA VAL A 664 -4.27 18.76 27.80
C VAL A 664 -5.53 18.14 28.40
N ILE A 665 -6.11 18.83 29.38
CA ILE A 665 -7.44 18.59 29.91
C ILE A 665 -8.27 19.85 29.74
N TYR A 666 -9.52 19.68 29.32
CA TYR A 666 -10.44 20.81 29.25
C TYR A 666 -11.85 20.32 29.50
N ASP A 667 -12.66 21.16 30.13
CA ASP A 667 -14.09 20.90 30.28
C ASP A 667 -14.90 21.90 29.47
N LYS A 668 -15.90 21.37 28.76
CA LYS A 668 -16.82 22.19 27.98
C LYS A 668 -17.68 23.06 28.90
N GLU A 669 -18.31 24.08 28.29
CA GLU A 669 -19.17 25.10 28.89
C GLU A 669 -18.53 25.81 30.10
N THR A 670 -17.23 25.63 30.29
CA THR A 670 -16.47 26.25 31.37
C THR A 670 -15.11 26.61 30.82
N LYS A 671 -14.49 27.63 31.40
CA LYS A 671 -13.11 27.95 31.05
C LYS A 671 -12.14 27.27 32.01
N THR A 672 -12.33 25.96 32.16
CA THR A 672 -11.50 25.13 33.02
C THR A 672 -10.67 24.21 32.14
N HIS A 673 -9.35 24.37 32.18
CA HIS A 673 -8.43 23.59 31.37
C HIS A 673 -7.05 23.70 31.97
N ALA A 674 -6.22 22.73 31.63
CA ALA A 674 -4.86 22.65 32.16
C ALA A 674 -4.05 21.71 31.30
N THR A 675 -2.77 21.59 31.63
CA THR A 675 -1.88 20.66 30.95
C THR A 675 -1.32 19.64 31.93
N LEU A 676 -1.12 18.44 31.42
CA LEU A 676 -0.63 17.30 32.18
C LEU A 676 0.57 16.70 31.48
N PHE A 677 1.53 16.25 32.26
CA PHE A 677 2.77 15.66 31.78
C PHE A 677 2.96 14.32 32.46
N GLY A 678 3.21 13.28 31.66
CA GLY A 678 3.29 11.92 32.17
C GLY A 678 4.74 11.48 32.34
N SER A 679 4.95 10.59 33.32
CA SER A 679 6.22 9.89 33.54
C SER A 679 7.37 10.84 33.85
N VAL A 680 7.07 11.99 34.45
CA VAL A 680 8.08 13.01 34.72
C VAL A 680 7.93 13.51 36.13
N ALA A 681 8.91 14.31 36.55
CA ALA A 681 8.84 15.07 37.80
C ALA A 681 8.61 16.54 37.50
N CYS A 682 8.00 17.23 38.46
CA CYS A 682 7.73 18.66 38.32
C CYS A 682 9.04 19.43 38.51
N GLU A 683 9.80 19.52 37.42
CA GLU A 683 11.08 20.21 37.44
C GLU A 683 11.20 21.32 36.41
N HIS A 684 10.29 21.41 35.45
CA HIS A 684 10.44 22.32 34.33
C HIS A 684 9.25 23.28 34.23
N ILE A 685 9.56 24.52 33.88
CA ILE A 685 8.57 25.57 33.62
C ILE A 685 8.84 25.94 32.15
N SER A 686 8.17 26.97 31.64
CA SER A 686 8.13 27.27 30.21
C SER A 686 9.43 27.90 29.68
N SER A 687 10.56 27.74 30.38
CA SER A 687 11.81 28.35 29.96
C SER A 687 12.28 27.81 28.61
N THR A 688 12.63 26.54 28.53
CA THR A 688 13.17 25.95 27.32
C THR A 688 12.09 25.08 26.68
N MET A 689 11.23 25.72 25.90
CA MET A 689 10.14 25.07 25.19
C MET A 689 10.47 24.96 23.71
N SER A 690 9.48 24.51 22.95
CA SER A 690 9.43 24.67 21.50
C SER A 690 7.98 25.02 21.17
N GLN A 691 7.62 24.90 19.88
CA GLN A 691 6.33 25.29 19.30
C GLN A 691 5.80 26.62 19.82
N TYR A 692 4.49 26.71 20.03
CA TYR A 692 3.78 27.96 20.22
C TYR A 692 3.35 28.14 21.67
N SER A 693 2.55 29.17 21.92
CA SER A 693 2.16 29.57 23.27
C SER A 693 1.18 28.56 23.86
N ARG A 694 0.88 28.74 25.15
CA ARG A 694 0.11 27.76 25.90
C ARG A 694 -1.13 28.41 26.52
N SER A 695 -1.80 27.66 27.41
CA SER A 695 -2.99 28.16 28.11
C SER A 695 -2.81 27.89 29.60
N THR A 696 -2.23 28.85 30.31
CA THR A 696 -2.08 28.75 31.75
C THR A 696 -2.78 29.85 32.52
N ARG A 697 -3.31 30.88 31.85
CA ARG A 697 -4.05 32.01 32.43
C ARG A 697 -3.11 32.74 33.41
N SER A 698 -3.59 33.14 34.58
CA SER A 698 -2.78 33.83 35.57
C SER A 698 -2.50 32.90 36.74
N MET A 699 -1.33 33.06 37.33
CA MET A 699 -0.92 32.21 38.44
C MET A 699 -1.51 32.72 39.75
N TYR A 707 2.23 30.77 42.21
CA TYR A 707 1.76 29.40 42.03
C TYR A 707 2.44 28.75 40.82
N GLY A 708 2.71 27.46 40.92
CA GLY A 708 3.37 26.74 39.86
C GLY A 708 2.64 25.47 39.50
N PRO A 709 3.39 24.38 39.30
CA PRO A 709 2.76 23.09 39.03
C PRO A 709 2.43 22.32 40.30
N LEU A 710 1.85 21.13 40.14
CA LEU A 710 1.64 20.22 41.24
C LEU A 710 2.07 18.83 40.82
N GLN A 711 2.71 18.11 41.74
CA GLN A 711 3.16 16.74 41.51
C GLN A 711 1.94 15.84 41.50
N THR A 712 1.43 15.57 40.31
CA THR A 712 0.37 14.58 40.16
C THR A 712 0.92 13.20 40.52
N PRO A 713 0.12 12.36 41.21
CA PRO A 713 0.53 10.98 41.46
C PRO A 713 0.87 10.16 40.21
N VAL A 714 0.48 10.66 39.04
CA VAL A 714 0.97 10.14 37.79
C VAL A 714 2.15 10.95 37.27
N GLY A 715 2.01 12.28 37.28
CA GLY A 715 2.96 13.14 36.59
C GLY A 715 3.07 14.54 37.15
N CYS A 716 2.97 15.52 36.26
CA CYS A 716 3.00 16.93 36.64
C CYS A 716 1.79 17.64 36.04
N VAL A 717 1.11 18.47 36.83
CA VAL A 717 -0.04 19.21 36.34
C VAL A 717 0.24 20.71 36.45
N LEU A 718 -0.05 21.44 35.39
CA LEU A 718 0.00 22.90 35.40
C LEU A 718 -1.37 23.44 35.01
N GLY A 719 -2.02 24.14 35.94
CA GLY A 719 -3.28 24.79 35.65
C GLY A 719 -4.34 24.69 36.72
N LEU A 720 -4.37 23.60 37.48
CA LEU A 720 -5.40 23.38 38.49
C LEU A 720 -4.76 23.30 39.88
N VAL A 721 -5.60 23.39 40.90
CA VAL A 721 -5.15 23.47 42.28
C VAL A 721 -5.63 22.24 43.04
N ASN A 722 -4.86 21.88 44.06
CA ASN A 722 -5.10 20.65 44.82
C ASN A 722 -6.40 20.73 45.62
N SER A 723 -7.06 19.58 45.73
CA SER A 723 -8.23 19.41 46.59
C SER A 723 -8.42 17.93 46.84
N SER A 724 -8.36 17.51 48.10
CA SER A 724 -8.47 16.11 48.46
C SER A 724 -9.95 15.72 48.53
N LEU A 725 -10.55 15.58 47.36
CA LEU A 725 -11.96 15.25 47.22
C LEU A 725 -12.11 13.87 46.60
N PHE A 726 -13.33 13.34 46.68
CA PHE A 726 -13.62 11.97 46.27
C PHE A 726 -14.93 11.96 45.49
N VAL A 727 -14.86 11.64 44.20
CA VAL A 727 -16.04 11.59 43.35
C VAL A 727 -16.09 10.23 42.67
N GLU A 728 -17.20 9.51 42.88
CA GLU A 728 -17.36 8.18 42.31
C GLU A 728 -17.68 8.21 40.83
N ASP A 729 -18.42 9.24 40.38
CA ASP A 729 -18.94 9.27 39.02
C ASP A 729 -18.30 10.40 38.22
N CYS A 730 -16.97 10.51 38.32
CA CYS A 730 -16.23 11.53 37.60
C CYS A 730 -16.37 11.36 36.10
N LYS A 731 -17.06 12.30 35.45
CA LYS A 731 -17.29 12.22 34.02
C LYS A 731 -16.12 12.77 33.21
N LEU A 732 -15.09 13.32 33.86
CA LEU A 732 -13.88 13.80 33.21
C LEU A 732 -12.70 13.10 33.88
N PRO A 733 -12.49 11.81 33.62
CA PRO A 733 -11.40 11.10 34.28
C PRO A 733 -10.05 11.50 33.71
N LEU A 734 -9.01 11.28 34.50
CA LEU A 734 -7.66 11.66 34.13
C LEU A 734 -6.70 10.48 34.07
N GLY A 735 -7.21 9.26 34.12
CA GLY A 735 -6.35 8.09 34.18
C GLY A 735 -5.91 7.79 35.60
N GLN A 736 -5.57 6.52 35.81
CA GLN A 736 -5.15 5.97 37.09
C GLN A 736 -6.18 6.24 38.19
N SER A 737 -5.98 7.31 38.95
CA SER A 737 -6.91 7.62 40.03
C SER A 737 -7.17 9.12 40.16
N LEU A 738 -7.18 9.85 39.06
CA LEU A 738 -7.25 11.30 39.10
C LEU A 738 -8.51 11.79 38.37
N CYS A 739 -9.00 12.95 38.80
CA CYS A 739 -10.26 13.50 38.32
C CYS A 739 -10.22 15.02 38.42
N ALA A 740 -11.09 15.66 37.64
CA ALA A 740 -11.21 17.11 37.62
C ALA A 740 -12.65 17.51 37.94
N LEU A 741 -12.80 18.56 38.75
CA LEU A 741 -14.10 19.05 39.19
C LEU A 741 -14.18 20.55 38.96
N PRO A 742 -14.63 20.98 37.78
CA PRO A 742 -14.87 22.42 37.57
C PRO A 742 -15.94 22.96 38.50
N ASP A 743 -15.73 24.19 38.95
CA ASP A 743 -16.61 24.82 39.93
C ASP A 743 -17.47 25.88 39.27
N THR A 744 -18.74 25.92 39.65
CA THR A 744 -19.68 26.88 39.11
C THR A 744 -20.76 27.23 40.13
N PRO A 757 -13.77 31.76 34.57
CA PRO A 757 -14.15 32.84 35.48
C PRO A 757 -13.99 32.45 36.95
N GLY A 758 -13.13 31.47 37.20
CA GLY A 758 -12.88 31.05 38.56
C GLY A 758 -11.92 29.88 38.60
N GLU A 759 -11.73 29.33 39.79
CA GLU A 759 -10.87 28.17 39.99
C GLU A 759 -11.72 26.91 39.98
N MET A 760 -11.07 25.78 40.22
CA MET A 760 -11.76 24.50 40.18
C MET A 760 -11.05 23.55 41.14
N ARG A 761 -11.34 22.26 41.03
CA ARG A 761 -10.89 21.28 42.02
C ARG A 761 -10.15 20.14 41.34
N LEU A 762 -8.95 19.84 41.83
CA LEU A 762 -8.38 18.53 41.55
C LEU A 762 -9.12 17.49 42.40
N ALA A 763 -9.02 16.23 42.00
CA ALA A 763 -9.73 15.20 42.74
C ALA A 763 -9.03 13.86 42.58
N SER A 764 -9.07 13.06 43.65
CA SER A 764 -8.82 11.64 43.52
C SER A 764 -10.15 10.94 43.28
N ILE A 765 -10.16 9.98 42.35
CA ILE A 765 -11.40 9.27 42.07
C ILE A 765 -11.77 8.39 43.27
N ALA A 766 -13.07 8.15 43.41
CA ALA A 766 -13.60 7.44 44.56
C ALA A 766 -14.16 6.09 44.13
N PHE A 767 -13.83 5.05 44.87
CA PHE A 767 -14.42 3.74 44.71
C PHE A 767 -15.43 3.51 45.82
N ASN A 768 -16.65 3.15 45.44
CA ASN A 768 -17.69 2.86 46.42
C ASN A 768 -17.37 1.54 47.09
N HIS A 769 -16.80 1.61 48.29
CA HIS A 769 -16.65 0.43 49.11
C HIS A 769 -18.04 0.02 49.58
N PRO A 770 -18.60 -1.08 49.08
CA PRO A 770 -20.01 -1.37 49.34
C PRO A 770 -20.25 -1.89 50.74
N ILE A 771 -21.49 -2.29 51.04
CA ILE A 771 -21.86 -2.59 52.42
C ILE A 771 -21.18 -3.87 52.89
N GLN A 772 -20.52 -3.78 54.04
CA GLN A 772 -19.78 -4.90 54.60
C GLN A 772 -20.71 -5.78 55.43
N VAL A 773 -20.54 -7.09 55.29
CA VAL A 773 -21.18 -8.06 56.16
C VAL A 773 -20.08 -8.76 56.94
N ASP A 774 -20.38 -9.18 58.16
CA ASP A 774 -19.42 -9.97 58.91
C ASP A 774 -19.73 -11.45 58.74
N GLN A 775 -18.66 -12.26 58.77
CA GLN A 775 -18.76 -13.70 58.60
C GLN A 775 -18.80 -14.36 59.96
N LEU A 776 -19.92 -15.01 60.27
CA LEU A 776 -20.09 -15.69 61.55
C LEU A 776 -19.39 -17.03 61.53
N ASN A 777 -18.84 -17.42 62.67
CA ASN A 777 -18.16 -18.70 62.82
C ASN A 777 -18.98 -19.67 63.66
N SER A 778 -20.30 -19.65 63.48
CA SER A 778 -21.22 -20.49 64.22
C SER A 778 -22.28 -21.04 63.27
N SER A 779 -23.17 -21.87 63.81
CA SER A 779 -24.33 -22.30 63.06
C SER A 779 -25.25 -21.14 62.72
N TYR A 780 -25.34 -20.16 63.62
CA TYR A 780 -26.02 -18.91 63.28
C TYR A 780 -25.24 -18.17 62.20
N PHE A 781 -25.97 -17.43 61.38
CA PHE A 781 -25.42 -16.85 60.17
C PHE A 781 -25.78 -15.37 60.09
N LYS A 782 -24.90 -14.59 59.49
CA LYS A 782 -25.09 -13.15 59.34
C LYS A 782 -25.40 -12.84 57.89
N LEU A 783 -26.50 -12.12 57.64
CA LEU A 783 -26.95 -11.80 56.29
C LEU A 783 -27.32 -10.33 56.24
N SER A 784 -27.32 -9.76 55.04
CA SER A 784 -27.80 -8.41 54.83
C SER A 784 -28.85 -8.43 53.73
N ILE A 785 -30.02 -7.87 54.03
CA ILE A 785 -31.15 -7.96 53.11
C ILE A 785 -31.73 -6.58 52.85
N PRO A 786 -32.07 -6.24 51.60
CA PRO A 786 -32.69 -4.95 51.33
C PRO A 786 -34.17 -4.97 51.70
N THR A 787 -34.57 -3.97 52.49
CA THR A 787 -35.96 -3.85 52.89
C THR A 787 -36.81 -3.03 51.93
N ASN A 788 -36.24 -2.54 50.84
CA ASN A 788 -36.97 -1.67 49.95
C ASN A 788 -36.58 -1.95 48.50
N PHE A 789 -37.51 -1.62 47.61
CA PHE A 789 -37.44 -1.97 46.21
C PHE A 789 -37.44 -0.73 45.34
N SER A 790 -36.92 -0.88 44.13
CA SER A 790 -36.96 0.18 43.13
C SER A 790 -37.02 -0.47 41.76
N PHE A 791 -37.49 0.29 40.78
CA PHE A 791 -37.68 -0.20 39.42
C PHE A 791 -36.86 0.69 38.48
N GLY A 792 -35.71 0.18 38.04
CA GLY A 792 -34.83 0.96 37.18
C GLY A 792 -34.91 0.49 35.74
N VAL A 793 -35.05 1.45 34.85
CA VAL A 793 -35.02 1.19 33.42
C VAL A 793 -33.56 1.13 32.97
N THR A 794 -33.29 0.31 31.96
CA THR A 794 -31.97 0.26 31.35
C THR A 794 -32.15 0.32 29.85
N GLN A 795 -31.30 1.11 29.20
CA GLN A 795 -31.43 1.41 27.78
C GLN A 795 -30.27 0.79 27.03
N GLU A 796 -30.59 0.04 25.97
CA GLU A 796 -29.59 -0.67 25.19
C GLU A 796 -29.82 -0.39 23.72
N TYR A 797 -28.75 -0.36 22.95
CA TYR A 797 -28.85 -0.18 21.51
C TYR A 797 -27.89 -1.10 20.80
N ILE A 798 -28.38 -1.80 19.79
CA ILE A 798 -27.54 -2.66 18.94
C ILE A 798 -27.84 -2.33 17.48
N GLN A 799 -26.81 -1.89 16.76
CA GLN A 799 -26.95 -1.61 15.34
C GLN A 799 -27.10 -2.92 14.58
N THR A 800 -28.33 -3.23 14.17
CA THR A 800 -28.62 -4.51 13.56
C THR A 800 -28.14 -4.59 12.12
N THR A 801 -28.52 -3.61 11.30
CA THR A 801 -28.21 -3.61 9.87
C THR A 801 -27.86 -2.20 9.44
N ILE A 802 -26.70 -2.05 8.80
CA ILE A 802 -26.24 -0.76 8.28
C ILE A 802 -27.08 -0.44 7.06
N GLN A 803 -27.07 0.82 6.63
CA GLN A 803 -27.79 1.24 5.44
C GLN A 803 -27.28 0.48 4.22
N LYS A 804 -28.22 -0.07 3.45
CA LYS A 804 -27.89 -0.83 2.25
C LYS A 804 -27.67 0.14 1.10
N VAL A 805 -26.48 0.10 0.52
CA VAL A 805 -26.06 1.08 -0.48
C VAL A 805 -25.53 0.35 -1.70
N THR A 806 -25.68 0.99 -2.86
CA THR A 806 -25.05 0.55 -4.10
C THR A 806 -24.48 1.74 -4.84
N VAL A 807 -23.43 1.50 -5.61
CA VAL A 807 -22.76 2.54 -6.40
C VAL A 807 -22.60 2.00 -7.82
N ASP A 808 -23.10 2.77 -8.79
CA ASP A 808 -22.88 2.41 -10.19
C ASP A 808 -21.42 2.61 -10.55
N CYS A 809 -20.89 1.73 -11.39
CA CYS A 809 -19.50 1.83 -11.80
C CYS A 809 -19.21 3.10 -12.60
N LYS A 810 -19.75 3.18 -13.82
CA LYS A 810 -19.26 4.14 -14.79
C LYS A 810 -19.70 5.57 -14.46
N GLN A 811 -20.94 5.75 -14.01
CA GLN A 811 -21.41 7.09 -13.70
C GLN A 811 -20.67 7.68 -12.52
N TYR A 812 -20.37 6.87 -11.51
CA TYR A 812 -19.61 7.36 -10.37
C TYR A 812 -18.16 7.62 -10.74
N VAL A 813 -17.45 6.57 -11.19
CA VAL A 813 -16.01 6.73 -11.42
C VAL A 813 -15.70 7.56 -12.64
N CYS A 814 -16.67 7.83 -13.47
CA CYS A 814 -16.38 8.32 -14.80
C CYS A 814 -17.14 9.59 -15.16
N ASN A 815 -18.39 9.70 -14.73
CA ASN A 815 -19.18 10.94 -14.78
C ASN A 815 -19.36 11.47 -16.20
N GLY A 816 -19.64 10.57 -17.14
CA GLY A 816 -20.11 10.94 -18.46
C GLY A 816 -19.16 11.72 -19.35
N PHE A 817 -17.91 11.31 -19.43
CA PHE A 817 -16.92 11.91 -20.32
C PHE A 817 -16.38 10.80 -21.20
N GLN A 818 -16.58 10.91 -22.52
CA GLN A 818 -16.42 9.76 -23.41
C GLN A 818 -15.00 9.22 -23.41
N LYS A 819 -14.01 10.10 -23.21
CA LYS A 819 -12.63 9.64 -23.09
C LYS A 819 -12.44 8.81 -21.82
N CYS A 820 -13.11 9.19 -20.73
CA CYS A 820 -13.11 8.37 -19.53
C CYS A 820 -13.66 6.97 -19.77
N GLU A 821 -14.82 6.85 -20.45
CA GLU A 821 -15.33 5.50 -20.65
C GLU A 821 -14.51 4.70 -21.65
N GLN A 822 -13.85 5.34 -22.61
CA GLN A 822 -12.98 4.52 -23.46
C GLN A 822 -11.70 4.13 -22.72
N LEU A 823 -11.25 4.92 -21.76
CA LEU A 823 -10.14 4.47 -20.92
C LEU A 823 -10.61 3.64 -19.74
N LEU A 824 -11.92 3.39 -19.62
CA LEU A 824 -12.38 2.39 -18.66
C LEU A 824 -12.09 0.97 -19.14
N ARG A 825 -12.00 0.77 -20.46
CA ARG A 825 -11.88 -0.57 -21.01
C ARG A 825 -10.61 -1.29 -20.58
N GLU A 826 -9.49 -0.59 -20.42
CA GLU A 826 -8.30 -1.24 -19.89
C GLU A 826 -8.35 -1.41 -18.39
N TYR A 827 -9.34 -0.84 -17.71
CA TYR A 827 -9.54 -1.10 -16.28
C TYR A 827 -10.78 -1.95 -16.05
N GLY A 828 -11.96 -1.47 -16.44
CA GLY A 828 -13.14 -2.31 -16.61
C GLY A 828 -13.59 -3.13 -15.43
N GLN A 829 -13.29 -4.42 -15.54
CA GLN A 829 -13.77 -5.50 -14.67
C GLN A 829 -13.51 -5.29 -13.19
N PHE A 830 -12.62 -4.37 -12.79
CA PHE A 830 -12.37 -4.15 -11.36
C PHE A 830 -13.60 -3.61 -10.66
N CYS A 831 -14.25 -2.61 -11.26
CA CYS A 831 -15.48 -2.08 -10.68
C CYS A 831 -16.59 -3.12 -10.73
N SER A 832 -16.59 -3.97 -11.75
CA SER A 832 -17.57 -5.05 -11.82
C SER A 832 -17.38 -6.05 -10.69
N LYS A 833 -16.14 -6.42 -10.37
CA LYS A 833 -15.90 -7.34 -9.28
C LYS A 833 -16.27 -6.73 -7.94
N ILE A 834 -15.91 -5.46 -7.73
CA ILE A 834 -16.25 -4.87 -6.44
C ILE A 834 -17.76 -4.61 -6.34
N ASN A 835 -18.42 -4.40 -7.48
CA ASN A 835 -19.87 -4.26 -7.47
C ASN A 835 -20.55 -5.58 -7.17
N GLN A 836 -20.02 -6.68 -7.73
CA GLN A 836 -20.53 -8.00 -7.39
C GLN A 836 -20.29 -8.31 -5.92
N ALA A 837 -19.15 -7.89 -5.38
CA ALA A 837 -18.84 -8.12 -3.98
C ALA A 837 -19.78 -7.35 -3.06
N LEU A 838 -20.04 -6.07 -3.38
CA LEU A 838 -20.96 -5.30 -2.55
C LEU A 838 -22.40 -5.77 -2.74
N HIS A 839 -22.74 -6.27 -3.93
CA HIS A 839 -24.05 -6.87 -4.14
C HIS A 839 -24.22 -8.13 -3.30
N GLY A 840 -23.17 -8.95 -3.22
CA GLY A 840 -23.20 -10.12 -2.37
C GLY A 840 -23.29 -9.76 -0.90
N ALA A 841 -22.59 -8.69 -0.49
CA ALA A 841 -22.69 -8.23 0.89
C ALA A 841 -24.08 -7.68 1.20
N ASN A 842 -24.69 -6.98 0.23
CA ASN A 842 -26.05 -6.50 0.40
C ASN A 842 -27.03 -7.66 0.51
N LEU A 843 -26.86 -8.69 -0.31
CA LEU A 843 -27.68 -9.88 -0.19
C LEU A 843 -27.44 -10.59 1.13
N ARG A 844 -26.20 -10.57 1.63
CA ARG A 844 -25.89 -11.19 2.91
C ARG A 844 -26.61 -10.48 4.05
N GLN A 845 -26.57 -9.15 4.07
CA GLN A 845 -27.27 -8.44 5.13
C GLN A 845 -28.78 -8.53 4.96
N ASP A 846 -29.27 -8.66 3.72
CA ASP A 846 -30.69 -8.92 3.51
C ASP A 846 -31.08 -10.29 4.06
N ASP A 847 -30.23 -11.29 3.88
CA ASP A 847 -30.47 -12.60 4.46
C ASP A 847 -30.45 -12.53 5.97
N SER A 848 -29.55 -11.73 6.53
CA SER A 848 -29.52 -11.53 7.98
C SER A 848 -30.81 -10.88 8.48
N VAL A 849 -31.31 -9.90 7.72
CA VAL A 849 -32.60 -9.28 8.03
C VAL A 849 -33.72 -10.31 8.00
N ARG A 850 -33.71 -11.18 6.99
CA ARG A 850 -34.71 -12.23 6.89
C ARG A 850 -34.62 -13.19 8.06
N ASN A 851 -33.40 -13.57 8.46
CA ASN A 851 -33.22 -14.49 9.58
C ASN A 851 -33.69 -13.87 10.89
N LEU A 852 -33.38 -12.60 11.12
CA LEU A 852 -33.78 -11.99 12.38
C LEU A 852 -35.29 -11.75 12.42
N PHE A 853 -35.89 -11.37 11.29
CA PHE A 853 -37.33 -11.18 11.29
C PHE A 853 -38.09 -12.50 11.30
N ALA A 854 -37.45 -13.59 10.87
CA ALA A 854 -37.97 -14.91 11.17
C ALA A 854 -37.85 -15.21 12.66
N SER A 855 -36.78 -14.73 13.29
CA SER A 855 -36.60 -14.98 14.73
C SER A 855 -37.60 -14.21 15.57
N VAL A 856 -38.01 -13.03 15.13
CA VAL A 856 -38.93 -12.21 15.91
C VAL A 856 -40.35 -12.48 15.46
N LYS A 857 -40.51 -13.40 14.51
CA LYS A 857 -41.83 -13.78 14.04
C LYS A 857 -42.52 -14.60 15.12
N SER A 858 -43.56 -14.02 15.73
CA SER A 858 -44.38 -14.76 16.66
C SER A 858 -45.37 -15.62 15.88
N SER A 859 -45.48 -16.90 16.25
CA SER A 859 -46.40 -17.81 15.59
C SER A 859 -47.86 -17.48 15.91
N GLN A 860 -48.10 -16.63 16.89
CA GLN A 860 -49.44 -16.22 17.29
C GLN A 860 -49.40 -14.76 17.69
N SER A 861 -50.56 -14.13 17.70
CA SER A 861 -50.63 -12.70 17.97
C SER A 861 -51.78 -12.37 18.92
N SER A 862 -51.79 -11.11 19.33
CA SER A 862 -52.85 -10.46 20.08
C SER A 862 -52.68 -8.96 19.87
N PRO A 863 -53.72 -8.26 19.42
CA PRO A 863 -53.55 -6.85 19.07
C PRO A 863 -53.35 -5.98 20.29
N ILE A 864 -52.58 -4.91 20.09
CA ILE A 864 -52.35 -3.92 21.13
C ILE A 864 -53.56 -3.00 21.19
N ILE A 865 -54.26 -3.02 22.31
CA ILE A 865 -55.49 -2.25 22.49
C ILE A 865 -55.23 -1.21 23.58
N PRO A 866 -55.74 0.00 23.45
CA PRO A 866 -55.70 0.95 24.57
C PRO A 866 -56.49 0.42 25.75
N GLY A 867 -56.01 0.73 26.95
CA GLY A 867 -56.59 0.21 28.17
C GLY A 867 -55.94 -1.06 28.67
N PHE A 868 -54.98 -1.61 27.94
CA PHE A 868 -54.27 -2.79 28.38
C PHE A 868 -53.39 -2.46 29.59
N GLY A 869 -53.22 -3.44 30.47
CA GLY A 869 -52.55 -3.22 31.72
C GLY A 869 -53.45 -2.85 32.88
N GLY A 870 -54.73 -2.60 32.63
CA GLY A 870 -55.65 -2.19 33.66
C GLY A 870 -55.31 -0.85 34.24
N ASP A 871 -54.80 -0.84 35.48
CA ASP A 871 -54.28 0.37 36.09
C ASP A 871 -52.99 0.85 35.43
N PHE A 872 -52.35 0.03 34.63
CA PHE A 872 -51.09 0.39 34.00
C PHE A 872 -51.37 1.30 32.80
N ASN A 873 -50.97 2.55 32.91
CA ASN A 873 -51.13 3.53 31.85
C ASN A 873 -50.19 3.14 30.71
N LEU A 874 -50.77 2.58 29.64
CA LEU A 874 -50.01 2.08 28.51
C LEU A 874 -50.03 3.13 27.40
N THR A 875 -49.26 4.20 27.59
CA THR A 875 -48.81 5.02 26.49
C THR A 875 -47.48 4.53 25.94
N LEU A 876 -46.97 3.43 26.49
CA LEU A 876 -45.70 2.85 26.07
C LEU A 876 -45.82 2.23 24.68
N LEU A 877 -46.78 1.31 24.53
CA LEU A 877 -46.78 0.34 23.45
C LEU A 877 -47.87 0.58 22.42
N GLU A 878 -48.63 1.66 22.56
CA GLU A 878 -49.77 1.84 21.66
C GLU A 878 -49.28 2.38 20.31
N PRO A 879 -49.48 1.62 19.24
CA PRO A 879 -48.95 2.04 17.94
C PRO A 879 -49.95 2.85 17.13
N VAL A 880 -50.39 3.99 17.65
CA VAL A 880 -51.34 4.82 16.92
C VAL A 880 -50.59 5.69 15.90
N ALA A 889 -51.09 3.17 13.90
CA ALA A 889 -50.07 3.44 12.89
C ALA A 889 -48.68 3.09 13.41
N ARG A 890 -48.09 3.99 14.18
CA ARG A 890 -46.74 3.80 14.68
C ARG A 890 -46.71 4.12 16.17
N SER A 891 -45.78 3.48 16.88
CA SER A 891 -45.62 3.73 18.30
C SER A 891 -45.07 5.14 18.52
N ALA A 892 -45.66 5.87 19.46
CA ALA A 892 -45.24 7.24 19.74
C ALA A 892 -43.84 7.29 20.31
N ILE A 893 -43.42 6.29 21.07
CA ILE A 893 -42.05 6.22 21.55
C ILE A 893 -41.09 6.06 20.37
N GLU A 894 -41.47 5.21 19.41
CA GLU A 894 -40.69 5.05 18.19
C GLU A 894 -40.61 6.35 17.40
N ASP A 895 -41.74 7.06 17.26
CA ASP A 895 -41.76 8.31 16.51
C ASP A 895 -40.90 9.37 17.19
N LEU A 896 -41.02 9.51 18.51
CA LEU A 896 -40.24 10.52 19.22
C LEU A 896 -38.76 10.14 19.28
N LEU A 897 -38.45 8.85 19.32
CA LEU A 897 -37.07 8.41 19.25
C LEU A 897 -36.47 8.76 17.89
N PHE A 898 -37.24 8.59 16.82
CA PHE A 898 -36.74 8.97 15.50
C PHE A 898 -36.60 10.48 15.40
N ASP A 899 -37.51 11.23 16.02
CA ASP A 899 -37.41 12.69 16.02
C ASP A 899 -36.25 13.17 16.88
N LYS A 900 -35.80 12.36 17.84
CA LYS A 900 -34.75 12.78 18.74
C LYS A 900 -33.37 12.82 18.09
N VAL A 901 -33.23 12.29 16.88
CA VAL A 901 -31.97 12.33 16.16
C VAL A 901 -32.24 12.92 14.77
N THR A 902 -31.25 13.62 14.24
CA THR A 902 -31.36 14.25 12.93
C THR A 902 -31.26 13.16 11.86
N ILE A 903 -32.38 12.87 11.21
CA ILE A 903 -32.43 11.85 10.17
C ILE A 903 -32.32 12.52 8.81
N ALA A 904 -31.39 12.03 7.99
CA ALA A 904 -31.24 12.51 6.62
C ALA A 904 -31.93 11.52 5.70
N ASP A 905 -33.23 11.76 5.48
CA ASP A 905 -34.01 10.88 4.62
C ASP A 905 -33.63 11.09 3.17
N PRO A 906 -33.29 10.02 2.43
CA PRO A 906 -32.83 10.20 1.05
C PRO A 906 -33.96 10.30 0.03
N GLY A 907 -35.04 11.01 0.40
CA GLY A 907 -36.19 11.28 -0.45
C GLY A 907 -36.74 10.13 -1.27
N TYR A 908 -37.20 9.07 -0.61
CA TYR A 908 -37.73 7.93 -1.35
C TYR A 908 -39.06 8.22 -2.01
N MET A 909 -39.74 9.29 -1.59
CA MET A 909 -41.01 9.70 -2.20
C MET A 909 -40.77 10.68 -3.35
N GLN A 910 -40.24 11.85 -3.04
CA GLN A 910 -40.02 12.93 -4.00
C GLN A 910 -38.66 13.58 -3.78
N GLY A 911 -37.63 12.75 -3.58
CA GLY A 911 -36.28 13.29 -3.41
C GLY A 911 -35.76 13.95 -4.66
N TYR A 912 -36.17 13.45 -5.83
CA TYR A 912 -35.90 14.17 -7.08
C TYR A 912 -36.56 15.54 -7.05
N ASP A 913 -37.82 15.60 -6.62
CA ASP A 913 -38.51 16.88 -6.50
C ASP A 913 -37.87 17.76 -5.43
N ASP A 914 -37.42 17.14 -4.33
CA ASP A 914 -36.76 17.90 -3.27
C ASP A 914 -35.45 18.52 -3.76
N CYS A 915 -34.70 17.78 -4.58
CA CYS A 915 -33.54 18.36 -5.23
C CYS A 915 -33.92 19.46 -6.21
N MET A 916 -35.08 19.33 -6.87
CA MET A 916 -35.54 20.39 -7.77
C MET A 916 -35.84 21.68 -7.01
N GLN A 917 -36.49 21.59 -5.85
CA GLN A 917 -36.72 22.80 -5.08
C GLN A 917 -35.46 23.25 -4.35
N GLN A 918 -34.97 22.43 -3.42
CA GLN A 918 -33.83 22.81 -2.60
C GLN A 918 -33.13 21.58 -2.03
N LEU A 926 -27.11 17.17 -0.29
CA LEU A 926 -26.43 16.17 0.52
C LEU A 926 -27.05 14.78 0.31
N ILE A 927 -27.97 14.42 1.20
CA ILE A 927 -28.65 13.14 1.06
C ILE A 927 -29.64 13.18 -0.09
N CYS A 928 -30.05 14.38 -0.51
CA CYS A 928 -30.81 14.53 -1.76
C CYS A 928 -29.95 14.10 -2.94
N ALA A 929 -28.68 14.48 -2.95
CA ALA A 929 -27.79 14.31 -4.10
C ALA A 929 -27.21 12.89 -4.14
N GLN A 930 -28.01 11.96 -4.63
CA GLN A 930 -27.54 10.59 -4.78
C GLN A 930 -26.80 10.39 -6.09
N TYR A 931 -27.46 10.70 -7.21
CA TYR A 931 -26.87 10.53 -8.54
C TYR A 931 -25.73 11.50 -8.80
N VAL A 932 -25.66 12.61 -8.06
CA VAL A 932 -24.70 13.67 -8.34
C VAL A 932 -23.27 13.18 -8.16
N ALA A 933 -22.98 12.56 -7.02
CA ALA A 933 -21.73 11.83 -6.88
C ALA A 933 -21.81 10.49 -7.59
N GLY A 934 -22.98 9.85 -7.51
CA GLY A 934 -23.23 8.57 -8.13
C GLY A 934 -23.20 7.46 -7.12
N TYR A 935 -24.35 7.11 -6.59
CA TYR A 935 -24.53 6.04 -5.61
C TYR A 935 -26.02 5.85 -5.42
N LYS A 936 -26.39 4.79 -4.72
CA LYS A 936 -27.79 4.57 -4.40
C LYS A 936 -27.88 3.81 -3.09
N VAL A 937 -28.24 4.51 -2.04
CA VAL A 937 -28.70 3.84 -0.82
C VAL A 937 -30.00 3.13 -1.14
N LEU A 938 -30.12 1.92 -0.69
CA LEU A 938 -31.28 1.20 -1.16
C LEU A 938 -32.51 1.56 -0.34
N PRO A 939 -33.70 1.42 -0.93
CA PRO A 939 -34.91 1.47 -0.12
C PRO A 939 -34.94 0.31 0.86
N PRO A 940 -35.66 0.45 1.98
CA PRO A 940 -35.71 -0.65 2.96
C PRO A 940 -36.35 -1.89 2.37
N LEU A 941 -35.90 -3.04 2.86
CA LEU A 941 -36.45 -4.33 2.44
C LEU A 941 -37.92 -4.48 2.79
N MET A 942 -38.39 -3.75 3.79
CA MET A 942 -39.66 -4.05 4.44
C MET A 942 -40.28 -2.77 5.01
N ASP A 943 -41.56 -2.56 4.68
CA ASP A 943 -42.24 -1.29 4.91
C ASP A 943 -42.42 -1.01 6.39
N VAL A 944 -42.54 0.28 6.73
CA VAL A 944 -42.51 0.73 8.13
C VAL A 944 -43.69 0.16 8.91
N ASN A 945 -44.89 0.14 8.32
CA ASN A 945 -46.03 -0.44 8.99
C ASN A 945 -45.90 -1.95 9.13
N MET A 946 -45.07 -2.58 8.29
CA MET A 946 -44.83 -4.02 8.42
C MET A 946 -43.98 -4.35 9.64
N GLU A 947 -42.92 -3.58 9.93
CA GLU A 947 -42.28 -3.85 11.21
C GLU A 947 -43.09 -3.28 12.36
N ALA A 948 -43.98 -2.32 12.12
CA ALA A 948 -44.91 -1.92 13.17
C ALA A 948 -45.82 -3.08 13.55
N ALA A 949 -46.29 -3.83 12.54
CA ALA A 949 -47.06 -5.04 12.80
C ALA A 949 -46.21 -6.10 13.48
N TYR A 950 -44.93 -6.21 13.10
CA TYR A 950 -44.00 -7.10 13.79
C TYR A 950 -43.90 -6.77 15.27
N THR A 951 -43.67 -5.49 15.60
CA THR A 951 -43.54 -5.08 16.99
C THR A 951 -44.83 -5.28 17.75
N SER A 952 -45.98 -4.98 17.13
CA SER A 952 -47.25 -5.20 17.80
C SER A 952 -47.49 -6.67 18.09
N SER A 953 -47.20 -7.53 17.10
CA SER A 953 -47.36 -8.97 17.29
C SER A 953 -46.42 -9.50 18.37
N LEU A 954 -45.18 -9.02 18.38
CA LEU A 954 -44.24 -9.58 19.34
C LEU A 954 -44.48 -9.04 20.75
N LEU A 955 -44.93 -7.79 20.89
CA LEU A 955 -45.34 -7.30 22.21
C LEU A 955 -46.57 -8.07 22.71
N GLY A 956 -47.55 -8.30 21.82
CA GLY A 956 -48.69 -9.12 22.21
C GLY A 956 -48.30 -10.53 22.57
N SER A 957 -47.27 -11.07 21.91
CA SER A 957 -46.75 -12.39 22.26
C SER A 957 -46.12 -12.37 23.64
N ILE A 958 -45.10 -11.52 23.84
CA ILE A 958 -44.35 -11.50 25.10
C ILE A 958 -45.21 -11.04 26.27
N ALA A 959 -46.38 -10.46 26.01
CA ALA A 959 -47.37 -10.29 27.07
C ALA A 959 -47.86 -11.63 27.62
N GLY A 960 -47.78 -12.70 26.82
CA GLY A 960 -48.23 -14.00 27.28
C GLY A 960 -47.42 -15.21 26.86
N VAL A 961 -46.13 -15.05 26.62
CA VAL A 961 -45.24 -16.13 26.25
C VAL A 961 -44.33 -16.54 27.41
N GLY A 962 -43.70 -15.56 28.06
CA GLY A 962 -42.69 -15.85 29.06
C GLY A 962 -43.18 -16.37 30.40
N TRP A 963 -44.07 -17.36 30.38
CA TRP A 963 -44.50 -18.05 31.59
C TRP A 963 -44.39 -19.55 31.49
N THR A 964 -44.70 -20.14 30.34
CA THR A 964 -44.84 -21.57 30.21
C THR A 964 -43.64 -22.15 29.48
N ALA A 965 -43.13 -23.27 29.98
CA ALA A 965 -42.14 -24.03 29.23
C ALA A 965 -42.79 -24.63 28.00
N GLY A 966 -42.34 -24.18 26.82
CA GLY A 966 -42.96 -24.58 25.58
C GLY A 966 -43.41 -23.39 24.76
N LEU A 967 -42.93 -23.31 23.52
CA LEU A 967 -43.22 -22.21 22.62
C LEU A 967 -44.47 -22.45 21.79
N SER A 968 -45.22 -23.50 22.08
CA SER A 968 -46.27 -23.97 21.18
C SER A 968 -47.58 -23.22 21.40
N SER A 969 -48.12 -23.30 22.61
CA SER A 969 -49.39 -22.69 22.93
C SER A 969 -49.21 -21.20 23.20
N PHE A 970 -50.30 -20.52 23.55
CA PHE A 970 -50.24 -19.11 23.85
C PHE A 970 -51.15 -18.76 25.02
N ALA A 971 -50.62 -17.91 25.90
CA ALA A 971 -51.18 -17.67 27.23
C ALA A 971 -51.20 -16.17 27.53
N ALA A 972 -51.84 -15.38 26.67
CA ALA A 972 -51.83 -13.93 26.82
C ALA A 972 -52.63 -13.48 28.04
N ILE A 973 -52.08 -13.75 29.23
CA ILE A 973 -52.68 -13.42 30.52
C ILE A 973 -52.83 -11.90 30.61
N PRO A 974 -53.87 -11.40 31.26
CA PRO A 974 -53.95 -9.96 31.56
C PRO A 974 -52.68 -9.45 32.22
N PHE A 975 -52.32 -8.21 31.87
CA PHE A 975 -50.94 -7.74 31.95
C PHE A 975 -50.44 -7.69 33.38
N ALA A 976 -51.22 -7.06 34.28
CA ALA A 976 -50.80 -6.94 35.68
C ALA A 976 -50.61 -8.30 36.33
N GLN A 977 -51.42 -9.28 35.93
CA GLN A 977 -51.19 -10.65 36.37
C GLN A 977 -49.89 -11.21 35.80
N SER A 978 -49.47 -10.75 34.63
CA SER A 978 -48.18 -11.20 34.09
C SER A 978 -47.00 -10.58 34.84
N ILE A 979 -47.11 -9.32 35.26
CA ILE A 979 -46.11 -8.78 36.17
C ILE A 979 -46.11 -9.53 37.50
N PHE A 980 -47.29 -9.90 37.99
CA PHE A 980 -47.35 -10.72 39.21
C PHE A 980 -46.65 -12.06 39.01
N TYR A 981 -46.85 -12.68 37.86
CA TYR A 981 -46.19 -13.93 37.53
C TYR A 981 -44.68 -13.77 37.45
N ARG A 982 -44.22 -12.67 36.84
CA ARG A 982 -42.78 -12.42 36.74
C ARG A 982 -42.17 -12.16 38.10
N LEU A 983 -42.89 -11.44 38.97
CA LEU A 983 -42.37 -11.15 40.30
C LEU A 983 -42.36 -12.39 41.18
N ASN A 984 -43.34 -13.28 41.01
CA ASN A 984 -43.23 -14.59 41.64
C ASN A 984 -42.07 -15.38 41.06
N GLY A 985 -41.76 -15.16 39.78
CA GLY A 985 -40.62 -15.80 39.17
C GLY A 985 -39.29 -15.35 39.75
N VAL A 986 -39.18 -14.05 40.07
CA VAL A 986 -37.92 -13.52 40.60
C VAL A 986 -37.80 -13.63 42.11
N GLY A 987 -38.73 -14.34 42.75
CA GLY A 987 -38.62 -14.57 44.18
C GLY A 987 -39.26 -13.52 45.05
N ILE A 988 -40.29 -12.83 44.56
CA ILE A 988 -41.01 -11.83 45.33
C ILE A 988 -42.38 -12.41 45.68
N THR A 989 -42.75 -12.30 46.96
CA THR A 989 -43.96 -12.94 47.46
C THR A 989 -45.21 -12.30 46.89
N GLN A 990 -46.30 -13.06 46.93
CA GLN A 990 -47.59 -12.55 46.47
C GLN A 990 -48.24 -11.63 47.49
N GLN A 991 -47.67 -11.49 48.68
CA GLN A 991 -48.21 -10.55 49.66
C GLN A 991 -48.05 -9.12 49.19
N VAL A 992 -46.80 -8.68 48.97
CA VAL A 992 -46.56 -7.34 48.44
C VAL A 992 -47.09 -7.23 47.02
N LEU A 993 -47.32 -8.35 46.35
CA LEU A 993 -48.10 -8.37 45.13
C LEU A 993 -49.59 -8.26 45.38
N SER A 994 -50.04 -8.32 46.64
CA SER A 994 -51.46 -8.33 46.95
C SER A 994 -51.98 -7.10 47.68
N GLU A 995 -51.16 -6.44 48.51
CA GLU A 995 -51.57 -5.13 49.01
C GLU A 995 -50.62 -4.00 48.64
N ASN A 996 -49.68 -4.22 47.72
CA ASN A 996 -48.84 -3.13 47.25
C ASN A 996 -48.81 -3.10 45.73
N GLN A 997 -49.96 -3.40 45.10
CA GLN A 997 -50.07 -3.24 43.66
C GLN A 997 -50.00 -1.78 43.24
N LYS A 998 -50.53 -0.88 44.06
CA LYS A 998 -50.51 0.53 43.73
C LYS A 998 -49.10 1.10 43.80
N LEU A 999 -48.32 0.69 44.81
CA LEU A 999 -46.96 1.20 44.95
C LEU A 999 -46.07 0.73 43.82
N ILE A 1000 -46.12 -0.57 43.49
CA ILE A 1000 -45.35 -1.05 42.35
C ILE A 1000 -45.88 -0.46 41.06
N ALA A 1001 -47.19 -0.23 40.97
CA ALA A 1001 -47.80 0.28 39.74
C ALA A 1001 -47.36 1.70 39.45
N ASN A 1002 -47.48 2.58 40.43
CA ASN A 1002 -47.04 3.95 40.18
C ASN A 1002 -45.53 4.09 40.23
N LYS A 1003 -44.80 3.11 40.77
CA LYS A 1003 -43.36 3.11 40.59
C LYS A 1003 -42.98 2.74 39.16
N PHE A 1004 -43.73 1.80 38.55
CA PHE A 1004 -43.58 1.55 37.11
C PHE A 1004 -43.89 2.81 36.31
N ASN A 1005 -44.98 3.48 36.68
CA ASN A 1005 -45.39 4.70 35.98
C ASN A 1005 -44.33 5.79 36.13
N GLN A 1006 -43.75 5.93 37.32
CA GLN A 1006 -42.69 6.89 37.55
C GLN A 1006 -41.44 6.56 36.74
N ALA A 1007 -41.06 5.27 36.69
CA ALA A 1007 -39.90 4.87 35.91
C ALA A 1007 -40.09 5.16 34.42
N LEU A 1008 -41.25 4.79 33.89
CA LEU A 1008 -41.50 5.02 32.46
C LEU A 1008 -41.57 6.52 32.17
N GLY A 1009 -42.32 7.28 32.97
CA GLY A 1009 -42.43 8.71 32.76
C GLY A 1009 -41.11 9.44 32.92
N ALA A 1010 -40.22 8.91 33.76
CA ALA A 1010 -38.85 9.40 33.78
C ALA A 1010 -38.14 9.11 32.47
N MET A 1011 -38.36 7.91 31.91
CA MET A 1011 -37.54 7.55 30.75
C MET A 1011 -38.13 7.95 29.40
N GLN A 1012 -39.32 8.56 29.32
CA GLN A 1012 -39.63 9.20 28.04
C GLN A 1012 -39.04 10.60 27.97
N THR A 1013 -39.30 11.41 29.00
CA THR A 1013 -38.75 12.77 29.00
C THR A 1013 -37.25 12.80 29.20
N GLY A 1014 -36.66 11.71 29.68
CA GLY A 1014 -35.22 11.59 29.77
C GLY A 1014 -34.64 11.07 28.47
N PHE A 1015 -34.84 11.82 27.38
CA PHE A 1015 -34.22 11.51 26.09
C PHE A 1015 -33.01 12.42 25.95
N THR A 1016 -32.06 12.26 26.86
CA THR A 1016 -30.97 13.21 27.02
C THR A 1016 -29.63 12.57 26.62
N THR A 1017 -28.57 13.35 26.80
CA THR A 1017 -27.23 12.92 26.41
C THR A 1017 -26.69 11.81 27.31
N THR A 1018 -27.02 11.85 28.61
CA THR A 1018 -26.50 10.85 29.54
C THR A 1018 -27.05 9.45 29.27
N ASN A 1019 -28.09 9.33 28.45
CA ASN A 1019 -28.51 8.02 27.95
C ASN A 1019 -27.43 7.47 27.03
N GLU A 1020 -26.73 6.44 27.50
CA GLU A 1020 -25.60 5.92 26.75
C GLU A 1020 -26.05 5.23 25.47
N ALA A 1021 -27.19 4.55 25.50
CA ALA A 1021 -27.66 3.89 24.29
C ALA A 1021 -28.27 4.88 23.30
N PHE A 1022 -28.79 6.00 23.79
CA PHE A 1022 -29.10 7.10 22.86
C PHE A 1022 -27.83 7.64 22.23
N GLN A 1023 -26.74 7.68 22.99
CA GLN A 1023 -25.46 8.04 22.39
C GLN A 1023 -25.03 7.02 21.36
N LYS A 1024 -25.35 5.75 21.59
CA LYS A 1024 -25.08 4.71 20.59
C LYS A 1024 -25.96 4.88 19.35
N VAL A 1025 -27.19 5.36 19.54
CA VAL A 1025 -28.06 5.67 18.41
C VAL A 1025 -27.47 6.79 17.57
N GLN A 1026 -27.00 7.85 18.25
CA GLN A 1026 -26.30 8.91 17.54
C GLN A 1026 -25.00 8.42 16.93
N ASP A 1027 -24.35 7.43 17.53
CA ASP A 1027 -23.14 6.86 16.95
C ASP A 1027 -23.45 6.08 15.68
N ALA A 1028 -24.57 5.35 15.65
CA ALA A 1028 -24.97 4.65 14.44
C ALA A 1028 -25.38 5.63 13.35
N VAL A 1029 -26.09 6.70 13.74
CA VAL A 1029 -26.46 7.75 12.81
C VAL A 1029 -25.21 8.43 12.26
N ASN A 1030 -24.23 8.66 13.13
CA ASN A 1030 -22.95 9.21 12.70
C ASN A 1030 -22.17 8.24 11.83
N ASN A 1031 -22.33 6.93 12.06
CA ASN A 1031 -21.73 5.94 11.19
C ASN A 1031 -22.31 6.03 9.78
N ASN A 1032 -23.62 6.18 9.68
CA ASN A 1032 -24.24 6.41 8.38
C ASN A 1032 -23.79 7.74 7.78
N ALA A 1033 -23.63 8.76 8.63
CA ALA A 1033 -23.20 10.07 8.17
C ALA A 1033 -21.78 10.03 7.61
N GLN A 1034 -20.87 9.34 8.30
CA GLN A 1034 -19.51 9.24 7.78
C GLN A 1034 -19.46 8.29 6.59
N ALA A 1035 -20.42 7.37 6.47
CA ALA A 1035 -20.54 6.61 5.24
C ALA A 1035 -20.88 7.53 4.07
N LEU A 1036 -21.81 8.46 4.28
CA LEU A 1036 -22.11 9.46 3.26
C LEU A 1036 -20.91 10.34 2.99
N SER A 1037 -20.15 10.68 4.03
CA SER A 1037 -18.95 11.50 3.87
C SER A 1037 -17.88 10.79 3.05
N LYS A 1038 -17.67 9.50 3.28
CA LYS A 1038 -16.68 8.77 2.48
C LYS A 1038 -17.22 8.34 1.14
N LEU A 1039 -18.52 8.49 0.89
CA LEU A 1039 -18.98 8.58 -0.49
C LEU A 1039 -18.61 9.92 -1.13
N ALA A 1040 -18.82 11.02 -0.42
CA ALA A 1040 -18.71 12.35 -0.99
C ALA A 1040 -17.41 13.07 -0.62
N SER A 1041 -16.33 12.34 -0.38
CA SER A 1041 -15.06 12.95 -0.01
C SER A 1041 -13.98 12.79 -1.05
N GLU A 1042 -13.83 11.59 -1.63
CA GLU A 1042 -12.76 11.31 -2.57
C GLU A 1042 -12.94 12.00 -3.90
N LEU A 1043 -14.17 12.40 -4.24
CA LEU A 1043 -14.39 13.18 -5.46
C LEU A 1043 -13.72 14.55 -5.35
N SER A 1044 -13.76 15.16 -4.18
CA SER A 1044 -13.00 16.40 -3.97
C SER A 1044 -11.51 16.16 -4.05
N ASN A 1045 -11.05 14.97 -3.67
CA ASN A 1045 -9.63 14.64 -3.78
C ASN A 1045 -9.24 14.47 -5.24
N THR A 1046 -8.20 15.19 -5.65
CA THR A 1046 -7.70 15.11 -7.02
C THR A 1046 -6.61 14.06 -7.19
N PHE A 1047 -6.05 13.57 -6.09
CA PHE A 1047 -4.94 12.62 -6.08
C PHE A 1047 -3.74 13.19 -6.85
N GLY A 1048 -3.41 14.44 -6.52
CA GLY A 1048 -2.31 15.15 -7.15
C GLY A 1048 -2.65 15.80 -8.47
N ALA A 1049 -3.88 15.70 -8.94
CA ALA A 1049 -4.28 16.37 -10.17
C ALA A 1049 -4.46 17.85 -9.92
N ILE A 1050 -4.33 18.64 -10.99
CA ILE A 1050 -4.55 20.08 -10.90
C ILE A 1050 -6.04 20.42 -10.87
N SER A 1051 -6.91 19.45 -11.11
CA SER A 1051 -8.35 19.67 -11.01
C SER A 1051 -9.01 18.40 -10.50
N ALA A 1052 -10.16 18.57 -9.85
CA ALA A 1052 -10.97 17.45 -9.39
C ALA A 1052 -11.95 16.98 -10.43
N SER A 1053 -12.43 17.88 -11.28
CA SER A 1053 -13.33 17.50 -12.36
C SER A 1053 -12.53 16.84 -13.48
N ILE A 1054 -12.99 15.66 -13.90
CA ILE A 1054 -12.36 14.97 -15.02
C ILE A 1054 -12.55 15.77 -16.30
N GLY A 1055 -13.76 16.31 -16.49
CA GLY A 1055 -14.03 17.09 -17.69
C GLY A 1055 -13.22 18.37 -17.77
N ASP A 1056 -12.93 18.99 -16.63
CA ASP A 1056 -12.05 20.16 -16.63
C ASP A 1056 -10.64 19.78 -17.06
N ILE A 1057 -10.14 18.63 -16.58
CA ILE A 1057 -8.85 18.14 -17.02
C ILE A 1057 -8.87 17.83 -18.51
N ILE A 1058 -10.01 17.35 -19.00
CA ILE A 1058 -10.19 17.09 -20.43
C ILE A 1058 -10.05 18.37 -21.23
N GLN A 1059 -10.77 19.42 -20.83
CA GLN A 1059 -10.74 20.64 -21.63
C GLN A 1059 -9.48 21.48 -21.40
N ARG A 1060 -8.70 21.22 -20.35
CA ARG A 1060 -7.51 22.02 -20.10
C ARG A 1060 -6.19 21.34 -20.46
N LEU A 1061 -6.18 20.04 -20.74
CA LEU A 1061 -4.93 19.34 -20.99
C LEU A 1061 -4.97 18.62 -22.33
N ASP A 1062 -3.82 18.09 -22.72
CA ASP A 1062 -3.54 17.33 -23.93
C ASP A 1062 -3.52 15.84 -23.63
N PRO A 1063 -3.92 15.00 -24.60
CA PRO A 1063 -4.21 13.57 -24.32
C PRO A 1063 -3.08 12.79 -23.65
N PRO A 1064 -1.76 12.95 -24.06
CA PRO A 1064 -0.72 12.15 -23.40
C PRO A 1064 -0.58 12.36 -21.90
N GLU A 1065 -0.75 13.59 -21.42
CA GLU A 1065 -0.60 13.83 -19.99
C GLU A 1065 -1.92 13.71 -19.23
N GLN A 1066 -3.04 14.06 -19.87
CA GLN A 1066 -4.31 14.02 -19.17
C GLN A 1066 -4.75 12.57 -19.05
N ASP A 1067 -4.31 11.71 -19.98
CA ASP A 1067 -4.55 10.28 -19.85
C ASP A 1067 -3.90 9.74 -18.59
N ALA A 1068 -2.63 10.09 -18.37
CA ALA A 1068 -1.92 9.63 -17.20
C ALA A 1068 -2.50 10.21 -15.92
N GLN A 1069 -2.88 11.49 -15.94
CA GLN A 1069 -3.41 12.11 -14.72
C GLN A 1069 -4.80 11.58 -14.39
N ILE A 1070 -5.64 11.36 -15.42
CA ILE A 1070 -6.94 10.73 -15.20
C ILE A 1070 -6.77 9.31 -14.69
N ASP A 1071 -5.75 8.60 -15.20
CA ASP A 1071 -5.45 7.27 -14.67
C ASP A 1071 -5.04 7.35 -13.20
N ARG A 1072 -4.27 8.37 -12.83
CA ARG A 1072 -3.89 8.57 -11.44
C ARG A 1072 -5.10 8.78 -10.55
N LEU A 1073 -6.03 9.66 -10.96
CA LEU A 1073 -7.19 9.92 -10.12
C LEU A 1073 -8.14 8.73 -10.11
N ILE A 1074 -8.23 7.99 -11.21
CA ILE A 1074 -9.01 6.76 -11.26
C ILE A 1074 -8.43 5.74 -10.29
N ASN A 1075 -7.11 5.59 -10.28
CA ASN A 1075 -6.47 4.67 -9.35
C ASN A 1075 -6.72 5.08 -7.90
N GLY A 1076 -6.63 6.39 -7.62
CA GLY A 1076 -6.90 6.86 -6.28
C GLY A 1076 -8.34 6.57 -5.84
N ARG A 1077 -9.30 6.89 -6.71
CA ARG A 1077 -10.70 6.68 -6.32
C ARG A 1077 -11.05 5.20 -6.27
N LEU A 1078 -10.45 4.37 -7.11
CA LEU A 1078 -10.75 2.94 -7.03
C LEU A 1078 -10.10 2.30 -5.81
N THR A 1079 -8.93 2.79 -5.39
CA THR A 1079 -8.35 2.31 -4.14
C THR A 1079 -9.20 2.72 -2.95
N THR A 1080 -9.76 3.94 -2.98
CA THR A 1080 -10.70 4.32 -1.93
C THR A 1080 -11.94 3.43 -1.97
N LEU A 1081 -12.40 3.07 -3.17
CA LEU A 1081 -13.52 2.15 -3.30
C LEU A 1081 -13.20 0.76 -2.77
N ASN A 1082 -11.97 0.30 -2.98
CA ASN A 1082 -11.60 -1.04 -2.51
C ASN A 1082 -11.51 -1.10 -1.00
N ALA A 1083 -10.84 -0.11 -0.39
CA ALA A 1083 -10.84 -0.03 1.08
C ALA A 1083 -12.25 0.19 1.60
N PHE A 1084 -13.05 0.93 0.84
CA PHE A 1084 -14.43 1.21 1.19
C PHE A 1084 -15.27 -0.06 1.25
N VAL A 1085 -15.20 -0.88 0.21
CA VAL A 1085 -16.00 -2.11 0.21
C VAL A 1085 -15.43 -3.10 1.21
N ALA A 1086 -14.12 -3.00 1.51
CA ALA A 1086 -13.56 -3.83 2.58
C ALA A 1086 -14.14 -3.46 3.93
N GLN A 1087 -14.26 -2.17 4.23
CA GLN A 1087 -14.80 -1.84 5.53
C GLN A 1087 -16.33 -1.99 5.58
N GLN A 1088 -17.04 -1.95 4.45
CA GLN A 1088 -18.40 -2.49 4.51
C GLN A 1088 -18.46 -4.01 4.62
N LEU A 1089 -17.43 -4.75 4.21
CA LEU A 1089 -17.40 -6.16 4.60
C LEU A 1089 -17.27 -6.29 6.10
N VAL A 1090 -16.46 -5.41 6.71
CA VAL A 1090 -16.37 -5.34 8.16
C VAL A 1090 -17.72 -4.97 8.77
N ARG A 1091 -18.41 -4.00 8.16
CA ARG A 1091 -19.74 -3.63 8.64
C ARG A 1091 -20.74 -4.76 8.48
N SER A 1092 -20.58 -5.55 7.41
CA SER A 1092 -21.48 -6.68 7.17
C SER A 1092 -21.30 -7.75 8.23
N GLU A 1093 -20.05 -8.11 8.54
CA GLU A 1093 -19.85 -9.14 9.57
C GLU A 1093 -20.20 -8.61 10.95
N SER A 1094 -19.92 -7.33 11.23
CA SER A 1094 -20.29 -6.75 12.51
C SER A 1094 -21.79 -6.67 12.67
N ALA A 1095 -22.49 -6.29 11.60
CA ALA A 1095 -23.95 -6.27 11.62
C ALA A 1095 -24.53 -7.67 11.75
N ALA A 1096 -23.87 -8.66 11.15
CA ALA A 1096 -24.34 -10.04 11.27
C ALA A 1096 -24.22 -10.53 12.71
N LEU A 1097 -23.07 -10.33 13.34
CA LEU A 1097 -22.92 -10.75 14.72
C LEU A 1097 -23.79 -9.92 15.67
N SER A 1098 -23.98 -8.64 15.34
CA SER A 1098 -24.89 -7.80 16.12
C SER A 1098 -26.33 -8.29 16.01
N ALA A 1099 -26.73 -8.72 14.82
CA ALA A 1099 -28.06 -9.27 14.63
C ALA A 1099 -28.21 -10.60 15.35
N GLN A 1100 -27.15 -11.41 15.38
CA GLN A 1100 -27.19 -12.66 16.14
C GLN A 1100 -27.36 -12.38 17.63
N LEU A 1101 -26.61 -11.41 18.16
CA LEU A 1101 -26.78 -11.03 19.56
C LEU A 1101 -28.17 -10.46 19.81
N ALA A 1102 -28.70 -9.68 18.87
CA ALA A 1102 -30.02 -9.08 19.04
C ALA A 1102 -31.12 -10.14 19.04
N LYS A 1103 -31.04 -11.11 18.13
CA LYS A 1103 -32.05 -12.16 18.13
C LYS A 1103 -31.92 -13.05 19.36
N ASP A 1104 -30.69 -13.26 19.84
CA ASP A 1104 -30.51 -13.98 21.09
C ASP A 1104 -31.14 -13.23 22.25
N LYS A 1105 -30.99 -11.90 22.27
CA LYS A 1105 -31.64 -11.11 23.32
C LYS A 1105 -33.16 -11.18 23.22
N VAL A 1106 -33.70 -11.10 21.99
CA VAL A 1106 -35.15 -11.02 21.90
C VAL A 1106 -35.81 -12.36 22.19
N ASN A 1107 -35.22 -13.48 21.74
CA ASN A 1107 -35.84 -14.75 22.07
C ASN A 1107 -35.44 -15.25 23.46
N GLU A 1108 -34.40 -14.66 24.05
CA GLU A 1108 -33.91 -15.12 25.35
C GLU A 1108 -34.49 -14.31 26.50
N CYS A 1109 -34.22 -13.00 26.53
CA CYS A 1109 -34.60 -12.18 27.66
C CYS A 1109 -35.71 -11.19 27.33
N VAL A 1110 -36.29 -11.26 26.13
CA VAL A 1110 -37.47 -10.49 25.79
C VAL A 1110 -38.69 -11.39 25.57
N LYS A 1111 -38.50 -12.49 24.84
CA LYS A 1111 -39.59 -13.45 24.67
C LYS A 1111 -39.90 -14.16 25.97
N ALA A 1112 -38.90 -14.38 26.80
CA ALA A 1112 -39.07 -14.96 28.12
C ALA A 1112 -38.28 -14.15 29.13
N GLN A 1113 -38.44 -14.50 30.41
CA GLN A 1113 -37.67 -13.88 31.48
C GLN A 1113 -36.39 -14.69 31.68
N SER A 1114 -35.30 -14.24 31.09
CA SER A 1114 -34.03 -14.96 31.20
C SER A 1114 -33.48 -14.86 32.61
N LYS A 1115 -32.89 -15.97 33.07
CA LYS A 1115 -32.31 -16.04 34.40
C LYS A 1115 -30.87 -15.55 34.44
N ARG A 1116 -30.28 -15.25 33.28
CA ARG A 1116 -28.93 -14.69 33.22
C ARG A 1116 -29.02 -13.22 33.60
N SER A 1117 -28.70 -12.92 34.85
CA SER A 1117 -28.72 -11.53 35.31
C SER A 1117 -27.58 -10.76 34.68
N GLY A 1118 -27.89 -9.56 34.19
CA GLY A 1118 -26.90 -8.76 33.51
C GLY A 1118 -26.59 -9.18 32.10
N PHE A 1119 -27.32 -10.16 31.56
CA PHE A 1119 -27.12 -10.56 30.18
C PHE A 1119 -27.58 -9.47 29.22
N CYS A 1120 -28.78 -8.94 29.44
CA CYS A 1120 -29.28 -7.80 28.71
C CYS A 1120 -29.74 -6.67 29.62
N GLY A 1121 -30.21 -7.00 30.82
CA GLY A 1121 -30.55 -5.99 31.81
C GLY A 1121 -29.85 -6.27 33.11
N GLN A 1122 -29.02 -5.31 33.56
CA GLN A 1122 -28.23 -5.53 34.76
C GLN A 1122 -29.12 -5.51 36.01
N GLY A 1123 -28.56 -6.04 37.10
CA GLY A 1123 -29.33 -6.20 38.31
C GLY A 1123 -30.38 -7.28 38.16
N THR A 1124 -31.38 -7.21 39.04
CA THR A 1124 -32.50 -8.15 38.99
C THR A 1124 -33.46 -7.68 37.90
N HIS A 1125 -33.14 -8.06 36.67
CA HIS A 1125 -33.97 -7.71 35.53
C HIS A 1125 -35.32 -8.41 35.60
N ILE A 1126 -36.37 -7.70 35.19
CA ILE A 1126 -37.72 -8.25 35.24
C ILE A 1126 -38.29 -8.38 33.84
N VAL A 1127 -38.44 -7.25 33.13
CA VAL A 1127 -39.21 -7.24 31.90
C VAL A 1127 -38.38 -6.53 30.83
N SER A 1128 -38.72 -6.80 29.57
CA SER A 1128 -38.00 -6.24 28.43
C SER A 1128 -38.97 -5.62 27.44
N PHE A 1129 -38.46 -4.65 26.68
CA PHE A 1129 -39.19 -4.04 25.58
C PHE A 1129 -38.23 -3.80 24.42
N VAL A 1130 -38.77 -3.83 23.20
CA VAL A 1130 -37.98 -3.73 21.99
C VAL A 1130 -38.63 -2.70 21.07
N VAL A 1131 -37.84 -1.74 20.61
CA VAL A 1131 -38.33 -0.79 19.61
C VAL A 1131 -37.29 -0.70 18.50
N ASN A 1132 -37.74 -0.35 17.30
CA ASN A 1132 -36.88 -0.29 16.14
C ASN A 1132 -36.06 1.00 16.13
N ALA A 1133 -35.10 1.06 15.21
CA ALA A 1133 -34.25 2.21 15.02
C ALA A 1133 -33.75 2.16 13.59
N PRO A 1134 -33.58 3.31 12.92
CA PRO A 1134 -33.29 3.28 11.48
C PRO A 1134 -31.98 2.61 11.12
N ASN A 1135 -31.07 2.45 12.08
CA ASN A 1135 -29.86 1.68 11.88
C ASN A 1135 -29.82 0.41 12.73
N GLY A 1136 -30.73 0.24 13.67
CA GLY A 1136 -30.66 -0.90 14.57
C GLY A 1136 -31.89 -1.13 15.42
N LEU A 1137 -31.66 -1.55 16.66
CA LEU A 1137 -32.74 -1.95 17.55
C LEU A 1137 -32.42 -1.53 18.97
N TYR A 1138 -33.40 -0.95 19.65
CA TYR A 1138 -33.25 -0.41 20.99
C TYR A 1138 -34.04 -1.26 21.97
N PHE A 1139 -33.50 -1.38 23.17
CA PHE A 1139 -33.97 -2.29 24.19
C PHE A 1139 -34.22 -1.52 25.48
N MET A 1140 -35.36 -1.81 26.10
CA MET A 1140 -35.83 -1.14 27.32
C MET A 1140 -35.97 -2.26 28.35
N HIS A 1141 -34.91 -2.53 29.09
CA HIS A 1141 -34.91 -3.63 30.04
C HIS A 1141 -35.13 -3.05 31.43
N VAL A 1142 -36.32 -3.29 31.98
CA VAL A 1142 -36.70 -2.76 33.28
C VAL A 1142 -36.45 -3.83 34.32
N GLY A 1143 -35.75 -3.47 35.40
CA GLY A 1143 -35.40 -4.45 36.41
C GLY A 1143 -35.63 -3.93 37.81
N TYR A 1144 -35.67 -4.86 38.75
CA TYR A 1144 -35.72 -4.51 40.15
C TYR A 1144 -34.31 -4.18 40.64
N TYR A 1145 -34.22 -3.12 41.44
CA TYR A 1145 -32.97 -2.72 42.04
C TYR A 1145 -33.19 -2.45 43.52
N PRO A 1146 -32.32 -2.97 44.37
CA PRO A 1146 -32.58 -2.96 45.82
C PRO A 1146 -32.25 -1.63 46.47
N SER A 1147 -32.80 -1.45 47.67
CA SER A 1147 -32.52 -0.27 48.48
C SER A 1147 -32.86 -0.60 49.92
N ASN A 1148 -32.32 0.21 50.83
CA ASN A 1148 -32.51 0.11 52.28
C ASN A 1148 -32.09 -1.28 52.78
N HIS A 1149 -30.79 -1.53 52.64
CA HIS A 1149 -30.19 -2.79 53.03
C HIS A 1149 -29.93 -2.76 54.53
N ILE A 1150 -30.60 -3.64 55.27
CA ILE A 1150 -30.41 -3.77 56.71
C ILE A 1150 -29.66 -5.07 56.98
N GLU A 1151 -29.21 -5.21 58.22
CA GLU A 1151 -28.44 -6.37 58.65
C GLU A 1151 -29.33 -7.27 59.51
N VAL A 1152 -29.27 -8.57 59.24
CA VAL A 1152 -30.15 -9.55 59.89
C VAL A 1152 -29.33 -10.78 60.25
N VAL A 1153 -29.88 -11.56 61.18
CA VAL A 1153 -29.36 -12.88 61.50
C VAL A 1153 -30.27 -13.91 60.86
N SER A 1154 -29.65 -14.88 60.18
CA SER A 1154 -30.39 -15.90 59.46
C SER A 1154 -29.64 -17.21 59.58
N ALA A 1155 -30.35 -18.30 59.33
CA ALA A 1155 -29.81 -19.64 59.56
C ALA A 1155 -29.78 -20.38 58.22
N TYR A 1156 -29.21 -21.58 58.24
CA TYR A 1156 -29.20 -22.46 57.08
C TYR A 1156 -30.31 -23.51 57.11
N GLY A 1157 -30.63 -24.03 58.28
CA GLY A 1157 -31.71 -25.00 58.38
C GLY A 1157 -32.19 -25.14 59.82
N LEU A 1158 -33.50 -25.25 59.97
CA LEU A 1158 -34.11 -25.56 61.26
C LEU A 1158 -34.55 -27.01 61.28
N CYS A 1159 -34.10 -27.75 62.27
CA CYS A 1159 -34.43 -29.16 62.41
C CYS A 1159 -35.07 -29.39 63.76
N ASP A 1160 -35.80 -30.47 63.87
CA ASP A 1160 -36.28 -30.90 65.17
C ASP A 1160 -35.10 -31.37 66.02
N ALA A 1161 -35.10 -31.01 67.30
CA ALA A 1161 -34.09 -31.55 68.20
C ALA A 1161 -34.33 -33.03 68.46
N ALA A 1162 -35.60 -33.43 68.61
CA ALA A 1162 -35.93 -34.83 68.79
C ALA A 1162 -35.79 -35.62 67.50
N ASN A 1163 -35.91 -34.95 66.35
CA ASN A 1163 -35.72 -35.58 65.04
C ASN A 1163 -34.71 -34.76 64.26
N PRO A 1164 -33.41 -34.90 64.56
CA PRO A 1164 -32.40 -34.17 63.79
C PRO A 1164 -32.30 -34.63 62.34
N THR A 1165 -32.77 -35.85 62.04
CA THR A 1165 -32.84 -36.29 60.65
C THR A 1165 -33.82 -35.43 59.87
N ASN A 1166 -34.94 -35.07 60.48
CA ASN A 1166 -35.89 -34.15 59.88
C ASN A 1166 -35.31 -32.75 59.92
N CYS A 1167 -34.66 -32.33 58.84
CA CYS A 1167 -34.18 -30.98 58.69
C CYS A 1167 -34.93 -30.27 57.59
N ILE A 1168 -35.10 -28.97 57.77
CA ILE A 1168 -35.96 -28.13 56.95
C ILE A 1168 -35.12 -26.98 56.40
N ALA A 1169 -35.10 -26.83 55.08
CA ALA A 1169 -34.35 -25.77 54.43
C ALA A 1169 -35.28 -24.93 53.56
N PRO A 1170 -35.16 -23.61 53.59
CA PRO A 1170 -36.15 -22.77 52.93
C PRO A 1170 -35.99 -22.76 51.42
N VAL A 1171 -37.13 -22.86 50.74
CA VAL A 1171 -37.20 -22.67 49.29
C VAL A 1171 -37.13 -21.17 49.04
N ASN A 1172 -36.23 -20.77 48.13
CA ASN A 1172 -35.94 -19.41 47.63
C ASN A 1172 -36.13 -18.30 48.66
N GLY A 1173 -35.60 -18.51 49.85
CA GLY A 1173 -35.75 -17.53 50.91
C GLY A 1173 -34.86 -17.87 52.08
N TYR A 1174 -35.09 -17.14 53.16
CA TYR A 1174 -34.27 -17.21 54.36
C TYR A 1174 -35.14 -17.42 55.59
N PHE A 1175 -34.69 -18.31 56.48
CA PHE A 1175 -35.20 -18.34 57.83
C PHE A 1175 -34.69 -17.11 58.59
N ILE A 1176 -35.59 -16.43 59.27
CA ILE A 1176 -35.29 -15.09 59.76
C ILE A 1176 -35.82 -14.94 61.18
N LYS A 1177 -35.00 -14.32 62.05
CA LYS A 1177 -35.40 -13.94 63.40
C LYS A 1177 -34.89 -12.51 63.62
N THR A 1178 -35.77 -11.53 63.48
CA THR A 1178 -35.40 -10.14 63.74
C THR A 1178 -36.12 -9.56 64.95
N ASN A 1179 -37.45 -9.55 64.95
CA ASN A 1179 -38.23 -8.99 66.03
C ASN A 1179 -39.62 -9.59 66.01
N ASN A 1180 -40.26 -9.64 67.17
CA ASN A 1180 -41.63 -10.13 67.27
C ASN A 1180 -42.32 -9.58 68.51
N GLU A 1186 -38.12 -14.86 67.03
CA GLU A 1186 -38.98 -15.92 66.54
C GLU A 1186 -38.69 -16.23 65.08
N TRP A 1187 -38.61 -17.52 64.76
CA TRP A 1187 -38.33 -17.93 63.38
C TRP A 1187 -39.51 -17.63 62.47
N SER A 1188 -39.18 -17.15 61.28
CA SER A 1188 -40.16 -16.94 60.22
C SER A 1188 -39.44 -17.07 58.88
N TYR A 1189 -40.15 -16.82 57.80
CA TYR A 1189 -39.59 -16.98 56.46
C TYR A 1189 -39.67 -15.66 55.71
N THR A 1190 -38.61 -15.36 54.96
CA THR A 1190 -38.59 -14.22 54.06
C THR A 1190 -38.04 -14.68 52.72
N GLY A 1191 -38.15 -13.81 51.71
CA GLY A 1191 -37.62 -14.14 50.40
C GLY A 1191 -36.12 -13.96 50.32
N SER A 1192 -35.53 -14.56 49.28
CA SER A 1192 -34.10 -14.40 49.04
C SER A 1192 -33.73 -13.03 48.49
N SER A 1193 -34.70 -12.29 47.95
CA SER A 1193 -34.42 -11.00 47.34
C SER A 1193 -34.99 -9.84 48.13
N PHE A 1194 -36.20 -9.96 48.65
CA PHE A 1194 -36.86 -8.89 49.37
C PHE A 1194 -37.08 -9.27 50.82
N TYR A 1195 -37.01 -8.26 51.68
CA TYR A 1195 -37.36 -8.41 53.09
C TYR A 1195 -38.87 -8.52 53.22
N ALA A 1196 -39.39 -9.75 53.15
CA ALA A 1196 -40.82 -10.02 53.29
C ALA A 1196 -40.99 -11.13 54.33
N PRO A 1197 -40.85 -10.81 55.61
CA PRO A 1197 -40.96 -11.85 56.65
C PRO A 1197 -42.39 -12.37 56.78
N GLU A 1198 -42.52 -13.68 56.93
CA GLU A 1198 -43.82 -14.31 57.06
C GLU A 1198 -43.61 -15.65 57.76
N PRO A 1199 -44.59 -16.11 58.56
CA PRO A 1199 -44.39 -17.36 59.32
C PRO A 1199 -44.33 -18.57 58.41
N ILE A 1200 -43.41 -19.49 58.72
CA ILE A 1200 -43.06 -20.56 57.80
C ILE A 1200 -44.25 -21.52 57.63
N THR A 1201 -44.32 -22.13 56.45
CA THR A 1201 -45.32 -23.14 56.15
C THR A 1201 -44.62 -24.34 55.54
N SER A 1202 -45.38 -25.31 55.04
CA SER A 1202 -44.78 -26.41 54.31
C SER A 1202 -44.67 -26.12 52.81
N LEU A 1203 -45.23 -25.02 52.35
CA LEU A 1203 -45.25 -24.69 50.93
C LEU A 1203 -44.13 -23.74 50.52
N ASN A 1204 -43.27 -23.33 51.45
CA ASN A 1204 -42.19 -22.42 51.10
C ASN A 1204 -40.83 -22.98 51.48
N THR A 1205 -40.71 -24.29 51.66
CA THR A 1205 -39.46 -24.89 52.12
C THR A 1205 -39.40 -26.35 51.68
N LYS A 1206 -38.47 -27.09 52.24
CA LYS A 1206 -38.25 -28.47 51.85
C LYS A 1206 -37.63 -29.24 53.02
N TYR A 1207 -37.80 -30.57 52.96
CA TYR A 1207 -37.13 -31.47 53.90
C TYR A 1207 -35.72 -31.78 53.41
N VAL A 1208 -34.75 -31.61 54.31
CA VAL A 1208 -33.35 -31.88 54.01
C VAL A 1208 -32.75 -32.72 55.13
N ALA A 1209 -31.46 -33.03 54.97
CA ALA A 1209 -30.69 -33.98 55.76
C ALA A 1209 -30.06 -33.31 56.98
N PRO A 1210 -29.72 -34.09 58.02
CA PRO A 1210 -29.03 -33.52 59.18
C PRO A 1210 -27.62 -33.04 58.84
N GLN A 1211 -27.41 -31.73 58.94
CA GLN A 1211 -26.09 -31.12 58.84
C GLN A 1211 -25.80 -30.31 60.10
N VAL A 1212 -24.52 -30.28 60.47
CA VAL A 1212 -24.10 -29.73 61.75
C VAL A 1212 -24.29 -28.22 61.81
N THR A 1213 -24.31 -27.54 60.67
CA THR A 1213 -24.49 -26.09 60.64
C THR A 1213 -25.93 -25.68 60.84
N TYR A 1214 -26.86 -26.63 60.93
CA TYR A 1214 -28.26 -26.32 61.06
C TYR A 1214 -28.60 -26.03 62.52
N GLN A 1215 -29.87 -25.75 62.79
CA GLN A 1215 -30.36 -25.45 64.12
C GLN A 1215 -31.38 -26.51 64.51
N ASN A 1216 -31.13 -27.20 65.61
CA ASN A 1216 -31.90 -28.39 65.97
C ASN A 1216 -32.67 -28.05 67.25
N ILE A 1217 -33.85 -27.49 67.05
CA ILE A 1217 -34.62 -26.83 68.10
C ILE A 1217 -35.95 -27.56 68.28
N SER A 1218 -36.41 -27.65 69.54
CA SER A 1218 -37.67 -28.31 69.83
C SER A 1218 -38.62 -27.51 70.71
N THR A 1219 -38.25 -26.30 71.14
CA THR A 1219 -39.12 -25.53 72.03
C THR A 1219 -40.37 -25.04 71.32
N ASN A 1220 -40.37 -24.97 69.99
CA ASN A 1220 -41.55 -24.57 69.23
C ASN A 1220 -41.51 -25.33 67.92
N LEU A 1221 -42.20 -26.46 67.86
CA LEU A 1221 -42.24 -27.27 66.65
C LEU A 1221 -43.23 -26.67 65.66
N PRO A 1222 -42.80 -26.25 64.47
CA PRO A 1222 -43.75 -25.78 63.48
C PRO A 1222 -44.53 -26.94 62.89
N PRO A 1223 -45.70 -26.69 62.33
CA PRO A 1223 -46.37 -27.71 61.51
C PRO A 1223 -45.57 -28.11 60.28
N PRO A 1224 -44.64 -27.27 59.77
CA PRO A 1224 -43.59 -27.83 58.92
C PRO A 1224 -42.81 -28.98 59.56
N LEU A 1225 -42.50 -28.88 60.85
CA LEU A 1225 -41.80 -29.95 61.55
C LEU A 1225 -42.75 -30.98 62.14
N LEU A 1226 -44.05 -30.75 62.06
CA LEU A 1226 -45.03 -31.65 62.66
C LEU A 1226 -45.85 -32.37 61.58
N VAL B 22 56.80 6.41 -10.26
CA VAL B 22 58.08 5.73 -10.22
C VAL B 22 58.67 5.80 -8.80
N ASP B 23 59.44 4.79 -8.45
CA ASP B 23 60.15 4.78 -7.18
C ASP B 23 61.62 4.46 -7.38
N VAL B 24 62.35 4.24 -6.30
CA VAL B 24 63.76 3.88 -6.34
C VAL B 24 63.89 2.39 -6.02
N GLY B 25 64.71 1.70 -6.81
CA GLY B 25 64.85 0.27 -6.66
C GLY B 25 66.18 -0.27 -7.15
N PRO B 26 66.88 -0.99 -6.28
CA PRO B 26 68.11 -1.68 -6.70
C PRO B 26 67.79 -2.98 -7.42
N ASP B 27 68.84 -3.61 -7.93
CA ASP B 27 68.79 -4.95 -8.47
C ASP B 27 69.73 -5.83 -7.66
N SER B 28 69.31 -7.05 -7.34
CA SER B 28 70.02 -7.82 -6.34
C SER B 28 71.29 -8.45 -6.87
N VAL B 29 71.17 -9.39 -7.82
CA VAL B 29 72.31 -10.17 -8.29
C VAL B 29 72.29 -10.31 -9.80
N LYS B 30 73.19 -11.14 -10.33
CA LYS B 30 73.31 -11.44 -11.74
C LYS B 30 72.02 -12.06 -12.30
N SER B 31 71.92 -12.04 -13.62
CA SER B 31 70.78 -12.63 -14.32
C SER B 31 71.03 -14.12 -14.62
N ALA B 32 71.14 -14.89 -13.53
CA ALA B 32 71.28 -16.34 -13.62
C ALA B 32 70.50 -16.92 -12.43
N CYS B 33 69.24 -17.26 -12.67
CA CYS B 33 68.37 -17.73 -11.60
C CYS B 33 68.74 -19.14 -11.17
N ILE B 34 68.55 -19.41 -9.88
CA ILE B 34 68.89 -20.71 -9.32
C ILE B 34 67.92 -21.77 -9.83
N GLU B 35 68.36 -23.02 -9.77
CA GLU B 35 67.61 -24.12 -10.37
C GLU B 35 66.38 -24.45 -9.54
N VAL B 36 65.24 -24.57 -10.21
CA VAL B 36 63.95 -24.82 -9.59
C VAL B 36 63.35 -26.07 -10.23
N ASP B 37 62.89 -27.00 -9.40
CA ASP B 37 62.30 -28.24 -9.86
C ASP B 37 60.78 -28.16 -9.75
N ILE B 38 60.11 -29.26 -10.10
CA ILE B 38 58.68 -29.44 -9.87
C ILE B 38 58.49 -30.79 -9.19
N GLN B 39 58.07 -30.77 -7.94
CA GLN B 39 57.82 -32.00 -7.19
C GLN B 39 56.50 -31.87 -6.44
N GLN B 40 55.46 -31.45 -7.17
CA GLN B 40 54.13 -31.28 -6.57
C GLN B 40 53.52 -32.60 -6.14
N THR B 41 54.07 -33.73 -6.59
CA THR B 41 53.58 -35.04 -6.16
C THR B 41 53.76 -35.22 -4.65
N PHE B 42 54.92 -34.81 -4.12
CA PHE B 42 55.13 -34.87 -2.67
C PHE B 42 54.24 -33.89 -1.94
N PHE B 43 53.92 -32.76 -2.56
CA PHE B 43 53.12 -31.73 -1.92
C PHE B 43 51.66 -32.11 -1.76
N ASP B 44 51.20 -33.17 -2.43
CA ASP B 44 49.81 -33.60 -2.35
C ASP B 44 49.59 -34.26 -1.00
N LYS B 45 49.14 -33.47 -0.02
CA LYS B 45 48.84 -33.95 1.32
C LYS B 45 47.42 -33.56 1.67
N THR B 46 46.64 -34.52 2.18
CA THR B 46 45.23 -34.31 2.50
C THR B 46 45.12 -33.94 3.97
N TRP B 47 45.12 -32.63 4.23
CA TRP B 47 44.88 -32.09 5.57
C TRP B 47 43.80 -31.04 5.47
N PRO B 48 42.53 -31.44 5.52
CA PRO B 48 41.43 -30.46 5.46
C PRO B 48 41.10 -29.91 6.83
N ARG B 49 40.96 -28.58 6.90
CA ARG B 49 40.45 -27.90 8.09
C ARG B 49 39.34 -26.99 7.61
N PRO B 50 38.12 -27.49 7.45
CA PRO B 50 37.02 -26.66 6.94
C PRO B 50 36.64 -25.56 7.92
N ILE B 51 36.20 -24.44 7.36
CA ILE B 51 35.80 -23.30 8.17
C ILE B 51 34.44 -23.60 8.82
N ASP B 52 34.19 -22.94 9.93
CA ASP B 52 32.91 -23.05 10.64
C ASP B 52 32.37 -21.66 10.90
N VAL B 53 31.19 -21.37 10.36
CA VAL B 53 30.56 -20.09 10.63
C VAL B 53 30.12 -20.01 12.10
N SER B 54 29.82 -21.16 12.71
CA SER B 54 29.47 -21.17 14.13
C SER B 54 30.68 -20.81 14.98
N LYS B 55 31.88 -21.22 14.55
CA LYS B 55 33.10 -20.77 15.17
C LYS B 55 33.62 -19.47 14.58
N ALA B 56 32.93 -18.94 13.57
CA ALA B 56 33.29 -17.70 12.88
C ALA B 56 34.70 -17.76 12.31
N ASP B 57 34.94 -18.78 11.50
CA ASP B 57 36.27 -19.05 10.95
C ASP B 57 36.44 -18.28 9.65
N GLY B 58 37.36 -17.31 9.65
CA GLY B 58 37.66 -16.51 8.48
C GLY B 58 36.48 -15.68 8.00
N ILE B 59 35.79 -15.04 8.94
CA ILE B 59 34.58 -14.28 8.64
C ILE B 59 34.89 -12.80 8.87
N ILE B 60 34.53 -11.97 7.88
CA ILE B 60 34.94 -10.57 7.88
C ILE B 60 34.24 -9.79 8.98
N TYR B 61 34.73 -8.56 9.20
CA TYR B 61 34.23 -7.72 10.28
C TYR B 61 33.87 -6.33 9.74
N PRO B 62 32.84 -5.69 10.29
CA PRO B 62 32.42 -4.38 9.75
C PRO B 62 33.47 -3.29 9.91
N GLN B 63 33.39 -2.31 9.01
CA GLN B 63 34.44 -1.31 8.87
C GLN B 63 34.50 -0.31 10.00
N GLY B 64 33.36 0.25 10.44
CA GLY B 64 33.38 1.32 11.40
C GLY B 64 32.31 1.22 12.47
N ARG B 65 31.60 0.11 12.51
CA ARG B 65 30.50 -0.08 13.45
C ARG B 65 30.69 -1.36 14.23
N THR B 66 30.14 -1.38 15.44
CA THR B 66 30.09 -2.58 16.25
C THR B 66 28.80 -2.55 17.07
N TYR B 67 28.31 -3.74 17.41
CA TYR B 67 27.15 -3.91 18.26
C TYR B 67 27.57 -4.60 19.55
N SER B 68 26.60 -4.92 20.40
CA SER B 68 26.91 -5.54 21.68
C SER B 68 25.79 -6.46 22.12
N ASN B 69 26.14 -7.72 22.41
CA ASN B 69 25.30 -8.68 23.12
C ASN B 69 24.02 -9.00 22.35
N ILE B 70 24.05 -8.94 21.02
CA ILE B 70 22.87 -9.17 20.21
C ILE B 70 23.23 -10.00 18.98
N THR B 71 22.23 -10.68 18.45
CA THR B 71 22.34 -11.42 17.19
C THR B 71 21.75 -10.55 16.08
N ILE B 72 22.57 -10.20 15.10
CA ILE B 72 22.18 -9.27 14.06
C ILE B 72 22.52 -9.85 12.69
N THR B 73 21.56 -9.76 11.76
CA THR B 73 21.80 -10.19 10.40
C THR B 73 22.63 -9.15 9.65
N TYR B 74 23.39 -9.61 8.67
CA TYR B 74 24.26 -8.73 7.92
C TYR B 74 24.52 -9.32 6.55
N GLN B 75 24.36 -8.48 5.51
CA GLN B 75 24.69 -8.85 4.14
C GLN B 75 26.12 -8.42 3.87
N GLY B 76 26.93 -9.34 3.36
CA GLY B 76 28.32 -9.01 3.10
C GLY B 76 29.01 -10.15 2.37
N LEU B 77 30.26 -9.87 2.00
CA LEU B 77 31.09 -10.85 1.30
C LEU B 77 31.51 -11.91 2.30
N PHE B 78 30.93 -13.10 2.18
CA PHE B 78 31.07 -14.21 3.10
C PHE B 78 31.47 -15.47 2.33
N PRO B 79 32.25 -16.36 2.93
CA PRO B 79 32.61 -17.61 2.25
C PRO B 79 31.58 -18.70 2.48
N TYR B 80 31.65 -19.72 1.63
CA TYR B 80 30.80 -20.89 1.79
C TYR B 80 31.21 -21.69 3.01
N GLN B 81 30.22 -22.09 3.79
CA GLN B 81 30.49 -22.77 5.06
C GLN B 81 31.04 -24.16 4.82
N GLY B 82 32.11 -24.50 5.54
CA GLY B 82 32.65 -25.85 5.52
C GLY B 82 33.24 -26.30 4.21
N ASP B 83 33.87 -25.40 3.47
CA ASP B 83 34.61 -25.80 2.28
C ASP B 83 35.84 -26.59 2.69
N HIS B 84 36.26 -27.49 1.80
CA HIS B 84 37.37 -28.39 2.10
C HIS B 84 38.67 -27.61 2.33
N GLY B 85 38.90 -26.59 1.53
CA GLY B 85 40.05 -25.72 1.71
C GLY B 85 40.96 -25.74 0.50
N ASP B 86 42.12 -25.13 0.66
CA ASP B 86 43.13 -25.00 -0.38
C ASP B 86 44.49 -25.36 0.22
N MET B 87 44.56 -26.58 0.75
CA MET B 87 45.74 -27.13 1.41
C MET B 87 47.04 -26.96 0.64
N TYR B 88 47.88 -26.04 1.13
CA TYR B 88 49.21 -25.79 0.61
C TYR B 88 50.17 -25.70 1.80
N VAL B 89 51.42 -26.11 1.57
CA VAL B 89 52.42 -26.10 2.62
C VAL B 89 53.77 -25.80 1.98
N TYR B 90 54.61 -25.07 2.70
CA TYR B 90 55.94 -24.70 2.23
C TYR B 90 56.99 -25.63 2.80
N SER B 91 58.02 -25.90 1.99
CA SER B 91 59.07 -26.84 2.36
C SER B 91 60.40 -26.32 1.84
N ALA B 92 61.47 -26.87 2.40
CA ALA B 92 62.83 -26.46 2.06
C ALA B 92 63.30 -27.17 0.80
N GLY B 93 64.31 -26.58 0.14
CA GLY B 93 64.94 -27.18 -1.00
C GLY B 93 65.88 -28.30 -0.60
N HIS B 94 66.43 -28.97 -1.62
CA HIS B 94 67.36 -30.06 -1.37
C HIS B 94 68.65 -29.53 -0.75
N ALA B 95 69.21 -30.32 0.15
CA ALA B 95 70.44 -29.96 0.82
C ALA B 95 71.21 -31.24 1.12
N THR B 96 72.53 -31.17 0.98
CA THR B 96 73.41 -32.28 1.32
C THR B 96 74.30 -31.81 2.47
N GLY B 97 74.13 -32.42 3.63
CA GLY B 97 74.80 -31.95 4.83
C GLY B 97 74.24 -30.61 5.24
N THR B 98 75.04 -29.55 5.12
CA THR B 98 74.60 -28.19 5.39
C THR B 98 74.57 -27.32 4.15
N THR B 99 74.82 -27.88 2.97
CA THR B 99 74.88 -27.10 1.75
C THR B 99 73.55 -27.17 1.03
N PRO B 100 72.79 -26.07 0.96
CA PRO B 100 71.49 -26.11 0.28
C PRO B 100 71.68 -26.17 -1.23
N GLN B 101 71.30 -27.29 -1.81
CA GLN B 101 71.38 -27.52 -3.25
C GLN B 101 70.07 -27.05 -3.90
N LYS B 102 69.80 -27.56 -5.11
CA LYS B 102 68.62 -27.23 -5.91
C LYS B 102 67.33 -27.27 -5.10
N LEU B 103 66.37 -26.44 -5.51
CA LEU B 103 65.19 -26.16 -4.73
C LEU B 103 64.26 -27.36 -4.68
N PHE B 104 63.13 -27.19 -3.97
CA PHE B 104 62.10 -28.22 -3.86
C PHE B 104 60.77 -27.50 -3.69
N VAL B 105 60.01 -27.38 -4.79
CA VAL B 105 58.73 -26.70 -4.77
C VAL B 105 57.73 -27.50 -5.58
N ALA B 106 56.46 -27.12 -5.44
CA ALA B 106 55.36 -27.72 -6.19
C ALA B 106 55.15 -26.91 -7.48
N ASN B 107 54.04 -27.16 -8.17
CA ASN B 107 53.74 -26.54 -9.45
C ASN B 107 52.99 -25.23 -9.30
N TYR B 108 53.15 -24.52 -8.19
CA TYR B 108 52.41 -23.28 -7.95
C TYR B 108 52.80 -22.14 -8.89
N SER B 109 53.89 -22.30 -9.64
CA SER B 109 54.28 -21.28 -10.61
C SER B 109 53.22 -21.11 -11.69
N GLN B 110 52.81 -22.21 -12.32
CA GLN B 110 51.82 -22.13 -13.39
C GLN B 110 50.39 -22.20 -12.88
N ASP B 111 50.17 -22.54 -11.62
CA ASP B 111 48.84 -22.57 -11.06
C ASP B 111 48.37 -21.14 -10.79
N VAL B 112 47.32 -20.73 -11.49
CA VAL B 112 46.77 -19.38 -11.38
C VAL B 112 45.26 -19.48 -11.38
N LYS B 113 44.62 -18.65 -10.56
CA LYS B 113 43.17 -18.66 -10.44
C LYS B 113 42.67 -17.23 -10.43
N GLN B 114 41.40 -17.05 -10.80
CA GLN B 114 40.81 -15.73 -10.83
C GLN B 114 40.71 -15.13 -9.44
N PHE B 115 40.90 -13.82 -9.36
CA PHE B 115 40.64 -13.12 -8.10
C PHE B 115 39.17 -13.24 -7.71
N ALA B 116 38.28 -13.12 -8.71
CA ALA B 116 36.83 -13.19 -8.55
C ALA B 116 36.32 -12.17 -7.55
N ASN B 117 36.05 -12.61 -6.32
CA ASN B 117 35.48 -11.75 -5.29
C ASN B 117 36.22 -11.92 -3.98
N GLY B 118 37.55 -11.88 -4.03
CA GLY B 118 38.36 -11.91 -2.84
C GLY B 118 38.44 -13.29 -2.21
N PHE B 119 39.38 -13.43 -1.28
CA PHE B 119 39.61 -14.70 -0.62
C PHE B 119 40.36 -14.48 0.67
N VAL B 120 40.31 -15.49 1.54
CA VAL B 120 40.93 -15.44 2.85
C VAL B 120 41.92 -16.59 2.98
N VAL B 121 42.95 -16.35 3.78
CA VAL B 121 44.00 -17.31 4.09
C VAL B 121 44.08 -17.48 5.60
N ARG B 122 44.01 -18.72 6.06
CA ARG B 122 44.12 -19.02 7.47
C ARG B 122 45.54 -19.50 7.76
N ILE B 123 46.25 -18.75 8.60
CA ILE B 123 47.68 -18.94 8.80
C ILE B 123 47.91 -19.54 10.18
N GLY B 124 48.65 -20.64 10.23
CA GLY B 124 49.03 -21.24 11.49
C GLY B 124 47.92 -21.95 12.23
N ALA B 125 46.91 -22.45 11.52
CA ALA B 125 45.79 -23.12 12.19
C ALA B 125 46.22 -24.40 12.89
N ALA B 126 47.08 -25.20 12.25
CA ALA B 126 47.57 -26.44 12.84
C ALA B 126 48.95 -26.25 13.47
N ALA B 127 49.20 -25.08 14.06
CA ALA B 127 50.50 -24.77 14.61
C ALA B 127 50.78 -25.59 15.86
N ASN B 128 52.07 -25.71 16.18
CA ASN B 128 52.59 -26.41 17.36
C ASN B 128 52.22 -27.89 17.36
N SER B 129 52.01 -28.47 16.19
CA SER B 129 51.86 -29.91 16.02
C SER B 129 53.16 -30.49 15.48
N THR B 130 53.11 -31.77 15.13
CA THR B 130 54.25 -32.46 14.52
C THR B 130 53.75 -33.30 13.35
N GLY B 131 54.24 -33.01 12.16
CA GLY B 131 53.84 -33.74 10.97
C GLY B 131 55.06 -34.05 10.12
N THR B 132 54.85 -34.96 9.16
CA THR B 132 55.94 -35.38 8.30
C THR B 132 56.39 -34.25 7.38
N VAL B 133 57.65 -34.29 6.98
CA VAL B 133 58.25 -33.28 6.12
C VAL B 133 58.06 -33.70 4.67
N ILE B 134 57.74 -32.72 3.82
CA ILE B 134 57.38 -33.02 2.44
C ILE B 134 58.61 -33.48 1.65
N ILE B 135 59.74 -32.79 1.84
CA ILE B 135 60.95 -33.15 1.11
C ILE B 135 61.52 -34.47 1.64
N SER B 136 61.51 -34.67 2.95
CA SER B 136 61.96 -35.92 3.55
C SER B 136 60.77 -36.57 4.22
N PRO B 137 60.06 -37.46 3.52
CA PRO B 137 58.91 -38.15 4.15
C PRO B 137 59.30 -39.04 5.31
N SER B 138 60.56 -39.47 5.38
CA SER B 138 61.08 -40.18 6.53
C SER B 138 61.26 -39.30 7.75
N THR B 139 61.21 -37.97 7.58
CA THR B 139 61.38 -37.03 8.67
C THR B 139 60.02 -36.49 9.10
N SER B 140 59.75 -36.55 10.40
CA SER B 140 58.58 -35.93 11.00
C SER B 140 59.07 -34.83 11.94
N ALA B 141 58.63 -33.60 11.70
CA ALA B 141 59.15 -32.44 12.39
C ALA B 141 58.00 -31.57 12.91
N THR B 142 58.35 -30.69 13.85
CA THR B 142 57.40 -29.78 14.46
C THR B 142 57.07 -28.64 13.50
N ILE B 143 55.78 -28.35 13.39
CA ILE B 143 55.27 -27.32 12.49
C ILE B 143 55.17 -25.99 13.22
N ARG B 144 55.56 -24.92 12.54
CA ARG B 144 55.33 -23.56 13.00
C ARG B 144 54.81 -22.71 11.85
N LYS B 145 54.42 -21.48 12.18
CA LYS B 145 53.80 -20.60 11.20
C LYS B 145 54.82 -20.14 10.16
N ILE B 146 54.37 -20.13 8.91
CA ILE B 146 55.15 -19.56 7.80
C ILE B 146 54.21 -18.62 7.05
N TYR B 147 54.78 -17.52 6.57
CA TYR B 147 53.96 -16.51 5.94
C TYR B 147 54.07 -16.57 4.42
N PRO B 148 52.95 -16.58 3.70
CA PRO B 148 52.98 -16.73 2.26
C PRO B 148 53.07 -15.39 1.53
N ALA B 149 53.45 -15.48 0.25
CA ALA B 149 53.59 -14.33 -0.63
C ALA B 149 52.71 -14.54 -1.85
N PHE B 150 52.22 -13.45 -2.44
CA PHE B 150 51.26 -13.63 -3.52
C PHE B 150 51.49 -12.60 -4.63
N MET B 151 51.10 -12.98 -5.85
CA MET B 151 51.31 -12.14 -7.02
C MET B 151 50.01 -12.04 -7.82
N LEU B 152 49.59 -10.80 -8.08
CA LEU B 152 48.27 -10.51 -8.60
C LEU B 152 48.35 -9.57 -9.79
N GLY B 153 47.34 -9.68 -10.65
CA GLY B 153 47.23 -8.84 -11.83
C GLY B 153 45.96 -9.14 -12.57
N SER B 154 45.63 -8.26 -13.51
CA SER B 154 44.39 -8.37 -14.27
C SER B 154 44.51 -9.26 -15.50
N SER B 155 45.69 -9.80 -15.79
CA SER B 155 45.87 -10.62 -16.98
C SER B 155 46.93 -11.70 -16.70
N VAL B 156 46.80 -12.82 -17.40
CA VAL B 156 47.70 -13.95 -17.26
C VAL B 156 48.24 -14.29 -18.64
N GLY B 157 49.56 -14.45 -18.74
CA GLY B 157 50.20 -14.80 -20.00
C GLY B 157 51.14 -15.99 -19.86
N ASN B 158 52.06 -16.16 -20.81
CA ASN B 158 52.98 -17.28 -20.80
C ASN B 158 54.43 -16.81 -20.65
N PHE B 159 55.23 -17.66 -20.04
CA PHE B 159 56.62 -17.34 -19.72
C PHE B 159 57.52 -17.69 -20.89
N SER B 160 58.83 -17.72 -20.65
CA SER B 160 59.79 -18.11 -21.68
C SER B 160 59.63 -19.56 -22.12
N ASP B 161 59.21 -20.44 -21.21
CA ASP B 161 58.97 -21.83 -21.54
C ASP B 161 57.60 -22.08 -22.16
N GLY B 162 56.80 -21.02 -22.33
CA GLY B 162 55.47 -21.16 -22.87
C GLY B 162 54.42 -21.57 -21.87
N LYS B 163 54.79 -21.78 -20.61
CA LYS B 163 53.86 -22.19 -19.57
C LYS B 163 53.07 -20.99 -19.07
N MET B 164 51.79 -21.24 -18.79
CA MET B 164 50.88 -20.19 -18.33
C MET B 164 51.33 -19.68 -16.96
N GLY B 165 51.10 -18.40 -16.70
CA GLY B 165 51.48 -17.86 -15.41
C GLY B 165 52.12 -16.49 -15.42
N ARG B 166 52.64 -16.07 -16.56
CA ARG B 166 53.19 -14.73 -16.71
C ARG B 166 52.07 -13.69 -16.56
N PHE B 167 52.38 -12.59 -15.87
CA PHE B 167 51.40 -11.53 -15.69
C PHE B 167 51.90 -10.28 -16.41
N PHE B 168 50.99 -9.56 -17.04
CA PHE B 168 51.32 -8.39 -17.85
C PHE B 168 50.98 -7.11 -17.10
N ASN B 169 51.41 -5.98 -17.68
CA ASN B 169 51.21 -4.63 -17.17
C ASN B 169 51.77 -4.47 -15.76
N HIS B 170 51.21 -3.54 -14.99
CA HIS B 170 51.58 -3.41 -13.60
C HIS B 170 51.11 -4.63 -12.82
N THR B 171 51.92 -5.08 -11.89
CA THR B 171 51.70 -6.32 -11.17
C THR B 171 51.85 -6.06 -9.68
N LEU B 172 50.91 -6.58 -8.90
CA LEU B 172 50.92 -6.39 -7.45
C LEU B 172 51.59 -7.58 -6.79
N VAL B 173 52.68 -7.33 -6.07
CA VAL B 173 53.41 -8.37 -5.37
C VAL B 173 53.40 -8.05 -3.89
N LEU B 174 52.97 -9.01 -3.07
CA LEU B 174 53.01 -8.87 -1.63
C LEU B 174 53.93 -9.96 -1.06
N LEU B 175 54.85 -9.54 -0.19
CA LEU B 175 55.96 -10.38 0.26
C LEU B 175 56.35 -10.11 1.71
N PRO B 176 56.37 -11.14 2.56
CA PRO B 176 56.94 -11.00 3.91
C PRO B 176 58.40 -11.42 4.00
N ASP B 177 59.12 -10.79 4.91
CA ASP B 177 60.47 -11.22 5.32
C ASP B 177 60.72 -10.68 6.72
N GLY B 178 61.98 -10.71 7.15
CA GLY B 178 62.32 -10.48 8.54
C GLY B 178 61.75 -11.57 9.43
N CYS B 179 61.79 -12.81 8.95
CA CYS B 179 61.05 -13.94 9.51
C CYS B 179 59.56 -13.64 9.57
N GLY B 180 59.06 -12.83 8.62
CA GLY B 180 57.65 -12.55 8.48
C GLY B 180 57.18 -11.23 9.03
N THR B 181 58.07 -10.36 9.53
CA THR B 181 57.60 -9.10 10.10
C THR B 181 57.23 -8.08 9.03
N LEU B 182 57.94 -8.07 7.90
CA LEU B 182 57.74 -7.08 6.86
C LEU B 182 56.84 -7.67 5.78
N LEU B 183 55.83 -6.90 5.37
CA LEU B 183 54.77 -7.34 4.46
C LEU B 183 54.65 -6.40 3.27
N ARG B 184 55.78 -6.12 2.63
CA ARG B 184 55.78 -5.08 1.59
C ARG B 184 55.07 -5.54 0.34
N ALA B 185 54.27 -4.63 -0.22
CA ALA B 185 53.51 -4.90 -1.43
C ALA B 185 53.67 -3.72 -2.37
N PHE B 186 53.65 -4.02 -3.67
CA PHE B 186 53.90 -3.01 -4.67
C PHE B 186 53.25 -3.40 -5.98
N TYR B 187 52.52 -2.46 -6.57
CA TYR B 187 51.87 -2.63 -7.87
C TYR B 187 52.74 -1.94 -8.90
N CYS B 188 53.78 -2.65 -9.33
CA CYS B 188 54.87 -2.05 -10.09
C CYS B 188 55.14 -2.87 -11.34
N ILE B 189 55.99 -2.36 -12.23
CA ILE B 189 56.33 -3.05 -13.47
C ILE B 189 57.50 -3.98 -13.18
N LEU B 190 57.33 -5.25 -13.48
CA LEU B 190 58.40 -6.23 -13.30
C LEU B 190 58.68 -6.94 -14.62
N GLU B 191 59.96 -7.09 -14.94
CA GLU B 191 60.38 -7.82 -16.12
C GLU B 191 61.25 -8.99 -15.67
N PRO B 192 60.90 -10.22 -16.03
CA PRO B 192 61.76 -11.35 -15.70
C PRO B 192 63.07 -11.30 -16.46
N ARG B 193 64.12 -11.81 -15.82
CA ARG B 193 65.42 -11.85 -16.44
C ARG B 193 65.47 -12.93 -17.51
N SER B 194 66.43 -12.79 -18.43
CA SER B 194 66.58 -13.72 -19.55
C SER B 194 67.72 -14.70 -19.34
N GLY B 195 67.96 -15.12 -18.09
CA GLY B 195 69.07 -15.98 -17.77
C GLY B 195 68.67 -17.43 -17.57
N ASN B 196 69.60 -18.19 -17.01
CA ASN B 196 69.37 -19.60 -16.72
C ASN B 196 68.32 -19.74 -15.62
N HIS B 197 67.33 -20.60 -15.87
CA HIS B 197 66.22 -20.90 -14.95
C HIS B 197 65.41 -19.66 -14.57
N CYS B 198 65.46 -18.64 -15.40
CA CYS B 198 64.82 -17.35 -15.24
C CYS B 198 63.54 -17.29 -16.06
N PRO B 199 62.51 -16.62 -15.54
CA PRO B 199 61.18 -16.73 -16.17
C PRO B 199 61.08 -16.15 -17.58
N ALA B 200 61.99 -15.26 -17.96
CA ALA B 200 62.11 -14.85 -19.35
C ALA B 200 63.36 -15.42 -20.01
N GLY B 201 63.92 -16.49 -19.44
CA GLY B 201 65.15 -17.04 -19.97
C GLY B 201 65.13 -18.53 -20.23
N ASN B 202 66.30 -19.07 -20.62
CA ASN B 202 66.44 -20.46 -20.99
C ASN B 202 66.42 -21.36 -19.75
N SER B 203 66.08 -22.63 -19.99
CA SER B 203 66.02 -23.68 -18.96
C SER B 203 65.07 -23.29 -17.83
N TYR B 204 64.01 -22.58 -18.18
CA TYR B 204 63.04 -22.12 -17.19
C TYR B 204 62.04 -23.23 -16.92
N THR B 205 62.14 -23.86 -15.77
CA THR B 205 61.13 -24.80 -15.31
C THR B 205 60.04 -24.11 -14.50
N SER B 206 60.42 -23.47 -13.40
CA SER B 206 59.50 -22.72 -12.56
C SER B 206 60.32 -21.72 -11.74
N PHE B 207 59.63 -20.96 -10.90
CA PHE B 207 60.26 -19.94 -10.08
C PHE B 207 59.82 -20.12 -8.64
N ALA B 208 60.64 -19.66 -7.72
CA ALA B 208 60.32 -19.68 -6.30
C ALA B 208 61.18 -18.64 -5.60
N THR B 209 60.97 -18.49 -4.30
CA THR B 209 61.76 -17.59 -3.46
C THR B 209 62.53 -18.41 -2.44
N TYR B 210 63.84 -18.17 -2.35
CA TYR B 210 64.68 -18.89 -1.41
C TYR B 210 64.81 -18.09 -0.12
N HIS B 211 64.84 -18.81 0.99
CA HIS B 211 65.06 -18.23 2.32
C HIS B 211 66.35 -18.81 2.87
N THR B 212 67.23 -17.94 3.37
CA THR B 212 68.46 -18.36 4.00
C THR B 212 68.30 -18.25 5.51
N PRO B 213 67.89 -19.32 6.22
CA PRO B 213 67.62 -19.20 7.64
C PRO B 213 68.88 -19.15 8.51
N ALA B 214 70.03 -19.52 7.96
CA ALA B 214 71.27 -19.45 8.72
C ALA B 214 71.73 -18.01 8.95
N THR B 215 71.20 -17.07 8.17
CA THR B 215 71.56 -15.66 8.32
C THR B 215 70.37 -14.76 8.62
N ASP B 216 69.17 -15.09 8.16
CA ASP B 216 68.02 -14.20 8.29
C ASP B 216 67.46 -14.18 9.71
N CYS B 217 67.01 -15.33 10.20
CA CYS B 217 66.30 -15.39 11.48
C CYS B 217 67.22 -15.35 12.70
N SER B 218 68.46 -14.89 12.55
CA SER B 218 69.32 -14.60 13.67
C SER B 218 68.84 -13.31 14.36
N ASP B 219 69.52 -12.95 15.45
CA ASP B 219 69.17 -11.75 16.19
C ASP B 219 69.48 -10.50 15.35
N GLY B 220 68.49 -9.63 15.21
CA GLY B 220 68.62 -8.51 14.30
C GLY B 220 68.74 -8.99 12.86
N ASN B 221 69.54 -8.25 12.08
CA ASN B 221 69.93 -8.59 10.73
C ASN B 221 68.73 -8.75 9.81
N TYR B 222 68.21 -9.97 9.70
CA TYR B 222 67.13 -10.36 8.78
C TYR B 222 67.50 -10.12 7.33
N ASN B 223 68.80 -10.09 7.03
CA ASN B 223 69.39 -10.08 5.69
C ASN B 223 69.00 -8.87 4.85
N ARG B 224 68.27 -7.92 5.44
CA ARG B 224 67.63 -6.81 4.73
C ARG B 224 66.85 -7.32 3.52
N ASN B 225 65.79 -8.09 3.82
CA ASN B 225 64.79 -8.53 2.86
C ASN B 225 65.41 -9.42 1.77
N ALA B 226 65.93 -10.55 2.23
CA ALA B 226 66.47 -11.55 1.32
C ALA B 226 65.38 -12.18 0.46
N SER B 227 64.13 -12.18 0.94
CA SER B 227 63.03 -12.60 0.10
C SER B 227 62.83 -11.64 -1.07
N LEU B 228 63.01 -10.34 -0.84
CA LEU B 228 62.91 -9.40 -1.95
C LEU B 228 64.15 -9.46 -2.82
N ASN B 229 65.29 -9.87 -2.26
CA ASN B 229 66.44 -10.21 -3.09
C ASN B 229 66.13 -11.39 -4.00
N SER B 230 65.43 -12.40 -3.46
CA SER B 230 65.09 -13.58 -4.26
C SER B 230 64.03 -13.26 -5.30
N PHE B 231 63.14 -12.33 -5.00
CA PHE B 231 62.19 -11.87 -6.00
C PHE B 231 62.91 -11.07 -7.08
N LYS B 232 63.79 -10.16 -6.67
CA LYS B 232 64.63 -9.42 -7.59
C LYS B 232 65.72 -10.28 -8.19
N GLU B 233 65.95 -11.49 -7.66
CA GLU B 233 66.81 -12.46 -8.32
C GLU B 233 66.24 -12.87 -9.67
N TYR B 234 64.92 -12.94 -9.78
CA TYR B 234 64.26 -13.37 -11.00
C TYR B 234 63.71 -12.21 -11.82
N PHE B 235 63.52 -11.04 -11.22
CA PHE B 235 62.81 -9.94 -11.86
C PHE B 235 63.56 -8.63 -11.65
N ASN B 236 63.24 -7.67 -12.51
CA ASN B 236 63.76 -6.32 -12.43
C ASN B 236 62.59 -5.35 -12.39
N LEU B 237 62.67 -4.35 -11.52
CA LEU B 237 61.51 -3.56 -11.13
C LEU B 237 61.66 -2.12 -11.59
N ARG B 238 60.59 -1.59 -12.20
CA ARG B 238 60.54 -0.20 -12.65
C ARG B 238 59.13 0.33 -12.47
N ASN B 239 59.00 1.64 -12.70
CA ASN B 239 57.71 2.36 -12.74
C ASN B 239 56.88 2.12 -11.49
N CYS B 240 57.55 2.12 -10.35
CA CYS B 240 56.99 1.54 -9.14
C CYS B 240 56.06 2.53 -8.45
N THR B 241 54.87 2.06 -8.10
CA THR B 241 53.81 2.93 -7.60
C THR B 241 53.94 3.22 -6.11
N PHE B 242 54.16 2.19 -5.29
CA PHE B 242 54.23 2.39 -3.85
C PHE B 242 55.13 1.34 -3.22
N MET B 243 55.46 1.57 -1.95
CA MET B 243 56.28 0.66 -1.16
C MET B 243 55.85 0.77 0.29
N TYR B 244 55.14 -0.24 0.78
CA TYR B 244 54.60 -0.22 2.13
C TYR B 244 55.51 -1.00 3.09
N THR B 245 55.48 -0.58 4.34
CA THR B 245 56.24 -1.24 5.40
C THR B 245 55.31 -1.73 6.50
N TYR B 246 55.59 -2.90 7.04
CA TYR B 246 54.77 -3.50 8.08
C TYR B 246 55.68 -4.17 9.10
N ASN B 247 55.16 -4.34 10.32
CA ASN B 247 55.87 -4.97 11.41
C ASN B 247 54.95 -5.95 12.11
N ILE B 248 55.30 -7.24 12.05
CA ILE B 248 54.61 -8.28 12.80
C ILE B 248 55.53 -8.75 13.91
N THR B 249 55.03 -8.74 15.13
CA THR B 249 55.70 -9.44 16.21
C THR B 249 55.60 -10.93 15.97
N GLU B 250 56.74 -11.60 15.80
CA GLU B 250 56.75 -13.03 15.56
C GLU B 250 56.29 -13.78 16.80
N ASP B 251 55.34 -14.68 16.62
CA ASP B 251 54.73 -15.39 17.73
C ASP B 251 54.35 -16.78 17.25
N GLU B 252 53.50 -17.47 18.00
CA GLU B 252 52.95 -18.75 17.59
C GLU B 252 51.46 -18.78 17.89
N ILE B 253 50.75 -17.77 17.40
CA ILE B 253 49.29 -17.68 17.50
C ILE B 253 48.74 -17.62 16.09
N LEU B 254 47.72 -18.44 15.81
CA LEU B 254 47.12 -18.50 14.49
C LEU B 254 46.43 -17.17 14.16
N GLU B 255 46.33 -16.88 12.86
CA GLU B 255 45.74 -15.63 12.41
C GLU B 255 44.98 -15.86 11.12
N TRP B 256 44.26 -14.83 10.69
CA TRP B 256 43.54 -14.83 9.44
C TRP B 256 43.92 -13.60 8.63
N PHE B 257 44.06 -13.79 7.33
CA PHE B 257 44.23 -12.69 6.40
C PHE B 257 43.11 -12.77 5.37
N GLY B 258 42.67 -11.62 4.90
CA GLY B 258 41.64 -11.59 3.89
C GLY B 258 41.91 -10.46 2.92
N ILE B 259 41.54 -10.68 1.66
CA ILE B 259 41.76 -9.69 0.62
C ILE B 259 40.52 -9.62 -0.27
N THR B 260 40.16 -8.40 -0.65
CA THR B 260 39.05 -8.18 -1.59
C THR B 260 39.35 -6.91 -2.36
N GLN B 261 38.54 -6.68 -3.40
CA GLN B 261 38.64 -5.44 -4.17
C GLN B 261 37.26 -4.82 -4.30
N THR B 262 37.21 -3.52 -4.07
CA THR B 262 35.98 -2.74 -4.14
C THR B 262 36.32 -1.57 -5.05
N ALA B 263 35.33 -0.75 -5.41
CA ALA B 263 35.55 0.40 -6.29
C ALA B 263 36.58 1.38 -5.75
N GLN B 264 36.74 1.45 -4.43
CA GLN B 264 37.87 2.21 -3.88
C GLN B 264 39.20 1.56 -4.26
N GLY B 265 39.34 0.27 -4.00
CA GLY B 265 40.60 -0.40 -4.21
C GLY B 265 40.63 -1.72 -3.45
N VAL B 266 41.84 -2.18 -3.19
CA VAL B 266 42.05 -3.43 -2.48
C VAL B 266 41.87 -3.18 -0.98
N HIS B 267 41.04 -3.99 -0.34
CA HIS B 267 40.88 -3.99 1.10
C HIS B 267 41.51 -5.27 1.66
N LEU B 268 42.35 -5.10 2.66
CA LEU B 268 43.13 -6.18 3.25
C LEU B 268 42.84 -6.18 4.74
N PHE B 269 42.34 -7.32 5.23
CA PHE B 269 41.94 -7.48 6.62
C PHE B 269 42.88 -8.48 7.28
N SER B 270 43.16 -8.24 8.56
CA SER B 270 43.90 -9.21 9.35
C SER B 270 43.67 -8.91 10.82
N SER B 271 43.47 -9.98 11.60
CA SER B 271 43.28 -9.88 13.04
C SER B 271 44.60 -9.80 13.79
N ARG B 272 45.71 -9.55 13.08
CA ARG B 272 47.02 -9.47 13.71
C ARG B 272 47.16 -8.27 14.63
N TYR B 273 46.32 -7.25 14.46
CA TYR B 273 46.50 -6.00 15.20
C TYR B 273 46.21 -6.18 16.68
N VAL B 274 44.97 -6.54 17.03
CA VAL B 274 44.59 -6.60 18.43
C VAL B 274 44.10 -8.00 18.80
N ASP B 275 43.01 -8.45 18.18
CA ASP B 275 42.28 -9.61 18.64
C ASP B 275 42.99 -10.88 18.17
N LEU B 276 44.04 -11.26 18.88
CA LEU B 276 44.67 -12.57 18.71
C LEU B 276 44.04 -13.63 19.59
N TYR B 277 43.50 -13.24 20.74
CA TYR B 277 42.84 -14.14 21.67
C TYR B 277 41.58 -14.76 21.04
N GLY B 278 40.60 -13.93 20.72
CA GLY B 278 39.36 -14.42 20.15
C GLY B 278 39.37 -14.43 18.64
N GLY B 279 39.73 -13.30 18.05
CA GLY B 279 39.80 -13.18 16.60
C GLY B 279 38.63 -12.46 15.98
N ASN B 280 38.84 -11.19 15.64
CA ASN B 280 37.90 -10.43 14.81
C ASN B 280 38.66 -9.85 13.64
N MET B 281 38.03 -9.94 12.46
CA MET B 281 38.75 -9.85 11.19
C MET B 281 39.03 -8.38 10.92
N PHE B 282 40.09 -7.88 11.54
CA PHE B 282 40.32 -6.44 11.58
C PHE B 282 40.84 -5.92 10.25
N GLN B 283 40.22 -4.84 9.78
CA GLN B 283 40.78 -4.06 8.69
C GLN B 283 42.15 -3.53 9.07
N PHE B 284 43.13 -3.76 8.20
CA PHE B 284 44.48 -3.30 8.53
C PHE B 284 45.13 -2.55 7.36
N ALA B 285 44.71 -2.83 6.13
CA ALA B 285 45.32 -2.15 4.99
C ALA B 285 44.26 -1.84 3.95
N THR B 286 44.30 -0.63 3.38
CA THR B 286 43.32 -0.23 2.39
C THR B 286 44.08 0.46 1.25
N LEU B 287 44.48 -0.33 0.27
CA LEU B 287 45.20 0.21 -0.87
C LEU B 287 44.23 0.82 -1.87
N PRO B 288 44.38 2.07 -2.25
CA PRO B 288 43.57 2.61 -3.35
C PRO B 288 44.13 2.23 -4.70
N VAL B 289 43.97 0.96 -5.10
CA VAL B 289 44.49 0.52 -6.38
C VAL B 289 43.65 1.15 -7.49
N TYR B 290 44.28 1.42 -8.62
CA TYR B 290 43.58 2.00 -9.76
C TYR B 290 42.89 0.97 -10.64
N ASP B 291 43.50 -0.19 -10.83
CA ASP B 291 42.95 -1.22 -11.70
C ASP B 291 42.37 -2.34 -10.86
N THR B 292 41.16 -2.76 -11.21
CA THR B 292 40.58 -3.94 -10.59
C THR B 292 41.35 -5.18 -11.04
N ILE B 293 41.79 -5.98 -10.08
CA ILE B 293 42.60 -7.15 -10.34
C ILE B 293 41.68 -8.35 -10.47
N LYS B 294 41.82 -9.10 -11.55
CA LYS B 294 40.98 -10.27 -11.78
C LYS B 294 41.74 -11.59 -11.64
N TYR B 295 43.00 -11.56 -11.22
CA TYR B 295 43.79 -12.78 -11.21
C TYR B 295 44.79 -12.74 -10.05
N TYR B 296 44.86 -13.85 -9.31
CA TYR B 296 45.86 -14.02 -8.27
C TYR B 296 46.62 -15.32 -8.53
N SER B 297 47.81 -15.41 -7.98
CA SER B 297 48.61 -16.61 -8.14
C SER B 297 49.56 -16.76 -6.96
N ILE B 298 49.89 -18.03 -6.70
CA ILE B 298 50.73 -18.44 -5.60
C ILE B 298 52.18 -18.16 -5.95
N ILE B 299 52.92 -17.60 -5.00
CA ILE B 299 54.38 -17.53 -5.09
C ILE B 299 54.94 -18.80 -4.45
N PRO B 300 55.58 -19.69 -5.20
CA PRO B 300 56.29 -20.81 -4.59
C PRO B 300 57.45 -20.31 -3.76
N HIS B 301 57.76 -21.05 -2.70
CA HIS B 301 58.84 -20.65 -1.81
C HIS B 301 59.61 -21.87 -1.35
N SER B 302 60.92 -21.72 -1.27
CA SER B 302 61.80 -22.73 -0.72
C SER B 302 62.67 -22.10 0.37
N ILE B 303 63.27 -22.94 1.19
CA ILE B 303 64.14 -22.52 2.27
C ILE B 303 65.50 -23.18 2.05
N ARG B 304 66.57 -22.37 2.10
CA ARG B 304 67.92 -22.90 1.95
C ARG B 304 68.41 -23.44 3.30
N SER B 305 67.72 -24.48 3.74
CA SER B 305 68.00 -25.12 5.01
C SER B 305 69.03 -26.23 4.80
N ILE B 306 69.23 -27.06 5.81
CA ILE B 306 70.17 -28.17 5.75
C ILE B 306 69.38 -29.47 5.74
N GLN B 307 70.09 -30.57 5.43
CA GLN B 307 69.44 -31.86 5.30
C GLN B 307 68.95 -32.39 6.65
N SER B 308 69.75 -32.20 7.71
CA SER B 308 69.38 -32.76 9.00
C SER B 308 68.30 -31.96 9.72
N ASP B 309 68.06 -30.72 9.31
CA ASP B 309 67.09 -29.86 9.95
C ASP B 309 65.94 -29.53 9.01
N ARG B 310 65.47 -30.53 8.26
CA ARG B 310 64.30 -30.38 7.41
C ARG B 310 63.08 -30.28 8.30
N LYS B 311 62.58 -29.06 8.47
CA LYS B 311 61.59 -28.74 9.50
C LYS B 311 60.26 -28.40 8.83
N ALA B 312 59.17 -28.84 9.43
CA ALA B 312 57.86 -28.54 8.89
C ALA B 312 57.47 -27.09 9.14
N TRP B 313 56.79 -26.49 8.16
CA TRP B 313 56.22 -25.16 8.30
C TRP B 313 54.73 -25.23 8.00
N ALA B 314 54.07 -24.08 8.14
CA ALA B 314 52.62 -24.03 8.32
C ALA B 314 51.86 -24.44 7.07
N ALA B 315 50.60 -24.80 7.29
CA ALA B 315 49.64 -25.09 6.25
C ALA B 315 48.71 -23.89 6.10
N PHE B 316 48.59 -23.41 4.86
CA PHE B 316 47.79 -22.23 4.58
C PHE B 316 46.78 -22.52 3.48
N TYR B 317 45.56 -22.05 3.69
CA TYR B 317 44.43 -22.30 2.81
C TYR B 317 44.05 -21.03 2.06
N VAL B 318 43.09 -21.19 1.16
CA VAL B 318 42.43 -20.09 0.46
C VAL B 318 40.94 -20.43 0.41
N TYR B 319 40.11 -19.50 0.87
CA TYR B 319 38.66 -19.65 0.78
C TYR B 319 38.07 -18.45 0.07
N LYS B 320 37.22 -18.71 -0.92
CA LYS B 320 36.61 -17.66 -1.73
C LYS B 320 35.36 -17.13 -1.03
N LEU B 321 35.12 -15.82 -1.22
CA LEU B 321 34.02 -15.12 -0.57
C LEU B 321 33.11 -14.52 -1.63
N GLN B 322 31.81 -14.45 -1.33
CA GLN B 322 30.76 -14.10 -2.26
C GLN B 322 29.64 -13.46 -1.44
N PRO B 323 28.76 -12.64 -2.05
CA PRO B 323 27.70 -12.01 -1.26
C PRO B 323 26.74 -12.99 -0.61
N LEU B 324 26.75 -13.02 0.73
CA LEU B 324 25.87 -13.87 1.52
C LEU B 324 25.34 -13.09 2.70
N THR B 325 24.55 -13.72 3.57
CA THR B 325 24.02 -13.06 4.75
C THR B 325 24.31 -13.92 5.97
N PHE B 326 24.92 -13.31 6.98
CA PHE B 326 25.31 -13.99 8.22
C PHE B 326 24.60 -13.33 9.39
N LEU B 327 24.07 -14.15 10.29
CA LEU B 327 23.57 -13.69 11.57
C LEU B 327 24.68 -13.85 12.60
N LEU B 328 25.13 -12.72 13.14
CA LEU B 328 26.33 -12.63 13.96
C LEU B 328 25.95 -12.41 15.41
N ASP B 329 26.80 -12.90 16.32
CA ASP B 329 26.61 -12.73 17.75
C ASP B 329 27.62 -11.71 18.27
N PHE B 330 27.22 -10.45 18.31
CA PHE B 330 28.04 -9.42 18.96
C PHE B 330 27.98 -9.61 20.46
N SER B 331 29.12 -9.89 21.07
CA SER B 331 29.19 -9.98 22.53
C SER B 331 29.31 -8.58 23.10
N VAL B 332 29.49 -8.50 24.43
CA VAL B 332 29.59 -7.19 25.11
C VAL B 332 30.79 -6.41 24.62
N ASP B 333 31.89 -7.09 24.33
CA ASP B 333 33.05 -6.48 23.70
C ASP B 333 32.86 -6.25 22.19
N GLY B 334 31.71 -6.64 21.64
CA GLY B 334 31.51 -6.51 20.21
C GLY B 334 32.19 -7.58 19.39
N TYR B 335 32.45 -8.74 19.97
CA TYR B 335 33.21 -9.78 19.31
C TYR B 335 32.25 -10.87 18.82
N ILE B 336 32.41 -11.28 17.56
CA ILE B 336 31.56 -12.30 16.97
C ILE B 336 32.33 -13.60 16.99
N ARG B 337 31.97 -14.48 17.92
CA ARG B 337 32.47 -15.84 17.94
C ARG B 337 31.43 -16.85 17.51
N ARG B 338 30.28 -16.40 17.02
CA ARG B 338 29.17 -17.30 16.74
C ARG B 338 28.31 -16.68 15.65
N ALA B 339 28.31 -17.29 14.47
CA ALA B 339 27.54 -16.80 13.34
C ALA B 339 26.84 -17.97 12.67
N ILE B 340 25.74 -17.66 11.99
CA ILE B 340 24.97 -18.64 11.24
C ILE B 340 24.68 -18.10 9.85
N ASP B 341 24.89 -18.93 8.83
CA ASP B 341 24.58 -18.55 7.46
C ASP B 341 23.07 -18.38 7.27
N CYS B 342 22.70 -17.69 6.21
CA CYS B 342 21.30 -17.60 5.81
C CYS B 342 20.91 -18.70 4.84
N GLY B 343 21.80 -19.09 3.94
CA GLY B 343 21.45 -20.00 2.86
C GLY B 343 22.36 -21.18 2.66
N PHE B 344 22.84 -21.79 3.74
CA PHE B 344 23.66 -23.00 3.58
C PHE B 344 22.86 -24.28 3.76
N ASN B 345 22.19 -24.46 4.89
CA ASN B 345 21.35 -25.65 5.08
C ASN B 345 19.98 -25.20 5.57
N ASP B 346 19.14 -26.16 5.92
CA ASP B 346 17.84 -25.87 6.47
C ASP B 346 17.95 -25.17 7.82
N LEU B 347 18.96 -25.53 8.60
CA LEU B 347 19.23 -24.84 9.85
C LEU B 347 19.65 -23.40 9.63
N SER B 348 20.36 -23.14 8.52
CA SER B 348 20.80 -21.78 8.22
C SER B 348 19.61 -20.85 8.02
N GLN B 349 18.67 -21.23 7.16
CA GLN B 349 17.50 -20.41 6.95
C GLN B 349 16.56 -20.44 8.15
N LEU B 350 16.51 -21.57 8.86
CA LEU B 350 15.58 -21.70 9.98
C LEU B 350 15.98 -20.80 11.14
N HIS B 351 17.27 -20.78 11.47
CA HIS B 351 17.77 -19.81 12.44
C HIS B 351 17.73 -18.41 11.86
N CYS B 352 17.90 -18.27 10.55
CA CYS B 352 17.71 -16.98 9.90
C CYS B 352 16.24 -16.57 9.91
N SER B 353 15.33 -17.55 9.84
CA SER B 353 13.90 -17.24 9.91
C SER B 353 13.53 -16.67 11.28
N TYR B 354 14.07 -17.25 12.34
CA TYR B 354 13.83 -16.73 13.68
C TYR B 354 14.76 -15.59 14.03
N GLU B 355 15.80 -15.36 13.22
CA GLU B 355 16.84 -14.36 13.48
C GLU B 355 17.48 -14.57 14.85
N SER B 356 17.64 -15.84 15.22
CA SER B 356 18.16 -16.21 16.51
C SER B 356 18.85 -17.55 16.40
N PHE B 357 19.69 -17.85 17.39
CA PHE B 357 20.52 -19.05 17.36
C PHE B 357 19.82 -20.24 17.98
N ASP B 358 18.54 -20.10 18.32
CA ASP B 358 17.70 -21.21 18.76
C ASP B 358 16.43 -21.23 17.91
N VAL B 359 15.96 -22.43 17.61
CA VAL B 359 14.76 -22.62 16.81
C VAL B 359 13.85 -23.62 17.51
N GLU B 360 12.59 -23.62 17.10
CA GLU B 360 11.50 -24.30 17.79
C GLU B 360 11.26 -25.66 17.15
N SER B 361 10.93 -26.65 18.00
CA SER B 361 10.43 -27.94 17.53
C SER B 361 9.17 -27.74 16.71
N GLY B 362 9.23 -28.06 15.43
CA GLY B 362 8.06 -27.92 14.58
C GLY B 362 8.37 -28.31 13.16
N VAL B 363 7.37 -28.10 12.31
CA VAL B 363 7.45 -28.39 10.89
C VAL B 363 7.35 -27.06 10.14
N TYR B 364 8.36 -26.78 9.31
CA TYR B 364 8.49 -25.51 8.64
C TYR B 364 8.74 -25.74 7.16
N SER B 365 8.00 -25.02 6.33
CA SER B 365 8.11 -25.18 4.87
C SER B 365 9.40 -24.51 4.41
N VAL B 366 10.47 -25.29 4.34
CA VAL B 366 11.71 -24.80 3.76
C VAL B 366 11.51 -24.60 2.26
N SER B 367 12.33 -23.73 1.66
CA SER B 367 12.23 -23.46 0.24
C SER B 367 12.51 -24.72 -0.57
N SER B 368 11.49 -25.21 -1.26
CA SER B 368 11.57 -26.45 -2.01
C SER B 368 12.45 -26.27 -3.24
N PHE B 369 12.90 -27.38 -3.80
CA PHE B 369 13.75 -27.34 -4.97
C PHE B 369 12.88 -27.48 -6.21
N GLU B 370 13.51 -27.35 -7.37
CA GLU B 370 12.89 -27.70 -8.63
C GLU B 370 13.88 -28.57 -9.40
N ALA B 371 13.36 -29.64 -10.01
CA ALA B 371 14.21 -30.60 -10.69
C ALA B 371 14.85 -29.98 -11.91
N LYS B 372 16.07 -30.41 -12.21
CA LYS B 372 16.86 -29.78 -13.26
C LYS B 372 16.20 -29.97 -14.62
N PRO B 373 16.22 -28.95 -15.49
CA PRO B 373 15.62 -29.09 -16.82
C PRO B 373 16.33 -30.17 -17.64
N SER B 374 15.55 -30.87 -18.45
CA SER B 374 16.03 -32.00 -19.23
C SER B 374 15.56 -31.89 -20.67
N GLY B 375 15.76 -30.71 -21.26
CA GLY B 375 15.39 -30.53 -22.65
C GLY B 375 15.09 -29.10 -23.05
N SER B 376 15.44 -28.75 -24.28
CA SER B 376 15.11 -27.43 -24.83
C SER B 376 15.09 -27.57 -26.35
N VAL B 377 13.89 -27.73 -26.91
CA VAL B 377 13.73 -27.83 -28.35
C VAL B 377 13.11 -26.52 -28.85
N VAL B 378 13.44 -26.19 -30.09
CA VAL B 378 12.96 -24.96 -30.71
C VAL B 378 12.23 -25.33 -32.00
N GLU B 379 10.93 -25.65 -31.87
CA GLU B 379 10.14 -26.07 -33.02
C GLU B 379 8.67 -25.73 -32.77
N GLN B 380 8.23 -24.58 -33.27
CA GLN B 380 6.84 -24.40 -33.65
C GLN B 380 6.68 -24.60 -35.16
N ALA B 381 7.78 -24.98 -35.82
CA ALA B 381 7.85 -25.30 -37.25
C ALA B 381 7.42 -24.11 -38.12
N GLU B 382 8.20 -23.04 -38.03
CA GLU B 382 8.07 -21.97 -39.02
C GLU B 382 8.50 -22.45 -40.40
N GLY B 383 9.58 -23.24 -40.47
CA GLY B 383 9.96 -23.92 -41.70
C GLY B 383 10.81 -23.10 -42.64
N VAL B 384 12.06 -23.52 -42.86
CA VAL B 384 12.95 -22.90 -43.84
C VAL B 384 13.63 -24.00 -44.65
N GLU B 385 13.71 -23.80 -45.97
CA GLU B 385 14.31 -24.76 -46.89
C GLU B 385 14.81 -24.02 -48.13
N CYS B 386 16.10 -24.16 -48.46
CA CYS B 386 16.60 -23.70 -49.75
C CYS B 386 16.44 -24.80 -50.79
N ASP B 387 17.07 -24.62 -51.94
CA ASP B 387 16.96 -25.55 -53.06
C ASP B 387 18.31 -25.69 -53.75
N PHE B 388 19.04 -26.75 -53.43
CA PHE B 388 20.29 -27.08 -54.14
C PHE B 388 19.97 -28.03 -55.30
N SER B 389 19.32 -27.46 -56.32
CA SER B 389 18.81 -28.24 -57.44
C SER B 389 18.97 -27.60 -58.82
N PRO B 390 18.72 -26.31 -59.04
CA PRO B 390 18.96 -25.76 -60.40
C PRO B 390 20.43 -25.59 -60.74
N LEU B 391 21.34 -25.85 -59.79
CA LEU B 391 22.76 -25.94 -60.12
C LEU B 391 23.02 -27.07 -61.10
N LEU B 392 22.38 -28.21 -60.90
CA LEU B 392 22.56 -29.38 -61.77
C LEU B 392 21.55 -29.43 -62.91
N SER B 393 20.72 -28.41 -63.06
CA SER B 393 19.68 -28.39 -64.08
C SER B 393 20.17 -27.64 -65.31
N GLY B 394 19.98 -28.23 -66.49
CA GLY B 394 20.30 -27.59 -67.74
C GLY B 394 21.77 -27.65 -68.09
N THR B 395 22.08 -27.14 -69.27
CA THR B 395 23.45 -27.07 -69.73
C THR B 395 24.20 -26.00 -68.94
N PRO B 396 25.31 -26.34 -68.30
CA PRO B 396 26.07 -25.34 -67.54
C PRO B 396 26.82 -24.42 -68.47
N PRO B 397 26.56 -23.12 -68.38
CA PRO B 397 27.30 -22.16 -69.21
C PRO B 397 28.70 -21.94 -68.63
N GLN B 398 29.47 -21.13 -69.35
CA GLN B 398 30.90 -21.04 -69.09
C GLN B 398 31.19 -20.11 -67.91
N VAL B 399 32.48 -19.85 -67.69
CA VAL B 399 32.91 -19.08 -66.53
C VAL B 399 32.47 -17.63 -66.62
N TYR B 400 32.46 -17.05 -67.82
CA TYR B 400 31.95 -15.69 -67.97
C TYR B 400 30.43 -15.61 -67.83
N ASN B 401 29.74 -16.74 -67.80
CA ASN B 401 28.30 -16.82 -67.67
C ASN B 401 27.94 -17.57 -66.40
N PHE B 402 28.56 -17.19 -65.28
CA PHE B 402 28.33 -17.87 -64.02
C PHE B 402 26.89 -17.73 -63.58
N LYS B 403 26.17 -18.85 -63.52
CA LYS B 403 24.75 -18.83 -63.23
C LYS B 403 24.53 -18.64 -61.74
N ARG B 404 23.65 -17.72 -61.40
CA ARG B 404 23.47 -17.24 -60.03
C ARG B 404 22.31 -17.98 -59.36
N LEU B 405 22.54 -18.45 -58.14
CA LEU B 405 21.50 -19.01 -57.29
C LEU B 405 21.55 -18.29 -55.96
N VAL B 406 20.46 -17.60 -55.61
CA VAL B 406 20.40 -16.81 -54.39
C VAL B 406 19.57 -17.57 -53.36
N PHE B 407 20.09 -17.62 -52.13
CA PHE B 407 19.45 -18.32 -51.02
C PHE B 407 19.38 -17.39 -49.84
N THR B 408 18.16 -17.04 -49.44
CA THR B 408 17.91 -16.07 -48.38
C THR B 408 16.71 -16.55 -47.57
N ASN B 409 16.84 -16.53 -46.24
CA ASN B 409 15.80 -16.97 -45.30
C ASN B 409 15.37 -18.41 -45.57
N CYS B 410 16.36 -19.30 -45.63
CA CYS B 410 16.09 -20.69 -45.95
C CYS B 410 17.19 -21.56 -45.36
N ASN B 411 16.97 -22.88 -45.41
CA ASN B 411 17.91 -23.86 -44.88
C ASN B 411 18.55 -24.62 -46.04
N TYR B 412 19.88 -24.68 -46.03
CA TYR B 412 20.66 -25.37 -47.05
C TYR B 412 21.66 -26.29 -46.39
N ASN B 413 21.87 -27.47 -46.97
CA ASN B 413 22.75 -28.48 -46.39
C ASN B 413 23.82 -28.87 -47.39
N LEU B 414 25.08 -28.76 -46.98
CA LEU B 414 26.19 -29.24 -47.79
C LEU B 414 26.51 -30.70 -47.54
N THR B 415 25.98 -31.29 -46.46
CA THR B 415 26.19 -32.72 -46.23
C THR B 415 25.46 -33.57 -47.25
N LYS B 416 24.37 -33.07 -47.80
CA LYS B 416 23.66 -33.74 -48.87
C LYS B 416 24.05 -33.25 -50.27
N LEU B 417 24.61 -32.04 -50.37
CA LEU B 417 25.01 -31.49 -51.66
C LEU B 417 26.44 -31.88 -52.04
N LEU B 418 27.40 -31.56 -51.17
CA LEU B 418 28.81 -31.73 -51.47
C LEU B 418 29.25 -33.20 -51.47
N SER B 419 28.45 -34.10 -50.90
CA SER B 419 28.85 -35.49 -50.78
C SER B 419 28.86 -36.19 -52.14
N LEU B 420 27.90 -35.86 -53.01
CA LEU B 420 27.79 -36.54 -54.30
C LEU B 420 28.85 -36.07 -55.29
N PHE B 421 29.32 -34.84 -55.15
CA PHE B 421 30.25 -34.27 -56.13
C PHE B 421 31.64 -34.87 -56.00
N SER B 422 32.29 -35.09 -57.14
CA SER B 422 33.70 -35.48 -57.18
C SER B 422 34.56 -34.21 -57.14
N VAL B 423 34.66 -33.65 -55.94
CA VAL B 423 35.30 -32.35 -55.74
C VAL B 423 36.81 -32.52 -55.87
N ASN B 424 37.37 -31.95 -56.94
CA ASN B 424 38.82 -31.96 -57.12
C ASN B 424 39.52 -31.01 -56.15
N ASP B 425 38.99 -29.80 -55.99
CA ASP B 425 39.58 -28.82 -55.09
C ASP B 425 38.49 -28.06 -54.35
N PHE B 426 38.78 -27.73 -53.09
CA PHE B 426 37.87 -26.98 -52.23
C PHE B 426 38.71 -25.92 -51.51
N THR B 427 38.68 -24.70 -52.02
CA THR B 427 39.40 -23.59 -51.42
C THR B 427 38.40 -22.57 -50.92
N CYS B 428 38.79 -21.83 -49.87
CA CYS B 428 37.93 -20.74 -49.38
C CYS B 428 38.81 -19.59 -48.92
N SER B 429 38.46 -18.39 -49.36
CA SER B 429 39.19 -17.17 -49.00
C SER B 429 38.36 -16.36 -48.02
N GLN B 430 39.02 -15.93 -46.93
CA GLN B 430 38.47 -15.12 -45.84
C GLN B 430 37.36 -15.86 -45.10
N ILE B 431 37.38 -17.19 -45.17
CA ILE B 431 36.46 -18.05 -44.42
C ILE B 431 37.06 -19.44 -44.42
N SER B 432 36.71 -20.24 -43.41
CA SER B 432 37.11 -21.63 -43.37
C SER B 432 36.31 -22.43 -44.40
N PRO B 433 36.87 -23.52 -44.92
CA PRO B 433 36.12 -24.34 -45.89
C PRO B 433 34.85 -24.97 -45.34
N ALA B 434 34.82 -25.31 -44.05
CA ALA B 434 33.68 -26.00 -43.48
C ALA B 434 32.64 -25.06 -42.89
N ALA B 435 32.88 -23.74 -42.92
CA ALA B 435 31.95 -22.79 -42.32
C ALA B 435 30.67 -22.61 -43.14
N ILE B 436 30.69 -22.99 -44.42
CA ILE B 436 29.49 -22.88 -45.24
C ILE B 436 28.43 -23.88 -44.77
N ALA B 437 28.85 -25.02 -44.25
CA ALA B 437 27.94 -26.02 -43.71
C ALA B 437 27.78 -25.89 -42.20
N SER B 438 28.36 -24.86 -41.59
CA SER B 438 28.24 -24.64 -40.16
C SER B 438 27.60 -23.30 -39.82
N ASN B 439 28.12 -22.20 -40.36
CA ASN B 439 27.66 -20.88 -39.96
C ASN B 439 26.33 -20.54 -40.60
N CYS B 440 25.48 -19.88 -39.82
CA CYS B 440 24.20 -19.36 -40.31
C CYS B 440 24.41 -17.93 -40.79
N TYR B 441 24.54 -17.77 -42.11
CA TYR B 441 24.79 -16.48 -42.72
C TYR B 441 23.47 -15.73 -42.92
N SER B 442 23.58 -14.53 -43.49
CA SER B 442 22.39 -13.75 -43.82
C SER B 442 21.86 -14.12 -45.20
N SER B 443 22.68 -13.96 -46.24
CA SER B 443 22.27 -14.41 -47.56
C SER B 443 23.45 -15.01 -48.31
N LEU B 444 23.11 -15.87 -49.27
CA LEU B 444 24.04 -16.71 -50.02
C LEU B 444 23.84 -16.49 -51.50
N ILE B 445 24.95 -16.35 -52.24
CA ILE B 445 24.88 -16.36 -53.68
C ILE B 445 25.92 -17.36 -54.21
N LEU B 446 25.44 -18.30 -55.02
CA LEU B 446 26.25 -19.39 -55.54
C LEU B 446 26.18 -19.34 -57.06
N ASP B 447 27.30 -19.01 -57.70
CA ASP B 447 27.37 -18.96 -59.15
C ASP B 447 28.16 -20.16 -59.66
N TYR B 448 27.51 -20.97 -60.48
CA TYR B 448 28.11 -22.19 -61.02
C TYR B 448 28.40 -22.03 -62.50
N PHE B 449 29.48 -22.67 -62.95
CA PHE B 449 29.96 -22.46 -64.30
C PHE B 449 30.74 -23.69 -64.75
N SER B 450 30.95 -23.78 -66.06
CA SER B 450 31.70 -24.88 -66.65
C SER B 450 33.19 -24.56 -66.55
N TYR B 451 33.83 -25.03 -65.49
CA TYR B 451 35.23 -24.71 -65.23
C TYR B 451 36.10 -25.96 -65.34
N PRO B 452 36.90 -26.08 -66.39
CA PRO B 452 37.77 -27.27 -66.54
C PRO B 452 39.06 -27.17 -65.76
N LEU B 453 39.92 -28.17 -65.97
CA LEU B 453 41.22 -28.27 -65.33
C LEU B 453 42.27 -27.34 -65.95
N SER B 454 42.07 -26.88 -67.18
CA SER B 454 43.09 -26.09 -67.86
C SER B 454 43.22 -24.69 -67.27
N MET B 455 42.08 -24.03 -67.06
CA MET B 455 42.03 -22.66 -66.53
C MET B 455 41.97 -22.64 -65.00
N LYS B 456 42.47 -23.70 -64.36
CA LYS B 456 42.32 -23.89 -62.92
C LYS B 456 42.99 -22.79 -62.11
N SER B 457 44.27 -22.54 -62.37
CA SER B 457 45.08 -21.61 -61.58
C SER B 457 44.60 -20.17 -61.70
N ASP B 458 43.76 -19.86 -62.68
CA ASP B 458 43.19 -18.54 -62.84
C ASP B 458 42.01 -18.28 -61.91
N LEU B 459 41.57 -19.28 -61.13
CA LEU B 459 40.54 -19.00 -60.14
C LEU B 459 41.05 -18.24 -58.92
N SER B 460 42.36 -18.06 -58.79
CA SER B 460 42.92 -17.38 -57.62
C SER B 460 42.51 -15.91 -57.62
N VAL B 461 42.37 -15.36 -56.41
CA VAL B 461 42.02 -13.95 -56.26
C VAL B 461 43.17 -13.07 -56.72
N SER B 462 44.41 -13.49 -56.45
CA SER B 462 45.59 -12.76 -56.89
C SER B 462 45.89 -12.96 -58.38
N SER B 463 45.22 -13.90 -59.04
CA SER B 463 45.45 -14.13 -60.46
C SER B 463 44.93 -12.95 -61.28
N ALA B 464 45.70 -12.59 -62.31
CA ALA B 464 45.35 -11.51 -63.22
C ALA B 464 45.10 -12.02 -64.62
N GLY B 465 44.91 -13.34 -64.76
CA GLY B 465 44.63 -13.92 -66.04
C GLY B 465 43.21 -13.66 -66.48
N PRO B 466 42.89 -14.14 -67.70
CA PRO B 466 41.60 -13.78 -68.33
C PRO B 466 40.35 -14.17 -67.54
N ILE B 467 40.41 -15.24 -66.75
CA ILE B 467 39.26 -15.62 -65.92
C ILE B 467 38.97 -14.56 -64.89
N SER B 468 40.00 -14.09 -64.18
CA SER B 468 39.82 -13.04 -63.18
C SER B 468 39.87 -11.64 -63.77
N GLN B 469 40.08 -11.51 -65.08
CA GLN B 469 40.19 -10.20 -65.71
C GLN B 469 38.95 -9.83 -66.51
N PHE B 470 38.33 -10.81 -67.20
CA PHE B 470 37.15 -10.54 -68.00
C PHE B 470 36.00 -11.51 -67.76
N ASN B 471 36.21 -12.60 -67.03
CA ASN B 471 35.18 -13.64 -66.89
C ASN B 471 34.49 -13.61 -65.54
N TYR B 472 35.23 -13.71 -64.44
CA TYR B 472 34.61 -13.81 -63.13
C TYR B 472 35.58 -13.33 -62.06
N LYS B 473 35.09 -12.48 -61.16
CA LYS B 473 35.85 -12.02 -60.01
C LYS B 473 35.05 -12.29 -58.74
N GLN B 474 35.74 -12.73 -57.69
CA GLN B 474 35.11 -13.05 -56.43
C GLN B 474 34.86 -11.78 -55.62
N SER B 475 34.06 -11.92 -54.56
CA SER B 475 33.74 -10.79 -53.69
C SER B 475 34.88 -10.55 -52.72
N PHE B 476 35.45 -9.34 -52.75
CA PHE B 476 36.54 -9.01 -51.85
C PHE B 476 36.04 -8.76 -50.42
N SER B 477 34.94 -8.02 -50.28
CA SER B 477 34.43 -7.65 -48.96
C SER B 477 33.60 -8.75 -48.32
N ASN B 478 33.38 -9.86 -49.01
CA ASN B 478 32.60 -10.96 -48.50
C ASN B 478 33.43 -12.24 -48.54
N PRO B 479 33.17 -13.18 -47.65
CA PRO B 479 33.86 -14.47 -47.72
C PRO B 479 33.52 -15.21 -49.01
N THR B 480 34.51 -15.88 -49.58
CA THR B 480 34.30 -16.56 -50.85
C THR B 480 34.81 -17.99 -50.76
N CYS B 481 34.26 -18.86 -51.61
CA CYS B 481 34.64 -20.26 -51.66
C CYS B 481 34.60 -20.74 -53.10
N LEU B 482 35.62 -21.50 -53.49
CA LEU B 482 35.73 -22.09 -54.81
C LEU B 482 35.68 -23.60 -54.67
N ILE B 483 34.72 -24.23 -55.34
CA ILE B 483 34.59 -25.68 -55.37
C ILE B 483 34.76 -26.13 -56.81
N LEU B 484 35.92 -26.70 -57.12
CA LEU B 484 36.17 -27.27 -58.44
C LEU B 484 35.91 -28.76 -58.36
N ALA B 485 34.78 -29.19 -58.91
CA ALA B 485 34.33 -30.56 -58.84
C ALA B 485 34.25 -31.15 -60.25
N THR B 486 34.09 -32.47 -60.29
CA THR B 486 33.96 -33.21 -61.52
C THR B 486 32.61 -33.92 -61.53
N VAL B 487 31.87 -33.77 -62.62
CA VAL B 487 30.60 -34.49 -62.74
C VAL B 487 30.90 -35.97 -62.93
N PRO B 488 30.37 -36.85 -62.08
CA PRO B 488 30.79 -38.25 -62.10
C PRO B 488 30.29 -39.00 -63.32
N HIS B 489 30.82 -40.21 -63.49
CA HIS B 489 30.42 -41.07 -64.60
C HIS B 489 28.95 -41.45 -64.51
N ASN B 490 28.50 -41.81 -63.32
CA ASN B 490 27.11 -42.22 -63.12
C ASN B 490 26.23 -41.05 -62.67
N LEU B 491 26.30 -39.95 -63.42
CA LEU B 491 25.45 -38.80 -63.15
C LEU B 491 25.16 -38.15 -64.50
N THR B 492 24.03 -38.53 -65.10
CA THR B 492 23.62 -38.08 -66.42
C THR B 492 22.63 -36.91 -66.31
N THR B 493 22.18 -36.61 -65.09
CA THR B 493 21.13 -35.61 -64.87
C THR B 493 21.54 -34.22 -65.33
N ILE B 494 22.78 -33.81 -65.07
CA ILE B 494 23.31 -32.59 -65.64
C ILE B 494 23.90 -32.94 -66.99
N THR B 495 23.81 -32.00 -67.92
CA THR B 495 24.39 -32.17 -69.26
C THR B 495 25.72 -31.43 -69.31
N LYS B 496 26.33 -31.42 -70.49
CA LYS B 496 27.57 -30.70 -70.67
C LYS B 496 27.42 -29.69 -71.79
N PRO B 497 28.19 -28.59 -71.76
CA PRO B 497 28.25 -27.70 -72.91
C PRO B 497 28.94 -28.38 -74.09
N LEU B 498 28.89 -27.71 -75.24
CA LEU B 498 29.60 -28.23 -76.40
C LEU B 498 31.11 -28.21 -76.19
N LYS B 499 31.62 -27.13 -75.59
CA LYS B 499 33.02 -27.04 -75.20
C LYS B 499 33.15 -25.96 -74.15
N TYR B 500 34.24 -26.02 -73.39
CA TYR B 500 34.56 -24.93 -72.47
C TYR B 500 35.03 -23.71 -73.25
N SER B 501 34.76 -22.53 -72.71
CA SER B 501 35.24 -21.31 -73.35
C SER B 501 35.35 -20.22 -72.30
N TYR B 502 36.12 -19.19 -72.64
CA TYR B 502 36.26 -18.01 -71.81
C TYR B 502 36.63 -16.83 -72.69
N ILE B 503 36.80 -15.67 -72.07
CA ILE B 503 37.11 -14.42 -72.76
C ILE B 503 38.51 -14.00 -72.36
N ASN B 504 39.40 -13.85 -73.33
CA ASN B 504 40.77 -13.46 -73.04
C ASN B 504 41.06 -12.00 -73.38
N LYS B 505 40.10 -11.28 -73.93
CA LYS B 505 40.26 -9.86 -74.23
C LYS B 505 38.89 -9.21 -74.25
N CYS B 506 38.73 -8.15 -73.47
CA CYS B 506 37.49 -7.39 -73.43
C CYS B 506 37.87 -5.92 -73.23
N SER B 507 37.73 -5.12 -74.29
CA SER B 507 38.16 -3.73 -74.25
C SER B 507 37.20 -2.89 -75.08
N ARG B 508 37.17 -1.60 -74.77
CA ARG B 508 36.26 -0.65 -75.41
C ARG B 508 37.07 0.28 -76.31
N LEU B 509 36.55 0.54 -77.50
CA LEU B 509 37.15 1.48 -78.42
C LEU B 509 36.26 2.71 -78.51
N LEU B 510 36.87 3.89 -78.41
CA LEU B 510 36.12 5.13 -78.32
C LEU B 510 35.61 5.55 -79.70
N SER B 511 34.92 6.71 -79.72
CA SER B 511 34.31 7.19 -80.96
C SER B 511 35.36 7.58 -82.00
N ASP B 512 36.53 8.06 -81.56
CA ASP B 512 37.61 8.34 -82.49
C ASP B 512 38.34 7.09 -82.94
N ASP B 513 38.05 5.94 -82.33
CA ASP B 513 38.64 4.64 -82.66
C ASP B 513 40.16 4.68 -82.50
N ARG B 514 40.61 5.35 -81.46
CA ARG B 514 42.04 5.47 -81.15
C ARG B 514 42.38 5.02 -79.74
N THR B 515 41.54 5.32 -78.77
CA THR B 515 41.81 5.01 -77.37
C THR B 515 41.15 3.70 -76.99
N GLU B 516 41.94 2.74 -76.52
CA GLU B 516 41.45 1.45 -76.08
C GLU B 516 41.41 1.44 -74.56
N VAL B 517 40.22 1.23 -74.00
CA VAL B 517 40.00 1.24 -72.55
C VAL B 517 39.79 -0.21 -72.10
N PRO B 518 40.69 -0.79 -71.32
CA PRO B 518 40.43 -2.11 -70.76
C PRO B 518 39.27 -2.10 -69.79
N GLN B 519 38.56 -3.22 -69.73
CA GLN B 519 37.41 -3.38 -68.84
C GLN B 519 37.71 -4.48 -67.83
N LEU B 520 37.33 -4.23 -66.58
CA LEU B 520 37.61 -5.13 -65.48
C LEU B 520 36.29 -5.74 -65.01
N VAL B 521 36.27 -7.07 -64.88
CA VAL B 521 35.11 -7.72 -64.27
C VAL B 521 35.12 -7.43 -62.77
N ASN B 522 33.97 -7.04 -62.25
CA ASN B 522 33.88 -6.67 -60.84
C ASN B 522 33.37 -7.84 -60.01
N ALA B 523 33.27 -7.63 -58.70
CA ALA B 523 32.83 -8.67 -57.80
C ALA B 523 31.33 -8.91 -57.95
N ASN B 524 30.96 -10.17 -58.18
CA ASN B 524 29.56 -10.60 -58.40
C ASN B 524 28.93 -9.83 -59.55
N GLN B 525 29.70 -9.59 -60.60
CA GLN B 525 29.33 -8.70 -61.69
C GLN B 525 29.72 -9.31 -63.03
N TYR B 526 28.93 -9.00 -64.05
CA TYR B 526 29.18 -9.45 -65.42
C TYR B 526 29.83 -8.34 -66.21
N SER B 527 30.96 -8.64 -66.83
CA SER B 527 31.55 -7.71 -67.78
C SER B 527 30.64 -7.55 -68.98
N PRO B 528 30.55 -6.34 -69.56
CA PRO B 528 29.63 -6.14 -70.69
C PRO B 528 30.00 -6.92 -71.95
N CYS B 529 31.23 -7.44 -72.06
CA CYS B 529 31.57 -8.30 -73.18
C CYS B 529 30.87 -9.66 -73.12
N VAL B 530 30.26 -9.99 -71.99
CA VAL B 530 29.34 -11.13 -71.91
C VAL B 530 28.18 -10.92 -72.88
N SER B 531 27.74 -9.67 -73.05
CA SER B 531 26.62 -9.36 -73.93
C SER B 531 26.90 -9.68 -75.40
N ILE B 532 28.17 -9.77 -75.80
CA ILE B 532 28.51 -10.11 -77.17
C ILE B 532 29.21 -11.46 -77.29
N VAL B 533 29.69 -12.04 -76.19
CA VAL B 533 30.28 -13.38 -76.22
C VAL B 533 29.19 -14.39 -75.87
N PRO B 534 28.87 -15.32 -76.76
CA PRO B 534 27.84 -16.32 -76.45
C PRO B 534 28.32 -17.31 -75.41
N SER B 535 27.36 -18.07 -74.87
CA SER B 535 27.65 -19.03 -73.80
C SER B 535 28.60 -20.13 -74.27
N THR B 536 28.42 -20.60 -75.50
CA THR B 536 29.34 -21.55 -76.11
C THR B 536 30.03 -20.88 -77.29
N VAL B 537 31.33 -20.64 -77.16
CA VAL B 537 32.14 -20.09 -78.23
C VAL B 537 32.54 -21.24 -79.14
N TRP B 538 32.41 -21.03 -80.46
CA TRP B 538 32.62 -22.13 -81.41
C TRP B 538 34.09 -22.51 -81.52
N GLU B 539 34.98 -21.52 -81.58
CA GLU B 539 36.40 -21.79 -81.80
C GLU B 539 37.24 -20.73 -81.08
N ASP B 540 38.50 -21.07 -80.86
CA ASP B 540 39.43 -20.17 -80.18
C ASP B 540 39.69 -18.93 -81.01
N GLY B 541 39.88 -17.81 -80.33
CA GLY B 541 40.20 -16.56 -80.99
C GLY B 541 39.05 -15.92 -81.74
N ASP B 542 37.81 -16.21 -81.35
CA ASP B 542 36.67 -15.58 -82.00
C ASP B 542 36.58 -14.11 -81.61
N TYR B 543 36.59 -13.24 -82.60
CA TYR B 543 36.51 -11.80 -82.39
C TYR B 543 35.05 -11.37 -82.53
N TYR B 544 34.43 -11.05 -81.41
CA TYR B 544 33.04 -10.62 -81.37
C TYR B 544 32.99 -9.10 -81.35
N ARG B 545 32.17 -8.52 -82.23
CA ARG B 545 32.16 -7.09 -82.46
C ARG B 545 30.72 -6.58 -82.43
N LYS B 546 30.57 -5.33 -82.00
CA LYS B 546 29.26 -4.68 -81.95
C LYS B 546 29.46 -3.18 -82.05
N GLN B 547 28.40 -2.48 -82.41
CA GLN B 547 28.42 -1.02 -82.51
C GLN B 547 27.95 -0.40 -81.20
N LEU B 548 28.78 0.46 -80.61
CA LEU B 548 28.45 1.12 -79.36
C LEU B 548 27.65 2.38 -79.63
N SER B 549 26.58 2.57 -78.86
CA SER B 549 25.80 3.79 -78.93
C SER B 549 26.61 4.95 -78.32
N PRO B 550 26.39 6.18 -78.80
CA PRO B 550 27.09 7.33 -78.22
C PRO B 550 26.74 7.59 -76.76
N LEU B 551 25.61 7.10 -76.27
CA LEU B 551 25.26 7.25 -74.86
C LEU B 551 26.17 6.44 -73.95
N GLU B 552 26.80 5.38 -74.47
CA GLU B 552 27.74 4.58 -73.70
C GLU B 552 29.19 4.99 -73.94
N GLY B 553 29.41 6.14 -74.55
CA GLY B 553 30.74 6.59 -74.93
C GLY B 553 31.03 6.44 -76.41
N GLY B 554 30.22 5.70 -77.15
CA GLY B 554 30.40 5.56 -78.57
C GLY B 554 31.49 4.58 -78.95
N GLY B 555 31.69 4.45 -80.25
CA GLY B 555 32.78 3.62 -80.75
C GLY B 555 32.35 2.22 -81.12
N TRP B 556 33.27 1.28 -80.94
CA TRP B 556 33.13 -0.08 -81.43
C TRP B 556 33.58 -1.07 -80.36
N LEU B 557 32.63 -1.93 -79.96
CA LEU B 557 32.80 -2.86 -78.86
C LEU B 557 33.42 -4.15 -79.38
N VAL B 558 34.50 -4.59 -78.75
CA VAL B 558 35.22 -5.79 -79.16
C VAL B 558 35.35 -6.73 -77.97
N ALA B 559 35.46 -8.02 -78.30
CA ALA B 559 35.83 -9.04 -77.33
C ALA B 559 36.49 -10.19 -78.07
N SER B 560 37.32 -10.95 -77.37
CA SER B 560 37.98 -12.10 -77.94
C SER B 560 37.71 -13.32 -77.06
N GLY B 561 37.17 -14.37 -77.66
CA GLY B 561 36.81 -15.59 -76.96
C GLY B 561 37.73 -16.73 -77.35
N SER B 562 38.16 -17.49 -76.34
CA SER B 562 39.00 -18.66 -76.51
C SER B 562 38.24 -19.89 -76.04
N THR B 563 38.58 -21.04 -76.61
CA THR B 563 37.89 -22.30 -76.33
C THR B 563 38.86 -23.33 -75.77
N VAL B 564 38.47 -23.94 -74.67
CA VAL B 564 39.12 -25.11 -74.12
C VAL B 564 38.24 -26.32 -74.40
N ALA B 565 38.79 -27.34 -75.03
CA ALA B 565 38.02 -28.50 -75.45
C ALA B 565 37.50 -29.27 -74.24
N MET B 566 36.35 -29.92 -74.44
CA MET B 566 35.74 -30.73 -73.40
C MET B 566 36.60 -31.93 -73.04
N THR B 567 36.80 -32.13 -71.74
CA THR B 567 37.50 -33.29 -71.24
C THR B 567 36.59 -34.52 -71.33
N GLU B 568 37.16 -35.70 -71.04
CA GLU B 568 36.36 -36.91 -71.05
C GLU B 568 35.37 -36.95 -69.90
N GLN B 569 35.62 -36.19 -68.84
CA GLN B 569 34.71 -36.09 -67.71
C GLN B 569 34.45 -34.62 -67.40
N LEU B 570 33.18 -34.28 -67.23
CA LEU B 570 32.75 -32.89 -67.13
C LEU B 570 33.17 -32.27 -65.80
N GLN B 571 33.69 -31.05 -65.87
CA GLN B 571 34.20 -30.36 -64.68
C GLN B 571 33.45 -29.05 -64.46
N MET B 572 32.94 -28.88 -63.24
CA MET B 572 32.22 -27.70 -62.79
C MET B 572 33.04 -26.89 -61.80
N GLY B 573 32.81 -25.57 -61.83
CA GLY B 573 33.33 -24.68 -60.82
C GLY B 573 32.23 -23.89 -60.16
N PHE B 574 32.18 -23.93 -58.84
CA PHE B 574 31.15 -23.26 -58.05
C PHE B 574 31.81 -22.17 -57.21
N GLY B 575 31.18 -20.99 -57.18
CA GLY B 575 31.60 -19.89 -56.34
C GLY B 575 30.53 -19.57 -55.31
N ILE B 576 30.93 -19.63 -54.05
CA ILE B 576 30.06 -19.33 -52.91
C ILE B 576 30.45 -17.98 -52.33
N THR B 577 29.49 -17.08 -52.22
CA THR B 577 29.71 -15.78 -51.59
C THR B 577 28.61 -15.56 -50.57
N VAL B 578 29.00 -15.45 -49.31
CA VAL B 578 28.08 -15.21 -48.21
C VAL B 578 28.19 -13.76 -47.80
N GLN B 579 27.05 -13.11 -47.58
CA GLN B 579 27.06 -11.73 -47.13
C GLN B 579 26.12 -11.58 -45.93
N TYR B 580 26.59 -10.82 -44.94
CA TYR B 580 25.93 -10.63 -43.66
C TYR B 580 25.09 -9.36 -43.61
N GLY B 581 25.56 -8.29 -44.25
CA GLY B 581 24.86 -7.01 -44.19
C GLY B 581 23.64 -6.90 -45.05
N THR B 582 23.37 -7.89 -45.90
CA THR B 582 22.20 -7.82 -46.77
C THR B 582 20.90 -8.14 -46.02
N ASP B 583 20.95 -8.99 -45.01
CA ASP B 583 19.74 -9.41 -44.32
C ASP B 583 20.09 -9.85 -42.91
N THR B 584 19.09 -10.37 -42.20
CA THR B 584 19.32 -11.02 -40.91
C THR B 584 19.95 -12.38 -41.13
N ASN B 585 20.75 -12.82 -40.17
CA ASN B 585 21.49 -14.07 -40.30
C ASN B 585 20.53 -15.25 -40.27
N SER B 586 20.13 -15.70 -41.46
CA SER B 586 18.99 -16.61 -41.56
C SER B 586 19.32 -17.90 -42.31
N VAL B 587 20.27 -17.87 -43.24
CA VAL B 587 20.56 -19.09 -43.98
C VAL B 587 21.49 -19.98 -43.14
N CYS B 588 20.87 -20.78 -42.29
CA CYS B 588 21.36 -21.78 -41.37
C CYS B 588 21.51 -23.12 -42.08
N PRO B 589 22.48 -23.92 -41.66
CA PRO B 589 22.60 -25.30 -42.15
C PRO B 589 21.63 -26.21 -41.42
N LYS B 590 21.65 -27.49 -41.78
CA LYS B 590 20.79 -28.49 -41.14
C LYS B 590 21.37 -28.80 -39.76
N LEU B 591 21.09 -27.92 -38.81
CA LEU B 591 21.67 -28.02 -37.48
C LEU B 591 20.85 -29.00 -36.64
N GLU B 592 21.51 -30.08 -36.19
CA GLU B 592 20.98 -31.07 -35.28
C GLU B 592 19.67 -31.68 -35.80
N PHE B 593 18.54 -31.05 -35.49
CA PHE B 593 17.21 -31.40 -35.98
C PHE B 593 16.77 -32.82 -35.59
N ALA B 594 17.45 -33.83 -36.13
CA ALA B 594 17.02 -35.21 -35.94
C ALA B 594 17.25 -35.72 -34.53
N ASN B 595 18.10 -35.05 -33.73
CA ASN B 595 18.42 -35.56 -32.41
C ASN B 595 17.33 -35.22 -31.40
N ASP B 596 17.11 -33.93 -31.13
CA ASP B 596 16.03 -33.53 -30.23
C ASP B 596 15.49 -32.15 -30.65
N THR B 597 14.47 -32.18 -31.51
CA THR B 597 13.66 -31.01 -31.79
C THR B 597 12.18 -31.38 -31.76
N LYS B 598 11.89 -32.66 -31.97
CA LYS B 598 10.52 -33.11 -32.00
C LYS B 598 10.03 -33.44 -30.59
N ILE B 599 8.73 -33.69 -30.48
CA ILE B 599 8.13 -34.00 -29.20
C ILE B 599 8.57 -35.38 -28.71
N ALA B 600 8.55 -36.37 -29.61
CA ALA B 600 8.89 -37.74 -29.24
C ALA B 600 10.36 -37.92 -28.88
N SER B 601 11.22 -36.97 -29.25
CA SER B 601 12.64 -37.08 -28.89
C SER B 601 12.85 -36.93 -27.40
N GLN B 602 12.03 -36.12 -26.74
CA GLN B 602 12.20 -35.83 -25.32
C GLN B 602 10.84 -35.90 -24.63
N LEU B 603 10.06 -36.91 -25.03
CA LEU B 603 8.68 -37.04 -24.57
C LEU B 603 8.62 -37.46 -23.11
N GLY B 604 7.69 -36.86 -22.36
CA GLY B 604 7.53 -37.19 -20.96
C GLY B 604 8.59 -36.63 -20.05
N ASN B 605 9.29 -35.58 -20.47
CA ASN B 605 10.43 -35.05 -19.74
C ASN B 605 10.31 -33.54 -19.61
N CYS B 606 10.92 -33.01 -18.56
CA CYS B 606 10.87 -31.58 -18.28
C CYS B 606 11.69 -30.82 -19.32
N VAL B 607 11.01 -30.04 -20.14
CA VAL B 607 11.63 -29.31 -21.24
C VAL B 607 11.49 -27.81 -20.99
N GLU B 608 12.60 -27.10 -21.19
CA GLU B 608 12.59 -25.64 -21.23
C GLU B 608 12.50 -25.24 -22.70
N TYR B 609 11.29 -25.43 -23.24
CA TYR B 609 11.05 -25.22 -24.66
C TYR B 609 11.05 -23.73 -25.01
N SER B 610 11.42 -23.45 -26.25
CA SER B 610 11.16 -22.14 -26.86
C SER B 610 10.75 -22.40 -28.30
N LEU B 611 9.44 -22.59 -28.52
CA LEU B 611 8.89 -22.84 -29.85
C LEU B 611 8.92 -21.54 -30.64
N TYR B 612 10.13 -21.22 -31.13
CA TYR B 612 10.39 -20.10 -32.04
C TYR B 612 9.85 -18.79 -31.50
N GLY B 613 9.99 -18.60 -30.19
CA GLY B 613 9.43 -17.45 -29.52
C GLY B 613 8.50 -17.81 -28.39
N VAL B 614 7.87 -18.99 -28.46
CA VAL B 614 6.94 -19.44 -27.44
C VAL B 614 7.77 -20.16 -26.38
N SER B 615 8.29 -19.42 -25.43
CA SER B 615 9.18 -19.98 -24.41
C SER B 615 8.40 -20.40 -23.18
N GLY B 616 8.98 -21.35 -22.46
CA GLY B 616 8.37 -21.83 -21.23
C GLY B 616 8.95 -23.16 -20.82
N ARG B 617 8.43 -23.69 -19.71
CA ARG B 617 8.83 -24.98 -19.19
C ARG B 617 7.61 -25.88 -19.05
N GLY B 618 7.76 -27.13 -19.45
CA GLY B 618 6.64 -28.04 -19.47
C GLY B 618 7.10 -29.48 -19.57
N VAL B 619 6.15 -30.36 -19.85
CA VAL B 619 6.44 -31.77 -20.11
C VAL B 619 5.68 -32.19 -21.36
N PHE B 620 6.39 -32.75 -22.32
CA PHE B 620 5.77 -33.35 -23.50
C PHE B 620 4.86 -34.51 -23.09
N GLN B 621 3.64 -34.52 -23.62
CA GLN B 621 2.77 -35.67 -23.40
C GLN B 621 1.82 -35.80 -24.57
N ASN B 622 1.29 -37.01 -24.77
CA ASN B 622 0.35 -37.27 -25.85
C ASN B 622 -1.07 -37.00 -25.35
N CYS B 623 -1.58 -35.81 -25.65
CA CYS B 623 -2.95 -35.45 -25.33
C CYS B 623 -3.80 -35.42 -26.59
N THR B 624 -5.11 -35.45 -26.37
CA THR B 624 -6.07 -35.48 -27.47
C THR B 624 -6.10 -34.15 -28.20
N ALA B 625 -6.23 -34.22 -29.52
CA ALA B 625 -6.18 -33.03 -30.37
C ALA B 625 -7.43 -32.18 -30.15
N VAL B 626 -7.24 -30.94 -29.69
CA VAL B 626 -8.32 -30.04 -29.37
C VAL B 626 -8.07 -28.69 -30.02
N GLY B 627 -9.14 -27.93 -30.19
CA GLY B 627 -9.04 -26.61 -30.79
C GLY B 627 -8.80 -26.68 -32.29
N VAL B 628 -8.52 -25.51 -32.85
CA VAL B 628 -8.25 -25.41 -34.28
C VAL B 628 -6.80 -25.80 -34.55
N ARG B 629 -6.61 -26.68 -35.53
CA ARG B 629 -5.28 -27.21 -35.84
C ARG B 629 -4.36 -26.13 -36.39
N GLN B 630 -4.91 -25.21 -37.19
CA GLN B 630 -4.11 -24.18 -37.83
C GLN B 630 -3.55 -23.17 -36.86
N GLN B 631 -4.26 -22.91 -35.75
CA GLN B 631 -3.71 -22.05 -34.71
C GLN B 631 -2.48 -22.67 -34.06
N ARG B 632 -2.55 -23.98 -33.78
CA ARG B 632 -1.43 -24.85 -33.40
C ARG B 632 -0.89 -24.56 -32.00
N PHE B 633 -1.36 -23.49 -31.38
CA PHE B 633 -0.97 -23.13 -30.01
C PHE B 633 -2.24 -22.74 -29.27
N VAL B 634 -2.47 -23.40 -28.13
CA VAL B 634 -3.70 -23.21 -27.36
C VAL B 634 -3.33 -22.82 -25.93
N TYR B 635 -4.02 -21.83 -25.40
CA TYR B 635 -3.87 -21.45 -24.00
C TYR B 635 -5.09 -21.89 -23.20
N ASP B 636 -5.11 -21.51 -21.93
CA ASP B 636 -6.23 -21.72 -21.02
C ASP B 636 -6.84 -20.37 -20.64
N ALA B 637 -7.76 -20.40 -19.68
CA ALA B 637 -8.35 -19.17 -19.15
C ALA B 637 -7.31 -18.28 -18.48
N TYR B 638 -6.23 -18.86 -17.94
CA TYR B 638 -5.14 -18.09 -17.38
C TYR B 638 -4.03 -17.84 -18.40
N GLN B 639 -4.28 -18.15 -19.67
CA GLN B 639 -3.36 -17.88 -20.79
C GLN B 639 -2.03 -18.62 -20.60
N ASN B 640 -2.14 -19.91 -20.33
CA ASN B 640 -1.00 -20.79 -20.17
C ASN B 640 -1.12 -21.92 -21.18
N LEU B 641 0.01 -22.31 -21.75
CA LEU B 641 0.01 -23.24 -22.88
C LEU B 641 -0.51 -24.61 -22.45
N VAL B 642 -1.49 -25.10 -23.19
CA VAL B 642 -2.04 -26.43 -23.00
C VAL B 642 -1.36 -27.44 -23.90
N GLY B 643 -1.15 -27.10 -25.16
CA GLY B 643 -0.46 -28.01 -26.05
C GLY B 643 -0.19 -27.41 -27.40
N TYR B 644 0.24 -28.28 -28.32
CA TYR B 644 0.78 -27.84 -29.60
C TYR B 644 0.66 -28.99 -30.59
N TYR B 645 0.35 -28.66 -31.83
CA TYR B 645 0.25 -29.66 -32.89
C TYR B 645 1.61 -29.83 -33.56
N SER B 646 2.18 -31.01 -33.43
CA SER B 646 3.46 -31.29 -34.05
C SER B 646 3.30 -31.47 -35.55
N ASP B 647 4.44 -31.55 -36.24
CA ASP B 647 4.44 -31.64 -37.70
C ASP B 647 3.85 -32.95 -38.22
N ASP B 648 3.89 -34.00 -37.40
CA ASP B 648 3.28 -35.27 -37.80
C ASP B 648 1.75 -35.21 -37.80
N GLY B 649 1.17 -34.14 -37.29
CA GLY B 649 -0.26 -34.05 -37.08
C GLY B 649 -0.70 -34.54 -35.71
N ASN B 650 0.19 -35.16 -34.96
CA ASN B 650 -0.11 -35.63 -33.62
C ASN B 650 -0.01 -34.46 -32.65
N TYR B 651 -1.10 -34.18 -31.96
CA TYR B 651 -1.13 -33.14 -30.96
C TYR B 651 -0.46 -33.62 -29.69
N TYR B 652 0.23 -32.71 -29.01
CA TYR B 652 0.95 -33.04 -27.80
C TYR B 652 0.80 -31.92 -26.79
N CYS B 653 0.44 -32.27 -25.57
CA CYS B 653 0.19 -31.29 -24.52
C CYS B 653 1.45 -31.02 -23.72
N LEU B 654 1.59 -29.76 -23.33
CA LEU B 654 2.60 -29.27 -22.41
C LEU B 654 1.86 -28.70 -21.21
N ARG B 655 2.20 -29.16 -20.01
CA ARG B 655 1.49 -28.70 -18.82
C ARG B 655 2.38 -27.90 -17.87
N ALA B 656 3.46 -28.49 -17.38
CA ALA B 656 4.34 -27.85 -16.41
C ALA B 656 5.58 -28.73 -16.24
N CYS B 657 6.56 -28.20 -15.51
CA CYS B 657 7.72 -28.95 -15.03
C CYS B 657 7.65 -28.86 -13.51
N VAL B 658 6.93 -29.78 -12.89
CA VAL B 658 6.56 -29.72 -11.48
C VAL B 658 7.44 -30.68 -10.68
N SER B 659 7.94 -30.21 -9.55
CA SER B 659 8.70 -31.03 -8.62
C SER B 659 7.96 -31.12 -7.29
N VAL B 660 8.63 -31.66 -6.28
CA VAL B 660 8.00 -32.00 -5.01
C VAL B 660 8.25 -30.89 -3.99
N PRO B 661 7.26 -30.53 -3.17
CA PRO B 661 7.52 -29.63 -2.04
C PRO B 661 8.48 -30.25 -1.03
N VAL B 662 9.24 -29.38 -0.37
CA VAL B 662 10.21 -29.77 0.65
C VAL B 662 9.87 -29.02 1.92
N SER B 663 9.88 -29.74 3.05
CA SER B 663 9.68 -29.14 4.36
C SER B 663 10.67 -29.78 5.33
N VAL B 664 10.78 -29.19 6.52
CA VAL B 664 11.71 -29.67 7.53
C VAL B 664 10.97 -29.83 8.85
N ILE B 665 11.35 -30.84 9.61
CA ILE B 665 10.90 -31.01 10.99
C ILE B 665 12.14 -30.92 11.87
N TYR B 666 11.98 -30.34 13.06
CA TYR B 666 13.11 -30.23 13.98
C TYR B 666 12.61 -30.19 15.41
N ASP B 667 13.16 -31.07 16.24
CA ASP B 667 12.91 -31.02 17.68
C ASP B 667 13.90 -30.06 18.31
N LYS B 668 13.39 -29.08 19.05
CA LYS B 668 14.27 -28.18 19.78
C LYS B 668 14.92 -28.90 20.95
N GLU B 669 16.03 -28.33 21.42
CA GLU B 669 16.88 -28.71 22.56
C GLU B 669 17.44 -30.13 22.46
N THR B 670 17.13 -30.83 21.37
CA THR B 670 17.73 -32.12 21.03
C THR B 670 17.95 -32.09 19.53
N LYS B 671 19.20 -32.01 19.10
CA LYS B 671 19.53 -31.64 17.72
C LYS B 671 19.12 -32.77 16.78
N THR B 672 17.83 -32.82 16.48
CA THR B 672 17.23 -33.87 15.67
C THR B 672 16.31 -33.21 14.66
N HIS B 673 16.72 -33.22 13.40
CA HIS B 673 15.93 -32.66 12.32
C HIS B 673 15.84 -33.66 11.18
N ALA B 674 14.72 -33.61 10.46
CA ALA B 674 14.50 -34.47 9.31
C ALA B 674 13.85 -33.66 8.21
N THR B 675 13.94 -34.17 6.99
CA THR B 675 13.33 -33.51 5.83
C THR B 675 12.16 -34.34 5.31
N LEU B 676 11.15 -33.65 4.79
CA LEU B 676 9.94 -34.30 4.34
C LEU B 676 9.54 -33.74 2.98
N PHE B 677 8.83 -34.55 2.22
CA PHE B 677 8.41 -34.22 0.87
C PHE B 677 6.95 -34.63 0.73
N GLY B 678 6.12 -33.71 0.24
CA GLY B 678 4.67 -33.87 0.30
C GLY B 678 4.09 -34.43 -0.98
N SER B 679 3.15 -35.37 -0.82
CA SER B 679 2.35 -35.94 -1.91
C SER B 679 3.23 -36.56 -3.00
N VAL B 680 4.13 -37.45 -2.59
CA VAL B 680 5.18 -37.94 -3.48
C VAL B 680 5.42 -39.43 -3.22
N ALA B 681 5.64 -40.18 -4.29
CA ALA B 681 6.22 -41.50 -4.17
C ALA B 681 7.74 -41.38 -4.17
N CYS B 682 8.40 -42.22 -3.38
CA CYS B 682 9.84 -42.07 -3.13
C CYS B 682 10.60 -42.43 -4.39
N GLU B 683 10.62 -41.47 -5.32
CA GLU B 683 11.17 -41.60 -6.65
C GLU B 683 12.45 -40.81 -6.85
N HIS B 684 12.50 -39.59 -6.33
CA HIS B 684 13.63 -38.70 -6.54
C HIS B 684 14.61 -38.78 -5.37
N ILE B 685 15.90 -38.72 -5.71
CA ILE B 685 17.00 -38.68 -4.75
C ILE B 685 17.64 -37.33 -5.01
N SER B 686 18.73 -37.01 -4.31
CA SER B 686 19.36 -35.68 -4.36
C SER B 686 20.00 -35.32 -5.73
N SER B 687 19.74 -36.08 -6.81
CA SER B 687 20.36 -35.87 -8.11
C SER B 687 20.06 -34.52 -8.73
N THR B 688 18.81 -34.27 -9.14
CA THR B 688 18.45 -33.05 -9.84
C THR B 688 17.75 -32.13 -8.85
N MET B 689 18.55 -31.36 -8.13
CA MET B 689 18.06 -30.38 -7.17
C MET B 689 18.06 -29.00 -7.81
N SER B 690 17.78 -28.00 -6.99
CA SER B 690 17.95 -26.57 -7.28
C SER B 690 18.25 -25.90 -5.96
N GLN B 691 17.96 -24.59 -5.87
CA GLN B 691 18.13 -23.74 -4.68
C GLN B 691 19.48 -23.89 -3.98
N TYR B 692 19.54 -23.60 -2.68
CA TYR B 692 20.83 -23.40 -2.03
C TYR B 692 21.50 -24.74 -1.72
N SER B 693 22.52 -24.69 -0.87
CA SER B 693 23.41 -25.82 -0.60
C SER B 693 22.67 -26.91 0.18
N ARG B 694 23.42 -27.97 0.52
CA ARG B 694 22.84 -29.18 1.07
C ARG B 694 22.26 -28.95 2.46
N SER B 695 21.14 -29.61 2.74
CA SER B 695 20.40 -29.36 3.97
C SER B 695 19.97 -30.66 4.67
N THR B 696 20.58 -31.79 4.34
CA THR B 696 20.13 -33.08 4.83
C THR B 696 21.27 -33.80 5.54
N ARG B 697 21.00 -35.05 5.93
CA ARG B 697 21.94 -35.92 6.61
C ARG B 697 22.34 -37.06 5.68
N SER B 698 23.27 -37.90 6.14
CA SER B 698 23.66 -39.07 5.37
C SER B 698 22.51 -40.05 5.29
N MET B 699 22.25 -40.59 4.10
CA MET B 699 21.04 -41.36 3.88
C MET B 699 21.36 -42.75 3.35
N TYR B 707 16.73 -46.86 7.96
CA TYR B 707 17.71 -46.03 7.25
C TYR B 707 17.37 -45.93 5.77
N GLY B 708 16.28 -45.24 5.48
CA GLY B 708 15.84 -45.07 4.12
C GLY B 708 14.71 -44.07 3.97
N PRO B 709 14.38 -43.72 2.73
CA PRO B 709 13.28 -42.78 2.48
C PRO B 709 11.93 -43.46 2.74
N LEU B 710 11.32 -43.15 3.88
CA LEU B 710 10.07 -43.79 4.25
C LEU B 710 8.92 -43.19 3.44
N GLN B 711 8.10 -44.06 2.86
CA GLN B 711 6.96 -43.65 2.05
C GLN B 711 5.75 -43.50 2.96
N THR B 712 5.59 -42.29 3.48
CA THR B 712 4.41 -41.94 4.26
C THR B 712 3.22 -41.76 3.32
N PRO B 713 2.00 -41.91 3.84
CA PRO B 713 0.81 -41.60 3.03
C PRO B 713 0.76 -40.17 2.54
N VAL B 714 1.41 -39.24 3.25
CA VAL B 714 1.50 -37.85 2.78
C VAL B 714 2.70 -37.61 1.89
N GLY B 715 3.58 -38.59 1.70
CA GLY B 715 4.72 -38.38 0.82
C GLY B 715 5.94 -39.22 1.16
N CYS B 716 7.11 -38.59 1.22
CA CYS B 716 8.35 -39.30 1.46
C CYS B 716 9.20 -38.54 2.46
N VAL B 717 9.71 -39.22 3.47
CA VAL B 717 10.47 -38.57 4.54
C VAL B 717 11.86 -39.18 4.60
N LEU B 718 12.85 -38.31 4.80
CA LEU B 718 14.24 -38.69 5.01
C LEU B 718 14.72 -38.10 6.33
N GLY B 719 15.68 -38.77 6.96
CA GLY B 719 16.08 -38.39 8.29
C GLY B 719 15.17 -38.88 9.38
N LEU B 720 14.23 -39.76 9.06
CA LEU B 720 13.32 -40.37 10.01
C LEU B 720 13.42 -41.88 9.86
N VAL B 721 13.44 -42.58 10.98
CA VAL B 721 13.47 -44.04 10.98
C VAL B 721 12.08 -44.55 11.33
N ASN B 722 11.62 -45.55 10.58
CA ASN B 722 10.28 -46.08 10.75
C ASN B 722 10.17 -46.82 12.07
N SER B 723 9.05 -46.61 12.76
CA SER B 723 8.71 -47.35 13.97
C SER B 723 7.21 -47.26 14.16
N SER B 724 6.59 -48.39 14.51
CA SER B 724 5.14 -48.47 14.67
C SER B 724 4.79 -48.08 16.10
N LEU B 725 4.99 -46.80 16.42
CA LEU B 725 4.70 -46.25 17.72
C LEU B 725 3.35 -45.54 17.68
N PHE B 726 2.69 -45.51 18.84
CA PHE B 726 1.35 -44.95 18.96
C PHE B 726 1.38 -43.87 20.02
N VAL B 727 1.04 -42.65 19.64
CA VAL B 727 1.16 -41.49 20.50
C VAL B 727 -0.17 -40.75 20.51
N GLU B 728 -0.45 -40.07 21.61
CA GLU B 728 -1.64 -39.23 21.74
C GLU B 728 -1.31 -37.77 21.98
N ASP B 729 -0.18 -37.47 22.61
CA ASP B 729 0.22 -36.11 22.95
C ASP B 729 1.31 -35.60 22.02
N CYS B 730 1.20 -35.92 20.73
CA CYS B 730 2.20 -35.49 19.75
C CYS B 730 2.21 -33.98 19.60
N LYS B 731 3.35 -33.37 19.89
CA LYS B 731 3.50 -31.93 19.83
C LYS B 731 4.32 -31.45 18.64
N LEU B 732 4.83 -32.37 17.81
CA LEU B 732 5.42 -32.03 16.52
C LEU B 732 4.73 -32.94 15.50
N PRO B 733 3.52 -32.59 15.07
CA PRO B 733 2.77 -33.47 14.18
C PRO B 733 3.30 -33.45 12.75
N LEU B 734 2.99 -34.52 12.02
CA LEU B 734 3.38 -34.64 10.62
C LEU B 734 2.19 -34.89 9.70
N GLY B 735 1.04 -34.30 9.98
CA GLY B 735 -0.10 -34.48 9.11
C GLY B 735 -0.84 -35.79 9.37
N GLN B 736 -2.17 -35.73 9.20
CA GLN B 736 -3.09 -36.83 9.44
C GLN B 736 -2.95 -37.40 10.84
N SER B 737 -2.17 -38.47 10.99
CA SER B 737 -1.92 -39.09 12.28
C SER B 737 -0.45 -39.47 12.41
N LEU B 738 0.44 -38.65 11.87
CA LEU B 738 1.85 -38.97 11.78
C LEU B 738 2.63 -38.12 12.77
N CYS B 739 3.61 -38.72 13.45
CA CYS B 739 4.40 -38.03 14.45
C CYS B 739 5.81 -38.57 14.42
N ALA B 740 6.69 -37.91 15.17
CA ALA B 740 8.09 -38.32 15.25
C ALA B 740 8.64 -37.90 16.61
N LEU B 741 9.54 -38.74 17.13
CA LEU B 741 10.00 -38.53 18.50
C LEU B 741 11.38 -39.14 18.71
N PRO B 742 12.36 -38.37 19.16
CA PRO B 742 13.67 -38.93 19.52
C PRO B 742 13.74 -39.31 20.99
N ASP B 743 14.63 -40.26 21.28
CA ASP B 743 14.72 -40.84 22.61
C ASP B 743 15.34 -39.85 23.59
N THR B 744 16.46 -39.22 23.21
CA THR B 744 17.16 -38.31 24.10
C THR B 744 17.92 -37.25 23.31
N PRO B 757 22.52 -37.31 18.56
CA PRO B 757 23.49 -38.03 17.73
C PRO B 757 22.82 -38.80 16.60
N GLY B 758 21.70 -39.45 16.90
CA GLY B 758 20.97 -40.20 15.90
C GLY B 758 19.82 -39.42 15.31
N GLU B 759 18.72 -40.12 15.01
CA GLU B 759 17.54 -39.48 14.43
C GLU B 759 16.30 -39.98 15.15
N MET B 760 15.25 -39.16 15.09
CA MET B 760 14.01 -39.47 15.78
C MET B 760 13.30 -40.65 15.11
N ARG B 761 12.42 -41.29 15.88
CA ARG B 761 11.68 -42.46 15.42
C ARG B 761 10.26 -42.08 15.03
N LEU B 762 9.72 -42.77 14.02
CA LEU B 762 8.38 -42.51 13.55
C LEU B 762 7.35 -42.98 14.58
N ALA B 763 6.20 -42.32 14.59
CA ALA B 763 5.11 -42.69 15.48
C ALA B 763 3.80 -42.38 14.80
N SER B 764 2.74 -43.04 15.25
CA SER B 764 1.40 -42.77 14.77
C SER B 764 0.63 -42.00 15.85
N ILE B 765 -0.01 -40.91 15.45
CA ILE B 765 -0.84 -40.18 16.39
C ILE B 765 -2.11 -40.97 16.59
N ALA B 766 -2.16 -41.73 17.68
CA ALA B 766 -3.32 -42.56 17.97
C ALA B 766 -4.50 -41.68 18.38
N PHE B 767 -5.69 -42.27 18.35
CA PHE B 767 -6.91 -41.60 18.78
C PHE B 767 -7.17 -41.97 20.24
N ASN B 768 -7.44 -40.96 21.05
CA ASN B 768 -7.76 -41.21 22.45
C ASN B 768 -9.14 -41.83 22.55
N HIS B 769 -9.17 -43.16 22.59
CA HIS B 769 -10.44 -43.87 22.50
C HIS B 769 -11.22 -43.75 23.80
N PRO B 770 -12.50 -43.40 23.74
CA PRO B 770 -13.34 -43.44 24.94
C PRO B 770 -13.54 -44.87 25.40
N ILE B 771 -13.85 -45.00 26.69
CA ILE B 771 -14.05 -46.32 27.29
C ILE B 771 -15.30 -46.96 26.68
N GLN B 772 -15.16 -48.21 26.25
CA GLN B 772 -16.27 -48.92 25.63
C GLN B 772 -17.38 -49.18 26.64
N VAL B 773 -18.61 -48.95 26.21
CA VAL B 773 -19.79 -49.38 26.94
C VAL B 773 -20.70 -50.10 25.96
N ASP B 774 -21.49 -51.03 26.48
CA ASP B 774 -22.38 -51.83 25.67
C ASP B 774 -23.80 -51.32 25.79
N GLN B 775 -24.63 -51.67 24.81
CA GLN B 775 -26.06 -51.38 24.87
C GLN B 775 -26.82 -52.67 25.10
N LEU B 776 -27.68 -52.67 26.11
CA LEU B 776 -28.42 -53.87 26.50
C LEU B 776 -29.84 -53.80 25.96
N ASN B 777 -30.39 -54.97 25.64
CA ASN B 777 -31.74 -55.09 25.12
C ASN B 777 -32.75 -55.52 26.17
N SER B 778 -32.34 -55.64 27.43
CA SER B 778 -33.25 -56.08 28.48
C SER B 778 -33.81 -54.88 29.24
N SER B 779 -34.61 -55.16 30.27
CA SER B 779 -35.29 -54.13 31.04
C SER B 779 -34.39 -53.44 32.06
N TYR B 780 -33.20 -53.97 32.31
CA TYR B 780 -32.27 -53.35 33.24
C TYR B 780 -31.50 -52.23 32.57
N PHE B 781 -30.45 -51.75 33.24
CA PHE B 781 -29.58 -50.74 32.66
C PHE B 781 -28.17 -50.99 33.16
N LYS B 782 -27.18 -50.58 32.37
CA LYS B 782 -25.78 -50.65 32.78
C LYS B 782 -25.26 -49.26 33.08
N LEU B 783 -24.27 -49.18 33.97
CA LEU B 783 -23.72 -47.91 34.39
C LEU B 783 -22.20 -48.00 34.38
N SER B 784 -21.55 -46.99 33.81
CA SER B 784 -20.10 -46.89 33.78
C SER B 784 -19.70 -45.70 34.63
N ILE B 785 -19.60 -45.91 35.94
CA ILE B 785 -19.50 -44.81 36.90
C ILE B 785 -18.09 -44.76 37.47
N PRO B 786 -17.45 -43.59 37.49
CA PRO B 786 -16.06 -43.52 37.98
C PRO B 786 -15.98 -43.76 39.48
N THR B 787 -14.86 -44.36 39.88
CA THR B 787 -14.53 -44.57 41.28
C THR B 787 -13.37 -43.70 41.73
N ASN B 788 -12.41 -43.44 40.86
CA ASN B 788 -11.36 -42.47 41.14
C ASN B 788 -11.85 -41.10 40.71
N PHE B 789 -12.45 -40.39 41.65
CA PHE B 789 -12.77 -38.98 41.45
C PHE B 789 -11.48 -38.17 41.42
N SER B 790 -11.51 -37.04 40.73
CA SER B 790 -10.38 -36.12 40.78
C SER B 790 -10.90 -34.72 40.49
N PHE B 791 -10.08 -33.74 40.86
CA PHE B 791 -10.38 -32.35 40.56
C PHE B 791 -9.13 -31.70 40.02
N GLY B 792 -9.32 -30.86 38.99
CA GLY B 792 -8.20 -30.29 38.29
C GLY B 792 -8.45 -28.83 37.95
N VAL B 793 -7.35 -28.16 37.63
CA VAL B 793 -7.35 -26.73 37.36
C VAL B 793 -7.44 -26.50 35.86
N THR B 794 -8.19 -25.48 35.46
CA THR B 794 -8.29 -25.02 34.09
C THR B 794 -7.92 -23.54 34.08
N GLN B 795 -7.13 -23.15 33.09
CA GLN B 795 -6.46 -21.86 33.06
C GLN B 795 -7.00 -21.05 31.89
N GLU B 796 -7.45 -19.83 32.16
CA GLU B 796 -7.91 -18.98 31.08
C GLU B 796 -7.26 -17.61 31.17
N TYR B 797 -6.92 -17.05 30.02
CA TYR B 797 -6.56 -15.65 29.90
C TYR B 797 -7.43 -15.01 28.82
N ILE B 798 -8.02 -13.85 29.14
CA ILE B 798 -8.78 -13.08 28.18
C ILE B 798 -8.16 -11.69 28.09
N GLN B 799 -7.97 -11.21 26.87
CA GLN B 799 -7.42 -9.88 26.69
C GLN B 799 -8.54 -8.86 26.83
N THR B 800 -8.55 -8.15 27.96
CA THR B 800 -9.68 -7.25 28.25
C THR B 800 -9.65 -6.01 27.38
N THR B 801 -8.57 -5.23 27.47
CA THR B 801 -8.49 -3.96 26.77
C THR B 801 -7.03 -3.65 26.52
N ILE B 802 -6.71 -3.29 25.27
CA ILE B 802 -5.33 -2.98 24.93
C ILE B 802 -4.90 -1.69 25.63
N GLN B 803 -3.60 -1.57 25.84
CA GLN B 803 -3.05 -0.39 26.49
C GLN B 803 -3.12 0.78 25.51
N LYS B 804 -3.95 1.76 25.83
CA LYS B 804 -4.21 2.86 24.91
C LYS B 804 -2.97 3.73 24.74
N VAL B 805 -2.72 4.10 23.49
CA VAL B 805 -1.53 4.87 23.12
C VAL B 805 -1.99 6.00 22.22
N THR B 806 -1.46 7.20 22.47
CA THR B 806 -1.63 8.30 21.53
C THR B 806 -0.29 8.60 20.86
N VAL B 807 -0.38 9.12 19.64
CA VAL B 807 0.77 9.60 18.91
C VAL B 807 0.46 11.01 18.44
N ASP B 808 1.30 11.97 18.82
CA ASP B 808 1.23 13.29 18.22
C ASP B 808 1.73 13.18 16.78
N CYS B 809 0.95 13.72 15.84
CA CYS B 809 1.35 13.67 14.44
C CYS B 809 2.61 14.49 14.20
N LYS B 810 2.72 15.65 14.87
CA LYS B 810 3.65 16.70 14.49
C LYS B 810 5.11 16.25 14.56
N GLN B 811 5.58 15.99 15.77
CA GLN B 811 6.97 15.61 15.99
C GLN B 811 7.25 14.18 15.54
N TYR B 812 6.22 13.34 15.39
CA TYR B 812 6.47 12.00 14.92
C TYR B 812 6.76 12.00 13.43
N VAL B 813 5.80 12.43 12.61
CA VAL B 813 6.02 12.35 11.17
C VAL B 813 6.83 13.51 10.64
N CYS B 814 7.10 14.52 11.47
CA CYS B 814 7.66 15.76 10.97
C CYS B 814 8.94 16.14 11.70
N ASN B 815 9.01 15.77 12.98
CA ASN B 815 10.11 16.13 13.88
C ASN B 815 10.27 17.65 14.01
N GLY B 816 9.18 18.38 13.85
CA GLY B 816 9.17 19.82 14.00
C GLY B 816 10.04 20.57 13.01
N PHE B 817 9.97 20.19 11.74
CA PHE B 817 10.83 20.74 10.70
C PHE B 817 10.02 21.68 9.82
N GLN B 818 10.62 22.84 9.51
CA GLN B 818 9.86 23.98 9.00
C GLN B 818 9.28 23.71 7.62
N LYS B 819 10.10 23.22 6.69
CA LYS B 819 9.59 22.84 5.38
C LYS B 819 8.58 21.70 5.50
N CYS B 820 8.88 20.72 6.34
CA CYS B 820 7.96 19.63 6.63
C CYS B 820 6.64 20.15 7.22
N GLU B 821 6.73 21.03 8.22
CA GLU B 821 5.52 21.47 8.90
C GLU B 821 4.70 22.44 8.05
N GLN B 822 5.31 23.09 7.06
CA GLN B 822 4.48 23.86 6.14
C GLN B 822 3.90 23.00 5.03
N LEU B 823 4.61 21.96 4.59
CA LEU B 823 4.06 21.12 3.54
C LEU B 823 2.98 20.16 4.03
N LEU B 824 2.99 19.79 5.31
CA LEU B 824 1.90 18.97 5.83
C LEU B 824 0.61 19.77 5.94
N ARG B 825 0.69 21.10 5.92
CA ARG B 825 -0.52 21.90 5.87
C ARG B 825 -1.30 21.70 4.57
N GLU B 826 -0.61 21.33 3.49
CA GLU B 826 -1.31 20.86 2.30
C GLU B 826 -2.07 19.57 2.60
N TYR B 827 -1.44 18.66 3.32
CA TYR B 827 -2.16 17.49 3.81
C TYR B 827 -3.18 17.87 4.88
N GLY B 828 -2.75 18.67 5.85
CA GLY B 828 -3.64 19.27 6.82
C GLY B 828 -4.35 18.32 7.76
N GLN B 829 -5.64 18.16 7.54
CA GLN B 829 -6.57 17.52 8.47
C GLN B 829 -6.39 16.01 8.59
N PHE B 830 -5.38 15.41 7.93
CA PHE B 830 -5.16 13.98 8.08
C PHE B 830 -4.80 13.62 9.51
N CYS B 831 -3.87 14.38 10.11
CA CYS B 831 -3.49 14.13 11.51
C CYS B 831 -4.66 14.38 12.43
N SER B 832 -5.45 15.43 12.15
CA SER B 832 -6.63 15.72 12.98
C SER B 832 -7.65 14.59 12.92
N LYS B 833 -7.89 14.06 11.71
CA LYS B 833 -8.85 12.98 11.55
C LYS B 833 -8.37 11.70 12.23
N ILE B 834 -7.11 11.35 12.05
CA ILE B 834 -6.63 10.10 12.65
C ILE B 834 -6.54 10.24 14.16
N ASN B 835 -6.23 11.43 14.68
CA ASN B 835 -6.21 11.62 16.13
C ASN B 835 -7.62 11.66 16.70
N GLN B 836 -8.59 12.16 15.95
CA GLN B 836 -9.97 12.09 16.38
C GLN B 836 -10.46 10.64 16.43
N ALA B 837 -10.06 9.84 15.44
CA ALA B 837 -10.37 8.42 15.47
C ALA B 837 -9.68 7.72 16.64
N LEU B 838 -8.43 8.11 16.91
CA LEU B 838 -7.71 7.58 18.07
C LEU B 838 -8.44 7.91 19.36
N HIS B 839 -8.89 9.17 19.51
CA HIS B 839 -9.58 9.57 20.72
C HIS B 839 -10.94 8.87 20.84
N GLY B 840 -11.62 8.66 19.71
CA GLY B 840 -12.87 7.93 19.74
C GLY B 840 -12.69 6.49 20.18
N ALA B 841 -11.66 5.82 19.64
CA ALA B 841 -11.36 4.46 20.07
C ALA B 841 -10.93 4.43 21.53
N ASN B 842 -10.21 5.46 21.97
CA ASN B 842 -9.75 5.54 23.35
C ASN B 842 -10.94 5.68 24.30
N LEU B 843 -11.86 6.59 24.01
CA LEU B 843 -13.04 6.73 24.87
C LEU B 843 -13.92 5.49 24.78
N ARG B 844 -13.93 4.81 23.62
CA ARG B 844 -14.66 3.56 23.49
C ARG B 844 -14.12 2.51 24.45
N GLN B 845 -12.81 2.28 24.45
CA GLN B 845 -12.28 1.28 25.38
C GLN B 845 -12.36 1.77 26.83
N ASP B 846 -12.30 3.08 27.05
CA ASP B 846 -12.37 3.61 28.40
C ASP B 846 -13.74 3.39 29.02
N ASP B 847 -14.81 3.76 28.32
CA ASP B 847 -16.12 3.53 28.91
C ASP B 847 -16.57 2.09 28.78
N SER B 848 -15.95 1.30 27.89
CA SER B 848 -16.14 -0.14 27.94
C SER B 848 -15.57 -0.73 29.21
N VAL B 849 -14.38 -0.27 29.61
CA VAL B 849 -13.77 -0.69 30.87
C VAL B 849 -14.61 -0.20 32.05
N ARG B 850 -15.15 1.02 31.95
CA ARG B 850 -16.02 1.54 33.00
C ARG B 850 -17.29 0.69 33.14
N ASN B 851 -17.89 0.28 32.02
CA ASN B 851 -19.04 -0.60 32.06
C ASN B 851 -18.68 -1.97 32.62
N LEU B 852 -17.49 -2.48 32.26
CA LEU B 852 -17.03 -3.75 32.82
C LEU B 852 -16.84 -3.66 34.32
N PHE B 853 -16.31 -2.52 34.79
CA PHE B 853 -16.19 -2.29 36.22
C PHE B 853 -17.56 -2.21 36.89
N ALA B 854 -18.51 -1.57 36.21
CA ALA B 854 -19.86 -1.48 36.75
C ALA B 854 -20.53 -2.85 36.83
N SER B 855 -20.25 -3.73 35.87
CA SER B 855 -20.81 -5.08 35.92
C SER B 855 -20.23 -5.87 37.09
N VAL B 856 -18.93 -5.71 37.36
CA VAL B 856 -18.31 -6.39 38.49
C VAL B 856 -18.48 -5.58 39.78
N LYS B 857 -19.04 -4.37 39.70
CA LYS B 857 -19.26 -3.56 40.88
C LYS B 857 -20.36 -4.18 41.73
N SER B 858 -20.03 -4.58 42.95
CA SER B 858 -20.98 -5.17 43.87
C SER B 858 -21.61 -4.10 44.74
N SER B 859 -22.87 -4.34 45.11
CA SER B 859 -23.58 -3.50 46.07
C SER B 859 -23.35 -3.95 47.49
N GLN B 860 -22.47 -4.93 47.70
CA GLN B 860 -22.24 -5.52 49.01
C GLN B 860 -20.80 -6.01 49.08
N SER B 861 -20.30 -6.18 50.30
CA SER B 861 -18.92 -6.57 50.49
C SER B 861 -18.76 -7.37 51.77
N SER B 862 -17.55 -7.89 51.96
CA SER B 862 -17.12 -8.65 53.11
C SER B 862 -15.62 -8.49 53.24
N PRO B 863 -15.10 -8.38 54.47
CA PRO B 863 -13.67 -8.09 54.63
C PRO B 863 -12.79 -9.26 54.23
N ILE B 864 -11.57 -8.92 53.82
CA ILE B 864 -10.56 -9.93 53.55
C ILE B 864 -9.88 -10.31 54.85
N ILE B 865 -10.00 -11.59 55.23
CA ILE B 865 -9.48 -12.03 56.52
C ILE B 865 -8.59 -13.26 56.32
N PRO B 866 -7.44 -13.33 56.98
CA PRO B 866 -6.64 -14.56 56.95
C PRO B 866 -7.35 -15.69 57.69
N GLY B 867 -7.10 -16.91 57.24
CA GLY B 867 -7.68 -18.08 57.84
C GLY B 867 -9.10 -18.39 57.43
N PHE B 868 -9.67 -17.61 56.50
CA PHE B 868 -11.01 -17.90 56.03
C PHE B 868 -11.02 -19.16 55.19
N GLY B 869 -12.18 -19.82 55.14
CA GLY B 869 -12.28 -21.12 54.51
C GLY B 869 -11.80 -22.26 55.37
N GLY B 870 -11.46 -22.01 56.64
CA GLY B 870 -10.98 -23.05 57.52
C GLY B 870 -9.54 -23.44 57.26
N ASP B 871 -9.33 -24.68 56.81
CA ASP B 871 -8.00 -25.20 56.54
C ASP B 871 -7.51 -24.85 55.13
N PHE B 872 -8.29 -24.09 54.37
CA PHE B 872 -7.89 -23.70 53.03
C PHE B 872 -6.72 -22.74 53.07
N ASN B 873 -5.89 -22.80 52.02
CA ASN B 873 -4.72 -21.94 51.89
C ASN B 873 -4.97 -20.82 50.88
N LEU B 874 -6.16 -20.21 50.94
CA LEU B 874 -6.53 -19.12 50.04
C LEU B 874 -5.80 -17.81 50.35
N THR B 875 -4.76 -17.87 51.18
CA THR B 875 -3.86 -16.73 51.40
C THR B 875 -3.18 -16.27 50.12
N LEU B 876 -3.01 -17.17 49.15
CA LEU B 876 -2.47 -16.79 47.85
C LEU B 876 -3.40 -15.80 47.15
N LEU B 877 -4.70 -16.10 47.15
CA LEU B 877 -5.66 -15.19 46.55
C LEU B 877 -6.08 -14.09 47.52
N GLU B 878 -5.75 -14.24 48.80
CA GLU B 878 -6.06 -13.19 49.77
C GLU B 878 -5.09 -12.03 49.58
N PRO B 879 -5.59 -10.79 49.49
CA PRO B 879 -4.69 -9.65 49.26
C PRO B 879 -3.82 -9.37 50.47
N VAL B 880 -2.55 -9.07 50.21
CA VAL B 880 -1.59 -8.82 51.28
C VAL B 880 -1.22 -7.35 51.33
N ALA B 889 -0.57 -4.64 49.62
CA ALA B 889 -0.55 -4.95 48.19
C ALA B 889 -1.77 -5.78 47.81
N ARG B 890 -1.80 -6.25 46.56
CA ARG B 890 -2.87 -7.08 46.05
C ARG B 890 -2.61 -8.54 46.41
N SER B 891 -3.36 -9.45 45.80
CA SER B 891 -3.25 -10.87 46.11
C SER B 891 -1.87 -11.41 45.76
N ALA B 892 -1.40 -12.37 46.56
CA ALA B 892 -0.10 -12.97 46.34
C ALA B 892 -0.05 -13.71 45.01
N ILE B 893 -1.18 -14.27 44.58
CA ILE B 893 -1.25 -14.90 43.28
C ILE B 893 -1.05 -13.87 42.17
N GLU B 894 -1.62 -12.68 42.34
CA GLU B 894 -1.37 -11.60 41.37
C GLU B 894 0.04 -11.08 41.48
N ASP B 895 0.60 -11.06 42.69
CA ASP B 895 1.99 -10.65 42.88
C ASP B 895 2.93 -11.54 42.09
N LEU B 896 2.80 -12.86 42.26
CA LEU B 896 3.64 -13.79 41.50
C LEU B 896 3.25 -13.86 40.04
N LEU B 897 2.00 -13.50 39.69
CA LEU B 897 1.60 -13.44 38.29
C LEU B 897 2.34 -12.32 37.58
N PHE B 898 2.37 -11.14 38.18
CA PHE B 898 3.13 -10.04 37.60
C PHE B 898 4.63 -10.32 37.65
N ASP B 899 5.10 -11.03 38.68
CA ASP B 899 6.53 -11.33 38.78
C ASP B 899 6.96 -12.32 37.71
N LYS B 900 6.24 -13.43 37.55
CA LYS B 900 6.68 -14.52 36.70
C LYS B 900 6.48 -14.24 35.23
N VAL B 901 5.61 -13.30 34.86
CA VAL B 901 5.45 -12.89 33.49
C VAL B 901 6.40 -11.73 33.24
N THR B 902 7.19 -11.82 32.17
CA THR B 902 8.17 -10.81 31.84
C THR B 902 7.44 -9.55 31.40
N ILE B 903 7.30 -8.60 32.32
CA ILE B 903 6.56 -7.36 32.09
C ILE B 903 7.51 -6.20 32.31
N ALA B 904 7.59 -5.30 31.32
CA ALA B 904 8.38 -4.08 31.42
C ALA B 904 7.43 -2.94 31.78
N ASP B 905 7.55 -2.45 33.01
CA ASP B 905 6.71 -1.35 33.47
C ASP B 905 7.06 -0.08 32.70
N PRO B 906 6.06 0.69 32.26
CA PRO B 906 6.37 1.85 31.40
C PRO B 906 6.77 3.11 32.14
N GLY B 907 7.56 2.97 33.21
CA GLY B 907 8.11 4.08 33.99
C GLY B 907 7.16 5.20 34.32
N TYR B 908 6.09 4.91 35.09
CA TYR B 908 5.00 5.86 35.24
C TYR B 908 5.39 7.11 36.00
N MET B 909 6.51 7.08 36.73
CA MET B 909 6.94 8.21 37.54
C MET B 909 8.18 8.89 36.95
N GLN B 910 9.21 8.12 36.65
CA GLN B 910 10.51 8.67 36.29
C GLN B 910 11.10 7.92 35.10
N GLY B 911 10.25 7.44 34.19
CA GLY B 911 10.75 6.86 32.96
C GLY B 911 11.52 7.87 32.12
N TYR B 912 11.11 9.13 32.16
CA TYR B 912 11.90 10.21 31.58
C TYR B 912 13.24 10.37 32.29
N ASP B 913 13.25 10.23 33.62
CA ASP B 913 14.51 10.27 34.35
C ASP B 913 15.36 9.04 34.04
N ASP B 914 14.72 7.91 33.77
CA ASP B 914 15.44 6.74 33.27
C ASP B 914 16.05 7.02 31.92
N CYS B 915 15.35 7.76 31.06
CA CYS B 915 15.90 8.16 29.77
C CYS B 915 17.10 9.09 29.94
N MET B 916 17.03 9.98 30.94
CA MET B 916 18.20 10.74 31.36
C MET B 916 19.34 9.84 31.79
N GLN B 917 19.03 8.75 32.50
CA GLN B 917 20.08 7.90 33.03
C GLN B 917 20.49 6.81 32.04
N GLN B 918 19.52 6.10 31.47
CA GLN B 918 19.82 5.02 30.54
C GLN B 918 18.70 4.84 29.52
N LEU B 926 13.37 1.47 23.63
CA LEU B 926 12.27 0.71 24.20
C LEU B 926 11.12 1.61 24.61
N ILE B 927 10.58 1.39 25.81
CA ILE B 927 9.51 2.24 26.32
C ILE B 927 10.06 3.62 26.65
N CYS B 928 11.35 3.71 27.01
CA CYS B 928 12.03 5.00 27.12
C CYS B 928 12.00 5.77 25.81
N ALA B 929 12.03 5.06 24.68
CA ALA B 929 11.98 5.69 23.37
C ALA B 929 10.56 6.02 22.92
N GLN B 930 9.60 6.12 23.86
CA GLN B 930 8.24 6.49 23.49
C GLN B 930 8.16 7.91 22.97
N TYR B 931 9.02 8.80 23.44
CA TYR B 931 9.13 10.15 22.91
C TYR B 931 10.30 10.32 21.96
N VAL B 932 11.32 9.47 22.10
CA VAL B 932 12.43 9.49 21.14
C VAL B 932 11.94 9.11 19.75
N ALA B 933 11.21 7.99 19.65
CA ALA B 933 10.48 7.71 18.42
C ALA B 933 9.33 8.69 18.26
N GLY B 934 8.66 9.03 19.36
CA GLY B 934 7.67 10.08 19.40
C GLY B 934 6.24 9.57 19.43
N TYR B 935 5.71 9.44 20.64
CA TYR B 935 4.31 9.10 20.92
C TYR B 935 4.12 9.16 22.43
N LYS B 936 2.91 8.86 22.90
CA LYS B 936 2.67 8.72 24.33
C LYS B 936 1.81 7.48 24.55
N VAL B 937 2.37 6.48 25.21
CA VAL B 937 1.58 5.39 25.76
C VAL B 937 0.74 5.94 26.91
N LEU B 938 -0.57 5.96 26.73
CA LEU B 938 -1.43 6.57 27.73
C LEU B 938 -1.52 5.66 28.95
N PRO B 939 -1.25 6.19 30.15
CA PRO B 939 -1.38 5.38 31.37
C PRO B 939 -2.81 4.95 31.56
N PRO B 940 -3.03 3.74 32.06
CA PRO B 940 -4.40 3.19 32.11
C PRO B 940 -5.28 3.98 33.06
N LEU B 941 -6.59 3.93 32.77
CA LEU B 941 -7.57 4.70 33.53
C LEU B 941 -7.67 4.29 34.99
N MET B 942 -7.14 3.13 35.35
CA MET B 942 -7.19 2.65 36.71
C MET B 942 -5.80 2.56 37.29
N ASP B 943 -5.71 2.76 38.59
CA ASP B 943 -4.53 2.42 39.39
C ASP B 943 -4.64 0.93 39.72
N VAL B 944 -3.82 0.47 40.67
CA VAL B 944 -3.91 -0.94 41.04
C VAL B 944 -5.00 -1.15 42.09
N ASN B 945 -5.29 -0.13 42.90
CA ASN B 945 -6.00 -0.32 44.15
C ASN B 945 -7.48 -0.64 43.92
N MET B 946 -8.12 -0.03 42.93
CA MET B 946 -9.56 -0.25 42.79
C MET B 946 -9.89 -1.60 42.17
N GLU B 947 -9.07 -2.14 41.26
CA GLU B 947 -9.36 -3.52 40.86
C GLU B 947 -8.83 -4.52 41.87
N ALA B 948 -7.87 -4.12 42.72
CA ALA B 948 -7.58 -4.93 43.89
C ALA B 948 -8.82 -5.02 44.80
N ALA B 949 -9.51 -3.89 44.96
CA ALA B 949 -10.75 -3.87 45.73
C ALA B 949 -11.85 -4.64 45.00
N TYR B 950 -11.84 -4.62 43.67
CA TYR B 950 -12.80 -5.42 42.90
C TYR B 950 -12.58 -6.90 43.12
N THR B 951 -11.31 -7.33 43.11
CA THR B 951 -11.00 -8.73 43.41
C THR B 951 -11.40 -9.09 44.82
N SER B 952 -11.15 -8.19 45.77
CA SER B 952 -11.58 -8.41 47.15
C SER B 952 -13.10 -8.52 47.26
N SER B 953 -13.81 -7.66 46.54
CA SER B 953 -15.27 -7.66 46.55
C SER B 953 -15.82 -8.95 45.96
N LEU B 954 -15.23 -9.41 44.86
CA LEU B 954 -15.74 -10.62 44.23
C LEU B 954 -15.40 -11.86 45.05
N LEU B 955 -14.24 -11.88 45.71
CA LEU B 955 -13.94 -13.03 46.56
C LEU B 955 -14.79 -13.01 47.83
N GLY B 956 -15.14 -11.82 48.34
CA GLY B 956 -16.12 -11.76 49.40
C GLY B 956 -17.50 -12.18 48.96
N SER B 957 -17.86 -11.89 47.70
CA SER B 957 -19.16 -12.27 47.19
C SER B 957 -19.26 -13.77 46.97
N ILE B 958 -18.21 -14.38 46.41
CA ILE B 958 -18.26 -15.79 46.00
C ILE B 958 -18.41 -16.74 47.19
N ALA B 959 -18.13 -16.28 48.41
CA ALA B 959 -18.42 -17.08 49.58
C ALA B 959 -19.92 -17.26 49.81
N GLY B 960 -20.75 -16.37 49.26
CA GLY B 960 -22.18 -16.47 49.49
C GLY B 960 -23.10 -16.51 48.28
N VAL B 961 -22.64 -15.96 47.14
CA VAL B 961 -23.54 -15.78 46.01
C VAL B 961 -23.85 -17.08 45.28
N GLY B 962 -23.06 -18.12 45.48
CA GLY B 962 -23.30 -19.38 44.80
C GLY B 962 -24.14 -20.35 45.60
N TRP B 963 -25.21 -19.84 46.23
CA TRP B 963 -26.07 -20.69 47.03
C TRP B 963 -27.53 -20.60 46.60
N THR B 964 -28.00 -19.41 46.26
CA THR B 964 -29.39 -19.21 45.87
C THR B 964 -29.44 -18.10 44.84
N ALA B 965 -30.22 -18.31 43.78
CA ALA B 965 -30.39 -17.28 42.76
C ALA B 965 -31.06 -16.04 43.34
N GLY B 966 -30.61 -14.88 42.88
CA GLY B 966 -31.05 -13.62 43.41
C GLY B 966 -29.95 -12.92 44.17
N LEU B 967 -29.28 -11.97 43.51
CA LEU B 967 -28.14 -11.27 44.09
C LEU B 967 -28.56 -9.99 44.80
N SER B 968 -29.81 -9.92 45.26
CA SER B 968 -30.30 -8.70 45.91
C SER B 968 -29.75 -8.58 47.32
N SER B 969 -29.98 -9.61 48.14
CA SER B 969 -29.42 -9.66 49.48
C SER B 969 -27.98 -10.15 49.41
N PHE B 970 -27.25 -10.05 50.53
CA PHE B 970 -25.92 -10.63 50.59
C PHE B 970 -25.90 -11.66 51.70
N ALA B 971 -25.48 -12.88 51.34
CA ALA B 971 -25.59 -14.06 52.19
C ALA B 971 -24.23 -14.74 52.25
N ALA B 972 -23.20 -13.99 52.61
CA ALA B 972 -21.82 -14.48 52.56
C ALA B 972 -21.56 -15.57 53.58
N ILE B 973 -21.71 -16.82 53.15
CA ILE B 973 -21.51 -18.02 53.96
C ILE B 973 -20.02 -18.11 54.31
N PRO B 974 -19.64 -18.73 55.43
CA PRO B 974 -18.27 -19.21 55.57
C PRO B 974 -17.91 -20.11 54.39
N PHE B 975 -16.68 -19.93 53.89
CA PHE B 975 -16.35 -20.34 52.53
C PHE B 975 -16.47 -21.85 52.35
N ALA B 976 -15.80 -22.62 53.22
CA ALA B 976 -15.75 -24.07 53.06
C ALA B 976 -17.14 -24.70 53.05
N GLN B 977 -18.07 -24.11 53.81
CA GLN B 977 -19.46 -24.52 53.73
C GLN B 977 -20.05 -24.23 52.35
N SER B 978 -19.66 -23.12 51.72
CA SER B 978 -20.14 -22.84 50.37
C SER B 978 -19.58 -23.83 49.36
N ILE B 979 -18.31 -24.24 49.51
CA ILE B 979 -17.80 -25.32 48.67
C ILE B 979 -18.55 -26.63 48.91
N PHE B 980 -18.91 -26.93 50.17
CA PHE B 980 -19.68 -28.15 50.42
C PHE B 980 -21.06 -28.06 49.77
N TYR B 981 -21.69 -26.88 49.83
CA TYR B 981 -22.98 -26.68 49.16
C TYR B 981 -22.85 -26.86 47.66
N ARG B 982 -21.79 -26.29 47.07
CA ARG B 982 -21.58 -26.40 45.63
C ARG B 982 -21.28 -27.83 45.21
N LEU B 983 -20.58 -28.59 46.06
CA LEU B 983 -20.25 -29.97 45.71
C LEU B 983 -21.48 -30.88 45.85
N ASN B 984 -22.28 -30.69 46.90
CA ASN B 984 -23.49 -31.46 47.02
C ASN B 984 -24.56 -31.05 46.03
N GLY B 985 -24.45 -29.85 45.46
CA GLY B 985 -25.42 -29.39 44.49
C GLY B 985 -25.28 -29.97 43.10
N VAL B 986 -24.19 -30.71 42.83
CA VAL B 986 -23.96 -31.23 41.49
C VAL B 986 -23.84 -32.75 41.51
N GLY B 987 -24.61 -33.41 42.39
CA GLY B 987 -24.75 -34.85 42.33
C GLY B 987 -23.69 -35.63 43.08
N ILE B 988 -23.20 -35.09 44.18
CA ILE B 988 -22.25 -35.77 45.06
C ILE B 988 -22.85 -35.81 46.45
N THR B 989 -22.82 -36.98 47.08
CA THR B 989 -23.54 -37.22 48.31
C THR B 989 -22.95 -36.44 49.48
N GLN B 990 -23.73 -36.36 50.55
CA GLN B 990 -23.34 -35.70 51.78
C GLN B 990 -22.44 -36.58 52.64
N GLN B 991 -22.36 -37.88 52.36
CA GLN B 991 -21.51 -38.76 53.16
C GLN B 991 -20.04 -38.41 52.97
N VAL B 992 -19.60 -38.25 51.72
CA VAL B 992 -18.21 -37.86 51.48
C VAL B 992 -18.00 -36.39 51.79
N LEU B 993 -19.05 -35.57 51.72
CA LEU B 993 -18.91 -34.17 52.07
C LEU B 993 -18.99 -33.95 53.57
N SER B 994 -19.27 -35.00 54.35
CA SER B 994 -19.43 -34.91 55.79
C SER B 994 -18.44 -35.76 56.55
N GLU B 995 -17.80 -36.73 55.90
CA GLU B 995 -16.80 -37.55 56.54
C GLU B 995 -15.44 -37.48 55.86
N ASN B 996 -15.33 -36.76 54.74
CA ASN B 996 -14.08 -36.66 54.00
C ASN B 996 -13.79 -35.21 53.65
N GLN B 997 -14.10 -34.30 54.57
CA GLN B 997 -13.82 -32.88 54.35
C GLN B 997 -12.32 -32.61 54.36
N LYS B 998 -11.58 -33.35 55.19
CA LYS B 998 -10.14 -33.13 55.31
C LYS B 998 -9.42 -33.44 54.01
N LEU B 999 -9.75 -34.57 53.38
CA LEU B 999 -9.04 -34.96 52.18
C LEU B 999 -9.42 -34.11 50.97
N ILE B 1000 -10.69 -33.69 50.86
CA ILE B 1000 -11.05 -32.79 49.78
C ILE B 1000 -10.43 -31.42 50.01
N ALA B 1001 -10.34 -30.97 51.26
CA ALA B 1001 -9.66 -29.72 51.56
C ALA B 1001 -8.18 -29.80 51.22
N ASN B 1002 -7.57 -30.95 51.50
CA ASN B 1002 -6.15 -31.14 51.19
C ASN B 1002 -5.90 -31.18 49.70
N LYS B 1003 -6.79 -31.83 48.93
CA LYS B 1003 -6.59 -31.86 47.49
C LYS B 1003 -6.86 -30.49 46.88
N PHE B 1004 -7.77 -29.71 47.46
CA PHE B 1004 -7.96 -28.34 47.01
C PHE B 1004 -6.73 -27.50 47.31
N ASN B 1005 -6.15 -27.69 48.49
CA ASN B 1005 -4.94 -26.95 48.87
C ASN B 1005 -3.77 -27.30 47.97
N GLN B 1006 -3.59 -28.59 47.65
CA GLN B 1006 -2.49 -28.95 46.78
C GLN B 1006 -2.75 -28.53 45.34
N ALA B 1007 -4.00 -28.47 44.90
CA ALA B 1007 -4.29 -27.94 43.57
C ALA B 1007 -3.96 -26.46 43.49
N LEU B 1008 -4.37 -25.68 44.48
CA LEU B 1008 -4.07 -24.25 44.49
C LEU B 1008 -2.59 -23.96 44.75
N GLY B 1009 -1.86 -24.89 45.36
CA GLY B 1009 -0.43 -24.71 45.54
C GLY B 1009 0.38 -25.27 44.39
N ALA B 1010 -0.26 -26.10 43.58
CA ALA B 1010 0.41 -26.68 42.42
C ALA B 1010 0.19 -25.85 41.16
N MET B 1011 -0.87 -25.04 41.14
CA MET B 1011 -1.13 -24.19 39.98
C MET B 1011 -0.05 -23.15 39.77
N GLN B 1012 0.31 -22.40 40.82
CA GLN B 1012 1.20 -21.26 40.63
C GLN B 1012 2.64 -21.71 40.44
N THR B 1013 2.98 -22.93 40.87
CA THR B 1013 4.24 -23.55 40.51
C THR B 1013 4.27 -23.97 39.05
N GLY B 1014 3.10 -24.26 38.47
CA GLY B 1014 2.97 -24.61 37.08
C GLY B 1014 2.86 -23.44 36.14
N PHE B 1015 3.11 -22.22 36.62
CA PHE B 1015 3.06 -21.04 35.76
C PHE B 1015 4.31 -20.99 34.89
N THR B 1016 4.32 -21.78 33.84
CA THR B 1016 5.49 -22.00 33.01
C THR B 1016 5.01 -22.29 31.59
N THR B 1017 5.89 -22.89 30.78
CA THR B 1017 5.57 -23.30 29.43
C THR B 1017 4.38 -24.26 29.37
N THR B 1018 4.23 -25.11 30.40
CA THR B 1018 3.12 -26.06 30.45
C THR B 1018 1.76 -25.38 30.56
N ASN B 1019 1.68 -24.24 31.23
CA ASN B 1019 0.44 -23.49 31.34
C ASN B 1019 0.19 -22.75 30.03
N GLU B 1020 -0.85 -23.16 29.29
CA GLU B 1020 -1.13 -22.52 28.00
C GLU B 1020 -1.59 -21.08 28.17
N ALA B 1021 -2.38 -20.81 29.22
CA ALA B 1021 -2.82 -19.44 29.48
C ALA B 1021 -1.67 -18.53 29.89
N PHE B 1022 -0.59 -19.10 30.44
CA PHE B 1022 0.63 -18.33 30.68
C PHE B 1022 1.17 -17.76 29.37
N GLN B 1023 1.34 -18.61 28.36
CA GLN B 1023 1.76 -18.13 27.05
C GLN B 1023 0.69 -17.29 26.38
N LYS B 1024 -0.59 -17.45 26.73
CA LYS B 1024 -1.59 -16.50 26.25
C LYS B 1024 -1.33 -15.10 26.80
N VAL B 1025 -0.95 -15.03 28.08
CA VAL B 1025 -0.60 -13.75 28.70
C VAL B 1025 0.63 -13.16 28.01
N GLN B 1026 1.66 -13.99 27.81
CA GLN B 1026 2.84 -13.48 27.10
C GLN B 1026 2.56 -13.21 25.62
N ASP B 1027 1.54 -13.82 25.04
CA ASP B 1027 1.15 -13.46 23.68
C ASP B 1027 0.48 -12.10 23.64
N ALA B 1028 -0.30 -11.76 24.66
CA ALA B 1028 -0.79 -10.39 24.79
C ALA B 1028 0.37 -9.41 24.98
N VAL B 1029 1.36 -9.81 25.78
CA VAL B 1029 2.56 -8.99 25.99
C VAL B 1029 3.29 -8.79 24.67
N ASN B 1030 3.43 -9.85 23.88
CA ASN B 1030 4.10 -9.75 22.58
C ASN B 1030 3.25 -9.00 21.57
N ASN B 1031 1.93 -8.99 21.75
CA ASN B 1031 1.09 -8.14 20.91
C ASN B 1031 1.34 -6.67 21.23
N ASN B 1032 1.49 -6.34 22.50
CA ASN B 1032 1.88 -4.98 22.87
C ASN B 1032 3.26 -4.64 22.34
N ALA B 1033 4.19 -5.60 22.43
CA ALA B 1033 5.53 -5.40 21.88
C ALA B 1033 5.50 -5.27 20.36
N GLN B 1034 4.54 -5.93 19.70
CA GLN B 1034 4.40 -5.83 18.26
C GLN B 1034 3.79 -4.48 17.87
N ALA B 1035 2.93 -3.94 18.74
CA ALA B 1035 2.50 -2.55 18.58
C ALA B 1035 3.70 -1.61 18.69
N LEU B 1036 4.57 -1.87 19.67
CA LEU B 1036 5.82 -1.10 19.78
C LEU B 1036 6.69 -1.26 18.54
N SER B 1037 6.65 -2.45 17.92
CA SER B 1037 7.38 -2.68 16.68
C SER B 1037 6.82 -1.84 15.54
N LYS B 1038 5.50 -1.80 15.37
CA LYS B 1038 4.95 -0.93 14.33
C LYS B 1038 4.99 0.55 14.71
N LEU B 1039 5.38 0.89 15.93
CA LEU B 1039 5.89 2.25 16.12
C LEU B 1039 7.34 2.38 15.63
N ALA B 1040 8.25 1.60 16.21
CA ALA B 1040 9.68 1.89 16.10
C ALA B 1040 10.26 1.56 14.74
N SER B 1041 9.86 0.44 14.14
CA SER B 1041 10.50 -0.09 12.94
C SER B 1041 10.29 0.76 11.70
N GLU B 1042 9.36 1.70 11.73
CA GLU B 1042 9.03 2.51 10.57
C GLU B 1042 9.77 3.84 10.55
N LEU B 1043 10.48 4.17 11.63
CA LEU B 1043 11.32 5.36 11.63
C LEU B 1043 12.47 5.19 10.63
N SER B 1044 13.15 4.05 10.66
CA SER B 1044 14.23 3.78 9.71
C SER B 1044 13.70 3.52 8.31
N ASN B 1045 12.41 3.23 8.16
CA ASN B 1045 11.84 3.05 6.84
C ASN B 1045 11.84 4.37 6.09
N THR B 1046 12.32 4.34 4.85
CA THR B 1046 12.48 5.54 4.05
C THR B 1046 11.52 5.63 2.88
N PHE B 1047 10.87 4.51 2.52
CA PHE B 1047 9.92 4.43 1.41
C PHE B 1047 10.58 4.88 0.10
N GLY B 1048 11.78 4.37 -0.12
CA GLY B 1048 12.56 4.71 -1.29
C GLY B 1048 13.47 5.92 -1.13
N ALA B 1049 13.38 6.65 -0.02
CA ALA B 1049 14.28 7.76 0.19
C ALA B 1049 15.68 7.26 0.54
N ILE B 1050 16.66 8.16 0.38
CA ILE B 1050 18.05 7.78 0.61
C ILE B 1050 18.44 7.86 2.08
N SER B 1051 17.61 8.47 2.93
CA SER B 1051 17.87 8.51 4.36
C SER B 1051 16.55 8.57 5.10
N ALA B 1052 16.56 8.16 6.36
CA ALA B 1052 15.41 8.22 7.24
C ALA B 1052 15.35 9.50 8.06
N SER B 1053 16.50 10.11 8.34
CA SER B 1053 16.54 11.37 9.06
C SER B 1053 16.07 12.49 8.15
N ILE B 1054 14.98 13.15 8.53
CA ILE B 1054 14.43 14.23 7.73
C ILE B 1054 15.35 15.44 7.76
N GLY B 1055 15.94 15.72 8.92
CA GLY B 1055 16.78 16.90 9.06
C GLY B 1055 18.05 16.83 8.22
N ASP B 1056 18.69 15.67 8.18
CA ASP B 1056 19.85 15.49 7.32
C ASP B 1056 19.47 15.61 5.86
N ILE B 1057 18.30 15.07 5.49
CA ILE B 1057 17.82 15.15 4.11
C ILE B 1057 17.61 16.61 3.71
N ILE B 1058 16.95 17.38 4.56
CA ILE B 1058 16.65 18.76 4.19
C ILE B 1058 17.87 19.66 4.34
N GLN B 1059 18.90 19.24 5.07
CA GLN B 1059 20.10 20.06 5.17
C GLN B 1059 21.14 19.73 4.11
N ARG B 1060 21.12 18.54 3.50
CA ARG B 1060 22.14 18.21 2.52
C ARG B 1060 21.62 18.09 1.10
N LEU B 1061 20.32 17.93 0.89
CA LEU B 1061 19.79 17.83 -0.45
C LEU B 1061 19.36 19.20 -0.98
N ASP B 1062 19.10 19.24 -2.28
CA ASP B 1062 18.58 20.44 -2.91
C ASP B 1062 17.08 20.52 -2.64
N PRO B 1063 16.55 21.71 -2.38
CA PRO B 1063 15.18 21.85 -1.82
C PRO B 1063 14.07 21.27 -2.69
N PRO B 1064 13.96 21.59 -4.00
CA PRO B 1064 12.79 21.05 -4.74
C PRO B 1064 12.82 19.54 -4.96
N GLU B 1065 13.97 18.89 -4.83
CA GLU B 1065 14.05 17.44 -4.95
C GLU B 1065 13.90 16.75 -3.60
N GLN B 1066 14.44 17.36 -2.54
CA GLN B 1066 14.15 16.86 -1.21
C GLN B 1066 12.69 17.04 -0.85
N ASP B 1067 11.99 17.98 -1.50
CA ASP B 1067 10.54 18.06 -1.36
C ASP B 1067 9.87 16.81 -1.91
N ALA B 1068 10.31 16.35 -3.07
CA ALA B 1068 9.78 15.10 -3.61
C ALA B 1068 10.12 13.92 -2.70
N GLN B 1069 11.34 13.90 -2.17
CA GLN B 1069 11.75 12.81 -1.28
C GLN B 1069 10.92 12.78 0.01
N ILE B 1070 10.74 13.94 0.64
CA ILE B 1070 9.94 14.00 1.86
C ILE B 1070 8.49 13.70 1.55
N ASP B 1071 7.98 14.10 0.38
CA ASP B 1071 6.60 13.79 0.03
C ASP B 1071 6.40 12.28 -0.15
N ARG B 1072 7.34 11.62 -0.82
CA ARG B 1072 7.24 10.16 -0.98
C ARG B 1072 7.28 9.44 0.36
N LEU B 1073 8.24 9.81 1.21
CA LEU B 1073 8.37 9.08 2.47
C LEU B 1073 7.23 9.43 3.41
N ILE B 1074 6.68 10.64 3.31
CA ILE B 1074 5.58 11.01 4.19
C ILE B 1074 4.28 10.39 3.70
N ASN B 1075 4.17 10.12 2.40
CA ASN B 1075 3.02 9.37 1.90
C ASN B 1075 3.08 7.93 2.40
N GLY B 1076 4.26 7.32 2.34
CA GLY B 1076 4.42 6.01 2.94
C GLY B 1076 4.14 6.01 4.43
N ARG B 1077 4.59 7.06 5.12
CA ARG B 1077 4.36 7.19 6.55
C ARG B 1077 2.88 7.34 6.88
N LEU B 1078 2.15 8.16 6.13
CA LEU B 1078 0.74 8.37 6.44
C LEU B 1078 -0.08 7.14 6.09
N THR B 1079 0.29 6.42 5.02
CA THR B 1079 -0.38 5.14 4.76
C THR B 1079 -0.09 4.12 5.86
N THR B 1080 1.14 4.11 6.36
CA THR B 1080 1.49 3.22 7.47
C THR B 1080 0.68 3.56 8.71
N LEU B 1081 0.54 4.86 9.00
CA LEU B 1081 -0.26 5.28 10.14
C LEU B 1081 -1.74 5.01 9.94
N ASN B 1082 -2.23 5.11 8.71
CA ASN B 1082 -3.63 4.75 8.44
C ASN B 1082 -3.87 3.27 8.67
N ALA B 1083 -2.95 2.42 8.23
CA ALA B 1083 -3.05 0.99 8.52
C ALA B 1083 -2.93 0.73 10.01
N PHE B 1084 -2.10 1.51 10.70
CA PHE B 1084 -1.98 1.39 12.15
C PHE B 1084 -3.28 1.73 12.84
N VAL B 1085 -3.95 2.80 12.39
CA VAL B 1085 -5.24 3.18 12.94
C VAL B 1085 -6.27 2.10 12.65
N ALA B 1086 -6.19 1.49 11.47
CA ALA B 1086 -7.12 0.41 11.11
C ALA B 1086 -6.96 -0.79 12.05
N GLN B 1087 -5.72 -1.22 12.28
CA GLN B 1087 -5.53 -2.36 13.17
C GLN B 1087 -5.80 -1.97 14.63
N GLN B 1088 -5.62 -0.70 14.98
CA GLN B 1088 -6.01 -0.26 16.31
C GLN B 1088 -7.51 -0.31 16.51
N LEU B 1089 -8.27 0.06 15.47
CA LEU B 1089 -9.72 -0.11 15.53
C LEU B 1089 -10.09 -1.59 15.62
N VAL B 1090 -9.36 -2.43 14.89
CA VAL B 1090 -9.60 -3.88 14.92
C VAL B 1090 -9.37 -4.43 16.32
N ARG B 1091 -8.24 -4.10 16.92
CA ARG B 1091 -7.96 -4.58 18.27
C ARG B 1091 -8.85 -3.91 19.30
N SER B 1092 -9.36 -2.71 19.03
CA SER B 1092 -10.28 -2.06 19.95
C SER B 1092 -11.63 -2.78 19.98
N GLU B 1093 -12.19 -3.09 18.80
CA GLU B 1093 -13.45 -3.81 18.80
C GLU B 1093 -13.26 -5.25 19.28
N SER B 1094 -12.10 -5.84 19.00
CA SER B 1094 -11.82 -7.17 19.52
C SER B 1094 -11.73 -7.16 21.04
N ALA B 1095 -11.10 -6.14 21.61
CA ALA B 1095 -11.03 -6.01 23.06
C ALA B 1095 -12.40 -5.72 23.66
N ALA B 1096 -13.24 -4.96 22.95
CA ALA B 1096 -14.59 -4.72 23.44
C ALA B 1096 -15.41 -6.00 23.49
N LEU B 1097 -15.36 -6.78 22.41
CA LEU B 1097 -16.08 -8.06 22.38
C LEU B 1097 -15.50 -9.02 23.39
N SER B 1098 -14.17 -8.99 23.58
CA SER B 1098 -13.53 -9.84 24.57
C SER B 1098 -13.91 -9.43 25.99
N ALA B 1099 -14.12 -8.14 26.22
CA ALA B 1099 -14.61 -7.68 27.52
C ALA B 1099 -16.04 -8.11 27.75
N GLN B 1100 -16.86 -8.10 26.69
CA GLN B 1100 -18.21 -8.63 26.80
C GLN B 1100 -18.19 -10.11 27.14
N LEU B 1101 -17.30 -10.86 26.48
CA LEU B 1101 -17.16 -12.27 26.79
C LEU B 1101 -16.63 -12.49 28.20
N ALA B 1102 -15.70 -11.66 28.65
CA ALA B 1102 -15.12 -11.80 29.98
C ALA B 1102 -16.15 -11.53 31.07
N LYS B 1103 -16.98 -10.49 30.90
CA LYS B 1103 -18.04 -10.28 31.87
C LYS B 1103 -19.10 -11.36 31.77
N ASP B 1104 -19.26 -11.97 30.59
CA ASP B 1104 -20.13 -13.13 30.47
C ASP B 1104 -19.60 -14.30 31.31
N LYS B 1105 -18.29 -14.54 31.31
CA LYS B 1105 -17.78 -15.57 32.21
C LYS B 1105 -17.95 -15.19 33.68
N VAL B 1106 -17.62 -13.94 34.04
CA VAL B 1106 -17.65 -13.60 35.46
C VAL B 1106 -19.08 -13.54 36.00
N ASN B 1107 -20.08 -13.38 35.13
CA ASN B 1107 -21.47 -13.47 35.55
C ASN B 1107 -22.07 -14.84 35.34
N GLU B 1108 -21.45 -15.70 34.53
CA GLU B 1108 -22.05 -16.97 34.15
C GLU B 1108 -21.55 -18.13 34.99
N CYS B 1109 -20.24 -18.42 34.93
CA CYS B 1109 -19.69 -19.61 35.57
C CYS B 1109 -18.72 -19.27 36.69
N VAL B 1110 -18.51 -17.99 36.98
CA VAL B 1110 -17.64 -17.61 38.08
C VAL B 1110 -18.49 -17.41 39.33
N LYS B 1111 -19.44 -16.47 39.27
CA LYS B 1111 -20.29 -16.23 40.43
C LYS B 1111 -21.34 -17.31 40.63
N ALA B 1112 -21.52 -18.21 39.67
CA ALA B 1112 -22.49 -19.28 39.78
C ALA B 1112 -21.87 -20.58 39.29
N GLN B 1113 -22.39 -21.70 39.79
CA GLN B 1113 -21.96 -23.02 39.32
C GLN B 1113 -22.87 -23.41 38.17
N SER B 1114 -22.55 -22.93 36.98
CA SER B 1114 -23.36 -23.20 35.81
C SER B 1114 -23.05 -24.60 35.28
N LYS B 1115 -23.72 -24.98 34.20
CA LYS B 1115 -23.52 -26.30 33.60
C LYS B 1115 -22.76 -26.17 32.29
N ARG B 1116 -21.80 -25.25 32.25
CA ARG B 1116 -21.01 -24.98 31.05
C ARG B 1116 -19.71 -25.79 31.17
N SER B 1117 -19.81 -27.09 30.88
CA SER B 1117 -18.66 -27.97 30.94
C SER B 1117 -17.77 -27.72 29.74
N GLY B 1118 -16.56 -27.24 29.98
CA GLY B 1118 -15.61 -26.94 28.93
C GLY B 1118 -15.69 -25.55 28.36
N PHE B 1119 -16.78 -24.82 28.60
CA PHE B 1119 -16.85 -23.43 28.18
C PHE B 1119 -15.85 -22.57 28.93
N CYS B 1120 -15.78 -22.73 30.25
CA CYS B 1120 -14.77 -22.07 31.06
C CYS B 1120 -13.97 -23.03 31.92
N GLY B 1121 -14.57 -24.07 32.46
CA GLY B 1121 -13.84 -25.10 33.16
C GLY B 1121 -14.06 -26.46 32.52
N GLN B 1122 -12.98 -27.13 32.15
CA GLN B 1122 -13.11 -28.41 31.47
C GLN B 1122 -13.57 -29.49 32.45
N GLY B 1123 -14.20 -30.52 31.90
CA GLY B 1123 -14.85 -31.51 32.74
C GLY B 1123 -16.06 -30.90 33.41
N THR B 1124 -16.49 -31.53 34.51
CA THR B 1124 -17.60 -31.01 35.30
C THR B 1124 -17.05 -29.89 36.18
N HIS B 1125 -17.27 -28.65 35.76
CA HIS B 1125 -16.76 -27.49 36.48
C HIS B 1125 -17.49 -27.31 37.81
N ILE B 1126 -16.73 -26.92 38.83
CA ILE B 1126 -17.36 -26.64 40.12
C ILE B 1126 -17.21 -25.16 40.45
N VAL B 1127 -15.98 -24.66 40.59
CA VAL B 1127 -15.78 -23.27 41.03
C VAL B 1127 -14.83 -22.56 40.07
N SER B 1128 -14.88 -21.23 40.14
CA SER B 1128 -14.04 -20.39 39.30
C SER B 1128 -13.62 -19.16 40.09
N PHE B 1129 -12.46 -18.62 39.73
CA PHE B 1129 -11.86 -17.49 40.42
C PHE B 1129 -11.17 -16.59 39.40
N VAL B 1130 -11.04 -15.31 39.75
CA VAL B 1130 -10.60 -14.25 38.84
C VAL B 1130 -9.45 -13.50 39.47
N VAL B 1131 -8.38 -13.28 38.70
CA VAL B 1131 -7.34 -12.33 39.01
C VAL B 1131 -7.06 -11.48 37.77
N ASN B 1132 -6.23 -10.46 37.95
CA ASN B 1132 -5.92 -9.50 36.90
C ASN B 1132 -4.78 -10.00 36.02
N ALA B 1133 -4.50 -9.25 34.95
CA ALA B 1133 -3.33 -9.41 34.10
C ALA B 1133 -3.05 -8.06 33.47
N PRO B 1134 -1.78 -7.71 33.24
CA PRO B 1134 -1.45 -6.33 32.80
C PRO B 1134 -2.08 -5.92 31.49
N ASN B 1135 -2.46 -6.86 30.63
CA ASN B 1135 -3.27 -6.55 29.46
C ASN B 1135 -4.68 -7.12 29.54
N GLY B 1136 -4.97 -7.98 30.52
CA GLY B 1136 -6.27 -8.62 30.54
C GLY B 1136 -6.70 -9.21 31.86
N LEU B 1137 -7.31 -10.38 31.81
CA LEU B 1137 -7.88 -11.00 32.99
C LEU B 1137 -7.56 -12.48 32.97
N TYR B 1138 -7.34 -13.04 34.15
CA TYR B 1138 -6.88 -14.41 34.29
C TYR B 1138 -7.86 -15.17 35.16
N PHE B 1139 -8.06 -16.44 34.83
CA PHE B 1139 -9.17 -17.21 35.35
C PHE B 1139 -8.70 -18.59 35.79
N MET B 1140 -9.01 -18.89 37.05
CA MET B 1140 -8.84 -20.20 37.66
C MET B 1140 -10.16 -20.94 37.54
N HIS B 1141 -10.13 -22.21 37.17
CA HIS B 1141 -11.36 -22.96 37.03
C HIS B 1141 -11.16 -24.36 37.58
N VAL B 1142 -11.67 -24.62 38.78
CA VAL B 1142 -11.54 -25.93 39.39
C VAL B 1142 -12.75 -26.76 38.99
N GLY B 1143 -12.48 -27.89 38.33
CA GLY B 1143 -13.53 -28.73 37.80
C GLY B 1143 -13.24 -30.19 38.07
N TYR B 1144 -14.27 -31.01 37.90
CA TYR B 1144 -14.19 -32.43 38.17
C TYR B 1144 -13.63 -33.17 36.96
N TYR B 1145 -12.89 -34.25 37.24
CA TYR B 1145 -12.34 -35.11 36.22
C TYR B 1145 -12.42 -36.56 36.70
N PRO B 1146 -13.03 -37.44 35.93
CA PRO B 1146 -13.23 -38.82 36.39
C PRO B 1146 -12.13 -39.77 35.93
N SER B 1147 -11.94 -40.87 36.66
CA SER B 1147 -11.05 -41.94 36.24
C SER B 1147 -11.43 -43.20 37.01
N ASN B 1148 -10.93 -44.34 36.52
CA ASN B 1148 -11.18 -45.66 37.09
C ASN B 1148 -12.67 -45.96 37.17
N HIS B 1149 -13.29 -46.03 36.00
CA HIS B 1149 -14.72 -46.29 35.92
C HIS B 1149 -15.00 -47.77 36.15
N ILE B 1150 -16.09 -48.04 36.87
CA ILE B 1150 -16.54 -49.40 37.13
C ILE B 1150 -17.87 -49.60 36.40
N GLU B 1151 -18.06 -50.80 35.90
CA GLU B 1151 -19.30 -51.17 35.24
C GLU B 1151 -20.19 -51.93 36.22
N VAL B 1152 -21.38 -51.38 36.45
CA VAL B 1152 -22.33 -51.89 37.44
C VAL B 1152 -23.72 -51.93 36.81
N VAL B 1153 -24.66 -52.51 37.54
CA VAL B 1153 -26.02 -52.71 37.07
C VAL B 1153 -26.91 -51.68 37.77
N SER B 1154 -27.59 -50.85 36.98
CA SER B 1154 -28.43 -49.79 37.48
C SER B 1154 -29.84 -49.96 36.92
N ALA B 1155 -30.78 -49.25 37.52
CA ALA B 1155 -32.20 -49.48 37.26
C ALA B 1155 -32.85 -48.15 36.89
N TYR B 1156 -34.13 -48.20 36.50
CA TYR B 1156 -34.88 -47.03 36.09
C TYR B 1156 -35.84 -46.55 37.17
N GLY B 1157 -36.77 -47.40 37.57
CA GLY B 1157 -37.75 -47.06 38.57
C GLY B 1157 -38.38 -48.33 39.08
N LEU B 1158 -39.05 -48.24 40.22
CA LEU B 1158 -39.62 -49.42 40.83
C LEU B 1158 -41.11 -49.23 41.08
N CYS B 1159 -41.88 -50.25 40.73
CA CYS B 1159 -43.31 -50.28 40.96
C CYS B 1159 -43.64 -51.45 41.87
N ASP B 1160 -44.75 -51.35 42.56
CA ASP B 1160 -45.27 -52.48 43.34
C ASP B 1160 -46.07 -53.39 42.43
N ALA B 1161 -45.94 -54.70 42.64
CA ALA B 1161 -46.77 -55.64 41.90
C ALA B 1161 -48.24 -55.52 42.31
N ALA B 1162 -48.51 -55.38 43.60
CA ALA B 1162 -49.88 -55.20 44.05
C ALA B 1162 -50.40 -53.80 43.75
N ASN B 1163 -49.51 -52.81 43.70
CA ASN B 1163 -49.88 -51.42 43.42
C ASN B 1163 -49.02 -50.93 42.26
N PRO B 1164 -49.36 -51.30 41.02
CA PRO B 1164 -48.61 -50.80 39.86
C PRO B 1164 -48.77 -49.31 39.62
N THR B 1165 -49.78 -48.68 40.22
CA THR B 1165 -49.97 -47.24 40.06
C THR B 1165 -48.83 -46.44 40.66
N ASN B 1166 -48.32 -46.87 41.82
CA ASN B 1166 -47.24 -46.16 42.49
C ASN B 1166 -45.90 -46.63 41.95
N CYS B 1167 -45.17 -45.71 41.33
CA CYS B 1167 -43.83 -45.97 40.83
C CYS B 1167 -42.96 -44.76 41.14
N ILE B 1168 -41.63 -44.98 41.13
CA ILE B 1168 -40.69 -43.98 41.60
C ILE B 1168 -39.59 -43.76 40.57
N ALA B 1169 -38.82 -42.70 40.79
CA ALA B 1169 -37.72 -42.28 39.94
C ALA B 1169 -36.68 -41.56 40.78
N PRO B 1170 -35.40 -41.66 40.42
CA PRO B 1170 -34.38 -40.93 41.18
C PRO B 1170 -34.40 -39.44 40.88
N VAL B 1171 -34.14 -38.65 41.92
CA VAL B 1171 -34.08 -37.20 41.81
C VAL B 1171 -32.60 -36.83 41.73
N ASN B 1172 -32.14 -36.54 40.51
CA ASN B 1172 -30.75 -36.17 40.20
C ASN B 1172 -29.75 -37.21 40.72
N GLY B 1173 -30.16 -38.47 40.79
CA GLY B 1173 -29.28 -39.53 41.20
C GLY B 1173 -29.46 -40.74 40.32
N TYR B 1174 -29.03 -41.90 40.79
CA TYR B 1174 -29.18 -43.12 40.02
C TYR B 1174 -29.57 -44.26 40.95
N PHE B 1175 -30.59 -45.01 40.55
CA PHE B 1175 -30.84 -46.30 41.15
C PHE B 1175 -29.70 -47.24 40.77
N ILE B 1176 -29.42 -48.21 41.64
CA ILE B 1176 -28.28 -49.09 41.41
C ILE B 1176 -28.63 -50.46 41.98
N LYS B 1177 -28.07 -51.49 41.35
CA LYS B 1177 -28.19 -52.86 41.86
C LYS B 1177 -26.82 -53.28 42.37
N THR B 1178 -26.67 -53.28 43.70
CA THR B 1178 -25.41 -53.58 44.35
C THR B 1178 -25.62 -54.72 45.34
N ASN B 1179 -24.68 -55.65 45.36
CA ASN B 1179 -24.67 -56.75 46.30
C ASN B 1179 -23.53 -56.57 47.29
N ASN B 1180 -23.35 -57.56 48.16
CA ASN B 1180 -22.29 -57.51 49.15
C ASN B 1180 -21.61 -58.87 49.31
N GLU B 1186 -29.26 -55.70 45.28
CA GLU B 1186 -30.10 -54.84 46.10
C GLU B 1186 -30.15 -53.43 45.51
N TRP B 1187 -31.35 -52.85 45.42
CA TRP B 1187 -31.47 -51.49 44.93
C TRP B 1187 -30.98 -50.50 45.97
N SER B 1188 -30.08 -49.62 45.53
CA SER B 1188 -29.56 -48.54 46.34
C SER B 1188 -29.53 -47.27 45.49
N TYR B 1189 -29.08 -46.17 46.07
CA TYR B 1189 -29.08 -44.87 45.43
C TYR B 1189 -27.66 -44.33 45.39
N THR B 1190 -27.31 -43.68 44.27
CA THR B 1190 -25.97 -43.11 44.16
C THR B 1190 -26.06 -41.75 43.50
N GLY B 1191 -25.01 -40.95 43.73
CA GLY B 1191 -24.96 -39.61 43.20
C GLY B 1191 -24.71 -39.57 41.70
N SER B 1192 -24.90 -38.39 41.14
CA SER B 1192 -24.77 -38.20 39.69
C SER B 1192 -23.34 -38.00 39.23
N SER B 1193 -22.38 -37.91 40.15
CA SER B 1193 -21.01 -37.63 39.74
C SER B 1193 -19.96 -38.50 40.43
N PHE B 1194 -20.36 -39.44 41.28
CA PHE B 1194 -19.39 -40.30 41.94
C PHE B 1194 -20.05 -41.63 42.28
N TYR B 1195 -19.26 -42.69 42.30
CA TYR B 1195 -19.70 -43.99 42.77
C TYR B 1195 -19.88 -43.95 44.28
N ALA B 1196 -21.03 -43.46 44.72
CA ALA B 1196 -21.34 -43.32 46.15
C ALA B 1196 -22.70 -43.97 46.41
N PRO B 1197 -22.75 -45.29 46.51
CA PRO B 1197 -24.04 -45.98 46.72
C PRO B 1197 -24.52 -45.80 48.15
N GLU B 1198 -25.72 -45.23 48.29
CA GLU B 1198 -26.34 -44.98 49.58
C GLU B 1198 -27.74 -45.57 49.56
N PRO B 1199 -28.30 -45.94 50.72
CA PRO B 1199 -29.58 -46.67 50.73
C PRO B 1199 -30.74 -45.87 50.18
N ILE B 1200 -31.70 -46.61 49.60
CA ILE B 1200 -32.89 -46.01 49.02
C ILE B 1200 -33.77 -45.40 50.11
N THR B 1201 -34.23 -44.17 49.87
CA THR B 1201 -35.12 -43.46 50.77
C THR B 1201 -36.20 -42.79 49.94
N SER B 1202 -37.28 -42.40 50.62
CA SER B 1202 -38.32 -41.64 49.96
C SER B 1202 -37.96 -40.18 49.76
N LEU B 1203 -36.86 -39.72 50.37
CA LEU B 1203 -36.52 -38.30 50.37
C LEU B 1203 -35.62 -37.90 49.20
N ASN B 1204 -35.01 -38.86 48.50
CA ASN B 1204 -34.18 -38.54 47.34
C ASN B 1204 -34.82 -39.05 46.05
N THR B 1205 -36.11 -39.35 46.07
CA THR B 1205 -36.79 -39.89 44.92
C THR B 1205 -38.10 -39.13 44.70
N LYS B 1206 -38.65 -39.29 43.51
CA LYS B 1206 -39.95 -38.75 43.15
C LYS B 1206 -40.87 -39.90 42.78
N TYR B 1207 -42.16 -39.61 42.76
CA TYR B 1207 -43.17 -40.61 42.43
C TYR B 1207 -43.63 -40.41 40.99
N VAL B 1208 -43.67 -41.49 40.24
CA VAL B 1208 -43.89 -41.43 38.80
C VAL B 1208 -45.01 -42.40 38.43
N ALA B 1209 -45.70 -42.09 37.33
CA ALA B 1209 -46.68 -43.01 36.77
C ALA B 1209 -45.97 -44.25 36.21
N PRO B 1210 -46.65 -45.39 36.17
CA PRO B 1210 -46.05 -46.57 35.56
C PRO B 1210 -45.89 -46.42 34.05
N GLN B 1211 -44.90 -47.12 33.52
CA GLN B 1211 -44.63 -47.21 32.09
C GLN B 1211 -44.76 -48.68 31.69
N VAL B 1212 -44.34 -49.01 30.46
CA VAL B 1212 -44.71 -50.28 29.86
C VAL B 1212 -44.12 -51.47 30.60
N THR B 1213 -42.79 -51.56 30.74
CA THR B 1213 -42.28 -52.56 31.66
C THR B 1213 -41.30 -52.05 32.72
N TYR B 1214 -40.16 -51.50 32.30
CA TYR B 1214 -38.90 -51.47 33.05
C TYR B 1214 -38.81 -52.62 34.06
N GLN B 1215 -38.70 -52.31 35.36
CA GLN B 1215 -38.59 -53.36 36.36
C GLN B 1215 -39.39 -52.96 37.61
N ASN B 1216 -39.77 -53.97 38.38
CA ASN B 1216 -40.59 -53.78 39.56
C ASN B 1216 -40.03 -54.60 40.72
N ILE B 1217 -40.58 -54.37 41.91
CA ILE B 1217 -40.28 -55.18 43.08
C ILE B 1217 -41.50 -55.18 44.00
N SER B 1218 -41.72 -56.32 44.66
CA SER B 1218 -42.78 -56.41 45.66
C SER B 1218 -42.37 -57.24 46.87
N THR B 1219 -41.07 -57.54 47.00
CA THR B 1219 -40.56 -58.29 48.14
C THR B 1219 -39.85 -57.39 49.13
N ASN B 1220 -38.83 -56.65 48.67
CA ASN B 1220 -38.19 -55.62 49.47
C ASN B 1220 -38.96 -54.34 49.20
N LEU B 1221 -39.97 -54.06 50.03
CA LEU B 1221 -40.75 -52.86 49.86
C LEU B 1221 -39.91 -51.66 50.26
N PRO B 1222 -39.66 -50.72 49.35
CA PRO B 1222 -38.74 -49.62 49.64
C PRO B 1222 -39.42 -48.53 50.45
N PRO B 1223 -38.64 -47.73 51.15
CA PRO B 1223 -39.18 -46.52 51.81
C PRO B 1223 -39.83 -45.55 50.84
N PRO B 1224 -39.42 -45.45 49.57
CA PRO B 1224 -40.29 -44.75 48.60
C PRO B 1224 -41.69 -45.33 48.48
N LEU B 1225 -41.82 -46.61 48.13
CA LEU B 1225 -43.13 -47.17 47.81
C LEU B 1225 -44.03 -47.25 49.03
N LEU B 1226 -43.48 -47.48 50.20
CA LEU B 1226 -44.27 -47.54 51.42
C LEU B 1226 -44.68 -46.15 51.87
N VAL C 22 6.79 -1.57 -59.66
CA VAL C 22 5.39 -1.54 -60.03
C VAL C 22 5.09 -2.65 -61.04
N ASP C 23 3.94 -2.56 -61.69
CA ASP C 23 3.55 -3.53 -62.71
C ASP C 23 2.79 -2.80 -63.79
N VAL C 24 2.75 -3.42 -64.97
CA VAL C 24 2.14 -2.83 -66.16
C VAL C 24 0.83 -3.54 -66.46
N GLY C 25 -0.10 -2.79 -67.05
CA GLY C 25 -1.36 -3.34 -67.48
C GLY C 25 -1.86 -2.66 -68.74
N PRO C 26 -2.13 -3.45 -69.78
CA PRO C 26 -2.59 -2.89 -71.05
C PRO C 26 -4.04 -2.46 -70.98
N ASP C 27 -4.45 -1.69 -72.00
CA ASP C 27 -5.85 -1.35 -72.19
C ASP C 27 -6.62 -2.59 -72.64
N SER C 28 -7.83 -2.75 -72.11
CA SER C 28 -8.65 -3.90 -72.48
C SER C 28 -9.25 -3.72 -73.87
N VAL C 29 -10.10 -2.72 -74.03
CA VAL C 29 -10.72 -2.40 -75.32
C VAL C 29 -10.63 -0.89 -75.53
N LYS C 30 -11.28 -0.41 -76.59
CA LYS C 30 -11.24 1.00 -76.94
C LYS C 30 -11.92 1.85 -75.86
N SER C 31 -11.55 3.13 -75.84
CA SER C 31 -12.09 4.09 -74.87
C SER C 31 -13.46 4.55 -75.36
N ALA C 32 -14.46 3.67 -75.18
CA ALA C 32 -15.85 4.02 -75.43
C ALA C 32 -16.70 3.09 -74.56
N CYS C 33 -17.10 3.57 -73.40
CA CYS C 33 -17.84 2.75 -72.46
C CYS C 33 -19.30 2.60 -72.93
N ILE C 34 -20.02 1.73 -72.25
CA ILE C 34 -21.42 1.50 -72.55
C ILE C 34 -22.27 2.21 -71.51
N GLU C 35 -23.53 2.49 -71.87
CA GLU C 35 -24.36 3.38 -71.08
C GLU C 35 -24.82 2.71 -69.80
N VAL C 36 -24.73 3.45 -68.70
CA VAL C 36 -25.05 2.96 -67.36
C VAL C 36 -26.31 3.67 -66.87
N ASP C 37 -27.34 2.91 -66.57
CA ASP C 37 -28.59 3.48 -66.08
C ASP C 37 -28.50 3.75 -64.57
N ILE C 38 -29.51 4.45 -64.07
CA ILE C 38 -29.71 4.65 -62.64
C ILE C 38 -31.13 4.19 -62.33
N GLN C 39 -31.26 3.06 -61.63
CA GLN C 39 -32.54 2.46 -61.35
C GLN C 39 -32.63 2.05 -59.89
N GLN C 40 -32.34 3.01 -59.01
CA GLN C 40 -32.48 2.80 -57.56
C GLN C 40 -33.91 2.44 -57.18
N THR C 41 -34.89 2.87 -57.97
CA THR C 41 -36.30 2.61 -57.67
C THR C 41 -36.61 1.12 -57.64
N PHE C 42 -36.11 0.37 -58.63
CA PHE C 42 -36.25 -1.08 -58.57
C PHE C 42 -35.30 -1.69 -57.54
N PHE C 43 -34.23 -0.99 -57.20
CA PHE C 43 -33.29 -1.50 -56.20
C PHE C 43 -33.66 -1.09 -54.79
N ASP C 44 -34.69 -0.25 -54.61
CA ASP C 44 -35.14 0.16 -53.27
C ASP C 44 -36.11 -0.88 -52.74
N LYS C 45 -35.57 -2.06 -52.43
CA LYS C 45 -36.35 -3.16 -51.88
C LYS C 45 -35.73 -3.58 -50.55
N THR C 46 -36.59 -3.95 -49.61
CA THR C 46 -36.16 -4.21 -48.24
C THR C 46 -36.29 -5.68 -47.88
N TRP C 47 -35.33 -6.17 -47.10
CA TRP C 47 -35.43 -7.47 -46.45
C TRP C 47 -34.71 -7.35 -45.12
N PRO C 48 -35.46 -7.11 -44.04
CA PRO C 48 -34.82 -6.95 -42.73
C PRO C 48 -34.28 -8.26 -42.19
N ARG C 49 -32.96 -8.43 -42.26
CA ARG C 49 -32.28 -9.64 -41.81
C ARG C 49 -31.15 -9.20 -40.89
N PRO C 50 -31.45 -8.96 -39.62
CA PRO C 50 -30.45 -8.35 -38.72
C PRO C 50 -29.38 -9.32 -38.25
N ILE C 51 -28.49 -8.82 -37.39
CA ILE C 51 -27.40 -9.59 -36.83
C ILE C 51 -27.85 -10.21 -35.52
N ASP C 52 -27.68 -11.52 -35.38
CA ASP C 52 -27.91 -12.23 -34.13
C ASP C 52 -26.63 -12.97 -33.77
N VAL C 53 -25.86 -12.39 -32.84
CA VAL C 53 -24.56 -12.95 -32.51
C VAL C 53 -24.70 -14.21 -31.65
N SER C 54 -25.86 -14.41 -31.03
CA SER C 54 -26.11 -15.63 -30.26
C SER C 54 -26.07 -16.86 -31.14
N LYS C 55 -26.61 -16.75 -32.36
CA LYS C 55 -26.44 -17.78 -33.38
C LYS C 55 -25.23 -17.55 -34.28
N ALA C 56 -24.21 -16.88 -33.73
CA ALA C 56 -22.87 -16.76 -34.32
C ALA C 56 -22.90 -16.03 -35.66
N ASP C 57 -23.29 -14.77 -35.60
CA ASP C 57 -23.18 -13.87 -36.75
C ASP C 57 -21.88 -13.06 -36.67
N GLY C 58 -20.95 -13.37 -37.57
CA GLY C 58 -19.78 -12.54 -37.82
C GLY C 58 -18.89 -12.25 -36.63
N ILE C 59 -18.24 -13.27 -36.09
CA ILE C 59 -17.31 -13.11 -34.98
C ILE C 59 -15.91 -13.39 -35.50
N ILE C 60 -15.10 -12.33 -35.56
CA ILE C 60 -13.77 -12.40 -36.14
C ILE C 60 -12.88 -13.28 -35.27
N TYR C 61 -12.24 -14.26 -35.88
CA TYR C 61 -11.35 -15.14 -35.15
C TYR C 61 -10.12 -14.36 -34.69
N PRO C 62 -9.58 -14.68 -33.51
CA PRO C 62 -8.34 -14.03 -33.06
C PRO C 62 -7.16 -14.37 -33.97
N GLN C 63 -6.10 -13.56 -33.83
CA GLN C 63 -5.00 -13.58 -34.79
C GLN C 63 -4.25 -14.91 -34.78
N GLY C 64 -4.03 -15.50 -33.61
CA GLY C 64 -3.37 -16.78 -33.53
C GLY C 64 -3.83 -17.60 -32.35
N ARG C 65 -4.97 -17.24 -31.78
CA ARG C 65 -5.35 -17.73 -30.46
C ARG C 65 -6.52 -18.69 -30.57
N THR C 66 -6.47 -19.74 -29.75
CA THR C 66 -7.57 -20.70 -29.68
C THR C 66 -7.69 -21.18 -28.23
N TYR C 67 -8.88 -21.66 -27.90
CA TYR C 67 -9.14 -22.25 -26.59
C TYR C 67 -10.07 -23.45 -26.77
N SER C 68 -10.59 -23.96 -25.66
CA SER C 68 -11.40 -25.16 -25.68
C SER C 68 -12.41 -25.12 -24.54
N ASN C 69 -13.70 -25.14 -24.89
CA ASN C 69 -14.80 -25.37 -23.96
C ASN C 69 -14.89 -24.30 -22.88
N ILE C 70 -14.39 -23.10 -23.15
CA ILE C 70 -14.40 -22.02 -22.17
C ILE C 70 -14.95 -20.75 -22.78
N THR C 71 -15.38 -19.85 -21.90
CA THR C 71 -15.96 -18.57 -22.29
C THR C 71 -14.95 -17.46 -21.97
N ILE C 72 -14.64 -16.64 -22.96
CA ILE C 72 -13.58 -15.66 -22.85
C ILE C 72 -14.13 -14.26 -23.14
N THR C 73 -13.65 -13.30 -22.36
CA THR C 73 -13.99 -11.88 -22.55
C THR C 73 -12.94 -11.30 -23.49
N TYR C 74 -13.28 -11.22 -24.76
CA TYR C 74 -12.35 -10.77 -25.79
C TYR C 74 -12.81 -9.42 -26.31
N GLN C 75 -11.91 -8.44 -26.27
CA GLN C 75 -12.16 -7.10 -26.78
C GLN C 75 -11.69 -7.01 -28.22
N GLY C 76 -12.21 -6.04 -28.95
CA GLY C 76 -11.73 -5.82 -30.30
C GLY C 76 -12.71 -5.02 -31.12
N LEU C 77 -12.62 -5.19 -32.44
CA LEU C 77 -13.56 -4.58 -33.37
C LEU C 77 -14.66 -5.59 -33.69
N PHE C 78 -15.88 -5.26 -33.26
CA PHE C 78 -17.06 -6.10 -33.36
C PHE C 78 -18.21 -5.25 -33.90
N PRO C 79 -19.16 -5.86 -34.60
CA PRO C 79 -20.35 -5.12 -35.02
C PRO C 79 -21.41 -5.16 -33.92
N TYR C 80 -22.39 -4.26 -34.07
CA TYR C 80 -23.47 -4.19 -33.11
C TYR C 80 -24.50 -5.28 -33.37
N GLN C 81 -25.15 -5.73 -32.31
CA GLN C 81 -26.16 -6.77 -32.41
C GLN C 81 -27.46 -6.17 -32.95
N GLY C 82 -28.05 -6.86 -33.93
CA GLY C 82 -29.30 -6.41 -34.50
C GLY C 82 -29.17 -5.40 -35.61
N ASP C 83 -27.98 -5.20 -36.15
CA ASP C 83 -27.80 -4.29 -37.27
C ASP C 83 -28.45 -4.86 -38.52
N HIS C 84 -29.23 -4.03 -39.21
CA HIS C 84 -29.69 -4.42 -40.54
C HIS C 84 -28.60 -4.24 -41.59
N GLY C 85 -27.74 -3.26 -41.40
CA GLY C 85 -26.59 -3.09 -42.26
C GLY C 85 -26.82 -2.14 -43.41
N ASP C 86 -26.10 -2.42 -44.49
CA ASP C 86 -26.08 -1.58 -45.68
C ASP C 86 -26.44 -2.41 -46.90
N MET C 87 -27.60 -3.07 -46.83
CA MET C 87 -28.14 -3.90 -47.91
C MET C 87 -28.05 -3.27 -49.28
N TYR C 88 -27.29 -3.92 -50.16
CA TYR C 88 -27.33 -3.70 -51.59
C TYR C 88 -27.59 -5.03 -52.27
N VAL C 89 -28.07 -4.98 -53.50
CA VAL C 89 -28.36 -6.18 -54.27
C VAL C 89 -27.83 -5.97 -55.67
N TYR C 90 -27.60 -7.07 -56.39
CA TYR C 90 -27.24 -7.04 -57.79
C TYR C 90 -28.36 -7.60 -58.64
N SER C 91 -28.42 -7.16 -59.89
CA SER C 91 -29.44 -7.60 -60.82
C SER C 91 -28.86 -7.68 -62.21
N ALA C 92 -29.51 -8.48 -63.05
CA ALA C 92 -29.10 -8.62 -64.43
C ALA C 92 -29.48 -7.37 -65.23
N GLY C 93 -28.73 -7.14 -66.31
CA GLY C 93 -28.97 -6.00 -67.17
C GLY C 93 -30.23 -6.14 -67.99
N HIS C 94 -30.55 -5.07 -68.71
CA HIS C 94 -31.74 -5.08 -69.54
C HIS C 94 -31.58 -6.03 -70.71
N ALA C 95 -32.70 -6.57 -71.17
CA ALA C 95 -32.70 -7.56 -72.24
C ALA C 95 -34.07 -7.61 -72.88
N THR C 96 -34.09 -7.76 -74.19
CA THR C 96 -35.31 -7.93 -74.97
C THR C 96 -35.29 -9.34 -75.52
N GLY C 97 -35.91 -10.27 -74.79
CA GLY C 97 -35.85 -11.67 -75.12
C GLY C 97 -34.44 -12.22 -75.00
N THR C 98 -33.91 -12.74 -76.10
CA THR C 98 -32.55 -13.26 -76.13
C THR C 98 -31.50 -12.18 -76.40
N THR C 99 -31.92 -10.93 -76.60
CA THR C 99 -30.99 -9.86 -76.92
C THR C 99 -30.79 -8.97 -75.70
N PRO C 100 -29.62 -9.00 -75.06
CA PRO C 100 -29.39 -8.17 -73.87
C PRO C 100 -29.24 -6.70 -74.25
N GLN C 101 -30.10 -5.86 -73.66
CA GLN C 101 -30.01 -4.41 -73.78
C GLN C 101 -29.01 -3.87 -72.78
N LYS C 102 -29.05 -2.56 -72.53
CA LYS C 102 -28.05 -1.88 -71.72
C LYS C 102 -28.12 -2.33 -70.25
N LEU C 103 -27.26 -1.73 -69.43
CA LEU C 103 -27.09 -2.19 -68.07
C LEU C 103 -28.29 -1.80 -67.20
N PHE C 104 -28.42 -2.49 -66.07
CA PHE C 104 -29.52 -2.30 -65.11
C PHE C 104 -28.90 -2.28 -63.71
N VAL C 105 -28.57 -1.09 -63.23
CA VAL C 105 -27.99 -0.92 -61.90
C VAL C 105 -28.64 0.27 -61.22
N ALA C 106 -28.37 0.40 -59.92
CA ALA C 106 -28.83 1.52 -59.12
C ALA C 106 -27.77 2.62 -59.13
N ASN C 107 -27.92 3.57 -58.20
CA ASN C 107 -26.94 4.66 -58.02
C ASN C 107 -26.00 4.38 -56.86
N TYR C 108 -25.61 3.11 -56.68
CA TYR C 108 -24.62 2.74 -55.67
C TYR C 108 -23.21 3.19 -56.03
N SER C 109 -23.00 3.65 -57.27
CA SER C 109 -21.68 4.05 -57.72
C SER C 109 -21.19 5.28 -56.96
N GLN C 110 -22.02 6.33 -56.89
CA GLN C 110 -21.57 7.57 -56.28
C GLN C 110 -21.56 7.50 -54.76
N ASP C 111 -22.15 6.48 -54.15
CA ASP C 111 -22.13 6.38 -52.70
C ASP C 111 -20.74 5.99 -52.21
N VAL C 112 -20.34 6.63 -51.11
CA VAL C 112 -19.07 6.34 -50.46
C VAL C 112 -19.29 6.40 -48.95
N LYS C 113 -18.56 5.57 -48.22
CA LYS C 113 -18.70 5.47 -46.77
C LYS C 113 -17.32 5.49 -46.13
N GLN C 114 -17.30 5.93 -44.88
CA GLN C 114 -16.07 5.87 -44.10
C GLN C 114 -15.71 4.42 -43.78
N PHE C 115 -14.44 4.08 -44.04
CA PHE C 115 -13.96 2.74 -43.73
C PHE C 115 -14.03 2.45 -42.24
N ALA C 116 -13.57 3.41 -41.43
CA ALA C 116 -13.47 3.31 -39.97
C ALA C 116 -12.74 2.05 -39.51
N ASN C 117 -13.50 1.02 -39.15
CA ASN C 117 -12.92 -0.19 -38.57
C ASN C 117 -13.12 -1.41 -39.47
N GLY C 118 -13.34 -1.20 -40.76
CA GLY C 118 -13.59 -2.31 -41.67
C GLY C 118 -15.05 -2.69 -41.73
N PHE C 119 -15.32 -3.74 -42.49
CA PHE C 119 -16.68 -4.19 -42.71
C PHE C 119 -16.68 -5.66 -43.11
N VAL C 120 -17.82 -6.30 -42.91
CA VAL C 120 -17.98 -7.72 -43.20
C VAL C 120 -19.24 -7.91 -44.03
N VAL C 121 -19.13 -8.77 -45.05
CA VAL C 121 -20.23 -9.09 -45.95
C VAL C 121 -20.60 -10.55 -45.73
N ARG C 122 -21.87 -10.86 -45.98
CA ARG C 122 -22.33 -12.23 -46.07
C ARG C 122 -22.87 -12.48 -47.47
N ILE C 123 -22.51 -13.63 -48.02
CA ILE C 123 -22.79 -13.97 -49.41
C ILE C 123 -23.77 -15.13 -49.42
N GLY C 124 -24.91 -14.93 -50.08
CA GLY C 124 -25.93 -15.95 -50.15
C GLY C 124 -27.01 -15.78 -49.11
N ALA C 125 -27.34 -14.52 -48.77
CA ALA C 125 -28.39 -14.27 -47.78
C ALA C 125 -29.76 -14.69 -48.29
N ALA C 126 -30.00 -14.62 -49.59
CA ALA C 126 -31.24 -15.11 -50.19
C ALA C 126 -31.05 -16.42 -50.93
N ALA C 127 -29.89 -17.06 -50.78
CA ALA C 127 -29.54 -18.25 -51.54
C ALA C 127 -30.48 -19.41 -51.21
N ASN C 128 -30.58 -20.33 -52.17
CA ASN C 128 -31.44 -21.52 -52.20
C ASN C 128 -32.91 -21.20 -52.35
N SER C 129 -33.29 -19.93 -52.35
CA SER C 129 -34.69 -19.53 -52.35
C SER C 129 -35.16 -19.16 -53.75
N THR C 130 -36.46 -18.95 -53.87
CA THR C 130 -37.08 -18.45 -55.08
C THR C 130 -37.58 -17.04 -54.81
N GLY C 131 -36.91 -16.05 -55.40
CA GLY C 131 -37.28 -14.67 -55.24
C GLY C 131 -37.59 -14.03 -56.58
N THR C 132 -38.17 -12.85 -56.53
CA THR C 132 -38.49 -12.16 -57.77
C THR C 132 -37.23 -11.55 -58.39
N VAL C 133 -37.28 -11.37 -59.70
CA VAL C 133 -36.22 -10.66 -60.41
C VAL C 133 -36.40 -9.17 -60.18
N ILE C 134 -35.29 -8.47 -59.94
CA ILE C 134 -35.34 -7.04 -59.71
C ILE C 134 -35.78 -6.30 -60.96
N ILE C 135 -35.27 -6.71 -62.12
CA ILE C 135 -35.69 -6.08 -63.36
C ILE C 135 -37.01 -6.65 -63.88
N SER C 136 -37.39 -7.85 -63.44
CA SER C 136 -38.64 -8.49 -63.86
C SER C 136 -39.41 -8.83 -62.60
N PRO C 137 -40.13 -7.85 -62.03
CA PRO C 137 -40.84 -8.08 -60.77
C PRO C 137 -41.92 -9.14 -60.86
N SER C 138 -42.55 -9.29 -62.01
CA SER C 138 -43.57 -10.32 -62.20
C SER C 138 -42.98 -11.72 -62.24
N THR C 139 -41.68 -11.86 -62.51
CA THR C 139 -41.03 -13.15 -62.62
C THR C 139 -40.31 -13.48 -61.32
N SER C 140 -40.66 -14.60 -60.72
CA SER C 140 -39.97 -15.11 -59.54
C SER C 140 -39.31 -16.45 -59.89
N ALA C 141 -37.99 -16.50 -59.72
CA ALA C 141 -37.21 -17.69 -60.05
C ALA C 141 -36.22 -17.93 -58.92
N THR C 142 -35.45 -19.02 -59.04
CA THR C 142 -34.54 -19.40 -57.98
C THR C 142 -33.38 -18.41 -57.89
N ILE C 143 -32.72 -18.42 -56.73
CA ILE C 143 -31.72 -17.43 -56.38
C ILE C 143 -30.35 -18.09 -56.35
N ARG C 144 -29.40 -17.54 -57.10
CA ARG C 144 -28.04 -18.04 -57.09
C ARG C 144 -27.10 -16.91 -56.69
N LYS C 145 -25.90 -17.29 -56.25
CA LYS C 145 -24.99 -16.35 -55.61
C LYS C 145 -24.33 -15.41 -56.60
N ILE C 146 -23.96 -14.24 -56.09
CA ILE C 146 -23.14 -13.28 -56.81
C ILE C 146 -22.11 -12.73 -55.82
N TYR C 147 -20.94 -12.37 -56.36
CA TYR C 147 -19.95 -11.83 -55.45
C TYR C 147 -19.69 -10.36 -55.77
N PRO C 148 -19.64 -9.49 -54.77
CA PRO C 148 -19.52 -8.05 -55.04
C PRO C 148 -18.07 -7.59 -55.19
N ALA C 149 -17.91 -6.55 -56.01
CA ALA C 149 -16.61 -5.97 -56.32
C ALA C 149 -16.42 -4.67 -55.53
N PHE C 150 -15.29 -4.55 -54.84
CA PHE C 150 -15.06 -3.44 -53.92
C PHE C 150 -13.95 -2.53 -54.45
N MET C 151 -13.93 -1.30 -53.96
CA MET C 151 -12.82 -0.40 -54.28
C MET C 151 -12.50 0.44 -53.04
N LEU C 152 -11.21 0.62 -52.80
CA LEU C 152 -10.68 1.14 -51.54
C LEU C 152 -9.69 2.26 -51.80
N GLY C 153 -9.96 3.43 -51.23
CA GLY C 153 -9.03 4.54 -51.33
C GLY C 153 -9.30 5.56 -50.25
N SER C 154 -8.29 6.38 -49.99
CA SER C 154 -8.34 7.35 -48.91
C SER C 154 -8.93 8.69 -49.32
N SER C 155 -9.26 8.87 -50.61
CA SER C 155 -9.71 10.16 -51.11
C SER C 155 -10.86 9.97 -52.10
N VAL C 156 -11.85 10.85 -52.01
CA VAL C 156 -13.02 10.83 -52.86
C VAL C 156 -13.08 12.14 -53.65
N GLY C 157 -13.31 12.04 -54.95
CA GLY C 157 -13.43 13.22 -55.79
C GLY C 157 -14.63 13.15 -56.71
N ASN C 158 -14.64 14.05 -57.69
CA ASN C 158 -15.68 14.13 -58.71
C ASN C 158 -15.18 13.59 -60.04
N PHE C 159 -16.12 13.09 -60.85
CA PHE C 159 -15.83 12.67 -62.20
C PHE C 159 -15.84 13.88 -63.14
N SER C 160 -15.82 13.63 -64.46
CA SER C 160 -15.86 14.73 -65.41
C SER C 160 -17.18 15.49 -65.34
N ASP C 161 -18.27 14.78 -65.03
CA ASP C 161 -19.57 15.42 -64.87
C ASP C 161 -19.81 15.96 -63.46
N GLY C 162 -18.87 15.76 -62.54
CA GLY C 162 -18.98 16.30 -61.20
C GLY C 162 -19.67 15.38 -60.20
N LYS C 163 -20.19 14.24 -60.65
CA LYS C 163 -20.85 13.32 -59.74
C LYS C 163 -19.83 12.66 -58.80
N MET C 164 -20.30 12.21 -57.65
CA MET C 164 -19.45 11.54 -56.68
C MET C 164 -18.96 10.20 -57.22
N GLY C 165 -17.89 9.70 -56.62
CA GLY C 165 -17.41 8.38 -56.95
C GLY C 165 -15.97 8.30 -57.43
N ARG C 166 -15.44 9.38 -57.99
CA ARG C 166 -14.04 9.40 -58.36
C ARG C 166 -13.15 9.36 -57.13
N PHE C 167 -12.08 8.60 -57.24
CA PHE C 167 -11.10 8.46 -56.17
C PHE C 167 -9.74 8.94 -56.70
N PHE C 168 -8.99 9.61 -55.84
CA PHE C 168 -7.66 10.06 -56.21
C PHE C 168 -6.61 9.09 -55.67
N ASN C 169 -5.36 9.32 -56.09
CA ASN C 169 -4.17 8.61 -55.62
C ASN C 169 -4.22 7.13 -55.95
N HIS C 170 -3.74 6.29 -55.04
CA HIS C 170 -3.47 4.89 -55.34
C HIS C 170 -4.57 4.05 -54.71
N THR C 171 -5.21 3.21 -55.53
CA THR C 171 -6.50 2.61 -55.19
C THR C 171 -6.45 1.10 -55.29
N LEU C 172 -7.10 0.43 -54.34
CA LEU C 172 -7.29 -1.02 -54.37
C LEU C 172 -8.61 -1.36 -55.02
N VAL C 173 -8.61 -2.40 -55.86
CA VAL C 173 -9.82 -2.92 -56.48
C VAL C 173 -9.90 -4.41 -56.20
N LEU C 174 -11.04 -4.85 -55.65
CA LEU C 174 -11.37 -6.26 -55.45
C LEU C 174 -12.35 -6.68 -56.53
N LEU C 175 -11.92 -7.58 -57.41
CA LEU C 175 -12.70 -8.04 -58.55
C LEU C 175 -12.94 -9.54 -58.46
N PRO C 176 -14.16 -9.98 -58.20
CA PRO C 176 -14.48 -11.40 -58.38
C PRO C 176 -14.81 -11.72 -59.84
N ASP C 177 -14.71 -13.00 -60.16
CA ASP C 177 -14.98 -13.54 -61.48
C ASP C 177 -15.07 -15.06 -61.36
N GLY C 178 -15.39 -15.70 -62.47
CA GLY C 178 -15.51 -17.15 -62.48
C GLY C 178 -16.82 -17.68 -61.95
N CYS C 179 -17.86 -16.83 -61.91
CA CYS C 179 -19.18 -17.19 -61.39
C CYS C 179 -19.10 -17.71 -59.96
N GLY C 180 -18.34 -17.00 -59.12
CA GLY C 180 -18.11 -17.41 -57.76
C GLY C 180 -16.86 -18.25 -57.54
N THR C 181 -15.91 -18.23 -58.46
CA THR C 181 -14.69 -19.04 -58.34
C THR C 181 -13.51 -18.23 -57.80
N LEU C 182 -13.12 -17.18 -58.50
CA LEU C 182 -11.92 -16.43 -58.18
C LEU C 182 -12.29 -15.02 -57.73
N LEU C 183 -11.46 -14.48 -56.83
CA LEU C 183 -11.76 -13.22 -56.15
C LEU C 183 -10.52 -12.32 -56.13
N ARG C 184 -9.97 -12.03 -57.31
CA ARG C 184 -8.67 -11.37 -57.38
C ARG C 184 -8.73 -9.95 -56.81
N ALA C 185 -7.55 -9.41 -56.53
CA ALA C 185 -7.46 -8.04 -56.04
C ALA C 185 -6.16 -7.43 -56.57
N PHE C 186 -6.19 -6.12 -56.76
CA PHE C 186 -5.02 -5.43 -57.27
C PHE C 186 -5.02 -3.98 -56.81
N TYR C 187 -3.85 -3.52 -56.37
CA TYR C 187 -3.68 -2.20 -55.79
C TYR C 187 -2.84 -1.41 -56.78
N CYS C 188 -3.47 -0.48 -57.48
CA CYS C 188 -2.94 0.10 -58.71
C CYS C 188 -3.17 1.61 -58.65
N ILE C 189 -3.02 2.28 -59.80
CA ILE C 189 -3.47 3.64 -60.01
C ILE C 189 -4.59 3.59 -61.05
N LEU C 190 -5.75 4.11 -60.69
CA LEU C 190 -6.86 4.16 -61.63
C LEU C 190 -6.67 5.30 -62.62
N GLU C 191 -7.16 5.09 -63.84
CA GLU C 191 -7.32 6.18 -64.76
C GLU C 191 -8.57 5.96 -65.60
N PRO C 192 -9.47 6.93 -65.64
CA PRO C 192 -10.70 6.76 -66.42
C PRO C 192 -10.47 6.93 -67.91
N ARG C 193 -11.40 6.38 -68.67
CA ARG C 193 -11.42 6.58 -70.12
C ARG C 193 -12.22 7.84 -70.44
N SER C 194 -11.98 8.38 -71.63
CA SER C 194 -12.56 9.64 -72.04
C SER C 194 -13.58 9.48 -73.17
N GLY C 195 -14.18 8.31 -73.28
CA GLY C 195 -15.12 8.01 -74.34
C GLY C 195 -16.57 8.21 -73.94
N ASN C 196 -17.45 7.59 -74.71
CA ASN C 196 -18.88 7.65 -74.47
C ASN C 196 -19.23 6.90 -73.20
N HIS C 197 -20.03 7.53 -72.33
CA HIS C 197 -20.46 6.98 -71.04
C HIS C 197 -19.28 6.60 -70.15
N CYS C 198 -18.15 7.26 -70.34
CA CYS C 198 -16.92 6.97 -69.63
C CYS C 198 -16.66 8.03 -68.56
N PRO C 199 -16.05 7.64 -67.44
CA PRO C 199 -15.95 8.56 -66.29
C PRO C 199 -15.18 9.85 -66.56
N ALA C 200 -14.18 9.83 -67.44
CA ALA C 200 -13.55 11.06 -67.90
C ALA C 200 -14.07 11.49 -69.26
N GLY C 201 -15.18 10.91 -69.73
CA GLY C 201 -15.72 11.25 -71.01
C GLY C 201 -17.12 11.84 -70.98
N ASN C 202 -17.86 11.66 -72.07
CA ASN C 202 -19.17 12.28 -72.25
C ASN C 202 -20.29 11.26 -72.14
N SER C 203 -21.50 11.79 -71.90
CA SER C 203 -22.72 11.00 -71.66
C SER C 203 -22.53 10.03 -70.50
N TYR C 204 -21.76 10.46 -69.50
CA TYR C 204 -21.39 9.59 -68.39
C TYR C 204 -22.41 9.71 -67.27
N THR C 205 -22.80 8.56 -66.74
CA THR C 205 -23.70 8.53 -65.60
C THR C 205 -23.07 7.88 -64.38
N SER C 206 -22.53 6.68 -64.53
CA SER C 206 -22.00 5.92 -63.42
C SER C 206 -21.04 4.88 -63.96
N PHE C 207 -20.21 4.33 -63.07
CA PHE C 207 -19.32 3.24 -63.44
C PHE C 207 -19.98 1.92 -63.09
N ALA C 208 -19.82 0.94 -63.98
CA ALA C 208 -20.47 -0.35 -63.82
C ALA C 208 -19.61 -1.42 -64.45
N THR C 209 -19.90 -2.68 -64.11
CA THR C 209 -19.22 -3.84 -64.68
C THR C 209 -20.25 -4.76 -65.30
N TYR C 210 -20.21 -4.90 -66.61
CA TYR C 210 -21.13 -5.80 -67.30
C TYR C 210 -20.65 -7.24 -67.15
N HIS C 211 -21.52 -8.17 -67.54
CA HIS C 211 -21.20 -9.59 -67.48
C HIS C 211 -21.99 -10.32 -68.55
N THR C 212 -21.34 -11.29 -69.19
CA THR C 212 -21.95 -12.09 -70.25
C THR C 212 -22.10 -13.51 -69.75
N PRO C 213 -23.23 -13.83 -69.09
CA PRO C 213 -23.38 -15.19 -68.51
C PRO C 213 -23.49 -16.28 -69.54
N ALA C 214 -23.89 -15.96 -70.77
CA ALA C 214 -23.99 -16.97 -71.82
C ALA C 214 -22.61 -17.46 -72.25
N THR C 215 -21.56 -16.67 -72.05
CA THR C 215 -20.21 -17.06 -72.42
C THR C 215 -19.28 -17.27 -71.24
N ASP C 216 -19.61 -16.71 -70.07
CA ASP C 216 -18.72 -16.78 -68.91
C ASP C 216 -19.02 -18.00 -68.03
N CYS C 217 -20.26 -18.13 -67.54
CA CYS C 217 -20.60 -19.19 -66.60
C CYS C 217 -20.62 -20.59 -67.20
N SER C 218 -20.26 -20.75 -68.48
CA SER C 218 -20.03 -22.06 -69.03
C SER C 218 -18.83 -22.72 -68.36
N ASP C 219 -18.83 -24.05 -68.35
CA ASP C 219 -17.78 -24.79 -67.67
C ASP C 219 -16.46 -24.65 -68.39
N GLY C 220 -15.42 -24.31 -67.64
CA GLY C 220 -14.10 -24.10 -68.21
C GLY C 220 -13.94 -22.70 -68.78
N ASN C 221 -12.68 -22.26 -68.94
CA ASN C 221 -12.29 -21.01 -69.57
C ASN C 221 -12.84 -19.78 -68.85
N TYR C 222 -14.18 -19.64 -68.83
CA TYR C 222 -14.88 -18.49 -68.24
C TYR C 222 -14.41 -17.19 -68.89
N ASN C 223 -14.29 -17.22 -70.22
CA ASN C 223 -13.91 -16.11 -71.10
C ASN C 223 -12.52 -15.54 -70.80
N ARG C 224 -11.72 -16.25 -70.00
CA ARG C 224 -10.49 -15.73 -69.41
C ARG C 224 -10.75 -14.38 -68.74
N ASN C 225 -11.57 -14.47 -67.69
CA ASN C 225 -11.88 -13.36 -66.78
C ASN C 225 -12.55 -12.20 -67.51
N ALA C 226 -13.78 -12.46 -67.97
CA ALA C 226 -14.55 -11.46 -68.68
C ALA C 226 -14.81 -10.22 -67.85
N SER C 227 -15.12 -10.37 -66.57
CA SER C 227 -15.38 -9.21 -65.72
C SER C 227 -14.12 -8.39 -65.45
N LEU C 228 -12.94 -8.99 -65.59
CA LEU C 228 -11.70 -8.23 -65.52
C LEU C 228 -11.64 -7.16 -66.60
N ASN C 229 -11.94 -7.56 -67.84
CA ASN C 229 -11.97 -6.59 -68.93
C ASN C 229 -13.22 -5.72 -68.87
N SER C 230 -14.30 -6.23 -68.27
CA SER C 230 -15.52 -5.44 -68.13
C SER C 230 -15.31 -4.27 -67.17
N PHE C 231 -14.60 -4.51 -66.07
CA PHE C 231 -14.15 -3.41 -65.23
C PHE C 231 -13.08 -2.58 -65.93
N LYS C 232 -12.19 -3.23 -66.68
CA LYS C 232 -11.19 -2.52 -67.45
C LYS C 232 -11.77 -1.84 -68.69
N GLU C 233 -13.05 -2.10 -69.00
CA GLU C 233 -13.73 -1.37 -70.06
C GLU C 233 -13.95 0.09 -69.71
N TYR C 234 -13.95 0.42 -68.41
CA TYR C 234 -14.17 1.78 -67.93
C TYR C 234 -12.90 2.41 -67.41
N PHE C 235 -12.11 1.68 -66.63
CA PHE C 235 -10.88 2.17 -66.04
C PHE C 235 -9.68 1.43 -66.61
N ASN C 236 -8.51 1.98 -66.31
CA ASN C 236 -7.25 1.30 -66.60
C ASN C 236 -6.34 1.48 -65.40
N LEU C 237 -5.31 0.63 -65.33
CA LEU C 237 -4.41 0.62 -64.20
C LEU C 237 -3.00 1.04 -64.63
N ARG C 238 -2.35 1.80 -63.76
CA ARG C 238 -1.01 2.32 -64.03
C ARG C 238 -0.23 2.33 -62.72
N ASN C 239 1.09 2.12 -62.84
CA ASN C 239 2.01 2.09 -61.69
C ASN C 239 1.56 1.09 -60.63
N CYS C 240 0.98 -0.02 -61.08
CA CYS C 240 0.26 -0.91 -60.18
C CYS C 240 1.24 -1.72 -59.34
N THR C 241 0.98 -1.77 -58.04
CA THR C 241 1.91 -2.42 -57.11
C THR C 241 1.92 -3.93 -57.32
N PHE C 242 0.76 -4.55 -57.37
CA PHE C 242 0.66 -6.01 -57.47
C PHE C 242 -0.76 -6.39 -57.88
N MET C 243 -0.97 -7.69 -58.07
CA MET C 243 -2.28 -8.25 -58.31
C MET C 243 -2.28 -9.65 -57.72
N TYR C 244 -3.14 -9.88 -56.73
CA TYR C 244 -3.23 -11.17 -56.06
C TYR C 244 -4.49 -11.89 -56.49
N THR C 245 -4.50 -13.20 -56.27
CA THR C 245 -5.60 -14.06 -56.65
C THR C 245 -6.08 -14.84 -55.43
N TYR C 246 -7.35 -15.21 -55.44
CA TYR C 246 -7.94 -16.02 -54.37
C TYR C 246 -9.11 -16.81 -54.93
N ASN C 247 -9.11 -18.12 -54.66
CA ASN C 247 -10.12 -19.04 -55.17
C ASN C 247 -11.09 -19.45 -54.08
N ILE C 248 -12.37 -19.37 -54.37
CA ILE C 248 -13.42 -19.91 -53.51
C ILE C 248 -14.20 -20.93 -54.32
N THR C 249 -14.30 -22.15 -53.79
CA THR C 249 -15.08 -23.19 -54.44
C THR C 249 -16.56 -22.86 -54.39
N GLU C 250 -17.26 -23.23 -55.46
CA GLU C 250 -18.65 -22.87 -55.64
C GLU C 250 -19.55 -23.76 -54.77
N ASP C 251 -20.43 -23.11 -54.01
CA ASP C 251 -21.50 -23.80 -53.30
C ASP C 251 -22.62 -22.78 -53.11
N GLU C 252 -23.74 -23.23 -52.55
CA GLU C 252 -24.85 -22.33 -52.23
C GLU C 252 -24.96 -22.11 -50.73
N ILE C 253 -24.00 -22.62 -49.96
CA ILE C 253 -23.88 -22.35 -48.53
C ILE C 253 -23.42 -20.92 -48.35
N LEU C 254 -24.11 -20.18 -47.48
CA LEU C 254 -23.81 -18.78 -47.22
C LEU C 254 -22.39 -18.64 -46.65
N GLU C 255 -21.63 -17.70 -47.21
CA GLU C 255 -20.26 -17.45 -46.79
C GLU C 255 -20.16 -16.08 -46.14
N TRP C 256 -18.97 -15.77 -45.62
CA TRP C 256 -18.70 -14.47 -45.03
C TRP C 256 -17.33 -13.99 -45.47
N PHE C 257 -17.17 -12.67 -45.53
CA PHE C 257 -15.86 -12.08 -45.80
C PHE C 257 -15.75 -10.79 -45.01
N GLY C 258 -14.73 -10.70 -44.17
CA GLY C 258 -14.51 -9.54 -43.32
C GLY C 258 -13.21 -8.86 -43.72
N ILE C 259 -13.14 -7.55 -43.47
CA ILE C 259 -11.96 -6.79 -43.84
C ILE C 259 -11.76 -5.68 -42.81
N THR C 260 -10.49 -5.46 -42.45
CA THR C 260 -10.11 -4.40 -41.53
C THR C 260 -8.71 -3.94 -41.91
N GLN C 261 -8.25 -2.88 -41.26
CA GLN C 261 -6.92 -2.35 -41.52
C GLN C 261 -6.17 -2.13 -40.22
N THR C 262 -4.88 -2.41 -40.24
CA THR C 262 -4.00 -2.17 -39.12
C THR C 262 -2.71 -1.65 -39.75
N ALA C 263 -1.82 -1.07 -38.94
CA ALA C 263 -0.63 -0.37 -39.46
C ALA C 263 0.27 -1.27 -40.30
N GLN C 264 0.34 -2.56 -40.03
CA GLN C 264 1.12 -3.48 -40.85
C GLN C 264 0.42 -3.83 -42.17
N GLY C 265 -0.90 -3.74 -42.23
CA GLY C 265 -1.58 -4.04 -43.46
C GLY C 265 -3.08 -4.23 -43.27
N VAL C 266 -3.73 -4.46 -44.38
CA VAL C 266 -5.14 -4.83 -44.41
C VAL C 266 -5.25 -6.31 -44.07
N HIS C 267 -6.24 -6.67 -43.27
CA HIS C 267 -6.45 -8.04 -42.84
C HIS C 267 -7.83 -8.50 -43.27
N LEU C 268 -7.89 -9.66 -43.91
CA LEU C 268 -9.07 -10.13 -44.62
C LEU C 268 -9.37 -11.54 -44.17
N PHE C 269 -10.62 -11.76 -43.74
CA PHE C 269 -11.05 -12.95 -43.03
C PHE C 269 -12.15 -13.63 -43.82
N SER C 270 -12.19 -14.96 -43.76
CA SER C 270 -13.28 -15.70 -44.39
C SER C 270 -13.45 -17.05 -43.70
N SER C 271 -14.69 -17.56 -43.76
CA SER C 271 -15.00 -18.90 -43.29
C SER C 271 -14.86 -19.93 -44.41
N ARG C 272 -14.27 -19.53 -45.54
CA ARG C 272 -14.17 -20.41 -46.70
C ARG C 272 -13.24 -21.59 -46.44
N TYR C 273 -12.18 -21.38 -45.66
CA TYR C 273 -11.18 -22.43 -45.46
C TYR C 273 -11.74 -23.63 -44.71
N VAL C 274 -12.14 -23.44 -43.46
CA VAL C 274 -12.38 -24.60 -42.60
C VAL C 274 -13.85 -24.72 -42.25
N ASP C 275 -14.40 -23.71 -41.57
CA ASP C 275 -15.73 -23.82 -40.97
C ASP C 275 -16.79 -23.39 -41.99
N LEU C 276 -16.87 -24.17 -43.07
CA LEU C 276 -17.84 -23.91 -44.13
C LEU C 276 -19.26 -24.24 -43.67
N TYR C 277 -19.43 -25.40 -43.02
CA TYR C 277 -20.76 -25.81 -42.61
C TYR C 277 -21.27 -24.97 -41.45
N GLY C 278 -20.44 -24.76 -40.44
CA GLY C 278 -20.78 -23.83 -39.38
C GLY C 278 -20.28 -22.45 -39.74
N GLY C 279 -19.63 -21.77 -38.81
CA GLY C 279 -19.02 -20.51 -39.15
C GLY C 279 -18.01 -20.01 -38.14
N ASN C 280 -16.81 -19.70 -38.62
CA ASN C 280 -15.80 -19.01 -37.83
C ASN C 280 -14.92 -18.25 -38.81
N MET C 281 -14.44 -17.09 -38.40
CA MET C 281 -14.15 -16.03 -39.37
C MET C 281 -12.63 -15.97 -39.55
N PHE C 282 -12.09 -16.82 -40.40
CA PHE C 282 -10.64 -17.05 -40.43
C PHE C 282 -9.93 -16.14 -41.41
N GLN C 283 -8.82 -15.55 -40.95
CA GLN C 283 -8.02 -14.66 -41.79
C GLN C 283 -7.44 -15.42 -42.96
N PHE C 284 -7.75 -14.96 -44.16
CA PHE C 284 -7.20 -15.58 -45.37
C PHE C 284 -6.19 -14.70 -46.07
N ALA C 285 -6.27 -13.39 -45.95
CA ALA C 285 -5.39 -12.49 -46.69
C ALA C 285 -4.81 -11.44 -45.76
N THR C 286 -3.52 -11.18 -45.90
CA THR C 286 -2.84 -10.11 -45.17
C THR C 286 -2.18 -9.22 -46.20
N LEU C 287 -2.91 -8.21 -46.65
CA LEU C 287 -2.40 -7.24 -47.60
C LEU C 287 -1.38 -6.34 -46.95
N PRO C 288 -0.17 -6.22 -47.47
CA PRO C 288 0.79 -5.26 -46.93
C PRO C 288 0.56 -3.86 -47.50
N VAL C 289 -0.50 -3.20 -47.01
CA VAL C 289 -0.87 -1.90 -47.54
C VAL C 289 0.11 -0.86 -47.02
N TYR C 290 0.29 0.22 -47.79
CA TYR C 290 1.25 1.25 -47.45
C TYR C 290 0.66 2.28 -46.50
N ASP C 291 -0.62 2.59 -46.64
CA ASP C 291 -1.28 3.61 -45.84
C ASP C 291 -2.64 3.09 -45.37
N THR C 292 -3.13 3.70 -44.29
CA THR C 292 -4.49 3.40 -43.85
C THR C 292 -5.49 3.99 -44.84
N ILE C 293 -6.41 3.15 -45.30
CA ILE C 293 -7.41 3.55 -46.29
C ILE C 293 -8.70 3.87 -45.55
N LYS C 294 -9.19 5.10 -45.76
CA LYS C 294 -10.34 5.60 -45.02
C LYS C 294 -11.62 5.64 -45.85
N TYR C 295 -11.61 5.11 -47.06
CA TYR C 295 -12.80 5.21 -47.91
C TYR C 295 -12.97 3.94 -48.73
N TYR C 296 -14.23 3.56 -48.93
CA TYR C 296 -14.55 2.39 -49.72
C TYR C 296 -15.86 2.63 -50.46
N SER C 297 -16.02 1.93 -51.57
CA SER C 297 -17.27 1.96 -52.31
C SER C 297 -17.45 0.63 -53.03
N ILE C 298 -18.69 0.38 -53.46
CA ILE C 298 -19.08 -0.84 -54.13
C ILE C 298 -19.33 -0.51 -55.59
N ILE C 299 -18.64 -1.19 -56.49
CA ILE C 299 -18.88 -0.99 -57.92
C ILE C 299 -20.21 -1.64 -58.28
N PRO C 300 -21.15 -0.90 -58.87
CA PRO C 300 -22.36 -1.55 -59.40
C PRO C 300 -22.00 -2.54 -60.49
N HIS C 301 -22.70 -3.67 -60.49
CA HIS C 301 -22.42 -4.72 -61.46
C HIS C 301 -23.68 -5.06 -62.23
N SER C 302 -23.54 -5.18 -63.54
CA SER C 302 -24.62 -5.58 -64.42
C SER C 302 -24.30 -6.91 -65.06
N ILE C 303 -25.33 -7.65 -65.42
CA ILE C 303 -25.20 -8.96 -66.03
C ILE C 303 -26.08 -8.97 -67.27
N ARG C 304 -25.49 -9.21 -68.44
CA ARG C 304 -26.24 -9.22 -69.68
C ARG C 304 -26.95 -10.55 -69.89
N SER C 305 -27.74 -10.93 -68.89
CA SER C 305 -28.57 -12.12 -68.97
C SER C 305 -29.77 -11.84 -69.85
N ILE C 306 -30.12 -12.82 -70.68
CA ILE C 306 -31.22 -12.65 -71.62
C ILE C 306 -32.55 -12.65 -70.88
N GLN C 307 -33.55 -12.00 -71.47
CA GLN C 307 -34.83 -11.82 -70.80
C GLN C 307 -35.61 -13.12 -70.75
N SER C 308 -35.47 -13.96 -71.78
CA SER C 308 -36.15 -15.25 -71.80
C SER C 308 -35.59 -16.22 -70.76
N ASP C 309 -34.40 -15.96 -70.23
CA ASP C 309 -33.79 -16.77 -69.19
C ASP C 309 -33.26 -15.89 -68.07
N ARG C 310 -34.06 -14.92 -67.65
CA ARG C 310 -33.72 -14.12 -66.48
C ARG C 310 -33.88 -14.94 -65.22
N LYS C 311 -32.96 -14.73 -64.28
CA LYS C 311 -32.93 -15.49 -63.03
C LYS C 311 -32.76 -14.52 -61.87
N ALA C 312 -33.33 -14.88 -60.72
CA ALA C 312 -33.18 -14.07 -59.54
C ALA C 312 -31.76 -14.15 -58.99
N TRP C 313 -31.31 -13.07 -58.37
CA TRP C 313 -29.96 -12.95 -57.84
C TRP C 313 -29.97 -12.99 -56.32
N ALA C 314 -28.76 -13.03 -55.76
CA ALA C 314 -28.57 -13.21 -54.32
C ALA C 314 -28.60 -11.88 -53.57
N ALA C 315 -28.86 -11.99 -52.27
CA ALA C 315 -28.81 -10.88 -51.33
C ALA C 315 -27.49 -10.92 -50.59
N PHE C 316 -26.92 -9.75 -50.33
CA PHE C 316 -25.71 -9.63 -49.52
C PHE C 316 -25.85 -8.47 -48.55
N TYR C 317 -25.39 -8.68 -47.32
CA TYR C 317 -25.45 -7.68 -46.27
C TYR C 317 -24.03 -7.37 -45.80
N VAL C 318 -23.79 -6.11 -45.49
CA VAL C 318 -22.49 -5.65 -45.01
C VAL C 318 -22.68 -4.84 -43.74
N TYR C 319 -21.80 -5.08 -42.77
CA TYR C 319 -21.85 -4.49 -41.44
C TYR C 319 -20.46 -4.02 -41.05
N LYS C 320 -20.37 -2.79 -40.55
CA LYS C 320 -19.08 -2.23 -40.18
C LYS C 320 -18.74 -2.63 -38.74
N LEU C 321 -17.63 -2.12 -38.24
CA LEU C 321 -17.04 -2.61 -37.00
C LEU C 321 -16.83 -1.44 -36.05
N GLN C 322 -16.79 -1.75 -34.75
CA GLN C 322 -16.55 -0.73 -33.73
C GLN C 322 -15.97 -1.41 -32.50
N PRO C 323 -15.21 -0.70 -31.66
CA PRO C 323 -14.62 -1.35 -30.48
C PRO C 323 -15.65 -1.81 -29.45
N LEU C 324 -15.76 -3.13 -29.31
CA LEU C 324 -16.66 -3.75 -28.35
C LEU C 324 -15.95 -4.87 -27.60
N THR C 325 -16.73 -5.62 -26.81
CA THR C 325 -16.23 -6.77 -26.07
C THR C 325 -17.29 -7.87 -26.11
N PHE C 326 -16.84 -9.08 -26.39
CA PHE C 326 -17.72 -10.25 -26.41
C PHE C 326 -17.22 -11.33 -25.48
N LEU C 327 -18.14 -11.91 -24.71
CA LEU C 327 -17.89 -13.22 -24.13
C LEU C 327 -18.22 -14.29 -25.16
N LEU C 328 -17.21 -15.10 -25.47
CA LEU C 328 -17.26 -16.07 -26.55
C LEU C 328 -17.11 -17.47 -25.96
N ASP C 329 -17.95 -18.40 -26.41
CA ASP C 329 -17.91 -19.78 -25.93
C ASP C 329 -17.16 -20.62 -26.96
N PHE C 330 -15.84 -20.73 -26.81
CA PHE C 330 -15.09 -21.71 -27.58
C PHE C 330 -15.43 -23.11 -27.08
N SER C 331 -15.94 -23.95 -27.97
CA SER C 331 -16.15 -25.35 -27.65
C SER C 331 -14.82 -26.09 -27.74
N VAL C 332 -14.87 -27.42 -27.67
CA VAL C 332 -13.65 -28.23 -27.65
C VAL C 332 -12.92 -28.15 -28.99
N ASP C 333 -13.63 -27.82 -30.07
CA ASP C 333 -13.00 -27.55 -31.35
C ASP C 333 -12.52 -26.12 -31.49
N GLY C 334 -12.88 -25.24 -30.55
CA GLY C 334 -12.52 -23.85 -30.63
C GLY C 334 -13.40 -23.00 -31.52
N TYR C 335 -14.45 -23.58 -32.09
CA TYR C 335 -15.33 -22.82 -32.97
C TYR C 335 -16.19 -21.84 -32.20
N ILE C 336 -16.62 -20.79 -32.89
CA ILE C 336 -17.59 -19.84 -32.36
C ILE C 336 -18.98 -20.44 -32.55
N ARG C 337 -19.67 -20.69 -31.45
CA ARG C 337 -21.04 -21.17 -31.47
C ARG C 337 -22.00 -20.35 -30.62
N ARG C 338 -21.49 -19.52 -29.71
CA ARG C 338 -22.37 -18.74 -28.84
C ARG C 338 -21.57 -17.55 -28.31
N ALA C 339 -22.18 -16.37 -28.36
CA ALA C 339 -21.47 -15.14 -28.03
C ALA C 339 -22.44 -14.13 -27.46
N ILE C 340 -21.97 -13.34 -26.49
CA ILE C 340 -22.79 -12.30 -25.87
C ILE C 340 -21.97 -11.02 -25.75
N ASP C 341 -22.58 -9.90 -26.16
CA ASP C 341 -21.95 -8.60 -26.04
C ASP C 341 -22.07 -8.09 -24.61
N CYS C 342 -21.53 -6.90 -24.37
CA CYS C 342 -21.68 -6.18 -23.11
C CYS C 342 -22.41 -4.86 -23.26
N GLY C 343 -22.03 -4.05 -24.24
CA GLY C 343 -22.62 -2.75 -24.44
C GLY C 343 -23.82 -2.70 -25.36
N PHE C 344 -24.32 -3.86 -25.81
CA PHE C 344 -25.51 -3.86 -26.66
C PHE C 344 -26.74 -3.40 -25.88
N ASN C 345 -26.97 -3.99 -24.72
CA ASN C 345 -28.13 -3.62 -23.91
C ASN C 345 -27.82 -3.94 -22.45
N ASP C 346 -28.82 -3.75 -21.59
CA ASP C 346 -28.65 -4.01 -20.17
C ASP C 346 -28.37 -5.48 -19.90
N LEU C 347 -29.05 -6.37 -20.63
CA LEU C 347 -28.83 -7.79 -20.45
C LEU C 347 -27.45 -8.21 -20.92
N SER C 348 -26.91 -7.51 -21.93
CA SER C 348 -25.57 -7.82 -22.42
C SER C 348 -24.51 -7.56 -21.35
N GLN C 349 -24.57 -6.38 -20.72
CA GLN C 349 -23.64 -6.08 -19.63
C GLN C 349 -23.91 -6.94 -18.42
N LEU C 350 -25.19 -7.25 -18.15
CA LEU C 350 -25.55 -8.09 -17.01
C LEU C 350 -24.97 -9.49 -17.17
N HIS C 351 -25.01 -10.04 -18.37
CA HIS C 351 -24.37 -11.33 -18.62
C HIS C 351 -22.85 -11.19 -18.61
N CYS C 352 -22.33 -10.05 -19.03
CA CYS C 352 -20.90 -9.81 -18.89
C CYS C 352 -20.53 -9.35 -17.48
N SER C 353 -21.51 -8.95 -16.67
CA SER C 353 -21.24 -8.66 -15.26
C SER C 353 -20.86 -9.93 -14.51
N TYR C 354 -21.55 -11.03 -14.78
CA TYR C 354 -21.17 -12.33 -14.25
C TYR C 354 -20.14 -13.03 -15.11
N GLU C 355 -19.86 -12.50 -16.31
CA GLU C 355 -19.01 -13.15 -17.32
C GLU C 355 -19.50 -14.55 -17.62
N SER C 356 -20.82 -14.71 -17.68
CA SER C 356 -21.45 -16.00 -17.90
C SER C 356 -22.59 -15.84 -18.89
N PHE C 357 -22.78 -16.85 -19.74
CA PHE C 357 -23.92 -16.83 -20.65
C PHE C 357 -25.23 -16.99 -19.89
N ASP C 358 -25.20 -17.79 -18.83
CA ASP C 358 -26.34 -17.96 -17.93
C ASP C 358 -25.95 -17.43 -16.57
N VAL C 359 -26.69 -16.44 -16.08
CA VAL C 359 -26.32 -15.72 -14.88
C VAL C 359 -27.35 -15.96 -13.78
N GLU C 360 -27.11 -15.37 -12.61
CA GLU C 360 -28.03 -15.48 -11.49
C GLU C 360 -29.15 -14.46 -11.65
N SER C 361 -30.39 -14.92 -11.50
CA SER C 361 -31.54 -14.03 -11.55
C SER C 361 -31.57 -13.11 -10.34
N GLY C 362 -32.22 -11.97 -10.49
CA GLY C 362 -32.42 -11.14 -9.33
C GLY C 362 -32.45 -9.66 -9.69
N VAL C 363 -32.08 -8.85 -8.69
CA VAL C 363 -32.16 -7.40 -8.75
C VAL C 363 -30.76 -6.85 -8.84
N TYR C 364 -30.48 -6.09 -9.88
CA TYR C 364 -29.13 -5.58 -10.12
C TYR C 364 -29.21 -4.12 -10.55
N SER C 365 -28.48 -3.25 -9.86
CA SER C 365 -28.38 -1.87 -10.29
C SER C 365 -27.57 -1.79 -11.58
N VAL C 366 -28.00 -0.92 -12.48
CA VAL C 366 -27.32 -0.76 -13.77
C VAL C 366 -26.88 0.68 -13.95
N SER C 367 -26.29 0.96 -15.12
CA SER C 367 -25.77 2.28 -15.44
C SER C 367 -26.93 3.25 -15.58
N SER C 368 -27.15 4.05 -14.54
CA SER C 368 -28.21 5.06 -14.57
C SER C 368 -27.86 6.15 -15.57
N PHE C 369 -28.83 6.51 -16.40
CA PHE C 369 -28.57 7.45 -17.47
C PHE C 369 -28.53 8.87 -16.92
N GLU C 370 -28.18 9.81 -17.78
CA GLU C 370 -28.34 11.23 -17.53
C GLU C 370 -29.27 11.77 -18.58
N ALA C 371 -30.30 12.49 -18.14
CA ALA C 371 -31.20 13.15 -19.08
C ALA C 371 -30.44 14.24 -19.84
N LYS C 372 -30.86 14.48 -21.08
CA LYS C 372 -30.15 15.42 -21.93
C LYS C 372 -30.32 16.83 -21.41
N PRO C 373 -29.22 17.56 -21.18
CA PRO C 373 -29.33 18.93 -20.67
C PRO C 373 -29.91 19.88 -21.71
N SER C 374 -30.50 20.96 -21.20
CA SER C 374 -31.26 21.87 -22.06
C SER C 374 -30.35 22.70 -22.94
N GLY C 375 -29.50 23.55 -22.34
CA GLY C 375 -28.65 24.41 -23.12
C GLY C 375 -27.45 24.89 -22.30
N SER C 376 -26.87 26.03 -22.69
CA SER C 376 -25.72 26.56 -21.98
C SER C 376 -25.91 28.04 -21.73
N VAL C 377 -25.38 28.49 -20.60
CA VAL C 377 -25.33 29.91 -20.26
C VAL C 377 -23.89 30.31 -19.98
N VAL C 378 -23.46 31.40 -20.60
CA VAL C 378 -22.11 31.94 -20.46
C VAL C 378 -22.28 33.43 -20.20
N GLU C 379 -22.29 33.83 -18.92
CA GLU C 379 -22.51 35.23 -18.60
C GLU C 379 -21.93 35.56 -17.24
N GLN C 380 -20.86 36.33 -17.22
CA GLN C 380 -20.35 36.99 -16.03
C GLN C 380 -19.90 38.39 -16.43
N ALA C 381 -19.09 39.01 -15.58
CA ALA C 381 -18.64 40.38 -15.82
C ALA C 381 -17.82 40.48 -17.10
N GLU C 382 -18.13 41.50 -17.90
CA GLU C 382 -17.44 41.77 -19.15
C GLU C 382 -16.61 43.04 -19.04
N GLY C 383 -15.69 43.21 -19.98
CA GLY C 383 -14.88 44.41 -20.03
C GLY C 383 -14.57 44.87 -21.45
N VAL C 384 -13.30 45.19 -21.67
CA VAL C 384 -12.81 45.68 -22.95
C VAL C 384 -11.87 44.59 -23.46
N GLU C 385 -11.26 44.78 -24.63
CA GLU C 385 -10.21 43.85 -25.04
C GLU C 385 -8.98 44.03 -24.16
N CYS C 386 -8.40 42.91 -23.71
CA CYS C 386 -7.13 42.97 -23.00
C CYS C 386 -6.05 43.47 -23.94
N ASP C 387 -5.62 44.70 -23.75
CA ASP C 387 -4.70 45.34 -24.67
C ASP C 387 -3.33 44.68 -24.59
N PHE C 388 -2.84 44.24 -25.74
CA PHE C 388 -1.53 43.59 -25.84
C PHE C 388 -0.52 44.43 -26.60
N SER C 389 -0.92 45.62 -27.06
CA SER C 389 -0.01 46.46 -27.82
C SER C 389 1.23 46.95 -27.06
N PRO C 390 1.24 47.13 -25.72
CA PRO C 390 2.53 47.33 -25.05
C PRO C 390 3.49 46.16 -25.23
N LEU C 391 2.97 44.93 -25.28
CA LEU C 391 3.80 43.80 -25.66
C LEU C 391 4.20 43.88 -27.12
N LEU C 392 3.32 44.42 -27.97
CA LEU C 392 3.54 44.53 -29.40
C LEU C 392 4.19 45.86 -29.79
N SER C 393 4.92 46.50 -28.88
CA SER C 393 5.57 47.77 -29.19
C SER C 393 6.91 47.85 -28.48
N GLY C 394 7.82 48.60 -29.10
CA GLY C 394 9.07 48.97 -28.46
C GLY C 394 10.08 47.84 -28.42
N THR C 395 11.21 48.16 -27.80
CA THR C 395 12.27 47.19 -27.60
C THR C 395 11.87 46.19 -26.51
N PRO C 396 11.89 44.90 -26.80
CA PRO C 396 11.70 43.90 -25.74
C PRO C 396 12.85 43.95 -24.76
N PRO C 397 12.57 43.83 -23.47
CA PRO C 397 13.64 43.85 -22.47
C PRO C 397 14.40 42.53 -22.47
N GLN C 398 15.51 42.52 -21.74
CA GLN C 398 16.37 41.33 -21.74
C GLN C 398 15.73 40.22 -20.90
N VAL C 399 16.41 39.07 -20.89
CA VAL C 399 15.82 37.86 -20.31
C VAL C 399 15.71 37.98 -18.79
N TYR C 400 16.68 38.61 -18.13
CA TYR C 400 16.55 38.81 -16.69
C TYR C 400 15.66 40.00 -16.35
N ASN C 401 15.33 40.83 -17.32
CA ASN C 401 14.37 41.93 -17.14
C ASN C 401 13.04 41.61 -17.79
N PHE C 402 12.60 40.36 -17.68
CA PHE C 402 11.29 39.93 -18.16
C PHE C 402 10.19 40.79 -17.54
N LYS C 403 9.46 41.51 -18.40
CA LYS C 403 8.54 42.51 -17.91
C LYS C 403 7.14 41.92 -17.82
N ARG C 404 6.42 42.36 -16.79
CA ARG C 404 5.21 41.71 -16.29
C ARG C 404 3.98 42.41 -16.84
N LEU C 405 2.95 41.62 -17.17
CA LEU C 405 1.72 42.14 -17.77
C LEU C 405 0.53 41.31 -17.28
N VAL C 406 -0.40 41.97 -16.57
CA VAL C 406 -1.56 41.29 -16.00
C VAL C 406 -2.79 41.68 -16.79
N PHE C 407 -3.75 40.75 -16.87
CA PHE C 407 -5.01 40.95 -17.60
C PHE C 407 -6.14 40.33 -16.79
N THR C 408 -7.04 41.18 -16.29
CA THR C 408 -8.24 40.77 -15.58
C THR C 408 -9.33 41.77 -15.91
N ASN C 409 -10.59 41.28 -15.94
CA ASN C 409 -11.77 42.07 -16.29
C ASN C 409 -11.66 42.68 -17.67
N CYS C 410 -11.09 41.94 -18.61
CA CYS C 410 -11.00 42.37 -19.99
C CYS C 410 -11.29 41.16 -20.87
N ASN C 411 -10.94 41.26 -22.16
CA ASN C 411 -11.15 40.17 -23.08
C ASN C 411 -9.90 39.92 -23.91
N TYR C 412 -9.47 38.68 -23.97
CA TYR C 412 -8.27 38.31 -24.71
C TYR C 412 -8.65 37.66 -26.03
N ASN C 413 -7.68 37.55 -26.93
CA ASN C 413 -7.88 36.81 -28.16
C ASN C 413 -6.48 36.42 -28.64
N LEU C 414 -6.13 35.14 -28.47
CA LEU C 414 -4.85 34.65 -28.95
C LEU C 414 -4.87 34.28 -30.42
N THR C 415 -6.06 34.08 -31.00
CA THR C 415 -6.14 33.75 -32.42
C THR C 415 -5.65 34.89 -33.29
N LYS C 416 -6.02 36.12 -32.93
CA LYS C 416 -5.51 37.29 -33.64
C LYS C 416 -4.16 37.75 -33.12
N LEU C 417 -3.67 37.19 -32.01
CA LEU C 417 -2.39 37.57 -31.44
C LEU C 417 -1.26 36.68 -31.90
N LEU C 418 -1.47 35.36 -31.91
CA LEU C 418 -0.44 34.45 -32.40
C LEU C 418 -0.26 34.57 -33.91
N SER C 419 -1.31 35.01 -34.62
CA SER C 419 -1.16 35.29 -36.05
C SER C 419 -0.25 36.48 -36.28
N LEU C 420 -0.19 37.41 -35.34
CA LEU C 420 0.76 38.51 -35.37
C LEU C 420 2.17 38.07 -35.00
N PHE C 421 2.35 36.82 -34.61
CA PHE C 421 3.63 36.30 -34.13
C PHE C 421 4.19 35.33 -35.16
N SER C 422 5.39 35.62 -35.66
CA SER C 422 6.17 34.63 -36.40
C SER C 422 6.90 33.79 -35.35
N VAL C 423 6.19 32.81 -34.81
CA VAL C 423 6.68 32.03 -33.70
C VAL C 423 7.80 31.10 -34.15
N ASN C 424 8.65 30.73 -33.20
CA ASN C 424 9.68 29.72 -33.39
C ASN C 424 9.45 28.49 -32.54
N ASP C 425 9.14 28.67 -31.26
CA ASP C 425 8.85 27.58 -30.35
C ASP C 425 7.58 27.90 -29.56
N PHE C 426 6.81 26.87 -29.24
CA PHE C 426 5.58 27.04 -28.47
C PHE C 426 5.39 25.78 -27.66
N THR C 427 5.62 25.86 -26.35
CA THR C 427 5.57 24.70 -25.47
C THR C 427 4.76 25.06 -24.24
N CYS C 428 3.54 24.52 -24.14
CA CYS C 428 2.66 24.77 -23.01
C CYS C 428 2.77 23.59 -22.04
N SER C 429 3.23 23.88 -20.83
CA SER C 429 3.43 22.87 -19.80
C SER C 429 2.22 22.89 -18.86
N GLN C 430 1.59 21.72 -18.71
CA GLN C 430 0.34 21.53 -17.96
C GLN C 430 -0.80 22.38 -18.53
N ILE C 431 -0.72 22.73 -19.81
CA ILE C 431 -1.69 23.58 -20.49
C ILE C 431 -1.95 23.01 -21.87
N SER C 432 -3.23 22.84 -22.22
CA SER C 432 -3.55 22.52 -23.60
C SER C 432 -3.47 23.79 -24.46
N PRO C 433 -2.88 23.69 -25.66
CA PRO C 433 -2.87 24.83 -26.59
C PRO C 433 -4.25 25.27 -27.04
N ALA C 434 -5.28 24.44 -26.90
CA ALA C 434 -6.63 24.92 -27.14
C ALA C 434 -7.05 25.96 -26.10
N ALA C 435 -6.65 25.75 -24.84
CA ALA C 435 -7.15 26.59 -23.76
C ALA C 435 -6.57 28.00 -23.77
N ILE C 436 -5.47 28.24 -24.47
CA ILE C 436 -4.83 29.56 -24.40
C ILE C 436 -5.66 30.60 -25.14
N ALA C 437 -6.48 30.16 -26.10
CA ALA C 437 -7.34 31.06 -26.84
C ALA C 437 -8.83 30.81 -26.59
N SER C 438 -9.17 29.85 -25.74
CA SER C 438 -10.56 29.43 -25.58
C SER C 438 -11.08 29.59 -24.15
N ASN C 439 -10.33 29.12 -23.15
CA ASN C 439 -10.86 29.08 -21.79
C ASN C 439 -10.97 30.47 -21.19
N CYS C 440 -12.06 30.69 -20.46
CA CYS C 440 -12.23 31.90 -19.69
C CYS C 440 -11.63 31.69 -18.31
N TYR C 441 -10.63 32.51 -17.96
CA TYR C 441 -9.89 32.37 -16.73
C TYR C 441 -10.35 33.41 -15.72
N SER C 442 -9.66 33.45 -14.58
CA SER C 442 -9.79 34.58 -13.68
C SER C 442 -8.80 35.66 -14.03
N SER C 443 -7.53 35.30 -14.23
CA SER C 443 -6.53 36.26 -14.64
C SER C 443 -5.56 35.62 -15.60
N LEU C 444 -4.95 36.45 -16.44
CA LEU C 444 -3.88 36.04 -17.33
C LEU C 444 -2.66 36.87 -17.00
N ILE C 445 -1.48 36.24 -16.93
CA ILE C 445 -0.28 36.94 -16.53
C ILE C 445 0.88 36.53 -17.43
N LEU C 446 1.62 37.54 -17.89
CA LEU C 446 2.70 37.41 -18.87
C LEU C 446 3.98 38.00 -18.31
N ASP C 447 5.11 37.47 -18.76
CA ASP C 447 6.39 38.16 -18.63
C ASP C 447 7.17 37.91 -19.91
N TYR C 448 7.44 38.98 -20.65
CA TYR C 448 8.16 38.79 -21.91
C TYR C 448 9.53 39.43 -21.82
N PHE C 449 10.41 38.97 -22.71
CA PHE C 449 11.83 39.25 -22.61
C PHE C 449 12.46 39.03 -23.97
N SER C 450 13.74 39.40 -24.08
CA SER C 450 14.50 39.11 -25.29
C SER C 450 15.18 37.76 -25.14
N TYR C 451 14.95 36.87 -26.10
CA TYR C 451 15.43 35.49 -25.99
C TYR C 451 15.64 34.93 -27.39
N PRO C 452 16.90 34.78 -27.82
CA PRO C 452 17.16 34.16 -29.12
C PRO C 452 16.96 32.66 -29.09
N LEU C 453 17.17 32.05 -30.26
CA LEU C 453 17.07 30.60 -30.37
C LEU C 453 18.35 29.89 -29.94
N SER C 454 19.38 30.65 -29.55
CA SER C 454 20.68 30.03 -29.26
C SER C 454 20.66 29.23 -27.96
N MET C 455 20.00 29.72 -26.92
CA MET C 455 19.94 29.03 -25.64
C MET C 455 18.54 28.46 -25.34
N LYS C 456 17.92 27.89 -26.39
CA LYS C 456 16.68 27.12 -26.26
C LYS C 456 16.78 25.99 -25.24
N SER C 457 17.88 25.23 -25.26
CA SER C 457 18.03 24.10 -24.35
C SER C 457 18.09 24.55 -22.90
N ASP C 458 18.45 25.81 -22.65
CA ASP C 458 18.45 26.35 -21.30
C ASP C 458 17.03 26.64 -20.81
N LEU C 459 16.07 26.77 -21.74
CA LEU C 459 14.66 26.92 -21.36
C LEU C 459 14.07 25.67 -20.73
N SER C 460 14.76 24.53 -20.79
CA SER C 460 14.24 23.32 -20.19
C SER C 460 14.14 23.45 -18.68
N VAL C 461 13.06 22.92 -18.12
CA VAL C 461 12.89 22.94 -16.67
C VAL C 461 13.94 22.09 -16.00
N SER C 462 14.32 20.98 -16.64
CA SER C 462 15.44 20.18 -16.16
C SER C 462 16.77 20.91 -16.28
N SER C 463 16.89 21.83 -17.23
CA SER C 463 18.12 22.58 -17.39
C SER C 463 18.29 23.56 -16.24
N ALA C 464 19.50 23.59 -15.67
CA ALA C 464 19.85 24.48 -14.57
C ALA C 464 20.92 25.47 -15.01
N GLY C 465 20.75 26.05 -16.19
CA GLY C 465 21.75 26.92 -16.77
C GLY C 465 21.75 28.31 -16.15
N PRO C 466 22.38 29.26 -16.85
CA PRO C 466 22.46 30.63 -16.32
C PRO C 466 21.11 31.31 -16.12
N ILE C 467 20.13 31.07 -16.99
CA ILE C 467 18.85 31.70 -16.75
C ILE C 467 18.10 30.97 -15.65
N SER C 468 18.38 29.69 -15.44
CA SER C 468 17.69 28.88 -14.44
C SER C 468 18.36 28.94 -13.08
N GLN C 469 19.45 29.70 -12.95
CA GLN C 469 20.09 29.93 -11.67
C GLN C 469 20.27 31.41 -11.33
N PHE C 470 20.25 32.30 -12.32
CA PHE C 470 20.54 33.71 -12.05
C PHE C 470 19.52 34.67 -12.65
N ASN C 471 18.61 34.22 -13.51
CA ASN C 471 17.70 35.13 -14.17
C ASN C 471 16.24 34.88 -13.80
N TYR C 472 15.72 33.66 -13.98
CA TYR C 472 14.33 33.39 -13.66
C TYR C 472 14.11 31.90 -13.46
N LYS C 473 13.32 31.56 -12.45
CA LYS C 473 12.87 30.19 -12.22
C LYS C 473 11.37 30.11 -12.40
N GLN C 474 10.92 29.18 -13.24
CA GLN C 474 9.51 29.06 -13.57
C GLN C 474 8.70 28.59 -12.37
N SER C 475 7.50 29.14 -12.23
CA SER C 475 6.56 28.72 -11.18
C SER C 475 6.12 27.29 -11.42
N PHE C 476 6.57 26.37 -10.55
CA PHE C 476 6.35 24.94 -10.79
C PHE C 476 4.89 24.56 -10.60
N SER C 477 4.25 25.07 -9.54
CA SER C 477 2.87 24.70 -9.26
C SER C 477 1.87 25.33 -10.22
N ASN C 478 2.25 26.38 -10.94
CA ASN C 478 1.36 27.04 -11.88
C ASN C 478 1.60 26.47 -13.27
N PRO C 479 0.56 25.99 -13.95
CA PRO C 479 0.71 25.61 -15.36
C PRO C 479 1.11 26.80 -16.21
N THR C 480 2.13 26.61 -17.05
CA THR C 480 2.76 27.72 -17.76
C THR C 480 2.87 27.39 -19.25
N CYS C 481 3.53 28.29 -19.97
CA CYS C 481 3.79 28.10 -21.39
C CYS C 481 4.93 29.03 -21.79
N LEU C 482 5.81 28.53 -22.65
CA LEU C 482 6.96 29.28 -23.14
C LEU C 482 6.88 29.38 -24.66
N ILE C 483 7.00 30.61 -25.17
CA ILE C 483 6.95 30.86 -26.61
C ILE C 483 8.18 31.64 -27.02
N LEU C 484 8.89 31.17 -28.03
CA LEU C 484 9.87 31.98 -28.74
C LEU C 484 9.27 32.40 -30.06
N ALA C 485 9.24 33.71 -30.31
CA ALA C 485 8.80 34.26 -31.57
C ALA C 485 9.95 35.08 -32.16
N THR C 486 9.75 35.49 -33.41
CA THR C 486 10.67 36.36 -34.12
C THR C 486 9.84 37.51 -34.66
N VAL C 487 10.50 38.66 -34.91
CA VAL C 487 9.81 39.78 -35.54
C VAL C 487 9.33 39.34 -36.93
N PRO C 488 8.04 39.43 -37.24
CA PRO C 488 7.54 38.93 -38.51
C PRO C 488 8.00 39.78 -39.69
N HIS C 489 7.86 39.20 -40.89
CA HIS C 489 8.24 39.89 -42.10
C HIS C 489 7.36 41.12 -42.34
N ASN C 490 6.06 41.00 -42.09
CA ASN C 490 5.15 42.14 -42.19
C ASN C 490 4.94 42.81 -40.83
N LEU C 491 6.05 43.11 -40.15
CA LEU C 491 5.99 43.76 -38.84
C LEU C 491 7.38 44.32 -38.56
N THR C 492 7.46 45.63 -38.33
CA THR C 492 8.72 46.29 -38.06
C THR C 492 8.56 47.31 -36.93
N THR C 493 7.32 47.52 -36.47
CA THR C 493 6.99 48.59 -35.52
C THR C 493 7.69 48.42 -34.17
N ILE C 494 8.01 47.20 -33.78
CA ILE C 494 8.76 47.00 -32.54
C ILE C 494 10.23 47.33 -32.83
N THR C 495 10.86 48.02 -31.88
CA THR C 495 12.27 48.31 -32.02
C THR C 495 13.09 47.14 -31.49
N LYS C 496 14.38 47.15 -31.82
CA LYS C 496 15.23 46.02 -31.51
C LYS C 496 16.41 46.48 -30.65
N PRO C 497 16.76 45.70 -29.63
CA PRO C 497 17.93 46.04 -28.81
C PRO C 497 19.22 45.80 -29.58
N LEU C 498 20.31 46.37 -29.04
CA LEU C 498 21.59 46.28 -29.72
C LEU C 498 22.23 44.90 -29.55
N LYS C 499 22.08 44.28 -28.38
CA LYS C 499 22.65 42.98 -28.13
C LYS C 499 21.90 42.29 -27.00
N TYR C 500 21.71 40.97 -27.13
CA TYR C 500 21.21 40.17 -26.03
C TYR C 500 22.21 40.19 -24.88
N SER C 501 21.70 40.37 -23.66
CA SER C 501 22.54 40.34 -22.48
C SER C 501 21.87 39.48 -21.42
N TYR C 502 22.66 38.65 -20.77
CA TYR C 502 22.14 37.81 -19.70
C TYR C 502 23.20 37.64 -18.63
N ILE C 503 22.80 37.02 -17.53
CA ILE C 503 23.63 36.93 -16.33
C ILE C 503 23.95 35.46 -16.07
N ASN C 504 25.23 35.15 -15.96
CA ASN C 504 25.66 33.78 -15.74
C ASN C 504 26.38 33.57 -14.41
N LYS C 505 26.33 34.56 -13.51
CA LYS C 505 26.86 34.40 -12.16
C LYS C 505 26.25 35.45 -11.26
N CYS C 506 25.88 35.04 -10.05
CA CYS C 506 25.32 35.95 -9.04
C CYS C 506 25.49 35.31 -7.67
N SER C 507 26.16 36.01 -6.77
CA SER C 507 26.35 35.52 -5.41
C SER C 507 26.55 36.71 -4.49
N ARG C 508 26.28 36.49 -3.21
CA ARG C 508 26.40 37.52 -2.18
C ARG C 508 27.65 37.26 -1.35
N LEU C 509 28.31 38.32 -0.95
CA LEU C 509 29.42 38.24 -0.01
C LEU C 509 29.00 38.80 1.33
N LEU C 510 29.29 38.07 2.40
CA LEU C 510 28.99 38.52 3.75
C LEU C 510 30.09 39.44 4.25
N SER C 511 29.88 40.00 5.45
CA SER C 511 30.85 40.91 6.03
C SER C 511 32.12 40.21 6.50
N ASP C 512 32.09 38.88 6.68
CA ASP C 512 33.25 38.15 7.14
C ASP C 512 34.32 37.96 6.06
N ASP C 513 34.00 38.27 4.80
CA ASP C 513 34.85 38.23 3.60
C ASP C 513 35.23 36.81 3.21
N ARG C 514 34.82 35.79 3.98
CA ARG C 514 35.17 34.41 3.68
C ARG C 514 33.97 33.54 3.34
N THR C 515 32.76 33.96 3.67
CA THR C 515 31.55 33.18 3.42
C THR C 515 30.78 33.81 2.28
N GLU C 516 30.56 33.04 1.22
CA GLU C 516 29.79 33.47 0.06
C GLU C 516 28.45 32.75 0.05
N VAL C 517 27.37 33.52 -0.06
CA VAL C 517 26.01 32.99 -0.08
C VAL C 517 25.58 32.83 -1.54
N PRO C 518 25.30 31.63 -2.01
CA PRO C 518 24.69 31.48 -3.33
C PRO C 518 23.26 31.99 -3.31
N GLN C 519 22.81 32.46 -4.48
CA GLN C 519 21.47 33.00 -4.63
C GLN C 519 20.58 31.97 -5.34
N LEU C 520 19.52 31.54 -4.67
CA LEU C 520 18.57 30.59 -5.23
C LEU C 520 17.46 31.36 -5.93
N VAL C 521 17.39 31.21 -7.25
CA VAL C 521 16.35 31.88 -8.03
C VAL C 521 15.01 31.20 -7.76
N ASN C 522 13.94 32.00 -7.71
CA ASN C 522 12.62 31.50 -7.39
C ASN C 522 11.59 31.96 -8.42
N ALA C 523 10.31 31.72 -8.12
CA ALA C 523 9.24 32.05 -9.06
C ALA C 523 8.94 33.55 -8.97
N ASN C 524 9.23 34.27 -10.06
CA ASN C 524 8.92 35.69 -10.21
C ASN C 524 9.53 36.54 -9.09
N GLN C 525 10.78 36.27 -8.80
CA GLN C 525 11.56 37.10 -7.89
C GLN C 525 12.59 37.87 -8.70
N TYR C 526 13.30 38.77 -8.02
CA TYR C 526 14.34 39.56 -8.68
C TYR C 526 15.50 39.72 -7.72
N SER C 527 16.63 39.12 -8.08
CA SER C 527 17.83 39.20 -7.26
C SER C 527 18.39 40.62 -7.27
N PRO C 528 19.08 41.04 -6.21
CA PRO C 528 19.77 42.34 -6.23
C PRO C 528 20.90 42.42 -7.26
N CYS C 529 21.38 41.27 -7.77
CA CYS C 529 22.33 41.30 -8.89
C CYS C 529 21.75 41.98 -10.11
N VAL C 530 20.43 41.90 -10.30
CA VAL C 530 19.78 42.63 -11.38
C VAL C 530 19.89 44.13 -11.15
N SER C 531 19.88 44.56 -9.88
CA SER C 531 20.01 45.99 -9.59
C SER C 531 21.41 46.49 -9.87
N ILE C 532 22.43 45.67 -9.66
CA ILE C 532 23.80 46.11 -9.90
C ILE C 532 24.21 45.93 -11.36
N VAL C 533 23.45 45.17 -12.14
CA VAL C 533 23.68 45.02 -13.56
C VAL C 533 22.87 46.09 -14.29
N PRO C 534 23.47 46.85 -15.20
CA PRO C 534 22.72 47.88 -15.92
C PRO C 534 21.70 47.33 -16.91
N SER C 535 21.05 48.22 -17.66
CA SER C 535 20.01 47.81 -18.59
C SER C 535 20.56 46.96 -19.74
N THR C 536 21.82 47.17 -20.11
CA THR C 536 22.46 46.34 -21.13
C THR C 536 23.90 46.08 -20.71
N VAL C 537 24.25 44.80 -20.60
CA VAL C 537 25.64 44.42 -20.46
C VAL C 537 26.37 44.77 -21.76
N TRP C 538 27.38 45.64 -21.67
CA TRP C 538 27.99 46.18 -22.88
C TRP C 538 28.83 45.14 -23.61
N GLU C 539 29.63 44.36 -22.89
CA GLU C 539 30.52 43.41 -23.51
C GLU C 539 30.40 42.06 -22.81
N ASP C 540 30.88 41.02 -23.49
CA ASP C 540 30.85 39.68 -22.93
C ASP C 540 31.76 39.57 -21.72
N GLY C 541 31.26 38.90 -20.69
CA GLY C 541 32.06 38.69 -19.48
C GLY C 541 32.24 39.92 -18.62
N ASP C 542 31.33 40.89 -18.70
CA ASP C 542 31.40 42.05 -17.82
C ASP C 542 31.14 41.63 -16.39
N TYR C 543 31.87 42.25 -15.47
CA TYR C 543 31.88 41.82 -14.07
C TYR C 543 31.49 43.01 -13.21
N TYR C 544 30.31 42.94 -12.59
CA TYR C 544 29.68 44.06 -11.92
C TYR C 544 29.64 43.85 -10.41
N ARG C 545 29.75 44.96 -9.68
CA ARG C 545 29.98 44.93 -8.24
C ARG C 545 29.13 46.00 -7.56
N LYS C 546 28.86 45.79 -6.27
CA LYS C 546 28.26 46.81 -5.41
C LYS C 546 28.58 46.52 -3.95
N GLN C 547 28.56 47.58 -3.16
CA GLN C 547 28.63 47.52 -1.71
C GLN C 547 27.27 47.15 -1.11
N LEU C 548 27.31 46.50 0.04
CA LEU C 548 26.12 46.12 0.79
C LEU C 548 26.13 46.81 2.15
N SER C 549 24.96 47.34 2.54
CA SER C 549 24.87 48.10 3.78
C SER C 549 24.98 47.16 4.98
N PRO C 550 25.63 47.61 6.07
CA PRO C 550 25.84 46.72 7.23
C PRO C 550 24.56 46.31 7.93
N LEU C 551 23.48 47.09 7.82
CA LEU C 551 22.23 46.73 8.46
C LEU C 551 21.53 45.56 7.78
N GLU C 552 21.93 45.20 6.56
CA GLU C 552 21.37 44.06 5.85
C GLU C 552 22.41 42.98 5.63
N GLY C 553 23.31 42.80 6.60
CA GLY C 553 24.34 41.79 6.54
C GLY C 553 25.68 42.29 6.05
N GLY C 554 25.72 43.42 5.35
CA GLY C 554 26.97 43.97 4.89
C GLY C 554 27.62 43.13 3.81
N GLY C 555 28.92 43.36 3.63
CA GLY C 555 29.69 42.60 2.67
C GLY C 555 29.68 43.20 1.28
N TRP C 556 29.53 42.35 0.26
CA TRP C 556 29.68 42.79 -1.11
C TRP C 556 28.75 41.97 -2.00
N LEU C 557 28.45 42.52 -3.18
CA LEU C 557 27.66 41.82 -4.17
C LEU C 557 28.38 41.84 -5.50
N VAL C 558 28.45 40.68 -6.15
CA VAL C 558 29.08 40.52 -7.45
C VAL C 558 28.08 39.89 -8.40
N ALA C 559 28.33 40.10 -9.70
CA ALA C 559 27.56 39.48 -10.77
C ALA C 559 28.44 39.44 -12.01
N SER C 560 28.19 38.44 -12.85
CA SER C 560 28.85 38.33 -14.15
C SER C 560 27.80 38.26 -15.25
N GLY C 561 27.98 39.07 -16.28
CA GLY C 561 27.06 39.09 -17.39
C GLY C 561 27.79 38.84 -18.70
N SER C 562 27.10 38.13 -19.59
CA SER C 562 27.61 37.82 -20.91
C SER C 562 26.58 38.25 -21.94
N THR C 563 27.00 38.25 -23.21
CA THR C 563 26.20 38.79 -24.30
C THR C 563 26.12 37.82 -25.45
N VAL C 564 25.02 37.91 -26.18
CA VAL C 564 24.80 37.19 -27.44
C VAL C 564 24.36 38.21 -28.48
N ALA C 565 25.05 38.22 -29.62
CA ALA C 565 24.79 39.21 -30.66
C ALA C 565 23.47 38.93 -31.37
N MET C 566 22.97 39.95 -32.04
CA MET C 566 21.74 39.83 -32.81
C MET C 566 21.93 38.99 -34.07
N THR C 567 20.86 38.29 -34.44
CA THR C 567 20.76 37.58 -35.71
C THR C 567 20.23 38.55 -36.77
N GLU C 568 19.79 38.03 -37.91
CA GLU C 568 19.20 38.88 -38.94
C GLU C 568 17.89 39.51 -38.47
N GLN C 569 17.17 38.81 -37.59
CA GLN C 569 15.92 39.30 -37.03
C GLN C 569 15.86 38.96 -35.55
N LEU C 570 15.27 39.87 -34.78
CA LEU C 570 15.23 39.72 -33.34
C LEU C 570 14.29 38.59 -32.94
N GLN C 571 14.75 37.74 -32.04
CA GLN C 571 13.94 36.66 -31.48
C GLN C 571 13.72 36.95 -30.00
N MET C 572 12.47 36.83 -29.55
CA MET C 572 12.12 37.18 -28.18
C MET C 572 11.27 36.08 -27.57
N GLY C 573 11.18 36.11 -26.25
CA GLY C 573 10.51 35.06 -25.50
C GLY C 573 9.36 35.58 -24.67
N PHE C 574 8.44 34.68 -24.39
CA PHE C 574 7.18 34.99 -23.73
C PHE C 574 6.91 33.89 -22.72
N GLY C 575 6.71 34.28 -21.45
CA GLY C 575 6.26 33.37 -20.42
C GLY C 575 4.80 33.66 -20.11
N ILE C 576 3.99 32.62 -20.19
CA ILE C 576 2.53 32.70 -20.14
C ILE C 576 2.07 31.84 -18.98
N THR C 577 1.19 32.39 -18.14
CA THR C 577 0.43 31.53 -17.23
C THR C 577 -0.87 32.21 -16.86
N VAL C 578 -1.76 31.43 -16.25
CA VAL C 578 -3.12 31.86 -15.95
C VAL C 578 -3.43 31.51 -14.51
N GLN C 579 -4.49 32.13 -14.00
CA GLN C 579 -5.03 31.82 -12.69
C GLN C 579 -6.53 31.72 -12.80
N TYR C 580 -7.11 30.82 -12.00
CA TYR C 580 -8.52 30.46 -12.11
C TYR C 580 -9.34 30.95 -10.93
N GLY C 581 -8.74 31.10 -9.76
CA GLY C 581 -9.47 31.52 -8.59
C GLY C 581 -8.75 32.54 -7.72
N THR C 582 -7.89 33.36 -8.33
CA THR C 582 -7.19 34.39 -7.60
C THR C 582 -7.85 35.76 -7.68
N ASP C 583 -8.75 35.96 -8.63
CA ASP C 583 -9.50 37.20 -8.81
C ASP C 583 -10.74 36.90 -9.65
N THR C 584 -11.37 37.94 -10.18
CA THR C 584 -12.67 37.80 -10.85
C THR C 584 -12.53 37.03 -12.16
N ASN C 585 -13.36 35.99 -12.31
CA ASN C 585 -13.40 35.19 -13.54
C ASN C 585 -14.10 35.99 -14.62
N SER C 586 -13.35 36.92 -15.21
CA SER C 586 -13.94 37.86 -16.15
C SER C 586 -13.01 38.19 -17.31
N VAL C 587 -12.16 37.25 -17.71
CA VAL C 587 -11.45 37.33 -18.98
C VAL C 587 -11.99 36.23 -19.88
N CYS C 588 -12.25 36.57 -21.15
CA CYS C 588 -12.89 35.65 -22.07
C CYS C 588 -12.45 35.99 -23.48
N PRO C 589 -12.54 35.05 -24.41
CA PRO C 589 -12.37 35.39 -25.83
C PRO C 589 -13.61 36.11 -26.37
N LYS C 590 -13.54 36.47 -27.64
CA LYS C 590 -14.72 37.01 -28.31
C LYS C 590 -15.78 35.92 -28.45
N LEU C 591 -17.04 36.30 -28.17
CA LEU C 591 -18.13 35.35 -28.12
C LEU C 591 -19.33 35.88 -28.89
N GLU C 592 -20.13 34.97 -29.42
CA GLU C 592 -21.41 35.28 -30.03
C GLU C 592 -22.50 34.62 -29.19
N PHE C 593 -23.45 35.42 -28.72
CA PHE C 593 -24.46 34.96 -27.79
C PHE C 593 -25.85 35.02 -28.44
N ALA C 594 -26.67 34.02 -28.13
CA ALA C 594 -28.05 33.99 -28.55
C ALA C 594 -28.96 34.37 -27.40
N ASN C 595 -30.27 34.23 -27.60
CA ASN C 595 -31.22 34.48 -26.51
C ASN C 595 -31.08 33.44 -25.40
N ASP C 596 -30.71 32.21 -25.76
CA ASP C 596 -30.55 31.14 -24.78
C ASP C 596 -29.15 31.13 -24.18
N THR C 597 -28.70 32.30 -23.72
CA THR C 597 -27.44 32.44 -23.02
C THR C 597 -27.59 33.07 -21.64
N LYS C 598 -28.73 33.68 -21.34
CA LYS C 598 -29.01 34.24 -20.04
C LYS C 598 -29.74 33.23 -19.17
N ILE C 599 -29.69 33.48 -17.85
CA ILE C 599 -30.04 32.45 -16.88
C ILE C 599 -31.54 32.18 -16.89
N ALA C 600 -32.35 33.23 -16.99
CA ALA C 600 -33.80 33.09 -16.89
C ALA C 600 -34.39 32.33 -18.07
N SER C 601 -33.68 32.28 -19.20
CA SER C 601 -34.10 31.43 -20.30
C SER C 601 -33.97 29.94 -19.94
N GLN C 602 -33.10 29.64 -18.98
CA GLN C 602 -32.78 28.27 -18.62
C GLN C 602 -32.90 28.00 -17.12
N LEU C 603 -33.72 28.80 -16.43
CA LEU C 603 -34.00 28.55 -15.03
C LEU C 603 -34.82 27.26 -14.89
N GLY C 604 -34.46 26.46 -13.90
CA GLY C 604 -35.15 25.20 -13.68
C GLY C 604 -34.83 24.12 -14.69
N ASN C 605 -33.71 24.24 -15.39
CA ASN C 605 -33.35 23.30 -16.43
C ASN C 605 -31.89 22.86 -16.26
N CYS C 606 -31.60 21.64 -16.69
CA CYS C 606 -30.22 21.17 -16.66
C CYS C 606 -29.43 21.84 -17.76
N VAL C 607 -28.33 22.48 -17.38
CA VAL C 607 -27.58 23.40 -18.22
C VAL C 607 -26.12 23.00 -18.16
N GLU C 608 -25.47 22.93 -19.33
CA GLU C 608 -24.02 22.89 -19.37
C GLU C 608 -23.48 24.30 -19.19
N TYR C 609 -23.54 24.79 -17.96
CA TYR C 609 -23.16 26.16 -17.67
C TYR C 609 -21.64 26.29 -17.76
N SER C 610 -21.19 27.34 -18.45
CA SER C 610 -19.79 27.78 -18.43
C SER C 610 -19.84 29.27 -18.15
N LEU C 611 -19.95 29.62 -16.88
CA LEU C 611 -20.03 31.02 -16.45
C LEU C 611 -18.62 31.55 -16.28
N TYR C 612 -18.01 31.84 -17.44
CA TYR C 612 -16.73 32.56 -17.55
C TYR C 612 -15.62 31.85 -16.78
N GLY C 613 -15.65 30.52 -16.79
CA GLY C 613 -14.75 29.69 -16.02
C GLY C 613 -15.44 28.78 -15.04
N VAL C 614 -16.67 29.09 -14.64
CA VAL C 614 -17.43 28.24 -13.74
C VAL C 614 -18.18 27.22 -14.60
N SER C 615 -17.61 26.04 -14.76
CA SER C 615 -18.13 25.06 -15.70
C SER C 615 -18.79 23.90 -14.97
N GLY C 616 -19.77 23.32 -15.61
CA GLY C 616 -20.44 22.14 -15.09
C GLY C 616 -21.82 21.98 -15.70
N ARG C 617 -22.60 21.10 -15.10
CA ARG C 617 -23.99 20.89 -15.47
C ARG C 617 -24.86 20.96 -14.24
N GLY C 618 -26.02 21.59 -14.36
CA GLY C 618 -26.92 21.66 -13.24
C GLY C 618 -28.14 22.52 -13.51
N VAL C 619 -28.98 22.63 -12.48
CA VAL C 619 -30.24 23.35 -12.55
C VAL C 619 -30.11 24.67 -11.81
N PHE C 620 -30.47 25.75 -12.48
CA PHE C 620 -30.50 27.08 -11.90
C PHE C 620 -31.93 27.43 -11.49
N GLN C 621 -32.04 28.12 -10.36
CA GLN C 621 -33.34 28.43 -9.79
C GLN C 621 -33.31 29.81 -9.17
N ASN C 622 -34.39 30.56 -9.31
CA ASN C 622 -34.47 31.87 -8.67
C ASN C 622 -34.69 31.68 -7.18
N CYS C 623 -33.69 31.97 -6.39
CA CYS C 623 -33.72 31.78 -4.94
C CYS C 623 -33.46 33.10 -4.23
N THR C 624 -33.57 33.06 -2.91
CA THR C 624 -33.41 34.25 -2.09
C THR C 624 -31.94 34.65 -1.99
N ALA C 625 -31.70 35.97 -2.02
CA ALA C 625 -30.35 36.52 -2.03
C ALA C 625 -29.69 36.32 -0.67
N VAL C 626 -28.65 35.47 -0.63
CA VAL C 626 -27.90 35.19 0.57
C VAL C 626 -26.41 35.32 0.26
N GLY C 627 -25.60 35.37 1.31
CA GLY C 627 -24.18 35.55 1.14
C GLY C 627 -23.83 36.98 0.79
N VAL C 628 -22.63 37.15 0.28
CA VAL C 628 -22.09 38.48 -0.06
C VAL C 628 -22.37 38.73 -1.54
N ARG C 629 -23.08 39.82 -1.82
CA ARG C 629 -23.43 40.15 -3.20
C ARG C 629 -22.20 40.52 -4.02
N GLN C 630 -21.27 41.26 -3.42
CA GLN C 630 -20.08 41.68 -4.14
C GLN C 630 -19.15 40.50 -4.43
N GLN C 631 -19.11 39.52 -3.54
CA GLN C 631 -18.32 38.32 -3.78
C GLN C 631 -18.89 37.52 -4.95
N ARG C 632 -20.22 37.35 -4.97
CA ARG C 632 -20.99 36.81 -6.10
C ARG C 632 -20.78 35.31 -6.27
N PHE C 633 -19.83 34.72 -5.54
CA PHE C 633 -19.53 33.29 -5.63
C PHE C 633 -19.53 32.70 -4.23
N VAL C 634 -20.55 31.92 -3.90
CA VAL C 634 -20.63 31.24 -2.61
C VAL C 634 -20.54 29.74 -2.85
N TYR C 635 -19.79 29.06 -2.00
CA TYR C 635 -19.58 27.63 -2.11
C TYR C 635 -19.94 26.97 -0.78
N ASP C 636 -19.78 25.66 -0.71
CA ASP C 636 -20.08 24.90 0.49
C ASP C 636 -18.79 24.33 1.08
N ALA C 637 -18.94 23.53 2.14
CA ALA C 637 -17.80 22.85 2.73
C ALA C 637 -17.19 21.80 1.80
N TYR C 638 -17.93 21.36 0.79
CA TYR C 638 -17.43 20.40 -0.19
C TYR C 638 -16.98 21.10 -1.47
N GLN C 639 -16.87 22.43 -1.44
CA GLN C 639 -16.40 23.26 -2.55
C GLN C 639 -17.28 23.07 -3.79
N ASN C 640 -18.57 23.36 -3.62
CA ASN C 640 -19.54 23.27 -4.69
C ASN C 640 -20.33 24.57 -4.72
N LEU C 641 -20.45 25.16 -5.91
CA LEU C 641 -21.08 26.46 -6.04
C LEU C 641 -22.55 26.38 -5.67
N VAL C 642 -22.95 27.18 -4.68
CA VAL C 642 -24.30 27.19 -4.18
C VAL C 642 -25.16 28.21 -4.91
N GLY C 643 -24.63 29.40 -5.17
CA GLY C 643 -25.40 30.41 -5.85
C GLY C 643 -24.52 31.42 -6.56
N TYR C 644 -25.15 32.09 -7.52
CA TYR C 644 -24.50 33.06 -8.39
C TYR C 644 -25.36 34.31 -8.43
N TYR C 645 -24.78 35.45 -8.07
CA TYR C 645 -25.47 36.72 -8.22
C TYR C 645 -25.44 37.12 -9.69
N SER C 646 -26.60 37.06 -10.33
CA SER C 646 -26.67 37.32 -11.76
C SER C 646 -26.39 38.79 -12.06
N ASP C 647 -25.91 39.04 -13.29
CA ASP C 647 -25.51 40.37 -13.69
C ASP C 647 -26.66 41.36 -13.74
N ASP C 648 -27.90 40.86 -13.85
CA ASP C 648 -29.07 41.72 -13.71
C ASP C 648 -29.22 42.23 -12.28
N GLY C 649 -28.64 41.51 -11.31
CA GLY C 649 -28.78 41.84 -9.91
C GLY C 649 -29.52 40.79 -9.11
N ASN C 650 -30.16 39.82 -9.77
CA ASN C 650 -30.84 38.74 -9.08
C ASN C 650 -29.85 37.69 -8.63
N TYR C 651 -30.17 37.01 -7.55
CA TYR C 651 -29.35 35.93 -7.03
C TYR C 651 -30.03 34.60 -7.33
N TYR C 652 -29.30 33.69 -7.96
CA TYR C 652 -29.82 32.40 -8.36
C TYR C 652 -29.04 31.30 -7.65
N CYS C 653 -29.66 30.13 -7.56
CA CYS C 653 -29.09 29.01 -6.85
C CYS C 653 -28.91 27.83 -7.80
N LEU C 654 -27.88 27.05 -7.52
CA LEU C 654 -27.53 25.88 -8.29
C LEU C 654 -27.33 24.71 -7.34
N ARG C 655 -27.97 23.59 -7.64
CA ARG C 655 -27.69 22.36 -6.90
C ARG C 655 -27.07 21.31 -7.80
N ALA C 656 -27.80 20.85 -8.82
CA ALA C 656 -27.38 19.94 -9.88
C ALA C 656 -28.60 19.71 -10.76
N CYS C 657 -28.40 18.99 -11.85
CA CYS C 657 -29.50 18.35 -12.57
C CYS C 657 -29.38 16.85 -12.31
N VAL C 658 -29.95 16.41 -11.19
CA VAL C 658 -29.98 15.01 -10.84
C VAL C 658 -30.87 14.26 -11.83
N SER C 659 -30.41 13.08 -12.25
CA SER C 659 -31.17 12.28 -13.21
C SER C 659 -31.63 10.99 -12.54
N VAL C 660 -32.21 10.12 -13.34
CA VAL C 660 -32.93 8.96 -12.83
C VAL C 660 -31.92 7.86 -12.46
N PRO C 661 -31.97 7.34 -11.23
CA PRO C 661 -31.25 6.10 -10.93
C PRO C 661 -32.01 4.90 -11.49
N VAL C 662 -31.30 4.01 -12.17
CA VAL C 662 -31.91 2.92 -12.92
C VAL C 662 -31.41 1.60 -12.38
N SER C 663 -32.33 0.68 -12.11
CA SER C 663 -31.99 -0.69 -11.76
C SER C 663 -32.86 -1.65 -12.56
N VAL C 664 -32.39 -2.88 -12.72
CA VAL C 664 -33.08 -3.89 -13.50
C VAL C 664 -33.36 -5.07 -12.58
N ILE C 665 -34.41 -5.81 -12.90
CA ILE C 665 -34.69 -7.12 -12.32
C ILE C 665 -34.87 -8.10 -13.48
N TYR C 666 -34.31 -9.30 -13.32
CA TYR C 666 -34.37 -10.30 -14.35
C TYR C 666 -34.66 -11.66 -13.74
N ASP C 667 -35.42 -12.48 -14.45
CA ASP C 667 -35.66 -13.85 -14.04
C ASP C 667 -34.97 -14.79 -15.03
N LYS C 668 -34.04 -15.58 -14.52
CA LYS C 668 -33.33 -16.55 -15.32
C LYS C 668 -34.28 -17.68 -15.74
N GLU C 669 -33.99 -18.25 -16.92
CA GLU C 669 -34.66 -19.38 -17.59
C GLU C 669 -36.15 -19.15 -17.86
N THR C 670 -36.66 -17.98 -17.48
CA THR C 670 -37.98 -17.49 -17.90
C THR C 670 -37.71 -16.06 -18.32
N LYS C 671 -37.45 -15.86 -19.62
CA LYS C 671 -36.71 -14.69 -20.11
C LYS C 671 -37.57 -13.44 -19.95
N THR C 672 -37.64 -12.96 -18.72
CA THR C 672 -38.45 -11.81 -18.35
C THR C 672 -37.62 -10.82 -17.56
N HIS C 673 -37.91 -9.54 -17.79
CA HIS C 673 -37.16 -8.45 -17.17
C HIS C 673 -38.12 -7.31 -16.85
N ALA C 674 -37.67 -6.46 -15.93
CA ALA C 674 -38.36 -5.21 -15.64
C ALA C 674 -37.31 -4.25 -15.11
N THR C 675 -37.67 -2.97 -15.03
CA THR C 675 -36.76 -1.97 -14.53
C THR C 675 -37.47 -1.05 -13.54
N LEU C 676 -36.67 -0.45 -12.66
CA LEU C 676 -37.17 0.45 -11.64
C LEU C 676 -36.32 1.71 -11.61
N PHE C 677 -36.98 2.83 -11.33
CA PHE C 677 -36.38 4.16 -11.25
C PHE C 677 -36.61 4.70 -9.85
N GLY C 678 -35.52 5.04 -9.17
CA GLY C 678 -35.61 5.44 -7.77
C GLY C 678 -35.97 6.91 -7.62
N SER C 679 -36.80 7.18 -6.61
CA SER C 679 -37.14 8.51 -6.11
C SER C 679 -37.85 9.40 -7.13
N VAL C 680 -38.33 8.83 -8.23
CA VAL C 680 -39.03 9.58 -9.26
C VAL C 680 -40.21 8.75 -9.76
N ALA C 681 -41.37 9.40 -9.89
CA ALA C 681 -42.55 8.70 -10.36
C ALA C 681 -42.53 8.60 -11.89
N CYS C 682 -43.56 7.94 -12.42
CA CYS C 682 -43.62 7.61 -13.84
C CYS C 682 -44.02 8.87 -14.63
N GLU C 683 -43.01 9.68 -14.92
CA GLU C 683 -43.18 10.87 -15.75
C GLU C 683 -42.09 10.95 -16.79
N HIS C 684 -41.60 9.79 -17.23
CA HIS C 684 -40.55 9.77 -18.24
C HIS C 684 -40.66 8.51 -19.09
N ILE C 685 -40.39 8.68 -20.39
CA ILE C 685 -40.29 7.61 -21.36
C ILE C 685 -38.87 7.74 -21.88
N SER C 686 -38.49 6.96 -22.88
CA SER C 686 -37.09 6.83 -23.30
C SER C 686 -36.58 8.02 -24.12
N SER C 687 -37.21 9.19 -24.01
CA SER C 687 -36.82 10.37 -24.77
C SER C 687 -35.40 10.85 -24.44
N THR C 688 -35.17 11.36 -23.23
CA THR C 688 -33.88 11.93 -22.87
C THR C 688 -33.11 10.90 -22.05
N MET C 689 -32.54 9.93 -22.75
CA MET C 689 -31.76 8.87 -22.14
C MET C 689 -30.27 9.20 -22.29
N SER C 690 -29.42 8.24 -21.94
CA SER C 690 -28.01 8.31 -22.28
C SER C 690 -27.53 6.88 -22.53
N GLN C 691 -26.21 6.71 -22.62
CA GLN C 691 -25.48 5.51 -23.02
C GLN C 691 -26.16 4.70 -24.13
N TYR C 692 -26.67 3.53 -23.82
CA TYR C 692 -27.10 2.51 -24.78
C TYR C 692 -28.61 2.27 -24.66
N SER C 693 -29.16 1.64 -25.70
CA SER C 693 -30.53 1.16 -25.69
C SER C 693 -30.61 -0.18 -24.97
N ARG C 694 -31.80 -0.52 -24.50
CA ARG C 694 -31.94 -1.65 -23.57
C ARG C 694 -32.99 -2.66 -24.04
N SER C 695 -33.39 -3.55 -23.12
CA SER C 695 -34.17 -4.75 -23.45
C SER C 695 -35.67 -4.51 -23.43
N THR C 696 -36.13 -3.28 -23.67
CA THR C 696 -37.55 -3.02 -23.74
C THR C 696 -38.12 -3.67 -24.99
N ARG C 697 -38.71 -4.85 -24.83
CA ARG C 697 -39.14 -5.67 -25.95
C ARG C 697 -40.55 -5.37 -26.44
N SER C 698 -41.40 -4.83 -25.58
CA SER C 698 -42.78 -4.50 -25.96
C SER C 698 -43.26 -3.32 -25.15
N MET C 699 -44.39 -2.77 -25.58
CA MET C 699 -44.98 -1.62 -24.90
C MET C 699 -46.06 -2.05 -23.91
N TYR C 707 -50.05 0.93 -16.55
CA TYR C 707 -49.84 -0.38 -17.15
C TYR C 707 -48.44 -0.91 -16.82
N GLY C 708 -47.51 -0.75 -17.76
CA GLY C 708 -46.13 -1.09 -17.55
C GLY C 708 -45.51 -0.18 -16.51
N PRO C 709 -45.44 1.11 -16.82
CA PRO C 709 -45.13 2.10 -15.77
C PRO C 709 -46.15 2.05 -14.64
N LEU C 710 -45.64 2.14 -13.42
CA LEU C 710 -46.50 2.19 -12.24
C LEU C 710 -45.71 2.83 -11.10
N GLN C 711 -46.44 3.39 -10.15
CA GLN C 711 -45.80 4.10 -9.04
C GLN C 711 -45.46 3.10 -7.95
N THR C 712 -44.21 2.64 -7.98
CA THR C 712 -43.62 2.05 -6.79
C THR C 712 -43.46 3.13 -5.73
N PRO C 713 -43.61 2.81 -4.45
CA PRO C 713 -43.21 3.78 -3.42
C PRO C 713 -41.75 4.17 -3.51
N VAL C 714 -40.89 3.26 -3.99
CA VAL C 714 -39.52 3.65 -4.33
C VAL C 714 -39.53 4.64 -5.50
N GLY C 715 -40.34 4.39 -6.52
CA GLY C 715 -40.25 5.20 -7.72
C GLY C 715 -41.15 4.79 -8.87
N CYS C 716 -40.58 4.65 -10.06
CA CYS C 716 -41.34 4.31 -11.25
C CYS C 716 -40.88 2.97 -11.80
N VAL C 717 -41.81 2.03 -11.98
CA VAL C 717 -41.48 0.71 -12.49
C VAL C 717 -41.98 0.58 -13.93
N LEU C 718 -41.14 0.04 -14.79
CA LEU C 718 -41.50 -0.36 -16.14
C LEU C 718 -41.28 -1.85 -16.29
N GLY C 719 -42.01 -2.46 -17.23
CA GLY C 719 -41.86 -3.87 -17.47
C GLY C 719 -42.55 -4.75 -16.46
N LEU C 720 -43.43 -4.18 -15.63
CA LEU C 720 -44.27 -4.95 -14.72
C LEU C 720 -45.71 -4.49 -14.89
N VAL C 721 -46.64 -5.43 -14.73
CA VAL C 721 -48.06 -5.13 -14.88
C VAL C 721 -48.67 -5.09 -13.48
N ASN C 722 -49.67 -4.23 -13.32
CA ASN C 722 -50.37 -4.09 -12.05
C ASN C 722 -51.05 -5.40 -11.66
N SER C 723 -50.87 -5.79 -10.40
CA SER C 723 -51.44 -7.03 -9.90
C SER C 723 -51.58 -6.96 -8.39
N SER C 724 -52.81 -7.02 -7.91
CA SER C 724 -53.09 -6.95 -6.48
C SER C 724 -53.12 -8.34 -5.85
N LEU C 725 -52.07 -9.10 -6.08
CA LEU C 725 -51.91 -10.44 -5.49
C LEU C 725 -50.75 -10.40 -4.51
N PHE C 726 -50.95 -11.02 -3.36
CA PHE C 726 -50.00 -10.90 -2.25
C PHE C 726 -49.71 -12.25 -1.65
N VAL C 727 -48.45 -12.48 -1.30
CA VAL C 727 -48.01 -13.77 -0.77
C VAL C 727 -46.87 -13.50 0.20
N GLU C 728 -46.60 -14.48 1.07
CA GLU C 728 -45.70 -14.31 2.19
C GLU C 728 -44.31 -14.91 1.95
N ASP C 729 -44.04 -15.40 0.74
CA ASP C 729 -42.81 -16.15 0.46
C ASP C 729 -42.08 -15.54 -0.74
N CYS C 730 -41.91 -14.21 -0.70
CA CYS C 730 -41.30 -13.50 -1.81
C CYS C 730 -39.82 -13.86 -1.95
N LYS C 731 -39.37 -13.94 -3.21
CA LYS C 731 -37.97 -14.18 -3.52
C LYS C 731 -37.38 -13.10 -4.40
N LEU C 732 -38.13 -12.06 -4.73
CA LEU C 732 -37.67 -10.95 -5.56
C LEU C 732 -37.75 -9.68 -4.72
N PRO C 733 -36.68 -9.34 -4.00
CA PRO C 733 -36.70 -8.13 -3.16
C PRO C 733 -36.56 -6.89 -4.04
N LEU C 734 -37.66 -6.18 -4.25
CA LEU C 734 -37.69 -5.07 -5.19
C LEU C 734 -37.75 -3.72 -4.48
N GLY C 735 -37.32 -3.65 -3.23
CA GLY C 735 -37.34 -2.40 -2.50
C GLY C 735 -38.71 -2.10 -1.92
N GLN C 736 -38.70 -1.18 -0.95
CA GLN C 736 -39.85 -0.86 -0.09
C GLN C 736 -40.42 -2.14 0.49
N SER C 737 -41.48 -2.66 -0.11
CA SER C 737 -41.93 -4.02 0.17
C SER C 737 -42.43 -4.68 -1.10
N LEU C 738 -41.72 -4.47 -2.20
CA LEU C 738 -42.19 -4.87 -3.52
C LEU C 738 -41.60 -6.22 -3.91
N CYS C 739 -42.38 -7.01 -4.63
CA CYS C 739 -41.97 -8.31 -5.11
C CYS C 739 -42.56 -8.54 -6.50
N ALA C 740 -42.16 -9.62 -7.15
CA ALA C 740 -42.56 -9.90 -8.52
C ALA C 740 -42.97 -11.36 -8.68
N LEU C 741 -44.15 -11.57 -9.27
CA LEU C 741 -44.64 -12.88 -9.68
C LEU C 741 -44.13 -13.22 -11.08
N PRO C 742 -43.63 -14.44 -11.26
CA PRO C 742 -43.21 -14.88 -12.60
C PRO C 742 -44.41 -15.26 -13.45
N ASP C 743 -44.17 -15.55 -14.73
CA ASP C 743 -45.28 -15.94 -15.60
C ASP C 743 -45.15 -17.40 -16.05
N THR C 744 -44.02 -17.74 -16.68
CA THR C 744 -43.72 -19.09 -17.14
C THR C 744 -42.28 -19.16 -17.62
N PRO C 757 -45.52 -17.57 -20.91
CA PRO C 757 -44.33 -16.75 -20.67
C PRO C 757 -44.50 -15.34 -21.20
N GLY C 758 -45.66 -14.75 -20.93
CA GLY C 758 -45.97 -13.43 -21.46
C GLY C 758 -45.19 -12.32 -20.79
N GLU C 759 -45.48 -12.05 -19.52
CA GLU C 759 -45.00 -10.85 -18.84
C GLU C 759 -45.29 -11.01 -17.34
N MET C 760 -44.41 -10.46 -16.50
CA MET C 760 -44.47 -10.74 -15.07
C MET C 760 -45.47 -9.85 -14.36
N ARG C 761 -45.84 -10.25 -13.15
CA ARG C 761 -46.71 -9.44 -12.32
C ARG C 761 -45.94 -8.87 -11.14
N LEU C 762 -46.55 -7.91 -10.43
CA LEU C 762 -45.96 -7.32 -9.25
C LEU C 762 -46.76 -7.68 -8.02
N ALA C 763 -46.22 -7.34 -6.86
CA ALA C 763 -46.83 -7.69 -5.59
C ALA C 763 -46.26 -6.80 -4.50
N SER C 764 -47.00 -6.64 -3.42
CA SER C 764 -46.43 -6.10 -2.19
C SER C 764 -46.37 -7.22 -1.16
N ILE C 765 -45.27 -7.26 -0.42
CA ILE C 765 -45.05 -8.32 0.57
C ILE C 765 -46.02 -8.07 1.73
N ALA C 766 -47.05 -8.89 1.83
CA ALA C 766 -48.09 -8.69 2.82
C ALA C 766 -47.62 -9.16 4.20
N PHE C 767 -48.51 -9.01 5.18
CA PHE C 767 -48.17 -9.35 6.56
C PHE C 767 -48.54 -10.80 6.85
N ASN C 768 -47.57 -11.55 7.37
CA ASN C 768 -47.81 -12.92 7.79
C ASN C 768 -48.65 -13.04 9.06
N HIS C 769 -49.96 -13.03 8.88
CA HIS C 769 -50.87 -12.93 10.01
C HIS C 769 -50.84 -14.21 10.84
N PRO C 770 -50.42 -14.16 12.09
CA PRO C 770 -50.39 -15.35 12.93
C PRO C 770 -51.69 -15.52 13.70
N ILE C 771 -51.76 -16.52 14.59
CA ILE C 771 -53.00 -16.80 15.32
C ILE C 771 -53.28 -15.64 16.27
N GLN C 772 -54.26 -14.82 15.92
CA GLN C 772 -54.71 -13.76 16.82
C GLN C 772 -55.59 -14.36 17.92
N VAL C 773 -55.35 -13.93 19.16
CA VAL C 773 -56.16 -14.36 20.29
C VAL C 773 -56.82 -13.12 20.88
N ASP C 774 -57.71 -13.37 21.82
CA ASP C 774 -58.42 -12.32 22.55
C ASP C 774 -58.03 -12.35 24.02
N GLN C 775 -58.37 -11.28 24.72
CA GLN C 775 -58.03 -11.11 26.12
C GLN C 775 -59.31 -11.02 26.93
N LEU C 776 -59.40 -11.83 27.98
CA LEU C 776 -60.63 -11.96 28.77
C LEU C 776 -60.48 -11.21 30.08
N ASN C 777 -61.48 -10.39 30.39
CA ASN C 777 -61.56 -9.72 31.69
C ASN C 777 -62.07 -10.65 32.79
N SER C 778 -62.58 -11.81 32.43
CA SER C 778 -63.03 -12.79 33.41
C SER C 778 -61.83 -13.47 34.06
N SER C 779 -62.11 -14.24 35.12
CA SER C 779 -61.07 -15.02 35.78
C SER C 779 -60.51 -16.12 34.88
N TYR C 780 -61.28 -16.57 33.90
CA TYR C 780 -60.82 -17.56 32.94
C TYR C 780 -60.09 -16.88 31.79
N PHE C 781 -59.53 -17.70 30.91
CA PHE C 781 -58.82 -17.19 29.74
C PHE C 781 -58.97 -18.20 28.61
N LYS C 782 -58.69 -17.77 27.39
CA LYS C 782 -58.71 -18.64 26.22
C LYS C 782 -57.29 -18.87 25.73
N LEU C 783 -56.89 -20.13 25.65
CA LEU C 783 -55.60 -20.56 25.13
C LEU C 783 -55.78 -21.08 23.71
N SER C 784 -54.67 -21.14 22.98
CA SER C 784 -54.63 -21.73 21.66
C SER C 784 -53.59 -22.84 21.65
N ILE C 785 -54.03 -24.07 21.46
CA ILE C 785 -53.20 -25.25 21.66
C ILE C 785 -53.12 -26.04 20.35
N PRO C 786 -51.94 -26.49 19.94
CA PRO C 786 -51.82 -27.21 18.66
C PRO C 786 -52.45 -28.59 18.74
N THR C 787 -53.16 -28.95 17.66
CA THR C 787 -53.77 -30.26 17.53
C THR C 787 -53.15 -31.12 16.45
N ASN C 788 -52.18 -30.60 15.71
CA ASN C 788 -51.35 -31.40 14.81
C ASN C 788 -49.91 -30.94 14.94
N PHE C 789 -49.00 -31.75 14.41
CA PHE C 789 -47.59 -31.51 14.62
C PHE C 789 -46.78 -32.20 13.55
N SER C 790 -45.51 -31.81 13.46
CA SER C 790 -44.55 -32.44 12.56
C SER C 790 -43.18 -32.42 13.23
N PHE C 791 -42.27 -33.22 12.68
CA PHE C 791 -40.88 -33.20 13.11
C PHE C 791 -40.11 -32.30 12.12
N GLY C 792 -40.26 -31.00 12.31
CA GLY C 792 -39.57 -30.06 11.44
C GLY C 792 -38.10 -30.00 11.79
N VAL C 793 -37.28 -29.78 10.77
CA VAL C 793 -35.84 -29.97 10.87
C VAL C 793 -35.14 -28.65 10.55
N THR C 794 -34.20 -28.28 11.41
CA THR C 794 -33.38 -27.09 11.25
C THR C 794 -31.96 -27.55 10.98
N GLN C 795 -31.45 -27.27 9.79
CA GLN C 795 -30.11 -27.69 9.40
C GLN C 795 -29.26 -26.47 9.10
N GLU C 796 -28.11 -26.37 9.76
CA GLU C 796 -27.26 -25.21 9.59
C GLU C 796 -25.79 -25.62 9.58
N TYR C 797 -25.00 -24.88 8.81
CA TYR C 797 -23.59 -25.18 8.61
C TYR C 797 -22.74 -24.06 9.16
N ILE C 798 -21.67 -24.42 9.87
CA ILE C 798 -20.74 -23.49 10.48
C ILE C 798 -19.36 -23.74 9.91
N GLN C 799 -18.75 -22.71 9.34
CA GLN C 799 -17.37 -22.80 8.89
C GLN C 799 -16.46 -22.77 10.12
N THR C 800 -16.28 -23.92 10.78
CA THR C 800 -15.54 -23.93 12.03
C THR C 800 -14.03 -23.80 11.81
N THR C 801 -13.57 -23.89 10.57
CA THR C 801 -12.14 -23.78 10.27
C THR C 801 -12.00 -23.17 8.89
N ILE C 802 -10.74 -22.92 8.51
CA ILE C 802 -10.39 -22.55 7.14
C ILE C 802 -9.37 -23.57 6.63
N GLN C 803 -9.40 -23.81 5.33
CA GLN C 803 -8.31 -24.51 4.65
C GLN C 803 -7.00 -23.74 4.86
N LYS C 804 -5.93 -24.49 5.14
CA LYS C 804 -4.63 -23.91 5.40
C LYS C 804 -3.68 -24.15 4.23
N VAL C 805 -2.81 -23.18 3.97
CA VAL C 805 -1.88 -23.23 2.85
C VAL C 805 -0.68 -22.36 3.18
N THR C 806 0.49 -22.76 2.69
CA THR C 806 1.70 -21.98 2.84
C THR C 806 2.35 -21.76 1.47
N VAL C 807 3.07 -20.65 1.35
CA VAL C 807 3.69 -20.24 0.10
C VAL C 807 5.18 -20.01 0.35
N ASP C 808 6.02 -20.57 -0.51
CA ASP C 808 7.44 -20.26 -0.49
C ASP C 808 7.71 -18.97 -1.22
N CYS C 809 8.62 -18.15 -0.67
CA CYS C 809 8.95 -16.88 -1.29
C CYS C 809 9.65 -17.07 -2.63
N LYS C 810 10.71 -17.88 -2.65
CA LYS C 810 11.68 -17.86 -3.74
C LYS C 810 11.07 -18.32 -5.05
N GLN C 811 10.42 -19.48 -5.05
CA GLN C 811 9.88 -20.01 -6.30
C GLN C 811 8.66 -19.23 -6.76
N TYR C 812 7.92 -18.63 -5.82
CA TYR C 812 6.73 -17.88 -6.21
C TYR C 812 7.10 -16.54 -6.83
N VAL C 813 7.73 -15.66 -6.05
CA VAL C 813 8.03 -14.34 -6.58
C VAL C 813 9.22 -14.36 -7.52
N CYS C 814 9.99 -15.43 -7.53
CA CYS C 814 11.31 -15.33 -8.12
C CYS C 814 11.55 -16.38 -9.21
N ASN C 815 11.01 -17.59 -9.03
CA ASN C 815 10.87 -18.60 -10.09
C ASN C 815 12.22 -19.07 -10.63
N GLY C 816 13.23 -19.13 -9.78
CA GLY C 816 14.48 -19.81 -10.10
C GLY C 816 15.30 -19.22 -11.22
N PHE C 817 15.41 -17.89 -11.28
CA PHE C 817 16.28 -17.22 -12.24
C PHE C 817 17.25 -16.38 -11.42
N GLN C 818 18.56 -16.63 -11.58
CA GLN C 818 19.57 -16.16 -10.63
C GLN C 818 19.52 -14.65 -10.43
N LYS C 819 19.30 -13.91 -11.53
CA LYS C 819 19.23 -12.45 -11.48
C LYS C 819 18.10 -11.98 -10.57
N CYS C 820 16.99 -12.73 -10.56
CA CYS C 820 15.94 -12.48 -9.58
C CYS C 820 16.42 -12.65 -8.15
N GLU C 821 17.29 -13.63 -7.87
CA GLU C 821 17.74 -13.75 -6.48
C GLU C 821 18.75 -12.69 -6.07
N GLN C 822 19.57 -12.14 -6.99
CA GLN C 822 20.25 -10.95 -6.47
C GLN C 822 19.38 -9.70 -6.54
N LEU C 823 18.26 -9.75 -7.27
CA LEU C 823 17.30 -8.66 -7.26
C LEU C 823 16.28 -8.77 -6.13
N LEU C 824 16.34 -9.84 -5.34
CA LEU C 824 15.39 -10.08 -4.27
C LEU C 824 15.96 -9.68 -2.92
N ARG C 825 17.27 -9.74 -2.76
CA ARG C 825 17.91 -9.51 -1.46
C ARG C 825 17.85 -8.07 -1.00
N GLU C 826 17.42 -7.15 -1.88
CA GLU C 826 17.24 -5.76 -1.47
C GLU C 826 16.13 -5.62 -0.44
N TYR C 827 15.13 -6.48 -0.50
CA TYR C 827 14.00 -6.39 0.43
C TYR C 827 13.83 -7.65 1.27
N GLY C 828 13.75 -8.82 0.64
CA GLY C 828 13.91 -10.09 1.32
C GLY C 828 12.95 -10.43 2.43
N GLN C 829 13.44 -10.31 3.67
CA GLN C 829 12.89 -10.91 4.87
C GLN C 829 11.48 -10.48 5.26
N PHE C 830 10.88 -9.53 4.52
CA PHE C 830 9.48 -9.20 4.76
C PHE C 830 8.58 -10.39 4.49
N CYS C 831 8.81 -11.08 3.38
CA CYS C 831 8.04 -12.29 3.08
C CYS C 831 8.38 -13.40 4.05
N SER C 832 9.61 -13.43 4.58
CA SER C 832 9.95 -14.39 5.63
C SER C 832 9.14 -14.12 6.89
N LYS C 833 8.97 -12.84 7.24
CA LYS C 833 8.17 -12.49 8.40
C LYS C 833 6.70 -12.87 8.20
N ILE C 834 6.16 -12.60 7.02
CA ILE C 834 4.77 -13.02 6.81
C ILE C 834 4.66 -14.53 6.69
N ASN C 835 5.74 -15.22 6.31
CA ASN C 835 5.72 -16.67 6.24
C ASN C 835 5.71 -17.30 7.63
N GLN C 836 6.54 -16.79 8.53
CA GLN C 836 6.48 -17.30 9.90
C GLN C 836 5.19 -16.85 10.58
N ALA C 837 4.64 -15.71 10.17
CA ALA C 837 3.34 -15.28 10.70
C ALA C 837 2.23 -16.23 10.28
N LEU C 838 2.20 -16.62 9.00
CA LEU C 838 1.17 -17.55 8.55
C LEU C 838 1.40 -18.94 9.10
N HIS C 839 2.67 -19.31 9.33
CA HIS C 839 2.97 -20.57 10.00
C HIS C 839 2.42 -20.56 11.43
N GLY C 840 2.60 -19.43 12.12
CA GLY C 840 2.03 -19.30 13.45
C GLY C 840 0.53 -19.37 13.44
N ALA C 841 -0.10 -18.72 12.47
CA ALA C 841 -1.56 -18.75 12.35
C ALA C 841 -2.07 -20.16 12.08
N ASN C 842 -1.38 -20.89 11.18
CA ASN C 842 -1.78 -22.26 10.89
C ASN C 842 -1.60 -23.16 12.10
N LEU C 843 -0.50 -22.99 12.85
CA LEU C 843 -0.32 -23.85 14.00
C LEU C 843 -1.33 -23.54 15.10
N ARG C 844 -1.69 -22.26 15.31
CA ARG C 844 -2.66 -21.97 16.35
C ARG C 844 -4.07 -22.33 15.93
N GLN C 845 -4.38 -22.30 14.63
CA GLN C 845 -5.69 -22.78 14.23
C GLN C 845 -5.77 -24.30 14.33
N ASP C 846 -4.66 -25.01 14.09
CA ASP C 846 -4.63 -26.43 14.38
C ASP C 846 -4.75 -26.69 15.88
N ASP C 847 -4.17 -25.78 16.68
CA ASP C 847 -4.31 -25.88 18.12
C ASP C 847 -5.77 -25.78 18.52
N SER C 848 -6.49 -24.81 17.95
CA SER C 848 -7.90 -24.63 18.23
C SER C 848 -8.71 -25.84 17.80
N VAL C 849 -8.38 -26.43 16.64
CA VAL C 849 -9.19 -27.55 16.20
C VAL C 849 -8.94 -28.79 17.06
N ARG C 850 -7.72 -29.00 17.58
CA ARG C 850 -7.68 -30.15 18.47
C ARG C 850 -8.04 -29.81 19.92
N ASN C 851 -8.15 -28.52 20.29
CA ASN C 851 -8.90 -28.21 21.51
C ASN C 851 -10.36 -28.60 21.36
N LEU C 852 -10.97 -28.31 20.22
CA LEU C 852 -12.36 -28.73 20.07
C LEU C 852 -12.48 -30.23 19.81
N PHE C 853 -11.41 -30.89 19.38
CA PHE C 853 -11.43 -32.35 19.33
C PHE C 853 -11.35 -32.94 20.73
N ALA C 854 -10.56 -32.33 21.62
CA ALA C 854 -10.56 -32.74 23.01
C ALA C 854 -11.90 -32.45 23.67
N SER C 855 -12.56 -31.37 23.26
CA SER C 855 -13.88 -31.06 23.79
C SER C 855 -14.91 -32.09 23.33
N VAL C 856 -14.87 -32.50 22.07
CA VAL C 856 -15.88 -33.40 21.55
C VAL C 856 -15.63 -34.84 21.99
N LYS C 857 -14.41 -35.17 22.40
CA LYS C 857 -14.11 -36.52 22.86
C LYS C 857 -14.79 -36.78 24.20
N SER C 858 -15.54 -37.87 24.28
CA SER C 858 -16.15 -38.31 25.52
C SER C 858 -15.18 -39.21 26.29
N SER C 859 -15.38 -39.24 27.61
CA SER C 859 -14.60 -40.15 28.45
C SER C 859 -14.94 -41.61 28.15
N GLN C 860 -16.22 -41.91 27.95
CA GLN C 860 -16.66 -43.24 27.58
C GLN C 860 -17.76 -43.13 26.54
N SER C 861 -17.87 -44.16 25.71
CA SER C 861 -18.85 -44.16 24.62
C SER C 861 -19.13 -45.61 24.24
N SER C 862 -20.00 -45.79 23.24
CA SER C 862 -20.40 -47.11 22.78
C SER C 862 -20.09 -47.24 21.31
N PRO C 863 -19.67 -48.42 20.86
CA PRO C 863 -19.50 -48.65 19.43
C PRO C 863 -20.84 -48.68 18.73
N ILE C 864 -20.88 -48.04 17.56
CA ILE C 864 -22.09 -47.97 16.77
C ILE C 864 -22.37 -49.33 16.13
N ILE C 865 -23.61 -49.78 16.25
CA ILE C 865 -24.01 -51.10 15.76
C ILE C 865 -25.03 -50.89 14.66
N PRO C 866 -24.93 -51.61 13.54
CA PRO C 866 -26.00 -51.56 12.53
C PRO C 866 -27.31 -52.05 13.10
N GLY C 867 -28.40 -51.44 12.64
CA GLY C 867 -29.71 -51.69 13.23
C GLY C 867 -29.96 -50.92 14.51
N PHE C 868 -29.21 -49.85 14.75
CA PHE C 868 -29.34 -49.11 15.99
C PHE C 868 -30.65 -48.32 16.04
N GLY C 869 -31.15 -48.09 17.24
CA GLY C 869 -32.41 -47.44 17.44
C GLY C 869 -33.62 -48.33 17.28
N GLY C 870 -33.42 -49.62 17.09
CA GLY C 870 -34.53 -50.54 16.86
C GLY C 870 -35.18 -50.31 15.52
N ASP C 871 -36.41 -49.79 15.54
CA ASP C 871 -37.12 -49.42 14.32
C ASP C 871 -36.64 -48.09 13.75
N PHE C 872 -35.81 -47.36 14.49
CA PHE C 872 -35.34 -46.06 14.03
C PHE C 872 -34.32 -46.23 12.92
N ASN C 873 -34.67 -45.74 11.73
CA ASN C 873 -33.80 -45.85 10.57
C ASN C 873 -32.81 -44.70 10.55
N LEU C 874 -31.77 -44.86 11.37
CA LEU C 874 -30.66 -43.93 11.45
C LEU C 874 -29.46 -44.38 10.63
N THR C 875 -29.69 -45.16 9.57
CA THR C 875 -28.61 -45.75 8.78
C THR C 875 -27.77 -44.72 8.06
N LEU C 876 -28.29 -43.52 7.83
CA LEU C 876 -27.45 -42.45 7.32
C LEU C 876 -26.41 -42.01 8.36
N LEU C 877 -26.77 -42.09 9.64
CA LEU C 877 -25.81 -41.79 10.69
C LEU C 877 -24.81 -42.94 10.88
N GLU C 878 -25.11 -44.11 10.32
CA GLU C 878 -24.22 -45.25 10.48
C GLU C 878 -22.91 -45.03 9.72
N PRO C 879 -21.79 -45.08 10.42
CA PRO C 879 -20.49 -44.86 9.75
C PRO C 879 -19.88 -46.15 9.21
N VAL C 880 -20.42 -46.66 8.13
CA VAL C 880 -19.88 -47.86 7.50
C VAL C 880 -19.68 -47.61 6.01
N ALA C 889 -16.55 -47.38 8.27
CA ALA C 889 -16.00 -46.29 7.46
C ALA C 889 -16.60 -44.96 7.91
N ARG C 890 -16.82 -44.06 6.95
CA ARG C 890 -17.40 -42.76 7.23
C ARG C 890 -18.91 -42.85 7.25
N SER C 891 -19.54 -41.78 7.77
CA SER C 891 -20.99 -41.74 7.88
C SER C 891 -21.63 -41.70 6.51
N ALA C 892 -22.75 -42.41 6.36
CA ALA C 892 -23.44 -42.51 5.08
C ALA C 892 -23.96 -41.15 4.64
N ILE C 893 -24.52 -40.38 5.56
CA ILE C 893 -25.01 -39.04 5.23
C ILE C 893 -23.84 -38.13 4.86
N GLU C 894 -22.70 -38.30 5.55
CA GLU C 894 -21.51 -37.50 5.24
C GLU C 894 -20.93 -37.89 3.89
N ASP C 895 -20.92 -39.19 3.58
CA ASP C 895 -20.39 -39.64 2.30
C ASP C 895 -21.28 -39.19 1.14
N LEU C 896 -22.60 -39.25 1.30
CA LEU C 896 -23.45 -38.75 0.23
C LEU C 896 -23.45 -37.23 0.18
N LEU C 897 -23.12 -36.56 1.29
CA LEU C 897 -22.85 -35.13 1.24
C LEU C 897 -21.61 -34.83 0.41
N PHE C 898 -20.57 -35.66 0.57
CA PHE C 898 -19.39 -35.55 -0.29
C PHE C 898 -19.76 -35.79 -1.75
N ASP C 899 -20.68 -36.73 -1.99
CA ASP C 899 -21.19 -36.96 -3.34
C ASP C 899 -21.93 -35.74 -3.88
N LYS C 900 -22.73 -35.09 -3.05
CA LYS C 900 -23.56 -33.98 -3.49
C LYS C 900 -22.84 -32.64 -3.47
N VAL C 901 -21.64 -32.57 -2.88
CA VAL C 901 -20.90 -31.32 -2.84
C VAL C 901 -19.89 -31.33 -3.99
N THR C 902 -19.58 -30.14 -4.49
CA THR C 902 -18.47 -30.00 -5.42
C THR C 902 -17.18 -30.18 -4.64
N ILE C 903 -16.70 -31.43 -4.57
CA ILE C 903 -15.55 -31.73 -3.74
C ILE C 903 -14.27 -31.31 -4.46
N ALA C 904 -13.25 -30.98 -3.67
CA ALA C 904 -11.99 -30.47 -4.19
C ALA C 904 -11.04 -31.63 -4.48
N ASP C 905 -9.77 -31.30 -4.74
CA ASP C 905 -8.73 -32.29 -5.02
C ASP C 905 -7.56 -32.07 -4.06
N PRO C 906 -7.69 -32.50 -2.81
CA PRO C 906 -6.57 -32.39 -1.86
C PRO C 906 -5.68 -33.63 -1.90
N GLY C 907 -5.01 -33.83 -3.03
CA GLY C 907 -4.24 -35.04 -3.22
C GLY C 907 -2.92 -35.03 -2.48
N TYR C 908 -2.84 -35.81 -1.39
CA TYR C 908 -1.63 -35.96 -0.62
C TYR C 908 -0.86 -37.21 -0.99
N MET C 909 -1.22 -37.83 -2.12
CA MET C 909 -0.52 -39.00 -2.63
C MET C 909 0.26 -38.67 -3.90
N GLN C 910 -0.40 -38.10 -4.90
CA GLN C 910 0.28 -37.70 -6.14
C GLN C 910 -0.56 -36.64 -6.84
N GLY C 911 -0.02 -35.45 -6.98
CA GLY C 911 -0.64 -34.45 -7.82
C GLY C 911 0.29 -34.09 -8.96
N TYR C 912 1.59 -34.10 -8.68
CA TYR C 912 2.58 -33.86 -9.73
C TYR C 912 2.59 -35.01 -10.72
N ASP C 913 2.43 -36.25 -10.23
CA ASP C 913 2.31 -37.40 -11.11
C ASP C 913 1.02 -37.35 -11.91
N ASP C 914 -0.07 -36.90 -11.28
CA ASP C 914 -1.35 -36.79 -11.96
C ASP C 914 -1.30 -35.78 -13.09
N CYS C 915 -0.58 -34.67 -12.88
CA CYS C 915 -0.53 -33.61 -13.88
C CYS C 915 0.69 -33.68 -14.79
N MET C 916 1.58 -34.65 -14.59
CA MET C 916 2.47 -35.03 -15.68
C MET C 916 1.89 -36.16 -16.52
N GLN C 917 1.02 -36.98 -15.93
CA GLN C 917 0.25 -37.92 -16.72
C GLN C 917 -0.82 -37.19 -17.54
N GLN C 918 -1.75 -36.52 -16.85
CA GLN C 918 -2.74 -35.69 -17.51
C GLN C 918 -2.94 -34.39 -16.74
N LEU C 926 -3.84 -26.15 -13.19
CA LEU C 926 -4.91 -25.27 -12.73
C LEU C 926 -5.28 -25.57 -11.29
N ILE C 927 -6.10 -26.59 -11.09
CA ILE C 927 -6.42 -27.04 -9.73
C ILE C 927 -5.18 -27.64 -9.08
N CYS C 928 -4.44 -28.46 -9.82
CA CYS C 928 -3.20 -29.06 -9.34
C CYS C 928 -2.00 -28.14 -9.47
N ALA C 929 -2.21 -26.87 -9.82
CA ALA C 929 -1.13 -25.91 -9.98
C ALA C 929 -0.67 -25.30 -8.67
N GLN C 930 -0.95 -25.97 -7.54
CA GLN C 930 -0.50 -25.51 -6.24
C GLN C 930 1.02 -25.49 -6.15
N TYR C 931 1.69 -26.36 -6.91
CA TYR C 931 3.14 -26.28 -7.00
C TYR C 931 3.60 -25.50 -8.24
N VAL C 932 2.80 -25.51 -9.31
CA VAL C 932 3.20 -24.85 -10.55
C VAL C 932 3.30 -23.35 -10.35
N ALA C 933 2.27 -22.73 -9.77
CA ALA C 933 2.40 -21.37 -9.29
C ALA C 933 3.24 -21.34 -8.01
N GLY C 934 2.99 -22.30 -7.12
CA GLY C 934 3.76 -22.48 -5.91
C GLY C 934 3.04 -21.98 -4.68
N TYR C 935 2.32 -22.88 -4.02
CA TYR C 935 1.67 -22.64 -2.74
C TYR C 935 1.25 -23.99 -2.17
N LYS C 936 1.74 -24.29 -0.97
CA LYS C 936 1.66 -25.65 -0.43
C LYS C 936 0.51 -25.71 0.56
N VAL C 937 -0.53 -26.47 0.21
CA VAL C 937 -1.58 -26.76 1.17
C VAL C 937 -0.99 -27.55 2.33
N LEU C 938 -1.22 -27.07 3.53
CA LEU C 938 -0.71 -27.76 4.70
C LEU C 938 -1.53 -29.01 4.94
N PRO C 939 -0.92 -30.19 5.01
CA PRO C 939 -1.67 -31.41 5.28
C PRO C 939 -2.31 -31.37 6.65
N PRO C 940 -3.60 -31.65 6.73
CA PRO C 940 -4.29 -31.59 8.02
C PRO C 940 -3.84 -32.72 8.93
N LEU C 941 -4.11 -32.54 10.21
CA LEU C 941 -4.02 -33.64 11.16
C LEU C 941 -5.35 -34.37 11.30
N MET C 942 -6.14 -34.35 10.24
CA MET C 942 -7.53 -34.80 10.29
C MET C 942 -7.65 -35.93 9.28
N ASP C 943 -7.70 -37.17 9.77
CA ASP C 943 -7.66 -38.34 8.91
C ASP C 943 -9.03 -39.01 8.96
N VAL C 944 -9.30 -39.84 7.94
CA VAL C 944 -10.63 -40.41 7.74
C VAL C 944 -11.02 -41.31 8.91
N ASN C 945 -10.10 -42.18 9.34
CA ASN C 945 -10.40 -43.11 10.42
C ASN C 945 -10.63 -42.40 11.74
N MET C 946 -9.80 -41.41 12.07
CA MET C 946 -9.98 -40.63 13.28
C MET C 946 -11.14 -39.64 13.17
N GLU C 947 -11.51 -39.24 11.94
CA GLU C 947 -12.78 -38.56 11.73
C GLU C 947 -13.96 -39.45 12.10
N ALA C 948 -13.92 -40.71 11.66
CA ALA C 948 -14.94 -41.66 12.04
C ALA C 948 -14.93 -41.93 13.53
N ALA C 949 -13.73 -41.88 14.13
CA ALA C 949 -13.60 -42.04 15.57
C ALA C 949 -14.30 -40.92 16.33
N TYR C 950 -14.09 -39.67 15.90
CA TYR C 950 -14.82 -38.57 16.54
C TYR C 950 -16.31 -38.65 16.33
N THR C 951 -16.76 -39.00 15.11
CA THR C 951 -18.20 -39.05 14.88
C THR C 951 -18.86 -40.16 15.70
N SER C 952 -18.21 -41.33 15.77
CA SER C 952 -18.73 -42.40 16.62
C SER C 952 -18.68 -42.03 18.09
N SER C 953 -17.63 -41.33 18.53
CA SER C 953 -17.53 -40.90 19.92
C SER C 953 -18.64 -39.92 20.28
N LEU C 954 -18.89 -38.94 19.43
CA LEU C 954 -19.95 -37.98 19.72
C LEU C 954 -21.33 -38.63 19.59
N LEU C 955 -21.48 -39.59 18.67
CA LEU C 955 -22.75 -40.30 18.54
C LEU C 955 -23.06 -41.11 19.79
N GLY C 956 -22.06 -41.86 20.27
CA GLY C 956 -22.24 -42.59 21.52
C GLY C 956 -22.46 -41.67 22.71
N SER C 957 -21.79 -40.51 22.70
CA SER C 957 -21.99 -39.52 23.75
C SER C 957 -23.43 -39.03 23.79
N ILE C 958 -23.91 -38.46 22.67
CA ILE C 958 -25.27 -37.94 22.63
C ILE C 958 -26.31 -39.04 22.76
N ALA C 959 -25.95 -40.30 22.51
CA ALA C 959 -26.85 -41.39 22.85
C ALA C 959 -26.85 -41.69 24.34
N GLY C 960 -25.72 -41.49 25.01
CA GLY C 960 -25.62 -41.92 26.40
C GLY C 960 -25.26 -40.88 27.44
N VAL C 961 -25.60 -39.62 27.22
CA VAL C 961 -25.46 -38.59 28.26
C VAL C 961 -26.73 -37.79 28.48
N GLY C 962 -27.72 -37.86 27.60
CA GLY C 962 -28.85 -36.93 27.66
C GLY C 962 -29.99 -37.34 28.56
N TRP C 963 -29.68 -37.83 29.76
CA TRP C 963 -30.71 -38.13 30.75
C TRP C 963 -30.55 -37.33 32.03
N THR C 964 -29.36 -37.31 32.61
CA THR C 964 -29.13 -36.67 33.90
C THR C 964 -27.84 -35.88 33.82
N ALA C 965 -27.83 -34.70 34.44
CA ALA C 965 -26.66 -33.85 34.46
C ALA C 965 -25.53 -34.50 35.27
N GLY C 966 -24.30 -34.12 34.93
CA GLY C 966 -23.14 -34.76 35.51
C GLY C 966 -22.51 -35.72 34.53
N LEU C 967 -21.40 -35.30 33.90
CA LEU C 967 -20.75 -36.07 32.85
C LEU C 967 -19.76 -37.09 33.40
N SER C 968 -19.90 -37.49 34.66
CA SER C 968 -18.97 -38.45 35.25
C SER C 968 -19.27 -39.86 34.77
N SER C 969 -20.45 -40.36 35.09
CA SER C 969 -20.87 -41.70 34.70
C SER C 969 -21.40 -41.66 33.26
N PHE C 970 -21.99 -42.76 32.82
CA PHE C 970 -22.58 -42.82 31.49
C PHE C 970 -24.02 -43.31 31.57
N ALA C 971 -24.82 -42.85 30.62
CA ALA C 971 -26.26 -43.07 30.59
C ALA C 971 -26.67 -43.70 29.27
N ALA C 972 -25.99 -44.78 28.89
CA ALA C 972 -26.20 -45.40 27.58
C ALA C 972 -27.55 -46.11 27.50
N ILE C 973 -28.62 -45.33 27.55
CA ILE C 973 -30.00 -45.82 27.48
C ILE C 973 -30.23 -46.46 26.12
N PRO C 974 -31.05 -47.51 26.02
CA PRO C 974 -31.52 -47.96 24.69
C PRO C 974 -32.19 -46.81 23.96
N PHE C 975 -31.89 -46.71 22.67
CA PHE C 975 -31.99 -45.43 21.96
C PHE C 975 -33.43 -44.95 21.86
N ALA C 976 -34.37 -45.88 21.71
CA ALA C 976 -35.78 -45.51 21.71
C ALA C 976 -36.20 -44.90 23.03
N GLN C 977 -35.73 -45.49 24.14
CA GLN C 977 -36.10 -44.98 25.46
C GLN C 977 -35.44 -43.64 25.74
N SER C 978 -34.20 -43.45 25.28
CA SER C 978 -33.55 -42.14 25.44
C SER C 978 -34.25 -41.07 24.60
N ILE C 979 -34.69 -41.45 23.40
CA ILE C 979 -35.49 -40.54 22.57
C ILE C 979 -36.79 -40.19 23.28
N PHE C 980 -37.43 -41.18 23.90
CA PHE C 980 -38.66 -40.92 24.64
C PHE C 980 -38.41 -40.05 25.87
N TYR C 981 -37.21 -40.14 26.44
CA TYR C 981 -36.85 -39.24 27.53
C TYR C 981 -36.70 -37.81 27.04
N ARG C 982 -36.08 -37.63 25.86
CA ARG C 982 -36.04 -36.31 25.24
C ARG C 982 -37.43 -35.83 24.85
N LEU C 983 -38.35 -36.76 24.59
CA LEU C 983 -39.70 -36.40 24.17
C LEU C 983 -40.57 -35.97 25.35
N ASN C 984 -40.60 -36.76 26.42
CA ASN C 984 -41.38 -36.32 27.58
C ASN C 984 -40.65 -35.25 28.39
N GLY C 985 -39.38 -34.98 28.08
CA GLY C 985 -38.71 -33.85 28.71
C GLY C 985 -39.31 -32.51 28.31
N VAL C 986 -39.73 -32.38 27.05
CA VAL C 986 -40.19 -31.07 26.55
C VAL C 986 -41.65 -30.80 26.84
N GLY C 987 -42.35 -31.69 27.54
CA GLY C 987 -43.73 -31.45 27.87
C GLY C 987 -44.70 -32.29 27.06
N ILE C 988 -44.35 -33.54 26.82
CA ILE C 988 -45.21 -34.49 26.12
C ILE C 988 -45.55 -35.61 27.10
N THR C 989 -46.84 -35.91 27.21
CA THR C 989 -47.28 -36.88 28.21
C THR C 989 -46.82 -38.29 27.84
N GLN C 990 -46.64 -39.11 28.87
CA GLN C 990 -46.18 -40.49 28.67
C GLN C 990 -47.23 -41.36 28.00
N GLN C 991 -48.50 -40.97 28.06
CA GLN C 991 -49.57 -41.74 27.43
C GLN C 991 -49.38 -41.80 25.93
N VAL C 992 -49.39 -40.64 25.27
CA VAL C 992 -49.29 -40.59 23.82
C VAL C 992 -47.93 -41.09 23.34
N LEU C 993 -46.89 -40.96 24.17
CA LEU C 993 -45.62 -41.57 23.83
C LEU C 993 -45.69 -43.09 23.94
N SER C 994 -46.52 -43.60 24.85
CA SER C 994 -46.67 -45.04 25.00
C SER C 994 -47.54 -45.65 23.90
N GLU C 995 -48.48 -44.88 23.35
CA GLU C 995 -49.40 -45.44 22.37
C GLU C 995 -49.23 -44.89 20.96
N ASN C 996 -48.46 -43.82 20.77
CA ASN C 996 -48.19 -43.29 19.44
C ASN C 996 -46.71 -43.12 19.21
N GLN C 997 -45.90 -44.00 19.80
CA GLN C 997 -44.49 -44.04 19.46
C GLN C 997 -44.26 -44.49 18.03
N LYS C 998 -45.20 -45.26 17.47
CA LYS C 998 -45.07 -45.75 16.11
C LYS C 998 -45.17 -44.62 15.11
N LEU C 999 -46.18 -43.76 15.25
CA LEU C 999 -46.39 -42.68 14.29
C LEU C 999 -45.30 -41.63 14.38
N ILE C 1000 -44.82 -41.33 15.59
CA ILE C 1000 -43.74 -40.38 15.71
C ILE C 1000 -42.44 -40.98 15.18
N ALA C 1001 -42.27 -42.31 15.31
CA ALA C 1001 -41.15 -42.97 14.65
C ALA C 1001 -41.27 -42.86 13.13
N ASN C 1002 -42.50 -42.98 12.61
CA ASN C 1002 -42.73 -42.88 11.18
C ASN C 1002 -42.37 -41.50 10.66
N LYS C 1003 -42.85 -40.45 11.33
CA LYS C 1003 -42.54 -39.10 10.87
C LYS C 1003 -41.09 -38.72 11.14
N PHE C 1004 -40.48 -39.34 12.16
CA PHE C 1004 -39.04 -39.25 12.37
C PHE C 1004 -38.29 -39.77 11.15
N ASN C 1005 -38.64 -40.98 10.69
CA ASN C 1005 -38.00 -41.54 9.51
C ASN C 1005 -38.34 -40.74 8.26
N GLN C 1006 -39.52 -40.14 8.23
CA GLN C 1006 -39.91 -39.27 7.12
C GLN C 1006 -38.99 -38.06 7.02
N ALA C 1007 -38.76 -37.39 8.15
CA ALA C 1007 -37.84 -36.26 8.17
C ALA C 1007 -36.42 -36.69 7.83
N LEU C 1008 -35.99 -37.83 8.36
CA LEU C 1008 -34.64 -38.33 8.07
C LEU C 1008 -34.45 -38.67 6.60
N GLY C 1009 -35.47 -39.22 5.94
CA GLY C 1009 -35.40 -39.36 4.50
C GLY C 1009 -35.52 -38.04 3.77
N ALA C 1010 -36.15 -37.05 4.39
CA ALA C 1010 -36.29 -35.75 3.75
C ALA C 1010 -34.96 -35.01 3.67
N MET C 1011 -34.11 -35.12 4.70
CA MET C 1011 -32.79 -34.49 4.56
C MET C 1011 -31.90 -35.14 3.51
N GLN C 1012 -32.17 -36.39 3.12
CA GLN C 1012 -31.27 -37.07 2.19
C GLN C 1012 -31.31 -36.43 0.81
N THR C 1013 -32.52 -36.23 0.26
CA THR C 1013 -32.65 -35.68 -1.08
C THR C 1013 -32.54 -34.16 -1.11
N GLY C 1014 -32.51 -33.50 0.04
CA GLY C 1014 -32.51 -32.06 0.06
C GLY C 1014 -31.17 -31.41 -0.19
N PHE C 1015 -30.12 -32.20 -0.45
CA PHE C 1015 -28.78 -31.65 -0.58
C PHE C 1015 -28.62 -30.92 -1.91
N THR C 1016 -29.32 -29.81 -2.03
CA THR C 1016 -29.43 -29.05 -3.27
C THR C 1016 -29.70 -27.60 -2.89
N THR C 1017 -30.24 -26.83 -3.85
CA THR C 1017 -30.62 -25.43 -3.63
C THR C 1017 -31.59 -25.27 -2.46
N THR C 1018 -32.40 -26.29 -2.18
CA THR C 1018 -33.37 -26.22 -1.08
C THR C 1018 -32.68 -26.01 0.27
N ASN C 1019 -31.62 -26.76 0.55
CA ASN C 1019 -30.87 -26.57 1.80
C ASN C 1019 -29.99 -25.33 1.69
N GLU C 1020 -30.33 -24.29 2.44
CA GLU C 1020 -29.51 -23.07 2.43
C GLU C 1020 -28.16 -23.31 3.09
N ALA C 1021 -28.09 -24.24 4.05
CA ALA C 1021 -26.82 -24.57 4.66
C ALA C 1021 -25.93 -25.34 3.69
N PHE C 1022 -26.53 -26.07 2.75
CA PHE C 1022 -25.76 -26.66 1.67
C PHE C 1022 -25.11 -25.57 0.83
N GLN C 1023 -25.87 -24.51 0.51
CA GLN C 1023 -25.28 -23.35 -0.15
C GLN C 1023 -24.21 -22.68 0.70
N LYS C 1024 -24.34 -22.71 2.02
CA LYS C 1024 -23.23 -22.25 2.86
C LYS C 1024 -22.02 -23.17 2.74
N VAL C 1025 -22.25 -24.46 2.49
CA VAL C 1025 -21.14 -25.39 2.31
C VAL C 1025 -20.37 -25.06 1.03
N GLN C 1026 -21.08 -24.87 -0.09
CA GLN C 1026 -20.26 -24.42 -1.22
C GLN C 1026 -19.89 -22.95 -1.13
N ASP C 1027 -20.47 -22.17 -0.21
CA ASP C 1027 -19.91 -20.86 0.07
C ASP C 1027 -18.52 -20.98 0.68
N ALA C 1028 -18.34 -21.93 1.60
CA ALA C 1028 -17.01 -22.23 2.12
C ALA C 1028 -16.11 -22.76 1.02
N VAL C 1029 -16.65 -23.62 0.14
CA VAL C 1029 -15.87 -24.17 -0.96
C VAL C 1029 -15.41 -23.06 -1.90
N ASN C 1030 -16.33 -22.14 -2.24
CA ASN C 1030 -15.99 -21.01 -3.08
C ASN C 1030 -15.07 -20.02 -2.36
N ASN C 1031 -15.15 -19.98 -1.02
CA ASN C 1031 -14.21 -19.17 -0.26
C ASN C 1031 -12.80 -19.73 -0.40
N ASN C 1032 -12.64 -21.04 -0.33
CA ASN C 1032 -11.35 -21.65 -0.61
C ASN C 1032 -10.93 -21.43 -2.06
N ALA C 1033 -11.91 -21.46 -2.97
CA ALA C 1033 -11.62 -21.25 -4.38
C ALA C 1033 -11.11 -19.84 -4.66
N GLN C 1034 -11.74 -18.83 -4.06
CA GLN C 1034 -11.22 -17.48 -4.23
C GLN C 1034 -9.92 -17.28 -3.46
N ALA C 1035 -9.73 -18.02 -2.36
CA ALA C 1035 -8.47 -17.95 -1.63
C ALA C 1035 -7.31 -18.44 -2.50
N LEU C 1036 -7.51 -19.54 -3.22
CA LEU C 1036 -6.48 -19.99 -4.16
C LEU C 1036 -6.44 -19.14 -5.42
N SER C 1037 -7.54 -18.46 -5.76
CA SER C 1037 -7.50 -17.48 -6.84
C SER C 1037 -6.61 -16.30 -6.48
N LYS C 1038 -6.57 -15.94 -5.19
CA LYS C 1038 -5.68 -14.88 -4.72
C LYS C 1038 -4.21 -15.29 -4.75
N LEU C 1039 -3.89 -16.52 -5.13
CA LEU C 1039 -2.55 -16.92 -5.50
C LEU C 1039 -2.38 -17.08 -7.00
N ALA C 1040 -3.37 -17.66 -7.67
CA ALA C 1040 -3.26 -17.93 -9.10
C ALA C 1040 -3.33 -16.67 -9.95
N SER C 1041 -3.97 -15.62 -9.46
CA SER C 1041 -4.31 -14.45 -10.28
C SER C 1041 -3.16 -13.45 -10.37
N GLU C 1042 -2.63 -13.01 -9.24
CA GLU C 1042 -1.70 -11.89 -9.22
C GLU C 1042 -0.33 -12.23 -9.79
N LEU C 1043 0.06 -13.51 -9.77
CA LEU C 1043 1.32 -13.87 -10.42
C LEU C 1043 1.18 -13.79 -11.94
N SER C 1044 0.00 -14.11 -12.46
CA SER C 1044 -0.27 -13.88 -13.87
C SER C 1044 -0.35 -12.39 -14.19
N ASN C 1045 -0.69 -11.58 -13.21
CA ASN C 1045 -0.69 -10.13 -13.41
C ASN C 1045 0.75 -9.63 -13.55
N THR C 1046 0.94 -8.75 -14.55
CA THR C 1046 2.25 -8.17 -14.81
C THR C 1046 2.53 -6.94 -13.96
N PHE C 1047 1.47 -6.25 -13.52
CA PHE C 1047 1.54 -4.98 -12.79
C PHE C 1047 2.31 -3.93 -13.59
N GLY C 1048 1.79 -3.65 -14.78
CA GLY C 1048 2.38 -2.69 -15.68
C GLY C 1048 3.61 -3.18 -16.42
N ALA C 1049 3.88 -4.48 -16.42
CA ALA C 1049 5.06 -5.01 -17.08
C ALA C 1049 4.72 -5.53 -18.47
N ILE C 1050 5.72 -5.53 -19.34
CA ILE C 1050 5.58 -6.07 -20.69
C ILE C 1050 5.45 -7.59 -20.71
N SER C 1051 5.78 -8.26 -19.60
CA SER C 1051 5.63 -9.70 -19.49
C SER C 1051 5.31 -10.07 -18.06
N ALA C 1052 4.57 -11.15 -17.89
CA ALA C 1052 4.30 -11.70 -16.57
C ALA C 1052 5.42 -12.58 -16.06
N SER C 1053 6.21 -13.15 -16.97
CA SER C 1053 7.35 -13.98 -16.58
C SER C 1053 8.56 -13.09 -16.34
N ILE C 1054 9.67 -13.70 -15.94
CA ILE C 1054 10.90 -12.99 -15.63
C ILE C 1054 12.01 -13.31 -16.62
N GLY C 1055 12.08 -14.56 -17.09
CA GLY C 1055 13.12 -14.95 -18.03
C GLY C 1055 12.99 -14.23 -19.37
N ASP C 1056 11.76 -14.05 -19.85
CA ASP C 1056 11.56 -13.29 -21.08
C ASP C 1056 11.96 -11.83 -20.89
N ILE C 1057 11.66 -11.26 -19.72
CA ILE C 1057 12.05 -9.89 -19.43
C ILE C 1057 13.57 -9.74 -19.43
N ILE C 1058 14.26 -10.67 -18.75
CA ILE C 1058 15.72 -10.56 -18.66
C ILE C 1058 16.42 -10.97 -19.94
N GLN C 1059 15.74 -11.67 -20.84
CA GLN C 1059 16.37 -12.01 -22.11
C GLN C 1059 16.04 -11.00 -23.21
N ARG C 1060 15.00 -10.19 -23.03
CA ARG C 1060 14.60 -9.23 -24.07
C ARG C 1060 14.80 -7.77 -23.65
N LEU C 1061 15.55 -7.52 -22.59
CA LEU C 1061 15.70 -6.16 -22.11
C LEU C 1061 17.10 -5.98 -21.52
N ASP C 1062 17.53 -4.72 -21.45
CA ASP C 1062 18.81 -4.40 -20.85
C ASP C 1062 18.68 -4.50 -19.32
N PRO C 1063 19.72 -5.00 -18.64
CA PRO C 1063 19.61 -5.35 -17.21
C PRO C 1063 19.21 -4.21 -16.28
N PRO C 1064 19.78 -2.98 -16.37
CA PRO C 1064 19.46 -1.97 -15.35
C PRO C 1064 18.00 -1.55 -15.28
N GLU C 1065 17.28 -1.48 -16.39
CA GLU C 1065 15.87 -1.09 -16.28
C GLU C 1065 14.98 -2.29 -15.95
N GLN C 1066 15.32 -3.48 -16.46
CA GLN C 1066 14.55 -4.66 -16.10
C GLN C 1066 14.74 -5.00 -14.63
N ASP C 1067 15.82 -4.53 -14.02
CA ASP C 1067 15.91 -4.50 -12.56
C ASP C 1067 14.73 -3.75 -11.96
N ALA C 1068 14.38 -2.60 -12.54
CA ALA C 1068 13.29 -1.79 -11.99
C ALA C 1068 11.93 -2.45 -12.24
N GLN C 1069 11.70 -2.97 -13.45
CA GLN C 1069 10.41 -3.66 -13.68
C GLN C 1069 10.27 -4.90 -12.80
N ILE C 1070 11.33 -5.69 -12.68
CA ILE C 1070 11.30 -6.83 -11.77
C ILE C 1070 11.09 -6.36 -10.34
N ASP C 1071 11.69 -5.24 -9.96
CA ASP C 1071 11.58 -4.75 -8.59
C ASP C 1071 10.15 -4.37 -8.24
N ARG C 1072 9.47 -3.60 -9.08
CA ARG C 1072 8.13 -3.19 -8.66
C ARG C 1072 7.11 -4.29 -8.96
N LEU C 1073 7.44 -5.28 -9.79
CA LEU C 1073 6.54 -6.43 -9.83
C LEU C 1073 6.70 -7.30 -8.59
N ILE C 1074 7.91 -7.39 -8.04
CA ILE C 1074 8.09 -7.99 -6.71
C ILE C 1074 7.31 -7.20 -5.67
N ASN C 1075 7.34 -5.88 -5.77
CA ASN C 1075 6.59 -5.05 -4.83
C ASN C 1075 5.08 -5.30 -4.94
N GLY C 1076 4.58 -5.41 -6.17
CA GLY C 1076 3.17 -5.73 -6.35
C GLY C 1076 2.80 -7.10 -5.82
N ARG C 1077 3.65 -8.10 -6.09
CA ARG C 1077 3.41 -9.44 -5.57
C ARG C 1077 3.46 -9.46 -4.05
N LEU C 1078 4.39 -8.71 -3.47
CA LEU C 1078 4.52 -8.61 -2.02
C LEU C 1078 3.31 -7.95 -1.39
N THR C 1079 2.79 -6.90 -2.03
CA THR C 1079 1.58 -6.25 -1.52
C THR C 1079 0.37 -7.17 -1.61
N THR C 1080 0.26 -7.94 -2.70
CA THR C 1080 -0.82 -8.91 -2.80
C THR C 1080 -0.70 -9.98 -1.73
N LEU C 1081 0.53 -10.42 -1.45
CA LEU C 1081 0.74 -11.38 -0.37
C LEU C 1081 0.42 -10.80 0.99
N ASN C 1082 0.71 -9.52 1.21
CA ASN C 1082 0.34 -8.90 2.48
C ASN C 1082 -1.16 -8.78 2.64
N ALA C 1083 -1.86 -8.43 1.55
CA ALA C 1083 -3.33 -8.43 1.59
C ALA C 1083 -3.87 -9.82 1.83
N PHE C 1084 -3.22 -10.83 1.23
CA PHE C 1084 -3.60 -12.21 1.47
C PHE C 1084 -3.39 -12.59 2.93
N VAL C 1085 -2.29 -12.13 3.53
CA VAL C 1085 -2.03 -12.39 4.94
C VAL C 1085 -3.09 -11.74 5.81
N ALA C 1086 -3.48 -10.51 5.47
CA ALA C 1086 -4.51 -9.81 6.24
C ALA C 1086 -5.85 -10.52 6.17
N GLN C 1087 -6.24 -10.97 4.96
CA GLN C 1087 -7.51 -11.68 4.87
C GLN C 1087 -7.41 -13.09 5.47
N GLN C 1088 -6.21 -13.67 5.50
CA GLN C 1088 -6.00 -14.90 6.25
C GLN C 1088 -6.23 -14.67 7.73
N LEU C 1089 -5.76 -13.53 8.25
CA LEU C 1089 -6.03 -13.18 9.64
C LEU C 1089 -7.52 -12.99 9.88
N VAL C 1090 -8.21 -12.38 8.93
CA VAL C 1090 -9.66 -12.15 9.05
C VAL C 1090 -10.41 -13.47 9.09
N ARG C 1091 -10.16 -14.34 8.13
CA ARG C 1091 -10.81 -15.65 8.12
C ARG C 1091 -10.35 -16.52 9.27
N SER C 1092 -9.15 -16.29 9.80
CA SER C 1092 -8.66 -17.09 10.91
C SER C 1092 -9.37 -16.71 12.21
N GLU C 1093 -9.54 -15.42 12.47
CA GLU C 1093 -10.30 -15.03 13.65
C GLU C 1093 -11.77 -15.38 13.49
N SER C 1094 -12.28 -15.32 12.26
CA SER C 1094 -13.64 -15.78 12.00
C SER C 1094 -13.80 -17.27 12.30
N ALA C 1095 -12.82 -18.07 11.87
CA ALA C 1095 -12.84 -19.50 12.16
C ALA C 1095 -12.69 -19.76 13.65
N ALA C 1096 -11.90 -18.93 14.35
CA ALA C 1096 -11.75 -19.11 15.79
C ALA C 1096 -13.05 -18.85 16.53
N LEU C 1097 -13.71 -17.73 16.24
CA LEU C 1097 -14.98 -17.42 16.89
C LEU C 1097 -16.06 -18.43 16.51
N SER C 1098 -16.06 -18.85 15.24
CA SER C 1098 -16.98 -19.91 14.82
C SER C 1098 -16.65 -21.23 15.49
N ALA C 1099 -15.39 -21.47 15.84
CA ALA C 1099 -15.02 -22.68 16.56
C ALA C 1099 -15.55 -22.65 17.99
N GLN C 1100 -15.44 -21.51 18.67
CA GLN C 1100 -16.06 -21.41 19.99
C GLN C 1100 -17.56 -21.53 19.91
N LEU C 1101 -18.18 -20.94 18.88
CA LEU C 1101 -19.62 -21.08 18.70
C LEU C 1101 -20.01 -22.53 18.43
N ALA C 1102 -19.19 -23.25 17.66
CA ALA C 1102 -19.50 -24.64 17.33
C ALA C 1102 -19.35 -25.54 18.54
N LYS C 1103 -18.31 -25.33 19.36
CA LYS C 1103 -18.19 -26.15 20.57
C LYS C 1103 -19.29 -25.82 21.57
N ASP C 1104 -19.70 -24.54 21.62
CA ASP C 1104 -20.85 -24.19 22.45
C ASP C 1104 -22.12 -24.86 21.95
N LYS C 1105 -22.28 -24.94 20.62
CA LYS C 1105 -23.42 -25.64 20.04
C LYS C 1105 -23.41 -27.12 20.39
N VAL C 1106 -22.24 -27.75 20.33
CA VAL C 1106 -22.22 -29.20 20.51
C VAL C 1106 -22.33 -29.57 21.99
N ASN C 1107 -21.80 -28.77 22.91
CA ASN C 1107 -21.98 -29.11 24.31
C ASN C 1107 -23.24 -28.51 24.91
N GLU C 1108 -23.95 -27.66 24.16
CA GLU C 1108 -25.14 -27.00 24.70
C GLU C 1108 -26.42 -27.76 24.36
N CYS C 1109 -26.70 -27.96 23.08
CA CYS C 1109 -27.99 -28.50 22.65
C CYS C 1109 -27.85 -29.75 21.80
N VAL C 1110 -26.65 -30.33 21.71
CA VAL C 1110 -26.42 -31.55 20.96
C VAL C 1110 -26.29 -32.75 21.89
N LYS C 1111 -25.39 -32.67 22.87
CA LYS C 1111 -25.34 -33.66 23.94
C LYS C 1111 -26.34 -33.36 25.05
N ALA C 1112 -27.08 -32.26 24.92
CA ALA C 1112 -28.12 -31.86 25.86
C ALA C 1112 -29.21 -31.18 25.03
N GLN C 1113 -30.04 -30.37 25.68
CA GLN C 1113 -31.04 -29.58 24.97
C GLN C 1113 -31.06 -28.18 25.54
N SER C 1114 -30.70 -27.19 24.72
CA SER C 1114 -30.84 -25.80 25.13
C SER C 1114 -32.30 -25.41 25.18
N LYS C 1115 -32.70 -24.79 26.27
CA LYS C 1115 -34.08 -24.34 26.44
C LYS C 1115 -34.32 -22.96 25.88
N ARG C 1116 -33.30 -22.34 25.28
CA ARG C 1116 -33.48 -21.03 24.67
C ARG C 1116 -34.33 -21.16 23.41
N SER C 1117 -35.12 -20.11 23.14
CA SER C 1117 -36.11 -20.14 22.07
C SER C 1117 -35.40 -20.10 20.72
N GLY C 1118 -35.30 -21.26 20.08
CA GLY C 1118 -34.64 -21.35 18.79
C GLY C 1118 -33.18 -21.00 18.81
N PHE C 1119 -32.46 -21.44 19.84
CA PHE C 1119 -31.02 -21.18 19.92
C PHE C 1119 -30.27 -21.89 18.80
N CYS C 1120 -30.52 -23.19 18.64
CA CYS C 1120 -29.92 -23.97 17.58
C CYS C 1120 -30.95 -24.66 16.70
N GLY C 1121 -32.06 -25.12 17.27
CA GLY C 1121 -33.13 -25.67 16.48
C GLY C 1121 -34.32 -24.74 16.46
N GLN C 1122 -34.72 -24.32 15.26
CA GLN C 1122 -35.89 -23.46 15.12
C GLN C 1122 -37.15 -24.20 15.55
N GLY C 1123 -38.10 -23.46 16.10
CA GLY C 1123 -39.29 -24.08 16.64
C GLY C 1123 -38.99 -24.77 17.96
N THR C 1124 -39.93 -25.64 18.35
CA THR C 1124 -39.75 -26.43 19.57
C THR C 1124 -38.76 -27.55 19.26
N HIS C 1125 -37.47 -27.22 19.38
CA HIS C 1125 -36.41 -28.18 19.09
C HIS C 1125 -36.42 -29.33 20.09
N ILE C 1126 -36.14 -30.54 19.59
CA ILE C 1126 -36.11 -31.72 20.44
C ILE C 1126 -34.69 -32.26 20.53
N VAL C 1127 -34.12 -32.67 19.40
CA VAL C 1127 -32.83 -33.35 19.39
C VAL C 1127 -31.97 -32.73 18.30
N SER C 1128 -30.64 -32.81 18.50
CA SER C 1128 -29.68 -32.26 17.57
C SER C 1128 -28.64 -33.32 17.23
N PHE C 1129 -28.01 -33.12 16.08
CA PHE C 1129 -26.97 -34.00 15.59
C PHE C 1129 -25.89 -33.17 14.91
N VAL C 1130 -24.67 -33.68 14.92
CA VAL C 1130 -23.51 -32.98 14.39
C VAL C 1130 -22.76 -33.93 13.47
N VAL C 1131 -22.47 -33.47 12.26
CA VAL C 1131 -21.61 -34.22 11.34
C VAL C 1131 -20.52 -33.26 10.87
N ASN C 1132 -19.37 -33.82 10.52
CA ASN C 1132 -18.26 -32.99 10.10
C ASN C 1132 -18.43 -32.56 8.65
N ALA C 1133 -17.55 -31.65 8.22
CA ALA C 1133 -17.53 -31.12 6.87
C ALA C 1133 -16.10 -30.74 6.57
N PRO C 1134 -15.65 -30.86 5.31
CA PRO C 1134 -14.22 -30.69 5.01
C PRO C 1134 -13.67 -29.32 5.33
N ASN C 1135 -14.52 -28.30 5.49
CA ASN C 1135 -14.05 -27.02 5.96
C ASN C 1135 -14.92 -26.53 7.11
N GLY C 1136 -15.71 -27.39 7.73
CA GLY C 1136 -16.61 -26.96 8.79
C GLY C 1136 -17.40 -28.05 9.47
N LEU C 1137 -18.61 -27.71 9.87
CA LEU C 1137 -19.41 -28.59 10.71
C LEU C 1137 -20.89 -28.37 10.40
N TYR C 1138 -21.62 -29.45 10.15
CA TYR C 1138 -23.02 -29.37 9.81
C TYR C 1138 -23.86 -29.86 10.98
N PHE C 1139 -25.04 -29.26 11.13
CA PHE C 1139 -25.86 -29.39 12.32
C PHE C 1139 -27.29 -29.69 11.89
N MET C 1140 -27.87 -30.71 12.52
CA MET C 1140 -29.24 -31.15 12.27
C MET C 1140 -30.03 -30.95 13.55
N HIS C 1141 -31.29 -30.55 13.41
CA HIS C 1141 -32.15 -30.27 14.57
C HIS C 1141 -33.55 -30.79 14.28
N VAL C 1142 -33.89 -31.94 14.82
CA VAL C 1142 -35.26 -32.44 14.74
C VAL C 1142 -36.04 -31.82 15.88
N GLY C 1143 -37.20 -31.23 15.56
CA GLY C 1143 -37.95 -30.51 16.56
C GLY C 1143 -39.45 -30.57 16.32
N TYR C 1144 -40.17 -30.44 17.43
CA TYR C 1144 -41.63 -30.32 17.38
C TYR C 1144 -42.00 -29.06 16.60
N TYR C 1145 -42.90 -29.21 15.63
CA TYR C 1145 -43.38 -28.07 14.86
C TYR C 1145 -44.90 -28.11 14.93
N PRO C 1146 -45.53 -27.12 15.54
CA PRO C 1146 -46.97 -27.17 15.78
C PRO C 1146 -47.79 -26.77 14.57
N SER C 1147 -49.05 -27.18 14.59
CA SER C 1147 -50.02 -26.82 13.57
C SER C 1147 -51.41 -27.08 14.12
N ASN C 1148 -52.40 -26.46 13.47
CA ASN C 1148 -53.83 -26.65 13.76
C ASN C 1148 -54.13 -26.30 15.22
N HIS C 1149 -53.90 -25.04 15.55
CA HIS C 1149 -54.08 -24.52 16.89
C HIS C 1149 -55.56 -24.24 17.14
N ILE C 1150 -56.17 -25.02 18.03
CA ILE C 1150 -57.58 -24.87 18.37
C ILE C 1150 -57.67 -24.05 19.65
N GLU C 1151 -58.82 -23.41 19.84
CA GLU C 1151 -59.05 -22.61 21.04
C GLU C 1151 -59.62 -23.48 22.16
N VAL C 1152 -59.14 -23.23 23.37
CA VAL C 1152 -59.60 -23.89 24.59
C VAL C 1152 -59.71 -22.83 25.67
N VAL C 1153 -60.33 -23.21 26.80
CA VAL C 1153 -60.54 -22.28 27.91
C VAL C 1153 -59.81 -22.82 29.13
N SER C 1154 -59.00 -21.97 29.74
CA SER C 1154 -58.18 -22.30 30.89
C SER C 1154 -58.59 -21.47 32.10
N ALA C 1155 -58.16 -21.94 33.27
CA ALA C 1155 -58.32 -21.24 34.54
C ALA C 1155 -56.92 -21.00 35.10
N TYR C 1156 -56.86 -20.40 36.29
CA TYR C 1156 -55.59 -20.13 36.94
C TYR C 1156 -55.29 -21.13 38.05
N GLY C 1157 -56.17 -21.20 39.04
CA GLY C 1157 -56.00 -22.13 40.14
C GLY C 1157 -57.34 -22.37 40.82
N LEU C 1158 -57.48 -23.56 41.38
CA LEU C 1158 -58.74 -23.99 41.96
C LEU C 1158 -58.63 -24.00 43.48
N CYS C 1159 -59.43 -23.15 44.12
CA CYS C 1159 -59.43 -23.00 45.56
C CYS C 1159 -60.76 -23.49 46.12
N ASP C 1160 -60.70 -24.35 47.12
CA ASP C 1160 -61.91 -24.82 47.76
C ASP C 1160 -62.60 -23.68 48.50
N ALA C 1161 -63.93 -23.66 48.43
CA ALA C 1161 -64.69 -22.65 49.17
C ALA C 1161 -64.53 -22.86 50.68
N ALA C 1162 -64.61 -24.11 51.13
CA ALA C 1162 -64.43 -24.40 52.55
C ALA C 1162 -62.96 -24.33 52.96
N ASN C 1163 -62.04 -24.59 52.04
CA ASN C 1163 -60.60 -24.55 52.31
C ASN C 1163 -59.97 -23.60 51.30
N PRO C 1164 -60.07 -22.30 51.54
CA PRO C 1164 -59.45 -21.34 50.60
C PRO C 1164 -57.94 -21.43 50.55
N THR C 1165 -57.29 -21.90 51.63
CA THR C 1165 -55.84 -22.01 51.63
C THR C 1165 -55.34 -23.04 50.62
N ASN C 1166 -56.04 -24.16 50.49
CA ASN C 1166 -55.64 -25.22 49.57
C ASN C 1166 -56.05 -24.82 48.16
N CYS C 1167 -55.07 -24.43 47.35
CA CYS C 1167 -55.29 -24.19 45.94
C CYS C 1167 -54.20 -24.93 45.16
N ILE C 1168 -54.51 -25.27 43.91
CA ILE C 1168 -53.62 -26.08 43.10
C ILE C 1168 -53.29 -25.33 41.81
N ALA C 1169 -52.10 -25.62 41.29
CA ALA C 1169 -51.58 -25.04 40.07
C ALA C 1169 -50.96 -26.13 39.21
N PRO C 1170 -51.06 -26.04 37.89
CA PRO C 1170 -50.46 -27.08 37.04
C PRO C 1170 -48.94 -26.92 36.96
N VAL C 1171 -48.28 -28.05 36.73
CA VAL C 1171 -46.83 -28.10 36.64
C VAL C 1171 -46.50 -28.37 35.17
N ASN C 1172 -46.19 -27.30 34.43
CA ASN C 1172 -45.97 -27.33 32.98
C ASN C 1172 -47.15 -27.99 32.27
N GLY C 1173 -48.35 -27.62 32.70
CA GLY C 1173 -49.57 -28.14 32.11
C GLY C 1173 -50.64 -27.07 32.15
N TYR C 1174 -51.79 -27.39 31.59
CA TYR C 1174 -52.92 -26.48 31.51
C TYR C 1174 -54.15 -27.15 32.08
N PHE C 1175 -54.86 -26.42 32.94
CA PHE C 1175 -56.19 -26.81 33.40
C PHE C 1175 -57.20 -26.27 32.41
N ILE C 1176 -57.78 -27.15 31.60
CA ILE C 1176 -58.52 -26.75 30.40
C ILE C 1176 -59.97 -27.16 30.53
N LYS C 1177 -60.87 -26.21 30.29
CA LYS C 1177 -62.27 -26.54 30.08
C LYS C 1177 -62.46 -27.47 28.88
N THR C 1178 -63.05 -28.63 29.14
CA THR C 1178 -63.41 -29.59 28.12
C THR C 1178 -64.75 -30.21 28.50
N ASN C 1179 -65.61 -30.39 27.52
CA ASN C 1179 -66.91 -31.00 27.72
C ASN C 1179 -67.15 -32.07 26.66
N ASN C 1180 -67.93 -33.08 27.01
CA ASN C 1180 -68.22 -34.16 26.09
C ASN C 1180 -69.47 -33.85 25.26
N GLU C 1186 -65.35 -28.97 32.14
CA GLU C 1186 -64.61 -29.67 33.19
C GLU C 1186 -63.11 -29.47 32.99
N TRP C 1187 -62.39 -29.22 34.08
CA TRP C 1187 -60.94 -29.08 34.02
C TRP C 1187 -60.29 -30.40 33.63
N SER C 1188 -59.37 -30.32 32.68
CA SER C 1188 -58.56 -31.46 32.27
C SER C 1188 -57.12 -30.98 32.18
N TYR C 1189 -56.20 -31.81 32.65
CA TYR C 1189 -54.79 -31.49 32.56
C TYR C 1189 -54.28 -31.83 31.16
N THR C 1190 -53.67 -30.85 30.50
CA THR C 1190 -53.07 -31.11 29.19
C THR C 1190 -51.65 -30.57 29.17
N GLY C 1191 -50.87 -31.07 28.22
CA GLY C 1191 -49.49 -30.66 28.09
C GLY C 1191 -49.35 -29.25 27.55
N SER C 1192 -48.14 -28.73 27.67
CA SER C 1192 -47.84 -27.37 27.26
C SER C 1192 -47.37 -27.27 25.82
N SER C 1193 -47.33 -28.36 25.09
CA SER C 1193 -46.87 -28.34 23.70
C SER C 1193 -47.90 -28.88 22.73
N PHE C 1194 -48.75 -29.80 23.16
CA PHE C 1194 -49.72 -30.42 22.27
C PHE C 1194 -51.05 -30.57 23.00
N TYR C 1195 -52.13 -30.67 22.22
CA TYR C 1195 -53.44 -30.93 22.78
C TYR C 1195 -53.54 -32.38 23.22
N ALA C 1196 -53.12 -32.66 24.45
CA ALA C 1196 -53.18 -34.00 25.02
C ALA C 1196 -53.82 -33.92 26.40
N PRO C 1197 -55.14 -33.75 26.46
CA PRO C 1197 -55.80 -33.65 27.77
C PRO C 1197 -55.82 -34.99 28.49
N GLU C 1198 -55.78 -34.91 29.82
CA GLU C 1198 -55.84 -36.09 30.67
C GLU C 1198 -56.46 -35.67 32.00
N PRO C 1199 -57.10 -36.60 32.72
CA PRO C 1199 -57.82 -36.20 33.93
C PRO C 1199 -56.89 -35.67 35.03
N ILE C 1200 -57.45 -34.78 35.85
CA ILE C 1200 -56.66 -34.08 36.85
C ILE C 1200 -56.21 -35.03 37.95
N THR C 1201 -54.92 -34.98 38.26
CA THR C 1201 -54.32 -35.79 39.32
C THR C 1201 -53.50 -34.89 40.23
N SER C 1202 -53.12 -35.43 41.38
CA SER C 1202 -52.25 -34.69 42.29
C SER C 1202 -50.78 -34.78 41.91
N LEU C 1203 -50.41 -35.70 41.02
CA LEU C 1203 -49.02 -35.90 40.67
C LEU C 1203 -48.49 -34.78 39.77
N ASN C 1204 -49.29 -34.34 38.80
CA ASN C 1204 -48.86 -33.35 37.83
C ASN C 1204 -49.19 -31.93 38.24
N THR C 1205 -49.71 -31.73 39.45
CA THR C 1205 -50.03 -30.40 39.95
C THR C 1205 -49.24 -30.14 41.22
N LYS C 1206 -49.39 -28.92 41.74
CA LYS C 1206 -48.74 -28.49 42.96
C LYS C 1206 -49.75 -27.70 43.77
N TYR C 1207 -49.45 -27.52 45.06
CA TYR C 1207 -50.31 -26.77 45.94
C TYR C 1207 -49.83 -25.34 46.08
N VAL C 1208 -50.76 -24.42 46.26
CA VAL C 1208 -50.45 -22.99 46.23
C VAL C 1208 -51.45 -22.25 47.12
N ALA C 1209 -51.03 -21.11 47.64
CA ALA C 1209 -51.87 -20.22 48.43
C ALA C 1209 -52.92 -19.55 47.56
N PRO C 1210 -54.04 -19.11 48.14
CA PRO C 1210 -55.10 -18.48 47.33
C PRO C 1210 -54.69 -17.14 46.74
N GLN C 1211 -55.34 -16.80 45.64
CA GLN C 1211 -55.19 -15.52 44.96
C GLN C 1211 -56.55 -15.02 44.53
N VAL C 1212 -56.63 -13.72 44.27
CA VAL C 1212 -57.90 -13.12 43.87
C VAL C 1212 -58.29 -13.50 42.43
N THR C 1213 -57.32 -13.94 41.62
CA THR C 1213 -57.58 -14.32 40.25
C THR C 1213 -57.86 -15.81 40.08
N TYR C 1214 -57.86 -16.58 41.16
CA TYR C 1214 -58.04 -18.01 41.07
C TYR C 1214 -59.52 -18.35 40.87
N GLN C 1215 -59.83 -19.65 40.91
CA GLN C 1215 -61.17 -20.15 40.67
C GLN C 1215 -61.55 -21.10 41.80
N ASN C 1216 -62.82 -21.47 41.85
CA ASN C 1216 -63.32 -22.37 42.86
C ASN C 1216 -64.18 -23.45 42.23
N ILE C 1217 -64.17 -24.62 42.87
CA ILE C 1217 -65.05 -25.72 42.49
C ILE C 1217 -65.52 -26.41 43.77
N SER C 1218 -66.80 -26.77 43.79
CA SER C 1218 -67.37 -27.53 44.90
C SER C 1218 -68.01 -28.85 44.48
N THR C 1219 -68.60 -28.92 43.29
CA THR C 1219 -69.23 -30.15 42.83
C THR C 1219 -68.27 -31.14 42.19
N ASN C 1220 -67.04 -30.71 41.87
CA ASN C 1220 -66.04 -31.59 41.29
C ASN C 1220 -64.75 -31.41 42.10
N LEU C 1221 -64.64 -32.14 43.20
CA LEU C 1221 -63.45 -32.07 44.03
C LEU C 1221 -62.38 -32.98 43.45
N PRO C 1222 -61.25 -32.47 42.98
CA PRO C 1222 -60.23 -33.32 42.37
C PRO C 1222 -59.44 -34.05 43.43
N PRO C 1223 -58.75 -35.12 43.06
CA PRO C 1223 -57.83 -35.80 44.00
C PRO C 1223 -56.71 -34.91 44.52
N PRO C 1224 -56.31 -33.83 43.81
CA PRO C 1224 -55.53 -32.80 44.51
C PRO C 1224 -56.20 -32.22 45.75
N LEU C 1225 -57.51 -31.99 45.70
CA LEU C 1225 -58.21 -31.41 46.84
C LEU C 1225 -58.76 -32.44 47.79
N LEU C 1226 -58.47 -33.72 47.58
CA LEU C 1226 -58.86 -34.77 48.51
C LEU C 1226 -58.06 -34.67 49.81
#